data_6TUG
#
_entry.id   6TUG
#
_cell.length_a   93.604
_cell.length_b   106.686
_cell.length_c   116.793
_cell.angle_alpha   90.033
_cell.angle_beta   90.007
_cell.angle_gamma   90.100
#
_symmetry.space_group_name_H-M   'P 1'
#
loop_
_entity.id
_entity.type
_entity.pdbx_description
1 polymer 'CRISPR system endoribonuclease Csm6'
2 non-polymer "2'-deoxy-2'-fluoroadenosine 5'-(dihydrogen phosphate)"
3 non-polymer 'SULFATE ION'
4 water water
#
_entity_poly.entity_id   1
_entity_poly.type   'polypeptide(L)'
_entity_poly.pdbx_seq_one_letter_code
;SNAMKILFSPIGNTDPWRNDRDGAMLHIVRHYQPDRVVLFFTESIWQGNQHFSGQQAFDWVKIIQSINENCQIEIKCDTI
EVENDFDAYKDLFHQYLVEEKRKYPNAEIFLNVTSGTPQMETTLCLEYVTYPDKMRCIQVSTPLKTSNAKTKYAQADCQE
VDLEIVNEEESQQPSRCHKIAILSFREAIVRNQIKSLLDNYDYEAALQLVASQKSFRNGKEIRKKLKELIDDIKMHRVFS
YLIKQYPRNEKLQKALLHTILLEMRHQRGDIAETLIRVKSIAEYIVEQYIQKNYPYLIIYKEDKPYFNVSYSQELTESYL
ALMDSRNKKTNKKMTVDSLDRILGFPAYRDFLQLLEASNEMTNEMNKVNEINNLRNKVAHNLDSLNLDRDKNGRKITNAV
TAVRTMLLAVFPEVQENDFHYLKQFNQSIKELL
;
_entity_poly.pdbx_strand_id   A,B,C,D,E,F,G,H
#
loop_
_chem_comp.id
_chem_comp.type
_chem_comp.name
_chem_comp.formula
AF2 DNA linking '2'-deoxy-2'-fluoroadenosine 5'-(dihydrogen phosphate)' 'C10 H13 F N5 O6 P'
SO4 non-polymer 'SULFATE ION' 'O4 S -2'
#
# COMPACT_ATOMS: atom_id res chain seq x y z
N ASN A 2 8.15 -31.42 63.95
CA ASN A 2 9.04 -30.57 63.10
C ASN A 2 8.27 -29.42 62.46
N ALA A 3 7.71 -28.57 63.31
CA ALA A 3 6.92 -27.42 62.92
C ALA A 3 6.82 -26.51 64.13
N MET A 4 6.54 -25.24 63.89
CA MET A 4 6.39 -24.32 65.01
C MET A 4 5.00 -24.47 65.61
N LYS A 5 4.95 -24.59 66.94
CA LYS A 5 3.72 -24.78 67.68
C LYS A 5 3.44 -23.52 68.48
N ILE A 6 2.35 -22.84 68.14
CA ILE A 6 1.91 -21.61 68.82
C ILE A 6 0.62 -21.91 69.57
N LEU A 7 0.55 -21.47 70.82
CA LEU A 7 -0.63 -21.62 71.65
C LEU A 7 -1.27 -20.26 71.88
N PHE A 8 -2.57 -20.16 71.60
CA PHE A 8 -3.37 -18.99 71.98
C PHE A 8 -4.24 -19.40 73.17
N SER A 9 -4.09 -18.68 74.28
CA SER A 9 -4.75 -19.11 75.51
C SER A 9 -5.35 -17.96 76.30
N PRO A 10 -6.68 -17.89 76.40
CA PRO A 10 -7.29 -17.06 77.44
C PRO A 10 -6.80 -17.46 78.82
N ILE A 11 -7.07 -16.61 79.81
CA ILE A 11 -6.63 -16.84 81.18
C ILE A 11 -7.81 -16.60 82.13
N GLY A 12 -8.12 -17.59 82.97
CA GLY A 12 -9.22 -17.51 83.93
C GLY A 12 -8.86 -17.60 85.39
N ASN A 13 -9.87 -17.74 86.26
CA ASN A 13 -9.61 -17.78 87.70
C ASN A 13 -8.93 -19.08 88.13
N THR A 14 -9.17 -20.19 87.44
CA THR A 14 -8.49 -21.44 87.80
C THR A 14 -7.05 -21.49 87.29
N ASP A 15 -6.64 -20.55 86.44
CA ASP A 15 -5.24 -20.37 86.08
C ASP A 15 -4.52 -19.63 87.21
N PRO A 16 -3.19 -19.80 87.35
CA PRO A 16 -2.30 -20.77 86.69
C PRO A 16 -2.51 -22.20 87.18
N TRP A 17 -3.03 -22.35 88.39
CA TRP A 17 -3.30 -23.68 88.95
C TRP A 17 -4.30 -23.57 90.09
N ARG A 18 -5.00 -24.68 90.34
CA ARG A 18 -5.94 -24.79 91.44
C ARG A 18 -5.91 -26.21 92.00
N ASN A 19 -6.04 -26.31 93.32
CA ASN A 19 -6.03 -27.59 94.04
C ASN A 19 -4.78 -28.41 93.70
N ASP A 20 -3.62 -27.74 93.77
CA ASP A 20 -2.33 -28.35 93.47
C ASP A 20 -2.35 -29.10 92.13
N ARG A 21 -3.10 -28.57 91.17
CA ARG A 21 -3.25 -29.19 89.85
C ARG A 21 -3.27 -28.08 88.80
N ASP A 22 -2.57 -28.32 87.69
CA ASP A 22 -2.37 -27.30 86.68
C ASP A 22 -3.69 -26.65 86.26
N GLY A 23 -3.60 -25.36 85.91
CA GLY A 23 -4.70 -24.69 85.26
C GLY A 23 -4.67 -24.93 83.77
N ALA A 24 -5.84 -24.79 83.15
CA ALA A 24 -6.02 -25.14 81.75
C ALA A 24 -4.88 -24.63 80.87
N MET A 25 -4.43 -23.40 81.08
CA MET A 25 -3.36 -22.88 80.24
C MET A 25 -2.06 -23.65 80.47
N LEU A 26 -1.69 -23.87 81.74
CA LEU A 26 -0.42 -24.52 82.03
C LEU A 26 -0.45 -25.98 81.59
N HIS A 27 -1.61 -26.62 81.63
CA HIS A 27 -1.65 -28.03 81.27
C HIS A 27 -1.42 -28.23 79.78
N ILE A 28 -1.91 -27.32 78.94
CA ILE A 28 -1.64 -27.43 77.51
C ILE A 28 -0.14 -27.20 77.28
N VAL A 29 0.40 -26.13 77.86
CA VAL A 29 1.84 -25.88 77.78
C VAL A 29 2.64 -27.11 78.19
N ARG A 30 2.23 -27.76 79.27
CA ARG A 30 3.00 -28.88 79.81
C ARG A 30 2.97 -30.06 78.85
N HIS A 31 1.78 -30.42 78.36
CA HIS A 31 1.60 -31.62 77.59
C HIS A 31 1.81 -31.42 76.10
N TYR A 32 1.84 -30.18 75.62
CA TYR A 32 2.03 -29.90 74.21
C TYR A 32 3.33 -29.16 73.87
N GLN A 33 4.01 -28.58 74.85
CA GLN A 33 5.30 -27.95 74.65
C GLN A 33 5.34 -27.00 73.45
N PRO A 34 4.51 -25.96 73.43
CA PRO A 34 4.52 -25.03 72.29
C PRO A 34 5.77 -24.17 72.25
N ASP A 35 6.14 -23.74 71.04
CA ASP A 35 7.30 -22.88 70.87
C ASP A 35 6.97 -21.41 71.15
N ARG A 36 5.71 -21.00 70.97
CA ARG A 36 5.25 -19.65 71.29
C ARG A 36 3.90 -19.77 71.99
N VAL A 37 3.65 -18.82 72.90
CA VAL A 37 2.43 -18.80 73.70
C VAL A 37 1.91 -17.35 73.73
N VAL A 38 0.66 -17.14 73.32
CA VAL A 38 0.02 -15.84 73.30
C VAL A 38 -1.08 -15.85 74.35
N LEU A 39 -0.85 -15.16 75.47
CA LEU A 39 -1.83 -15.10 76.55
C LEU A 39 -2.75 -13.90 76.35
N PHE A 40 -4.04 -14.10 76.67
CA PHE A 40 -5.02 -13.02 76.63
C PHE A 40 -5.66 -12.90 78.00
N PHE A 41 -5.43 -11.77 78.68
CA PHE A 41 -6.06 -11.45 79.95
C PHE A 41 -7.08 -10.33 79.73
N THR A 42 -8.26 -10.48 80.31
CA THR A 42 -9.15 -9.33 80.46
C THR A 42 -8.50 -8.31 81.41
N GLU A 43 -8.77 -7.04 81.17
CA GLU A 43 -8.22 -6.00 82.03
C GLU A 43 -8.65 -6.23 83.47
N SER A 44 -9.88 -6.69 83.67
CA SER A 44 -10.42 -6.85 85.02
C SER A 44 -9.80 -8.04 85.75
N ILE A 45 -9.42 -9.10 85.04
CA ILE A 45 -8.82 -10.25 85.72
C ILE A 45 -7.32 -10.04 85.93
N TRP A 46 -6.71 -9.11 85.21
CA TRP A 46 -5.30 -8.78 85.42
C TRP A 46 -5.14 -7.83 86.60
N GLN A 47 -6.09 -6.91 86.78
CA GLN A 47 -6.05 -5.97 87.91
C GLN A 47 -6.62 -6.59 89.18
N GLY A 48 -7.81 -7.16 89.10
CA GLY A 48 -8.42 -7.86 90.22
C GLY A 48 -9.73 -7.23 90.69
N ASN A 49 -10.38 -7.96 91.60
CA ASN A 49 -11.62 -7.55 92.24
C ASN A 49 -11.57 -8.00 93.71
N GLN A 50 -12.69 -7.90 94.42
CA GLN A 50 -12.74 -8.31 95.82
C GLN A 50 -12.26 -9.75 96.01
N HIS A 51 -12.72 -10.67 95.15
CA HIS A 51 -12.50 -12.10 95.38
C HIS A 51 -11.24 -12.66 94.73
N PHE A 52 -10.54 -11.90 93.88
CA PHE A 52 -9.33 -12.39 93.25
C PHE A 52 -8.21 -11.34 93.23
N SER A 53 -7.00 -11.78 93.58
CA SER A 53 -5.88 -10.87 93.80
C SER A 53 -5.59 -10.00 92.59
N GLY A 54 -5.82 -10.52 91.38
CA GLY A 54 -5.40 -9.85 90.17
C GLY A 54 -4.23 -10.58 89.53
N GLN A 55 -4.35 -10.89 88.25
CA GLN A 55 -3.40 -11.78 87.60
C GLN A 55 -2.05 -11.11 87.29
N GLN A 56 -1.93 -9.80 87.51
CA GLN A 56 -0.65 -9.15 87.31
C GLN A 56 0.40 -9.59 88.32
N ALA A 57 -0.03 -10.21 89.42
CA ALA A 57 0.92 -10.61 90.46
C ALA A 57 1.78 -11.80 90.04
N PHE A 58 1.25 -12.67 89.18
CA PHE A 58 1.97 -13.86 88.78
C PHE A 58 2.96 -13.56 87.67
N ASP A 59 4.18 -14.10 87.80
CA ASP A 59 5.19 -13.92 86.77
C ASP A 59 4.93 -14.96 85.68
N TRP A 60 4.22 -14.52 84.63
CA TRP A 60 3.72 -15.47 83.65
C TRP A 60 4.85 -16.03 82.79
N VAL A 61 5.81 -15.21 82.41
CA VAL A 61 6.92 -15.72 81.60
C VAL A 61 7.73 -16.74 82.39
N LYS A 62 7.98 -16.47 83.67
CA LYS A 62 8.82 -17.36 84.47
C LYS A 62 8.16 -18.74 84.62
N ILE A 63 6.86 -18.76 84.91
CA ILE A 63 6.18 -20.03 85.14
C ILE A 63 6.17 -20.88 83.89
N ILE A 64 5.98 -20.26 82.73
CA ILE A 64 5.85 -21.00 81.48
C ILE A 64 7.19 -21.53 81.01
N GLN A 65 8.23 -20.71 81.09
CA GLN A 65 9.56 -21.14 80.68
C GLN A 65 10.15 -22.14 81.65
N SER A 66 9.65 -22.17 82.88
CA SER A 66 10.14 -23.13 83.86
C SER A 66 9.86 -24.57 83.43
N ILE A 67 8.69 -24.82 82.85
CA ILE A 67 8.32 -26.17 82.40
C ILE A 67 8.37 -26.31 80.89
N ASN A 68 8.80 -25.28 80.15
CA ASN A 68 8.86 -25.32 78.69
C ASN A 68 10.09 -24.55 78.23
N GLU A 69 11.13 -25.28 77.83
CA GLU A 69 12.41 -24.64 77.52
C GLU A 69 12.32 -23.81 76.25
N ASN A 70 12.98 -22.66 76.25
CA ASN A 70 13.04 -21.81 75.06
C ASN A 70 11.65 -21.55 74.50
N CYS A 71 10.74 -21.13 75.37
CA CYS A 71 9.37 -20.82 75.00
C CYS A 71 9.20 -19.31 74.93
N GLN A 72 8.79 -18.81 73.76
CA GLN A 72 8.53 -17.39 73.58
C GLN A 72 7.11 -17.09 74.04
N ILE A 73 6.97 -16.12 74.94
CA ILE A 73 5.68 -15.79 75.53
C ILE A 73 5.28 -14.37 75.15
N GLU A 74 3.99 -14.16 74.94
CA GLU A 74 3.44 -12.88 74.51
C GLU A 74 2.16 -12.60 75.28
N ILE A 75 2.11 -11.48 75.99
CA ILE A 75 0.98 -11.09 76.82
C ILE A 75 0.13 -10.08 76.05
N LYS A 76 -1.17 -10.33 76.00
CA LYS A 76 -2.16 -9.41 75.46
C LYS A 76 -3.12 -9.06 76.58
N CYS A 77 -3.36 -7.77 76.79
CA CYS A 77 -4.27 -7.30 77.82
C CYS A 77 -5.24 -6.33 77.18
N ASP A 78 -6.54 -6.53 77.41
CA ASP A 78 -7.55 -5.66 76.85
C ASP A 78 -8.59 -5.27 77.89
N THR A 79 -9.13 -4.07 77.71
CA THR A 79 -10.25 -3.59 78.48
C THR A 79 -11.54 -4.09 77.85
N ILE A 80 -12.31 -4.86 78.61
CA ILE A 80 -13.58 -5.43 78.17
C ILE A 80 -14.65 -4.93 79.13
N GLU A 81 -15.53 -4.04 78.67
CA GLU A 81 -16.55 -3.53 79.58
C GLU A 81 -17.54 -4.61 79.98
N VAL A 82 -17.84 -5.55 79.08
CA VAL A 82 -18.78 -6.64 79.33
C VAL A 82 -18.05 -7.92 78.93
N GLU A 83 -17.61 -8.71 79.93
CA GLU A 83 -16.73 -9.83 79.66
C GLU A 83 -17.45 -11.10 79.24
N ASN A 84 -18.79 -11.13 79.23
CA ASN A 84 -19.53 -12.25 78.67
C ASN A 84 -20.17 -11.89 77.34
N ASP A 85 -19.68 -10.85 76.67
CA ASP A 85 -20.26 -10.34 75.44
C ASP A 85 -19.48 -10.89 74.25
N PHE A 86 -20.15 -11.68 73.41
CA PHE A 86 -19.50 -12.23 72.22
C PHE A 86 -18.87 -11.12 71.37
N ASP A 87 -19.53 -9.97 71.28
CA ASP A 87 -19.05 -8.88 70.44
C ASP A 87 -17.62 -8.47 70.82
N ALA A 88 -17.26 -8.58 72.10
CA ALA A 88 -15.93 -8.16 72.52
C ALA A 88 -14.85 -9.10 72.03
N TYR A 89 -15.21 -10.33 71.63
CA TYR A 89 -14.25 -11.35 71.27
C TYR A 89 -14.30 -11.76 69.81
N LYS A 90 -15.43 -11.56 69.13
CA LYS A 90 -15.53 -11.91 67.72
C LYS A 90 -14.36 -11.37 66.93
N ASP A 91 -14.11 -10.06 67.04
CA ASP A 91 -13.09 -9.40 66.22
C ASP A 91 -11.75 -9.30 66.92
N LEU A 92 -11.74 -9.19 68.24
CA LEU A 92 -10.47 -9.15 68.97
C LEU A 92 -9.71 -10.46 68.77
N PHE A 93 -10.38 -11.59 68.97
CA PHE A 93 -9.70 -12.88 68.80
C PHE A 93 -9.39 -13.16 67.34
N HIS A 94 -10.27 -12.74 66.43
CA HIS A 94 -10.01 -12.91 65.00
C HIS A 94 -8.73 -12.19 64.61
N GLN A 95 -8.55 -10.96 65.09
CA GLN A 95 -7.40 -10.16 64.70
C GLN A 95 -6.09 -10.72 65.26
N TYR A 96 -6.13 -11.31 66.45
CA TYR A 96 -4.92 -11.89 67.03
C TYR A 96 -4.48 -13.13 66.25
N LEU A 97 -5.41 -14.03 65.97
CA LEU A 97 -5.06 -15.26 65.26
C LEU A 97 -4.66 -14.97 63.82
N VAL A 98 -5.32 -14.01 63.18
CA VAL A 98 -4.90 -13.59 61.84
C VAL A 98 -3.45 -13.14 61.86
N GLU A 99 -3.05 -12.44 62.93
CA GLU A 99 -1.65 -11.99 63.02
C GLU A 99 -0.70 -13.17 63.16
N GLU A 100 -1.07 -14.15 63.98
CA GLU A 100 -0.20 -15.31 64.16
C GLU A 100 -0.09 -16.11 62.88
N LYS A 101 -1.20 -16.33 62.19
CA LYS A 101 -1.16 -17.04 60.92
C LYS A 101 -0.34 -16.28 59.89
N ARG A 102 -0.43 -14.95 59.91
CA ARG A 102 0.34 -14.11 58.99
C ARG A 102 1.84 -14.27 59.23
N LYS A 103 2.25 -14.16 60.49
CA LYS A 103 3.66 -14.17 60.84
C LYS A 103 4.28 -15.54 60.62
N TYR A 104 3.53 -16.60 60.92
CA TYR A 104 4.03 -17.98 60.89
C TYR A 104 3.11 -18.88 60.06
N PRO A 105 3.20 -18.81 58.73
CA PRO A 105 2.24 -19.55 57.89
C PRO A 105 2.26 -21.07 58.04
N ASN A 106 3.38 -21.68 58.42
CA ASN A 106 3.46 -23.12 58.51
C ASN A 106 3.24 -23.63 59.94
N ALA A 107 2.98 -22.73 60.87
CA ALA A 107 2.86 -23.10 62.28
C ALA A 107 1.50 -23.75 62.56
N GLU A 108 1.50 -24.60 63.59
CA GLU A 108 0.26 -25.19 64.09
C GLU A 108 -0.20 -24.36 65.28
N ILE A 109 -1.48 -23.97 65.26
CA ILE A 109 -2.05 -23.09 66.27
C ILE A 109 -2.97 -23.93 67.16
N PHE A 110 -2.68 -23.94 68.46
CA PHE A 110 -3.46 -24.65 69.45
C PHE A 110 -4.24 -23.62 70.27
N LEU A 111 -5.55 -23.81 70.38
CA LEU A 111 -6.41 -22.86 71.07
C LEU A 111 -6.88 -23.43 72.40
N ASN A 112 -6.71 -22.65 73.47
CA ASN A 112 -7.26 -22.99 74.78
C ASN A 112 -8.74 -22.65 74.77
N VAL A 113 -9.60 -23.66 74.87
CA VAL A 113 -11.03 -23.41 74.89
C VAL A 113 -11.61 -23.67 76.28
N THR A 114 -10.76 -23.73 77.30
CA THR A 114 -11.21 -23.89 78.68
C THR A 114 -11.03 -22.65 79.53
N SER A 115 -10.02 -21.83 79.24
CA SER A 115 -9.70 -20.70 80.09
C SER A 115 -10.58 -19.50 79.75
N GLY A 116 -10.67 -18.60 80.71
CA GLY A 116 -11.49 -17.41 80.53
C GLY A 116 -12.96 -17.72 80.72
N THR A 117 -13.78 -16.82 80.20
CA THR A 117 -15.23 -16.95 80.30
C THR A 117 -15.74 -17.96 79.27
N PRO A 118 -16.90 -18.57 79.52
CA PRO A 118 -17.44 -19.52 78.53
C PRO A 118 -17.53 -18.96 77.13
N GLN A 119 -17.81 -17.66 76.97
CA GLN A 119 -17.90 -17.09 75.64
C GLN A 119 -16.55 -17.03 74.95
N MET A 120 -15.45 -17.05 75.71
CA MET A 120 -14.13 -17.20 75.10
C MET A 120 -13.98 -18.57 74.46
N GLU A 121 -14.49 -19.62 75.13
CA GLU A 121 -14.48 -20.93 74.52
C GLU A 121 -15.25 -20.93 73.20
N THR A 122 -16.46 -20.37 73.22
CA THR A 122 -17.32 -20.44 72.03
C THR A 122 -16.72 -19.64 70.87
N THR A 123 -16.13 -18.48 71.16
CA THR A 123 -15.56 -17.69 70.07
C THR A 123 -14.40 -18.42 69.41
N LEU A 124 -13.51 -19.03 70.21
CA LEU A 124 -12.40 -19.77 69.63
C LEU A 124 -12.88 -21.01 68.89
N CYS A 125 -13.93 -21.66 69.41
CA CYS A 125 -14.50 -22.80 68.70
C CYS A 125 -15.18 -22.38 67.41
N LEU A 126 -15.67 -21.14 67.34
CA LEU A 126 -16.31 -20.66 66.13
C LEU A 126 -15.28 -20.14 65.12
N GLU A 127 -14.21 -19.51 65.59
CA GLU A 127 -13.09 -19.18 64.72
C GLU A 127 -12.52 -20.45 64.10
N TYR A 128 -12.30 -21.48 64.90
CA TYR A 128 -11.74 -22.73 64.40
C TYR A 128 -12.65 -23.34 63.34
N VAL A 129 -13.94 -23.48 63.64
CA VAL A 129 -14.88 -23.99 62.65
C VAL A 129 -14.83 -23.16 61.36
N THR A 130 -14.57 -21.86 61.48
CA THR A 130 -14.56 -20.99 60.32
C THR A 130 -13.23 -21.03 59.59
N TYR A 131 -12.12 -21.14 60.32
CA TYR A 131 -10.77 -21.18 59.74
C TYR A 131 -10.00 -22.35 60.34
N PRO A 132 -10.32 -23.58 59.93
CA PRO A 132 -9.68 -24.74 60.58
C PRO A 132 -8.21 -24.94 60.22
N ASP A 133 -7.76 -24.48 59.07
CA ASP A 133 -6.43 -24.82 58.57
C ASP A 133 -5.35 -24.53 59.60
N LYS A 134 -4.43 -25.49 59.76
CA LYS A 134 -3.37 -25.48 60.75
C LYS A 134 -3.83 -25.00 62.12
N MET A 135 -5.04 -25.36 62.53
CA MET A 135 -5.56 -24.94 63.84
C MET A 135 -6.31 -26.09 64.49
N ARG A 136 -6.33 -26.08 65.82
CA ARG A 136 -7.02 -27.11 66.59
C ARG A 136 -7.32 -26.58 67.99
N CYS A 137 -8.42 -27.06 68.56
CA CYS A 137 -8.86 -26.65 69.88
C CYS A 137 -8.52 -27.73 70.90
N ILE A 138 -7.98 -27.32 72.04
CA ILE A 138 -7.61 -28.21 73.13
C ILE A 138 -8.43 -27.83 74.36
N GLN A 139 -9.00 -28.82 75.01
CA GLN A 139 -9.83 -28.65 76.21
C GLN A 139 -9.17 -29.39 77.37
N VAL A 140 -9.16 -28.76 78.54
CA VAL A 140 -8.58 -29.33 79.75
C VAL A 140 -9.72 -29.58 80.73
N SER A 141 -9.85 -30.82 81.19
CA SER A 141 -10.92 -31.20 82.10
C SER A 141 -10.49 -30.98 83.55
N THR A 142 -11.48 -30.67 84.39
CA THR A 142 -11.20 -30.48 85.81
C THR A 142 -10.89 -31.83 86.45
N PRO A 143 -9.94 -31.89 87.39
CA PRO A 143 -9.69 -33.16 88.08
C PRO A 143 -10.95 -33.68 88.75
N LEU A 144 -11.23 -34.96 88.55
CA LEU A 144 -12.37 -35.61 89.17
C LEU A 144 -12.00 -36.14 90.55
N THR A 151 -9.90 -26.92 99.46
CA THR A 151 -9.89 -26.02 98.29
C THR A 151 -8.69 -25.08 98.37
N LYS A 152 -7.82 -25.17 97.36
CA LYS A 152 -6.55 -24.45 97.31
C LYS A 152 -6.58 -23.50 96.13
N TYR A 153 -6.29 -22.23 96.38
CA TYR A 153 -6.28 -21.20 95.35
C TYR A 153 -4.85 -20.76 95.05
N ALA A 154 -4.64 -20.35 93.80
CA ALA A 154 -3.32 -19.88 93.39
C ALA A 154 -2.94 -18.63 94.16
N GLN A 155 -1.74 -18.61 94.72
CA GLN A 155 -1.27 -17.53 95.57
C GLN A 155 0.00 -16.93 94.99
N ALA A 156 -0.04 -15.63 94.68
CA ALA A 156 1.13 -14.95 94.15
C ALA A 156 2.28 -14.97 95.15
N ASP A 157 1.97 -14.86 96.44
CA ASP A 157 3.02 -14.83 97.45
C ASP A 157 3.79 -16.14 97.50
N CYS A 158 3.13 -17.26 97.25
CA CYS A 158 3.73 -18.59 97.32
C CYS A 158 3.88 -19.21 95.93
N GLN A 159 4.27 -18.38 94.96
CA GLN A 159 4.35 -18.82 93.58
C GLN A 159 5.34 -19.97 93.42
N GLU A 160 6.62 -19.71 93.69
CA GLU A 160 7.66 -20.68 93.36
C GLU A 160 7.45 -22.01 94.08
N VAL A 161 6.99 -21.96 95.33
CA VAL A 161 6.72 -23.19 96.06
C VAL A 161 5.53 -23.92 95.44
N ASP A 162 4.44 -23.19 95.20
CA ASP A 162 3.25 -23.81 94.64
C ASP A 162 3.54 -24.48 93.30
N LEU A 163 4.33 -23.82 92.45
CA LEU A 163 4.60 -24.35 91.12
C LEU A 163 5.21 -25.75 91.19
N GLU A 164 6.22 -25.94 92.06
CA GLU A 164 6.88 -27.23 92.14
C GLU A 164 6.05 -28.27 92.88
N ILE A 165 5.14 -27.85 93.77
CA ILE A 165 4.17 -28.79 94.32
C ILE A 165 3.27 -29.30 93.18
N VAL A 166 2.72 -28.37 92.40
CA VAL A 166 1.87 -28.73 91.27
C VAL A 166 2.63 -29.62 90.29
N ASN A 167 3.92 -29.36 90.11
CA ASN A 167 4.72 -30.20 89.22
C ASN A 167 4.74 -31.65 89.71
N GLU A 168 5.05 -31.85 90.99
CA GLU A 168 5.21 -33.20 91.52
C GLU A 168 3.88 -33.93 91.54
N GLU A 169 2.78 -33.25 91.86
CA GLU A 169 1.48 -33.90 91.85
C GLU A 169 1.06 -34.26 90.43
N GLU A 170 1.51 -33.50 89.43
CA GLU A 170 1.18 -33.76 88.04
C GLU A 170 2.09 -34.78 87.38
N SER A 171 3.18 -35.19 88.06
CA SER A 171 4.10 -36.14 87.45
C SER A 171 3.52 -37.55 87.42
N GLN A 172 2.63 -37.87 88.35
CA GLN A 172 1.99 -39.19 88.39
C GLN A 172 0.50 -39.11 88.04
N GLN A 173 0.08 -38.06 87.35
CA GLN A 173 -1.30 -37.90 86.92
C GLN A 173 -1.37 -37.90 85.40
N PRO A 174 -2.44 -38.45 84.82
CA PRO A 174 -2.56 -38.50 83.36
C PRO A 174 -2.98 -37.14 82.79
N SER A 175 -2.84 -37.02 81.49
CA SER A 175 -3.21 -35.78 80.81
C SER A 175 -4.71 -35.55 80.92
N ARG A 176 -5.08 -34.29 81.11
CA ARG A 176 -6.49 -33.88 81.08
C ARG A 176 -6.79 -33.03 79.85
N CYS A 177 -5.90 -33.01 78.87
CA CYS A 177 -6.12 -32.33 77.60
C CYS A 177 -6.79 -33.28 76.61
N HIS A 178 -7.78 -32.75 75.88
CA HIS A 178 -8.51 -33.51 74.87
C HIS A 178 -8.73 -32.62 73.66
N LYS A 179 -8.21 -33.04 72.50
CA LYS A 179 -8.52 -32.36 71.25
C LYS A 179 -9.98 -32.63 70.92
N ILE A 180 -10.80 -31.57 70.89
CA ILE A 180 -12.23 -31.74 70.67
C ILE A 180 -12.51 -31.98 69.19
N ALA A 181 -13.63 -32.65 68.92
CA ALA A 181 -14.06 -32.96 67.57
C ALA A 181 -15.36 -32.22 67.30
N ILE A 182 -15.26 -31.05 66.64
CA ILE A 182 -16.42 -30.26 66.28
C ILE A 182 -16.44 -29.87 64.81
N LEU A 183 -15.46 -30.30 64.01
CA LEU A 183 -15.50 -30.01 62.58
C LEU A 183 -16.69 -30.67 61.90
N SER A 184 -17.37 -31.61 62.57
CA SER A 184 -18.57 -32.21 61.99
C SER A 184 -19.62 -31.14 61.69
N PHE A 185 -19.59 -30.02 62.40
CA PHE A 185 -20.57 -28.96 62.14
C PHE A 185 -20.29 -28.28 60.81
N ARG A 186 -19.03 -27.87 60.60
CA ARG A 186 -18.61 -27.33 59.31
C ARG A 186 -18.92 -28.32 58.19
N GLU A 187 -18.64 -29.60 58.41
CA GLU A 187 -18.93 -30.61 57.40
C GLU A 187 -20.39 -30.57 56.98
N ALA A 188 -21.30 -30.41 57.95
CA ALA A 188 -22.73 -30.41 57.62
C ALA A 188 -23.09 -29.21 56.74
N ILE A 189 -22.55 -28.03 57.06
CA ILE A 189 -22.78 -26.86 56.21
C ILE A 189 -22.37 -27.17 54.78
N VAL A 190 -21.16 -27.70 54.60
CA VAL A 190 -20.64 -28.01 53.27
C VAL A 190 -21.48 -29.12 52.64
N ARG A 191 -21.87 -30.11 53.43
CA ARG A 191 -22.63 -31.24 52.91
C ARG A 191 -23.95 -30.76 52.34
N ASN A 192 -24.67 -29.89 53.07
CA ASN A 192 -25.94 -29.39 52.57
C ASN A 192 -25.74 -28.50 51.35
N GLN A 193 -24.60 -27.83 51.26
CA GLN A 193 -24.31 -27.00 50.09
C GLN A 193 -24.03 -27.85 48.86
N ILE A 194 -23.29 -28.94 49.02
CA ILE A 194 -22.91 -29.76 47.87
C ILE A 194 -24.12 -30.45 47.28
N LYS A 195 -25.10 -30.80 48.10
CA LYS A 195 -26.27 -31.53 47.59
C LYS A 195 -27.00 -30.71 46.54
N SER A 196 -27.13 -29.40 46.76
CA SER A 196 -27.81 -28.54 45.81
C SER A 196 -26.94 -28.27 44.58
N LEU A 197 -25.62 -28.28 44.73
CA LEU A 197 -24.76 -28.10 43.57
C LEU A 197 -24.87 -29.30 42.63
N LEU A 198 -24.94 -30.50 43.20
CA LEU A 198 -25.04 -31.71 42.39
C LEU A 198 -26.33 -31.73 41.58
N ASP A 199 -27.43 -31.26 42.16
CA ASP A 199 -28.70 -31.21 41.44
C ASP A 199 -28.63 -30.26 40.26
N ASN A 200 -27.75 -29.25 40.31
CA ASN A 200 -27.61 -28.29 39.21
C ASN A 200 -26.44 -28.64 38.29
N TYR A 201 -25.87 -29.85 38.42
CA TYR A 201 -24.75 -30.32 37.62
C TYR A 201 -23.56 -29.36 37.71
N ASP A 202 -23.32 -28.83 38.91
CA ASP A 202 -22.18 -27.96 39.17
C ASP A 202 -21.08 -28.78 39.85
N TYR A 203 -20.52 -29.69 39.04
CA TYR A 203 -19.61 -30.71 39.53
C TYR A 203 -18.25 -30.13 39.88
N GLU A 204 -17.76 -29.18 39.10
CA GLU A 204 -16.56 -28.45 39.48
C GLU A 204 -16.76 -27.76 40.83
N ALA A 205 -17.93 -27.14 41.03
CA ALA A 205 -18.21 -26.47 42.29
C ALA A 205 -18.39 -27.49 43.41
N ALA A 206 -19.03 -28.62 43.11
CA ALA A 206 -19.15 -29.67 44.11
C ALA A 206 -17.78 -30.17 44.53
N LEU A 207 -16.95 -30.53 43.55
CA LEU A 207 -15.57 -30.93 43.84
C LEU A 207 -14.84 -29.87 44.65
N GLN A 208 -15.01 -28.60 44.29
CA GLN A 208 -14.32 -27.53 45.00
C GLN A 208 -14.66 -27.55 46.47
N LEU A 209 -15.95 -27.61 46.80
CA LEU A 209 -16.37 -27.62 48.20
C LEU A 209 -15.92 -28.90 48.91
N VAL A 210 -15.87 -30.01 48.18
CA VAL A 210 -15.45 -31.28 48.78
C VAL A 210 -13.96 -31.26 49.06
N ALA A 211 -13.16 -30.95 48.05
CA ALA A 211 -11.71 -30.79 48.23
C ALA A 211 -11.36 -29.99 49.48
N SER A 212 -12.01 -28.84 49.67
CA SER A 212 -11.64 -27.98 50.79
C SER A 212 -11.93 -28.64 52.13
N GLN A 213 -12.94 -29.49 52.19
CA GLN A 213 -13.39 -30.12 53.44
C GLN A 213 -12.64 -31.44 53.62
N LYS A 214 -11.49 -31.36 54.29
CA LYS A 214 -10.64 -32.52 54.52
C LYS A 214 -11.31 -33.55 55.43
N SER A 215 -12.31 -33.12 56.19
CA SER A 215 -13.04 -33.95 57.14
C SER A 215 -13.74 -35.15 56.51
N PHE A 216 -14.22 -35.03 55.28
CA PHE A 216 -15.11 -36.04 54.70
C PHE A 216 -14.50 -37.44 54.73
N ARG A 217 -15.26 -38.40 55.29
CA ARG A 217 -14.76 -39.75 55.50
C ARG A 217 -14.50 -40.46 54.18
N ASN A 218 -15.29 -40.15 53.16
CA ASN A 218 -15.19 -40.77 51.84
C ASN A 218 -14.58 -39.81 50.83
N GLY A 219 -13.75 -38.88 51.31
CA GLY A 219 -13.22 -37.84 50.44
C GLY A 219 -12.52 -38.36 49.20
N LYS A 220 -11.65 -39.37 49.36
CA LYS A 220 -10.87 -39.83 48.21
C LYS A 220 -11.79 -40.39 47.12
N GLU A 221 -12.83 -41.12 47.52
CA GLU A 221 -13.76 -41.68 46.55
C GLU A 221 -14.58 -40.59 45.88
N ILE A 222 -15.09 -39.64 46.66
CA ILE A 222 -15.85 -38.53 46.11
C ILE A 222 -15.02 -37.76 45.10
N ARG A 223 -13.80 -37.36 45.50
CA ARG A 223 -12.96 -36.56 44.61
C ARG A 223 -12.64 -37.32 43.33
N LYS A 224 -12.47 -38.64 43.42
CA LYS A 224 -12.16 -39.42 42.23
C LYS A 224 -13.33 -39.47 41.27
N LYS A 225 -14.53 -39.80 41.77
CA LYS A 225 -15.70 -39.88 40.92
C LYS A 225 -16.03 -38.54 40.29
N LEU A 226 -15.86 -37.44 41.05
CA LEU A 226 -16.19 -36.12 40.50
C LEU A 226 -15.22 -35.72 39.40
N LYS A 227 -13.92 -35.94 39.61
CA LYS A 227 -12.95 -35.54 38.59
C LYS A 227 -13.14 -36.33 37.30
N GLU A 228 -13.40 -37.63 37.40
CA GLU A 228 -13.66 -38.42 36.20
C GLU A 228 -14.84 -37.85 35.43
N LEU A 229 -15.93 -37.52 36.15
CA LEU A 229 -17.10 -36.97 35.48
C LEU A 229 -16.82 -35.58 34.91
N ILE A 230 -16.12 -34.75 35.69
CA ILE A 230 -15.82 -33.39 35.22
C ILE A 230 -15.01 -33.45 33.93
N ASP A 231 -13.99 -34.30 33.89
CA ASP A 231 -13.18 -34.43 32.69
C ASP A 231 -13.96 -35.11 31.56
N ASP A 232 -14.82 -36.07 31.92
CA ASP A 232 -15.74 -36.63 30.93
C ASP A 232 -16.53 -35.53 30.23
N ILE A 233 -17.08 -34.60 31.01
CA ILE A 233 -17.93 -33.57 30.44
C ILE A 233 -17.12 -32.64 29.54
N LYS A 234 -15.91 -32.30 29.95
CA LYS A 234 -15.16 -31.27 29.24
C LYS A 234 -14.59 -31.76 27.92
N MET A 235 -14.14 -33.02 27.87
CA MET A 235 -13.55 -33.59 26.67
C MET A 235 -14.51 -34.49 25.91
N HIS A 236 -15.79 -34.48 26.26
CA HIS A 236 -16.80 -35.28 25.59
C HIS A 236 -16.38 -36.76 25.54
N ARG A 237 -16.05 -37.29 26.70
CA ARG A 237 -15.66 -38.69 26.84
C ARG A 237 -16.85 -39.52 27.27
N VAL A 238 -17.01 -40.70 26.66
CA VAL A 238 -18.06 -41.61 27.09
C VAL A 238 -17.81 -42.00 28.54
N PHE A 239 -18.88 -42.07 29.32
CA PHE A 239 -18.78 -42.51 30.71
C PHE A 239 -18.41 -43.98 30.74
N SER A 240 -17.44 -44.33 31.60
CA SER A 240 -17.02 -45.72 31.73
C SER A 240 -18.20 -46.65 31.92
N TYR A 241 -19.19 -46.23 32.71
CA TYR A 241 -20.41 -47.01 32.86
C TYR A 241 -21.05 -47.31 31.51
N LEU A 242 -21.11 -46.31 30.63
CA LEU A 242 -21.65 -46.53 29.30
C LEU A 242 -20.74 -47.45 28.47
N ILE A 243 -19.44 -47.40 28.72
CA ILE A 243 -18.51 -48.30 28.06
C ILE A 243 -18.79 -49.75 28.45
N LYS A 244 -19.10 -49.99 29.74
CA LYS A 244 -19.37 -51.35 30.19
C LYS A 244 -20.75 -51.83 29.74
N GLN A 245 -21.74 -50.92 29.73
CA GLN A 245 -23.10 -51.31 29.40
C GLN A 245 -23.25 -51.67 27.92
N TYR A 246 -22.54 -50.96 27.04
CA TYR A 246 -22.67 -51.12 25.59
C TYR A 246 -21.28 -51.30 24.99
N PRO A 247 -20.65 -52.45 25.26
CA PRO A 247 -19.24 -52.59 24.91
C PRO A 247 -18.97 -52.75 23.41
N ARG A 248 -19.93 -53.27 22.65
CA ARG A 248 -19.70 -53.56 21.25
C ARG A 248 -20.17 -52.46 20.30
N ASN A 249 -20.85 -51.43 20.78
CA ASN A 249 -21.41 -50.39 19.91
C ASN A 249 -20.90 -49.03 20.37
N GLU A 250 -19.73 -48.65 19.87
CA GLU A 250 -19.16 -47.33 20.19
C GLU A 250 -20.03 -46.21 19.64
N LYS A 251 -20.66 -46.44 18.49
CA LYS A 251 -21.53 -45.44 17.91
C LYS A 251 -22.73 -45.17 18.80
N LEU A 252 -23.26 -46.20 19.44
CA LEU A 252 -24.30 -46.02 20.44
C LEU A 252 -23.78 -45.22 21.62
N GLN A 253 -22.63 -45.64 22.14
CA GLN A 253 -22.00 -44.96 23.28
C GLN A 253 -21.93 -43.46 23.08
N LYS A 254 -21.45 -43.02 21.92
CA LYS A 254 -21.25 -41.59 21.68
C LYS A 254 -22.58 -40.87 21.53
N ALA A 255 -23.52 -41.45 20.77
CA ALA A 255 -24.84 -40.84 20.67
C ALA A 255 -25.51 -40.77 22.03
N LEU A 256 -25.25 -41.76 22.89
CA LEU A 256 -25.88 -41.78 24.21
C LEU A 256 -25.25 -40.75 25.14
N LEU A 257 -23.93 -40.62 25.11
CA LEU A 257 -23.25 -39.62 25.93
C LEU A 257 -23.75 -38.22 25.58
N HIS A 258 -23.86 -37.92 24.28
CA HIS A 258 -24.25 -36.57 23.86
C HIS A 258 -25.71 -36.28 24.19
N THR A 259 -26.60 -37.26 23.99
CA THR A 259 -27.99 -37.05 24.34
C THR A 259 -28.13 -36.78 25.83
N ILE A 260 -27.33 -37.46 26.66
CA ILE A 260 -27.36 -37.20 28.09
C ILE A 260 -26.86 -35.80 28.39
N LEU A 261 -25.73 -35.42 27.80
CA LEU A 261 -25.20 -34.08 28.01
C LEU A 261 -26.14 -33.02 27.44
N LEU A 262 -26.74 -33.30 26.28
CA LEU A 262 -27.70 -32.35 25.70
C LEU A 262 -28.86 -32.10 26.66
N GLU A 263 -29.40 -33.16 27.25
CA GLU A 263 -30.51 -33.01 28.18
C GLU A 263 -30.05 -32.31 29.46
N MET A 264 -28.80 -32.50 29.85
CA MET A 264 -28.25 -31.79 31.00
C MET A 264 -28.26 -30.29 30.76
N ARG A 265 -27.72 -29.87 29.62
CA ARG A 265 -27.62 -28.44 29.31
C ARG A 265 -29.00 -27.81 29.27
N HIS A 266 -29.95 -28.50 28.66
CA HIS A 266 -31.32 -28.01 28.54
C HIS A 266 -31.99 -27.89 29.90
N GLN A 267 -31.76 -28.87 30.76
CA GLN A 267 -32.39 -28.90 32.08
C GLN A 267 -31.84 -27.79 32.98
N ARG A 268 -30.55 -27.50 32.85
CA ARG A 268 -29.85 -26.56 33.72
C ARG A 268 -30.13 -25.11 33.34
N GLY A 269 -30.66 -24.87 32.14
CA GLY A 269 -30.93 -23.53 31.67
C GLY A 269 -29.96 -23.01 30.63
N ASP A 270 -29.02 -23.84 30.16
CA ASP A 270 -28.07 -23.45 29.13
C ASP A 270 -28.73 -23.65 27.77
N ILE A 271 -29.73 -22.81 27.49
CA ILE A 271 -30.64 -23.07 26.38
C ILE A 271 -29.99 -22.72 25.05
N ALA A 272 -29.32 -21.56 24.97
CA ALA A 272 -28.60 -21.21 23.75
C ALA A 272 -27.58 -22.29 23.40
N GLU A 273 -26.83 -22.75 24.40
CA GLU A 273 -25.92 -23.88 24.24
C GLU A 273 -26.65 -25.10 23.69
N THR A 274 -27.78 -25.44 24.30
CA THR A 274 -28.57 -26.58 23.85
C THR A 274 -28.93 -26.47 22.38
N LEU A 275 -29.54 -25.35 22.00
CA LEU A 275 -30.04 -25.18 20.64
C LEU A 275 -28.95 -25.42 19.60
N ILE A 276 -27.73 -24.96 19.87
CA ILE A 276 -26.64 -25.07 18.91
C ILE A 276 -26.28 -26.53 18.65
N ARG A 277 -26.25 -27.35 19.70
CA ARG A 277 -25.78 -28.71 19.59
C ARG A 277 -26.88 -29.72 19.23
N VAL A 278 -28.15 -29.31 19.22
CA VAL A 278 -29.21 -30.28 18.95
C VAL A 278 -29.01 -30.92 17.59
N LYS A 279 -28.68 -30.11 16.59
CA LYS A 279 -28.66 -30.59 15.21
C LYS A 279 -27.56 -31.62 14.99
N SER A 280 -26.36 -31.35 15.48
CA SER A 280 -25.24 -32.25 15.21
C SER A 280 -25.50 -33.62 15.79
N ILE A 281 -26.10 -33.69 16.98
CA ILE A 281 -26.50 -34.97 17.55
C ILE A 281 -27.61 -35.59 16.72
N ALA A 282 -28.57 -34.77 16.29
CA ALA A 282 -29.64 -35.25 15.42
C ALA A 282 -29.05 -35.80 14.11
N GLU A 283 -28.01 -35.16 13.59
CA GLU A 283 -27.39 -35.63 12.36
C GLU A 283 -26.67 -36.96 12.57
N TYR A 284 -25.98 -37.11 13.70
CA TYR A 284 -25.22 -38.33 13.94
C TYR A 284 -26.16 -39.53 14.08
N ILE A 285 -27.33 -39.34 14.69
CA ILE A 285 -28.27 -40.44 14.90
C ILE A 285 -28.98 -40.78 13.60
N VAL A 286 -29.31 -39.77 12.78
CA VAL A 286 -29.91 -40.03 11.49
C VAL A 286 -28.91 -40.69 10.55
N GLU A 287 -27.65 -40.22 10.58
CA GLU A 287 -26.60 -40.81 9.77
C GLU A 287 -26.54 -42.33 9.95
N GLN A 288 -26.58 -42.78 11.20
CA GLN A 288 -26.51 -44.21 11.47
C GLN A 288 -27.84 -44.90 11.19
N TYR A 289 -28.96 -44.19 11.33
CA TYR A 289 -30.22 -44.77 10.90
C TYR A 289 -30.18 -45.13 9.42
N ILE A 290 -29.56 -44.26 8.61
CA ILE A 290 -29.49 -44.51 7.18
C ILE A 290 -28.56 -45.68 6.87
N GLN A 291 -27.42 -45.75 7.57
CA GLN A 291 -26.52 -46.89 7.38
C GLN A 291 -27.21 -48.20 7.73
N LYS A 292 -28.06 -48.19 8.76
CA LYS A 292 -28.61 -49.45 9.25
C LYS A 292 -29.67 -50.01 8.31
N ASN A 293 -30.56 -49.15 7.79
CA ASN A 293 -31.69 -49.64 7.00
C ASN A 293 -31.55 -49.40 5.50
N TYR A 294 -30.68 -48.50 5.05
CA TYR A 294 -30.37 -48.32 3.63
C TYR A 294 -28.86 -48.19 3.50
N PRO A 295 -28.12 -49.29 3.68
CA PRO A 295 -26.70 -49.17 4.05
C PRO A 295 -25.79 -48.44 3.07
N TYR A 296 -25.66 -48.91 1.83
CA TYR A 296 -24.66 -48.35 0.93
C TYR A 296 -25.16 -47.11 0.18
N LEU A 297 -26.30 -46.55 0.59
CA LEU A 297 -26.72 -45.27 0.03
C LEU A 297 -25.68 -44.19 0.31
N ILE A 298 -25.13 -44.17 1.52
CA ILE A 298 -24.10 -43.20 1.89
C ILE A 298 -22.75 -43.75 1.44
N ILE A 299 -21.94 -42.90 0.81
CA ILE A 299 -20.56 -43.23 0.47
C ILE A 299 -19.66 -42.09 0.94
N TYR A 300 -18.50 -42.43 1.52
CA TYR A 300 -17.54 -41.45 2.01
C TYR A 300 -16.17 -41.69 1.37
N LYS A 301 -15.55 -40.64 0.84
CA LYS A 301 -14.15 -40.72 0.42
C LYS A 301 -13.19 -39.98 1.35
N GLU A 302 -13.61 -38.88 1.97
CA GLU A 302 -12.79 -38.17 2.96
C GLU A 302 -13.54 -38.03 4.28
N ASP A 303 -14.34 -39.05 4.61
CA ASP A 303 -15.10 -39.22 5.84
C ASP A 303 -16.30 -38.29 5.96
N LYS A 304 -16.73 -37.68 4.86
CA LYS A 304 -17.84 -36.74 4.86
C LYS A 304 -18.98 -37.28 4.01
N PRO A 305 -20.20 -37.44 4.57
CA PRO A 305 -21.34 -37.96 3.79
C PRO A 305 -21.49 -37.44 2.37
N TYR A 306 -21.49 -38.35 1.39
CA TYR A 306 -21.72 -38.03 -0.02
C TYR A 306 -22.81 -38.96 -0.58
N PHE A 307 -23.85 -38.37 -1.18
CA PHE A 307 -25.01 -39.13 -1.65
C PHE A 307 -24.66 -39.91 -2.91
N ASN A 308 -24.93 -41.21 -2.90
CA ASN A 308 -24.65 -42.08 -4.05
C ASN A 308 -25.93 -42.42 -4.79
N VAL A 309 -25.85 -42.40 -6.13
CA VAL A 309 -27.01 -42.65 -6.97
C VAL A 309 -27.16 -44.12 -7.36
N SER A 310 -26.06 -44.89 -7.31
CA SER A 310 -26.09 -46.29 -7.72
C SER A 310 -26.94 -47.14 -6.77
N TYR A 311 -27.10 -46.72 -5.51
CA TYR A 311 -27.92 -47.49 -4.58
C TYR A 311 -29.34 -47.66 -5.12
N SER A 312 -29.95 -46.56 -5.60
CA SER A 312 -31.29 -46.63 -6.20
C SER A 312 -31.42 -45.46 -7.19
N GLN A 313 -31.04 -45.73 -8.44
CA GLN A 313 -31.03 -44.69 -9.47
C GLN A 313 -32.38 -44.00 -9.61
N GLU A 314 -33.48 -44.76 -9.55
CA GLU A 314 -34.80 -44.17 -9.69
C GLU A 314 -35.04 -43.12 -8.61
N LEU A 315 -34.62 -43.41 -7.38
CA LEU A 315 -34.82 -42.49 -6.28
C LEU A 315 -34.00 -41.22 -6.43
N THR A 316 -32.79 -41.34 -7.00
CA THR A 316 -32.00 -40.16 -7.34
C THR A 316 -32.86 -39.11 -8.02
N GLU A 317 -33.60 -39.52 -9.07
CA GLU A 317 -34.33 -38.54 -9.88
C GLU A 317 -35.49 -37.92 -9.11
N SER A 318 -36.06 -38.65 -8.14
CA SER A 318 -37.17 -38.08 -7.38
C SER A 318 -36.70 -36.94 -6.47
N TYR A 319 -35.46 -36.99 -5.99
CA TYR A 319 -34.90 -35.87 -5.24
C TYR A 319 -34.77 -34.65 -6.13
N LEU A 320 -34.36 -34.86 -7.38
CA LEU A 320 -34.24 -33.76 -8.33
C LEU A 320 -35.58 -33.11 -8.59
N ALA A 321 -36.62 -33.92 -8.74
CA ALA A 321 -37.98 -33.38 -8.84
C ALA A 321 -38.28 -32.46 -7.68
N LEU A 322 -37.95 -32.89 -6.47
CA LEU A 322 -38.24 -32.10 -5.28
C LEU A 322 -37.36 -30.86 -5.21
N MET A 323 -36.11 -30.96 -5.65
CA MET A 323 -35.19 -29.84 -5.50
C MET A 323 -35.61 -28.68 -6.39
N ASP A 324 -35.87 -28.95 -7.67
CA ASP A 324 -36.28 -27.89 -8.57
C ASP A 324 -37.58 -27.24 -8.11
N SER A 325 -38.45 -28.02 -7.47
CA SER A 325 -39.70 -27.52 -6.92
C SER A 325 -39.47 -26.91 -5.54
N GLY A 344 -25.56 -33.94 5.61
CA GLY A 344 -26.33 -32.81 6.14
C GLY A 344 -27.73 -33.21 6.56
N PHE A 345 -28.25 -32.52 7.58
CA PHE A 345 -29.59 -32.86 8.07
C PHE A 345 -30.66 -32.56 7.03
N PRO A 346 -30.68 -31.38 6.38
CA PRO A 346 -31.74 -31.13 5.39
C PRO A 346 -31.76 -32.17 4.28
N ALA A 347 -30.61 -32.75 3.95
CA ALA A 347 -30.57 -33.80 2.92
C ALA A 347 -31.12 -35.11 3.45
N TYR A 348 -30.65 -35.56 4.63
CA TYR A 348 -31.21 -36.77 5.23
C TYR A 348 -32.73 -36.64 5.37
N ARG A 349 -33.20 -35.46 5.80
CA ARG A 349 -34.64 -35.27 5.96
C ARG A 349 -35.34 -35.37 4.62
N ASP A 350 -34.71 -34.90 3.54
CA ASP A 350 -35.30 -35.04 2.21
C ASP A 350 -35.28 -36.50 1.78
N PHE A 351 -34.10 -37.12 1.75
CA PHE A 351 -34.00 -38.55 1.48
C PHE A 351 -35.09 -39.34 2.21
N LEU A 352 -35.16 -39.22 3.54
CA LEU A 352 -35.97 -40.13 4.33
C LEU A 352 -37.46 -39.99 3.98
N GLN A 353 -37.97 -38.76 3.97
CA GLN A 353 -39.41 -38.57 3.73
C GLN A 353 -39.84 -39.18 2.41
N LEU A 354 -38.95 -39.17 1.41
CA LEU A 354 -39.26 -39.76 0.12
C LEU A 354 -39.38 -41.27 0.22
N LEU A 355 -38.48 -41.90 0.99
CA LEU A 355 -38.51 -43.35 1.14
C LEU A 355 -39.67 -43.79 2.04
N GLU A 356 -39.97 -43.01 3.07
CA GLU A 356 -41.07 -43.28 4.00
C GLU A 356 -41.60 -41.94 4.48
N ALA A 357 -42.92 -41.73 4.38
CA ALA A 357 -43.54 -40.44 4.67
C ALA A 357 -44.51 -40.52 5.85
N SER A 358 -44.49 -39.47 6.69
CA SER A 358 -45.32 -39.34 7.88
C SER A 358 -45.27 -40.59 8.77
N ASN A 359 -44.08 -41.16 8.93
CA ASN A 359 -43.87 -42.32 9.78
C ASN A 359 -43.18 -41.88 11.08
N GLU A 360 -42.76 -42.86 11.89
CA GLU A 360 -42.13 -42.56 13.17
C GLU A 360 -40.97 -41.58 13.02
N MET A 361 -40.05 -41.83 12.09
CA MET A 361 -38.83 -41.04 12.01
C MET A 361 -39.07 -39.67 11.41
N THR A 362 -40.02 -39.55 10.49
CA THR A 362 -40.23 -38.29 9.79
C THR A 362 -40.64 -37.16 10.73
N ASN A 363 -41.61 -37.42 11.60
CA ASN A 363 -42.19 -36.34 12.41
C ASN A 363 -41.28 -35.93 13.56
N GLU A 364 -40.25 -36.72 13.84
CA GLU A 364 -39.22 -36.32 14.81
C GLU A 364 -38.20 -35.40 14.16
N MET A 365 -37.81 -35.65 12.92
CA MET A 365 -36.85 -34.80 12.25
C MET A 365 -37.45 -33.48 11.83
N ASN A 366 -38.77 -33.43 11.64
CA ASN A 366 -39.45 -32.16 11.47
C ASN A 366 -39.17 -31.23 12.65
N LYS A 367 -39.44 -31.72 13.87
CA LYS A 367 -39.25 -30.88 15.06
C LYS A 367 -37.81 -30.39 15.18
N VAL A 368 -36.84 -31.18 14.69
CA VAL A 368 -35.47 -30.71 14.67
C VAL A 368 -35.29 -29.63 13.60
N ASN A 369 -36.06 -29.72 12.52
CA ASN A 369 -36.00 -28.70 11.47
C ASN A 369 -36.73 -27.42 11.84
N GLU A 370 -37.66 -27.49 12.80
CA GLU A 370 -38.38 -26.29 13.20
C GLU A 370 -37.44 -25.24 13.79
N ILE A 371 -36.33 -25.68 14.39
CA ILE A 371 -35.36 -24.76 14.98
C ILE A 371 -34.14 -24.59 14.07
N ASN A 372 -34.21 -25.10 12.84
CA ASN A 372 -33.07 -25.00 11.93
C ASN A 372 -32.65 -23.55 11.72
N ASN A 373 -33.62 -22.71 11.35
CA ASN A 373 -33.31 -21.30 11.08
C ASN A 373 -33.08 -20.53 12.37
N LEU A 374 -33.75 -20.91 13.46
CA LEU A 374 -33.45 -20.28 14.74
C LEU A 374 -32.04 -20.63 15.20
N ARG A 375 -31.58 -21.85 14.92
CA ARG A 375 -30.23 -22.23 15.28
C ARG A 375 -29.22 -21.39 14.51
N ASN A 376 -29.48 -21.15 13.23
CA ASN A 376 -28.57 -20.36 12.41
C ASN A 376 -28.39 -18.96 12.96
N LYS A 377 -29.44 -18.38 13.54
CA LYS A 377 -29.35 -17.02 14.06
C LYS A 377 -28.37 -16.94 15.22
N VAL A 378 -28.43 -17.90 16.15
CA VAL A 378 -27.59 -17.82 17.34
C VAL A 378 -26.23 -18.46 17.10
N ALA A 379 -26.14 -19.42 16.18
CA ALA A 379 -24.86 -20.08 15.93
C ALA A 379 -23.96 -19.25 15.03
N HIS A 380 -24.51 -18.66 13.97
CA HIS A 380 -23.69 -18.02 12.94
C HIS A 380 -23.84 -16.51 12.88
N ASN A 381 -24.92 -15.94 13.41
CA ASN A 381 -25.05 -14.49 13.54
C ASN A 381 -24.82 -14.01 14.97
N LEU A 382 -24.54 -14.93 15.89
CA LEU A 382 -24.12 -14.60 17.26
C LEU A 382 -25.20 -13.83 18.01
N ASP A 383 -26.46 -14.06 17.69
CA ASP A 383 -27.55 -13.30 18.30
C ASP A 383 -27.94 -13.89 19.65
N SER A 384 -28.65 -13.09 20.44
CA SER A 384 -29.14 -13.51 21.73
C SER A 384 -30.33 -14.44 21.57
N LEU A 385 -30.66 -15.15 22.65
CA LEU A 385 -31.76 -16.11 22.65
C LEU A 385 -32.92 -15.55 23.44
N ASN A 386 -34.12 -15.63 22.85
CA ASN A 386 -35.34 -15.10 23.46
C ASN A 386 -36.40 -16.21 23.42
N LEU A 387 -36.62 -16.86 24.56
CA LEU A 387 -37.67 -17.87 24.63
C LEU A 387 -39.06 -17.23 24.53
N ASP A 388 -39.17 -15.96 24.91
CA ASP A 388 -40.47 -15.28 24.92
C ASP A 388 -41.04 -15.10 23.52
N ARG A 389 -40.18 -14.91 22.53
CA ARG A 389 -40.64 -14.54 21.19
C ARG A 389 -41.15 -15.76 20.41
N ASP A 390 -42.33 -15.61 19.81
CA ASP A 390 -42.98 -16.60 18.96
C ASP A 390 -42.77 -18.06 19.43
N LYS A 391 -43.15 -18.30 20.68
CA LYS A 391 -43.12 -19.65 21.28
C LYS A 391 -41.76 -20.33 21.05
N ASN A 392 -40.68 -19.63 21.36
CA ASN A 392 -39.35 -20.11 20.95
C ASN A 392 -38.88 -21.28 21.79
N GLY A 393 -38.95 -21.15 23.12
CA GLY A 393 -38.41 -22.19 23.97
C GLY A 393 -39.06 -23.54 23.78
N ARG A 394 -40.39 -23.55 23.66
CA ARG A 394 -41.10 -24.80 23.39
C ARG A 394 -40.55 -25.49 22.15
N LYS A 395 -40.20 -24.70 21.13
CA LYS A 395 -39.63 -25.28 19.91
C LYS A 395 -38.33 -26.02 20.22
N ILE A 396 -37.55 -25.50 21.17
CA ILE A 396 -36.30 -26.15 21.54
C ILE A 396 -36.57 -27.45 22.30
N THR A 397 -37.56 -27.43 23.20
CA THR A 397 -37.88 -28.62 23.97
C THR A 397 -38.32 -29.77 23.07
N ASN A 398 -39.16 -29.48 22.07
CA ASN A 398 -39.59 -30.53 21.15
C ASN A 398 -38.40 -31.12 20.42
N ALA A 399 -37.42 -30.29 20.05
CA ALA A 399 -36.24 -30.79 19.35
C ALA A 399 -35.42 -31.72 20.24
N VAL A 400 -35.24 -31.35 21.51
CA VAL A 400 -34.52 -32.21 22.44
C VAL A 400 -35.24 -33.55 22.56
N THR A 401 -36.54 -33.51 22.84
CA THR A 401 -37.32 -34.74 22.92
C THR A 401 -37.15 -35.60 21.68
N ALA A 402 -37.09 -34.97 20.50
CA ALA A 402 -36.93 -35.74 19.27
C ALA A 402 -35.62 -36.51 19.28
N VAL A 403 -34.54 -35.88 19.76
CA VAL A 403 -33.23 -36.55 19.78
C VAL A 403 -33.32 -37.83 20.61
N ARG A 404 -33.97 -37.78 21.77
CA ARG A 404 -34.12 -38.98 22.57
C ARG A 404 -34.97 -40.02 21.84
N THR A 405 -36.10 -39.59 21.28
CA THR A 405 -36.98 -40.52 20.59
C THR A 405 -36.28 -41.18 19.40
N MET A 406 -35.44 -40.42 18.69
CA MET A 406 -34.72 -41.00 17.56
C MET A 406 -33.68 -42.00 18.02
N LEU A 407 -32.86 -41.61 18.99
CA LEU A 407 -31.82 -42.49 19.51
C LEU A 407 -32.36 -43.86 19.85
N LEU A 408 -33.54 -43.92 20.47
CA LEU A 408 -34.10 -45.22 20.83
C LEU A 408 -34.54 -46.00 19.61
N ALA A 409 -35.00 -45.31 18.56
CA ALA A 409 -35.39 -45.99 17.33
C ALA A 409 -34.16 -46.53 16.60
N VAL A 410 -33.07 -45.77 16.61
CA VAL A 410 -31.86 -46.19 15.89
C VAL A 410 -31.18 -47.33 16.62
N PHE A 411 -31.02 -47.21 17.93
CA PHE A 411 -30.39 -48.24 18.78
C PHE A 411 -31.45 -48.81 19.72
N PRO A 412 -32.14 -49.91 19.36
CA PRO A 412 -33.17 -50.46 20.27
C PRO A 412 -32.63 -51.03 21.56
N GLU A 413 -31.32 -51.25 21.66
CA GLU A 413 -30.72 -51.83 22.86
C GLU A 413 -30.55 -50.83 23.99
N VAL A 414 -30.63 -49.52 23.71
CA VAL A 414 -30.46 -48.52 24.76
C VAL A 414 -31.56 -48.68 25.80
N GLN A 415 -31.19 -48.62 27.08
CA GLN A 415 -32.14 -48.78 28.17
C GLN A 415 -32.58 -47.40 28.64
N GLU A 416 -33.90 -47.22 28.76
CA GLU A 416 -34.41 -45.91 29.16
C GLU A 416 -33.86 -45.46 30.50
N ASN A 417 -33.46 -46.41 31.37
CA ASN A 417 -33.00 -46.08 32.71
C ASN A 417 -31.59 -45.49 32.73
N ASP A 418 -30.86 -45.57 31.62
CA ASP A 418 -29.53 -44.99 31.51
C ASP A 418 -29.54 -43.51 31.15
N PHE A 419 -30.72 -42.96 30.85
CA PHE A 419 -30.88 -41.52 30.64
C PHE A 419 -30.74 -40.74 31.95
N HIS A 420 -30.92 -41.41 33.08
CA HIS A 420 -30.81 -40.82 34.40
C HIS A 420 -29.43 -41.03 35.02
N TYR A 421 -28.42 -41.31 34.20
CA TYR A 421 -27.06 -41.49 34.71
C TYR A 421 -26.64 -40.35 35.62
N LEU A 422 -26.90 -39.11 35.22
CA LEU A 422 -26.47 -37.97 36.03
C LEU A 422 -27.24 -37.91 37.34
N LYS A 423 -28.57 -38.11 37.30
CA LYS A 423 -29.34 -38.09 38.54
C LYS A 423 -28.96 -39.26 39.42
N GLN A 424 -28.60 -40.40 38.84
CA GLN A 424 -28.13 -41.55 39.62
C GLN A 424 -26.75 -41.28 40.20
N PHE A 425 -25.88 -40.65 39.42
CA PHE A 425 -24.56 -40.27 39.91
C PHE A 425 -24.67 -39.30 41.08
N ASN A 426 -25.56 -38.31 40.96
CA ASN A 426 -25.74 -37.35 42.05
C ASN A 426 -26.12 -38.06 43.35
N GLN A 427 -27.10 -38.97 43.27
CA GLN A 427 -27.58 -39.62 44.49
C GLN A 427 -26.48 -40.49 45.10
N SER A 428 -25.73 -41.22 44.28
CA SER A 428 -24.65 -42.03 44.81
C SER A 428 -23.61 -41.18 45.52
N ILE A 429 -23.40 -39.95 45.05
CA ILE A 429 -22.44 -39.07 45.71
C ILE A 429 -23.00 -38.56 47.03
N LYS A 430 -24.29 -38.23 47.07
CA LYS A 430 -24.89 -37.74 48.31
C LYS A 430 -24.77 -38.77 49.43
N GLU A 431 -25.04 -40.04 49.11
CA GLU A 431 -24.90 -41.10 50.12
C GLU A 431 -23.45 -41.25 50.58
N LEU A 432 -22.49 -40.82 49.77
CA LEU A 432 -21.09 -40.83 50.18
C LEU A 432 -20.73 -39.63 51.04
N LEU A 433 -21.51 -38.56 50.95
CA LEU A 433 -21.29 -37.36 51.74
C LEU A 433 -21.64 -37.59 53.21
N ALA B 3 -46.46 -16.23 65.36
CA ALA B 3 -45.68 -17.47 65.07
C ALA B 3 -45.42 -18.26 66.36
N MET B 4 -45.55 -19.58 66.27
CA MET B 4 -45.25 -20.41 67.44
C MET B 4 -43.79 -20.23 67.84
N LYS B 5 -43.56 -20.15 69.14
CA LYS B 5 -42.22 -19.93 69.70
C LYS B 5 -41.87 -21.10 70.59
N ILE B 6 -40.76 -21.77 70.26
CA ILE B 6 -40.28 -22.94 71.01
C ILE B 6 -38.97 -22.56 71.67
N LEU B 7 -38.85 -22.88 72.95
CA LEU B 7 -37.64 -22.64 73.72
C LEU B 7 -37.01 -23.99 74.04
N PHE B 8 -35.79 -24.21 73.52
CA PHE B 8 -34.99 -25.36 73.91
C PHE B 8 -33.94 -24.89 74.91
N SER B 9 -34.12 -25.22 76.18
CA SER B 9 -33.23 -24.75 77.23
C SER B 9 -32.59 -25.89 78.00
N PRO B 10 -31.26 -25.99 78.04
CA PRO B 10 -30.62 -26.83 79.05
C PRO B 10 -30.83 -26.23 80.44
N ILE B 11 -30.48 -27.02 81.46
CA ILE B 11 -30.60 -26.60 82.86
C ILE B 11 -29.24 -26.73 83.53
N GLY B 12 -28.97 -25.82 84.46
CA GLY B 12 -27.73 -25.80 85.21
C GLY B 12 -27.98 -25.61 86.70
N ASN B 13 -26.93 -25.42 87.49
CA ASN B 13 -27.12 -25.30 88.94
C ASN B 13 -27.70 -23.96 89.35
N THR B 14 -27.41 -22.89 88.60
CA THR B 14 -28.00 -21.59 88.88
C THR B 14 -29.50 -21.58 88.64
N ASP B 15 -30.02 -22.54 87.87
CA ASP B 15 -31.46 -22.68 87.68
C ASP B 15 -32.08 -23.40 88.88
N PRO B 16 -33.38 -23.16 89.16
CA PRO B 16 -34.30 -22.24 88.49
C PRO B 16 -34.07 -20.76 88.82
N TRP B 17 -33.40 -20.49 89.94
CA TRP B 17 -33.12 -19.12 90.35
C TRP B 17 -31.93 -19.15 91.31
N ARG B 18 -31.22 -18.02 91.38
CA ARG B 18 -30.12 -17.88 92.34
C ARG B 18 -30.05 -16.45 92.85
N ASN B 19 -29.90 -16.31 94.16
CA ASN B 19 -29.74 -15.00 94.81
C ASN B 19 -30.92 -14.08 94.50
N ASP B 20 -32.13 -14.64 94.50
CA ASP B 20 -33.39 -13.92 94.40
C ASP B 20 -33.63 -13.29 93.03
N ARG B 21 -32.78 -13.56 92.06
CA ARG B 21 -32.99 -13.19 90.66
C ARG B 21 -33.08 -14.47 89.83
N ASP B 22 -33.83 -14.41 88.73
CA ASP B 22 -34.03 -15.59 87.89
C ASP B 22 -32.70 -16.19 87.46
N GLY B 23 -32.73 -17.50 87.17
CA GLY B 23 -31.67 -18.15 86.43
C GLY B 23 -31.86 -17.99 84.94
N ALA B 24 -30.96 -18.59 84.18
CA ALA B 24 -30.98 -18.40 82.73
C ALA B 24 -32.32 -18.83 82.12
N MET B 25 -32.75 -20.05 82.43
CA MET B 25 -33.96 -20.57 81.80
C MET B 25 -35.16 -19.71 82.13
N LEU B 26 -35.45 -19.54 83.43
CA LEU B 26 -36.64 -18.81 83.83
C LEU B 26 -36.61 -17.39 83.29
N HIS B 27 -35.43 -16.81 83.16
CA HIS B 27 -35.36 -15.43 82.69
C HIS B 27 -35.77 -15.33 81.23
N ILE B 28 -35.24 -16.21 80.39
CA ILE B 28 -35.70 -16.24 79.00
C ILE B 28 -37.19 -16.51 78.96
N VAL B 29 -37.67 -17.43 79.80
CA VAL B 29 -39.10 -17.73 79.83
C VAL B 29 -39.90 -16.48 80.16
N ARG B 30 -39.42 -15.69 81.12
CA ARG B 30 -40.18 -14.52 81.58
C ARG B 30 -40.30 -13.48 80.47
N HIS B 31 -39.19 -13.17 79.81
CA HIS B 31 -39.16 -12.10 78.83
C HIS B 31 -39.46 -12.56 77.41
N TYR B 32 -39.72 -13.84 77.18
CA TYR B 32 -40.03 -14.32 75.84
C TYR B 32 -41.35 -15.06 75.71
N GLN B 33 -41.92 -15.57 76.80
CA GLN B 33 -43.19 -16.30 76.81
C GLN B 33 -43.28 -17.30 75.68
N PRO B 34 -42.47 -18.35 75.67
CA PRO B 34 -42.59 -19.38 74.63
C PRO B 34 -43.86 -20.21 74.79
N ASP B 35 -44.32 -20.76 73.66
CA ASP B 35 -45.49 -21.61 73.67
C ASP B 35 -45.15 -23.01 74.15
N ARG B 36 -43.94 -23.47 73.83
CA ARG B 36 -43.40 -24.78 74.20
C ARG B 36 -42.03 -24.58 74.82
N VAL B 37 -41.78 -25.27 75.93
CA VAL B 37 -40.46 -25.29 76.56
C VAL B 37 -39.96 -26.73 76.59
N VAL B 38 -38.71 -26.92 76.17
CA VAL B 38 -38.05 -28.22 76.20
C VAL B 38 -36.83 -28.08 77.10
N LEU B 39 -36.92 -28.61 78.31
CA LEU B 39 -35.81 -28.57 79.26
C LEU B 39 -34.95 -29.82 79.08
N PHE B 40 -33.63 -29.61 79.00
CA PHE B 40 -32.69 -30.73 78.95
C PHE B 40 -31.90 -30.82 80.24
N PHE B 41 -31.91 -32.00 80.86
CA PHE B 41 -31.22 -32.26 82.10
C PHE B 41 -30.21 -33.38 81.91
N THR B 42 -28.98 -33.17 82.36
CA THR B 42 -28.09 -34.30 82.63
C THR B 42 -28.67 -35.11 83.79
N GLU B 43 -28.50 -36.43 83.74
CA GLU B 43 -28.97 -37.27 84.84
C GLU B 43 -28.27 -36.87 86.14
N SER B 44 -27.01 -36.45 86.06
CA SER B 44 -26.27 -36.08 87.27
C SER B 44 -26.91 -34.88 87.95
N ILE B 45 -27.27 -33.85 87.18
CA ILE B 45 -27.89 -32.68 87.78
C ILE B 45 -29.31 -32.98 88.22
N TRP B 46 -29.98 -33.92 87.54
CA TRP B 46 -31.29 -34.36 87.98
C TRP B 46 -31.20 -35.12 89.30
N GLN B 47 -30.17 -35.97 89.45
CA GLN B 47 -30.04 -36.77 90.66
C GLN B 47 -29.38 -35.99 91.80
N GLY B 48 -28.21 -35.42 91.55
CA GLY B 48 -27.52 -34.62 92.54
C GLY B 48 -26.84 -35.41 93.63
N ASN B 49 -27.27 -35.21 94.88
CA ASN B 49 -26.67 -35.90 96.04
C ASN B 49 -25.18 -35.59 96.14
N GLN B 50 -24.84 -34.31 96.01
CA GLN B 50 -23.45 -33.87 96.18
C GLN B 50 -23.40 -32.73 97.18
N HIS B 51 -23.91 -31.56 96.81
CA HIS B 51 -24.18 -30.50 97.77
C HIS B 51 -25.66 -30.20 97.88
N PHE B 52 -26.51 -30.91 97.13
CA PHE B 52 -27.94 -30.65 97.10
C PHE B 52 -28.68 -31.91 96.71
N SER B 53 -30.01 -31.85 96.80
CA SER B 53 -30.86 -33.00 96.53
C SER B 53 -31.02 -33.32 95.05
N GLY B 54 -30.64 -32.40 94.17
CA GLY B 54 -30.80 -32.61 92.75
C GLY B 54 -31.97 -31.80 92.18
N GLN B 55 -31.93 -31.59 90.87
CA GLN B 55 -32.94 -30.76 90.21
C GLN B 55 -34.31 -31.43 90.17
N GLN B 56 -34.40 -32.73 90.45
CA GLN B 56 -35.69 -33.40 90.44
C GLN B 56 -36.62 -32.85 91.53
N ALA B 57 -36.04 -32.32 92.62
CA ALA B 57 -36.86 -31.86 93.74
C ALA B 57 -37.73 -30.66 93.38
N PHE B 58 -37.35 -29.89 92.36
CA PHE B 58 -38.13 -28.74 91.95
C PHE B 58 -39.25 -29.16 91.00
N ASP B 59 -40.33 -28.39 91.01
CA ASP B 59 -41.49 -28.64 90.14
C ASP B 59 -41.34 -27.72 88.94
N TRP B 60 -40.70 -28.22 87.89
CA TRP B 60 -40.39 -27.38 86.74
C TRP B 60 -41.64 -26.95 86.00
N VAL B 61 -42.59 -27.87 85.82
CA VAL B 61 -43.82 -27.53 85.11
C VAL B 61 -44.58 -26.44 85.84
N LYS B 62 -44.74 -26.60 87.16
CA LYS B 62 -45.47 -25.60 87.94
C LYS B 62 -44.75 -24.26 87.96
N ILE B 63 -43.42 -24.28 88.06
CA ILE B 63 -42.65 -23.04 88.12
C ILE B 63 -42.75 -22.30 86.79
N ILE B 64 -42.62 -23.01 85.68
CA ILE B 64 -42.56 -22.38 84.37
C ILE B 64 -43.92 -21.84 83.95
N GLN B 65 -44.99 -22.56 84.27
CA GLN B 65 -46.33 -22.11 83.94
C GLN B 65 -46.83 -21.02 84.88
N SER B 66 -46.10 -20.76 85.96
CA SER B 66 -46.52 -19.74 86.91
C SER B 66 -46.39 -18.34 86.34
N ILE B 67 -45.52 -18.14 85.34
CA ILE B 67 -45.33 -16.85 84.70
C ILE B 67 -45.63 -16.91 83.21
N ASN B 68 -46.17 -18.04 82.73
CA ASN B 68 -46.41 -18.28 81.30
C ASN B 68 -47.69 -19.11 81.23
N GLU B 69 -48.82 -18.45 80.98
CA GLU B 69 -50.12 -19.08 81.22
C GLU B 69 -50.33 -20.32 80.35
N ASN B 70 -49.98 -20.24 79.06
CA ASN B 70 -50.20 -21.36 78.13
C ASN B 70 -48.85 -21.84 77.61
N CYS B 71 -48.26 -22.79 78.32
CA CYS B 71 -46.95 -23.37 77.99
C CYS B 71 -47.02 -24.87 78.16
N GLN B 72 -46.70 -25.61 77.09
CA GLN B 72 -46.59 -27.06 77.14
C GLN B 72 -45.10 -27.40 77.29
N ILE B 73 -44.76 -28.12 78.36
CA ILE B 73 -43.36 -28.30 78.77
C ILE B 73 -42.97 -29.76 78.59
N GLU B 74 -41.86 -29.97 77.89
CA GLU B 74 -41.26 -31.28 77.66
C GLU B 74 -39.95 -31.35 78.42
N ILE B 75 -39.80 -32.36 79.27
CA ILE B 75 -38.58 -32.58 80.04
C ILE B 75 -37.84 -33.77 79.44
N LYS B 76 -36.61 -33.54 78.99
CA LYS B 76 -35.73 -34.58 78.49
C LYS B 76 -34.57 -34.75 79.46
N CYS B 77 -34.28 -35.99 79.83
CA CYS B 77 -33.22 -36.34 80.76
C CYS B 77 -32.35 -37.40 80.11
N ASP B 78 -31.03 -37.23 80.18
CA ASP B 78 -30.12 -38.14 79.52
C ASP B 78 -28.94 -38.48 80.42
N THR B 79 -28.35 -39.65 80.19
CA THR B 79 -27.18 -40.12 80.92
C THR B 79 -25.93 -39.67 80.18
N ILE B 80 -25.19 -38.76 80.77
CA ILE B 80 -23.95 -38.24 80.20
C ILE B 80 -22.81 -38.65 81.12
N GLU B 81 -21.89 -39.47 80.59
CA GLU B 81 -20.77 -39.94 81.39
C GLU B 81 -19.77 -38.82 81.66
N VAL B 82 -19.49 -37.99 80.65
CA VAL B 82 -18.50 -36.92 80.73
C VAL B 82 -19.22 -35.64 80.32
N GLU B 83 -19.57 -34.82 81.29
CA GLU B 83 -20.41 -33.65 81.05
C GLU B 83 -19.68 -32.49 80.38
N ASN B 84 -18.37 -32.60 80.16
CA ASN B 84 -17.61 -31.59 79.44
C ASN B 84 -17.16 -32.06 78.07
N ASP B 85 -17.79 -33.11 77.54
CA ASP B 85 -17.39 -33.73 76.28
C ASP B 85 -18.38 -33.34 75.19
N PHE B 86 -17.88 -32.66 74.15
CA PHE B 86 -18.75 -32.22 73.07
C PHE B 86 -19.47 -33.39 72.42
N ASP B 87 -18.83 -34.56 72.35
CA ASP B 87 -19.42 -35.69 71.63
C ASP B 87 -20.83 -35.98 72.10
N ALA B 88 -21.06 -35.93 73.42
CA ALA B 88 -22.35 -36.32 73.96
C ALA B 88 -23.44 -35.30 73.67
N TYR B 89 -23.08 -34.07 73.31
CA TYR B 89 -24.07 -33.02 73.06
C TYR B 89 -24.28 -32.74 71.57
N LYS B 90 -23.23 -32.80 70.75
CA LYS B 90 -23.36 -32.33 69.38
C LYS B 90 -24.31 -33.21 68.57
N ASP B 91 -24.33 -34.51 68.84
CA ASP B 91 -25.32 -35.38 68.19
C ASP B 91 -26.65 -35.38 68.96
N LEU B 92 -26.58 -35.35 70.29
CA LEU B 92 -27.80 -35.39 71.10
C LEU B 92 -28.67 -34.16 70.87
N PHE B 93 -28.12 -32.97 71.12
CA PHE B 93 -28.88 -31.75 70.90
C PHE B 93 -29.37 -31.65 69.46
N HIS B 94 -28.54 -32.06 68.49
CA HIS B 94 -28.96 -32.04 67.09
C HIS B 94 -30.24 -32.83 66.90
N GLN B 95 -30.30 -34.03 67.48
CA GLN B 95 -31.52 -34.84 67.41
C GLN B 95 -32.72 -34.09 67.97
N TYR B 96 -32.55 -33.40 69.09
CA TYR B 96 -33.67 -32.75 69.74
C TYR B 96 -34.18 -31.56 68.93
N LEU B 97 -33.26 -30.77 68.38
CA LEU B 97 -33.68 -29.60 67.60
C LEU B 97 -34.26 -30.03 66.25
N VAL B 98 -33.66 -31.04 65.61
CA VAL B 98 -34.25 -31.60 64.40
C VAL B 98 -35.70 -32.01 64.68
N GLU B 99 -35.93 -32.65 65.83
CA GLU B 99 -37.28 -33.13 66.15
C GLU B 99 -38.25 -31.97 66.28
N GLU B 100 -37.92 -30.98 67.12
CA GLU B 100 -38.76 -29.81 67.27
C GLU B 100 -39.13 -29.18 65.92
N LYS B 101 -38.16 -29.04 65.02
CA LYS B 101 -38.43 -28.37 63.75
C LYS B 101 -39.34 -29.22 62.86
N ARG B 102 -39.17 -30.55 62.90
CA ARG B 102 -40.00 -31.40 62.05
C ARG B 102 -41.48 -31.26 62.41
N LYS B 103 -41.82 -31.37 63.69
CA LYS B 103 -43.22 -31.30 64.09
C LYS B 103 -43.75 -29.87 64.18
N TYR B 104 -42.88 -28.87 64.11
CA TYR B 104 -43.27 -27.46 64.18
C TYR B 104 -42.49 -26.68 63.14
N PRO B 105 -42.83 -26.85 61.85
CA PRO B 105 -41.94 -26.35 60.79
C PRO B 105 -41.82 -24.83 60.73
N ASN B 106 -42.85 -24.08 61.11
CA ASN B 106 -42.81 -22.62 61.03
C ASN B 106 -42.51 -21.96 62.37
N ALA B 107 -42.12 -22.74 63.38
CA ALA B 107 -41.86 -22.18 64.70
C ALA B 107 -40.48 -21.55 64.77
N GLU B 108 -40.38 -20.50 65.58
CA GLU B 108 -39.08 -19.92 65.94
C GLU B 108 -38.49 -20.71 67.10
N ILE B 109 -37.19 -21.00 66.99
CA ILE B 109 -36.48 -21.79 68.00
C ILE B 109 -35.61 -20.84 68.80
N PHE B 110 -35.87 -20.76 70.11
CA PHE B 110 -35.07 -19.98 71.03
C PHE B 110 -34.18 -20.93 71.83
N LEU B 111 -32.87 -20.76 71.69
CA LEU B 111 -31.90 -21.59 72.38
C LEU B 111 -31.32 -20.83 73.56
N ASN B 112 -31.37 -21.44 74.75
CA ASN B 112 -30.72 -20.90 75.93
C ASN B 112 -29.24 -21.26 75.85
N VAL B 113 -28.39 -20.25 75.61
CA VAL B 113 -26.94 -20.49 75.52
C VAL B 113 -26.24 -20.27 76.85
N THR B 114 -26.96 -19.94 77.91
CA THR B 114 -26.34 -19.62 79.19
C THR B 114 -26.29 -20.82 80.13
N SER B 115 -27.34 -21.62 80.19
CA SER B 115 -27.44 -22.68 81.20
C SER B 115 -26.51 -23.85 80.88
N GLY B 116 -26.13 -24.56 81.94
CA GLY B 116 -25.34 -25.76 81.79
C GLY B 116 -23.85 -25.50 81.68
N THR B 117 -23.13 -26.55 81.32
CA THR B 117 -21.70 -26.46 81.12
C THR B 117 -21.39 -25.67 79.86
N PRO B 118 -20.20 -25.07 79.77
CA PRO B 118 -19.86 -24.31 78.56
C PRO B 118 -20.02 -25.10 77.28
N GLN B 119 -19.76 -26.41 77.32
CA GLN B 119 -19.89 -27.23 76.12
C GLN B 119 -21.33 -27.26 75.63
N MET B 120 -22.29 -27.14 76.55
CA MET B 120 -23.68 -27.03 76.13
C MET B 120 -23.96 -25.69 75.48
N GLU B 121 -23.31 -24.65 76.00
CA GLU B 121 -23.38 -23.33 75.36
C GLU B 121 -22.75 -23.37 73.97
N THR B 122 -21.55 -23.95 73.87
CA THR B 122 -20.83 -23.93 72.60
C THR B 122 -21.48 -24.85 71.57
N THR B 123 -21.98 -26.00 72.00
CA THR B 123 -22.66 -26.90 71.07
C THR B 123 -23.87 -26.22 70.44
N LEU B 124 -24.74 -25.62 71.27
CA LEU B 124 -25.94 -24.98 70.76
C LEU B 124 -25.59 -23.82 69.83
N CYS B 125 -24.48 -23.14 70.09
CA CYS B 125 -24.03 -22.09 69.17
C CYS B 125 -23.52 -22.68 67.87
N LEU B 126 -22.79 -23.79 67.95
CA LEU B 126 -22.35 -24.46 66.74
C LEU B 126 -23.54 -24.95 65.92
N GLU B 127 -24.61 -25.38 66.59
CA GLU B 127 -25.78 -25.83 65.85
C GLU B 127 -26.43 -24.65 65.12
N TYR B 128 -26.65 -23.55 65.84
CA TYR B 128 -27.28 -22.39 65.22
C TYR B 128 -26.49 -21.89 64.02
N VAL B 129 -25.16 -21.85 64.13
CA VAL B 129 -24.34 -21.45 63.00
C VAL B 129 -24.53 -22.41 61.82
N THR B 130 -24.82 -23.67 62.11
CA THR B 130 -24.97 -24.67 61.05
C THR B 130 -26.38 -24.66 60.47
N TYR B 131 -27.39 -24.50 61.31
CA TYR B 131 -28.80 -24.54 60.90
C TYR B 131 -29.49 -23.26 61.36
N PRO B 132 -29.11 -22.12 60.78
CA PRO B 132 -29.61 -20.84 61.29
C PRO B 132 -31.10 -20.60 61.07
N ASP B 133 -31.74 -21.25 60.10
CA ASP B 133 -33.10 -20.91 59.74
C ASP B 133 -34.04 -21.07 60.93
N LYS B 134 -34.79 -20.01 61.22
CA LYS B 134 -35.82 -20.01 62.26
C LYS B 134 -35.27 -20.34 63.64
N MET B 135 -33.99 -20.06 63.86
CA MET B 135 -33.37 -20.29 65.16
C MET B 135 -32.67 -19.02 65.63
N ARG B 136 -32.41 -18.96 66.93
CA ARG B 136 -31.68 -17.85 67.51
C ARG B 136 -31.21 -18.23 68.91
N CYS B 137 -30.11 -17.61 69.34
CA CYS B 137 -29.46 -17.91 70.60
C CYS B 137 -29.65 -16.75 71.56
N ILE B 138 -30.18 -17.03 72.75
CA ILE B 138 -30.45 -16.03 73.77
C ILE B 138 -29.48 -16.23 74.93
N GLN B 139 -28.91 -15.13 75.41
CA GLN B 139 -27.97 -15.13 76.52
C GLN B 139 -28.57 -14.39 77.70
N VAL B 140 -28.36 -14.92 78.91
CA VAL B 140 -28.72 -14.25 80.16
C VAL B 140 -27.44 -13.88 80.88
N SER B 141 -27.23 -12.57 81.11
CA SER B 141 -26.08 -12.10 81.86
C SER B 141 -26.33 -12.22 83.36
N THR B 142 -25.25 -12.33 84.14
CA THR B 142 -25.42 -12.35 85.59
C THR B 142 -25.83 -10.97 86.07
N PRO B 143 -26.73 -10.87 87.04
CA PRO B 143 -27.19 -9.55 87.48
C PRO B 143 -26.13 -8.82 88.29
N LEU B 144 -25.28 -8.06 87.63
CA LEU B 144 -24.23 -7.31 88.30
C LEU B 144 -23.85 -6.07 87.47
N LYS B 152 -26.28 -17.62 98.79
CA LYS B 152 -27.65 -18.09 98.93
C LYS B 152 -28.17 -18.67 97.61
N TYR B 153 -28.07 -19.99 97.49
CA TYR B 153 -28.49 -20.72 96.30
C TYR B 153 -29.94 -21.18 96.48
N ALA B 154 -30.45 -21.91 95.49
CA ALA B 154 -31.85 -22.29 95.48
C ALA B 154 -32.06 -23.63 96.15
N GLN B 155 -33.04 -23.71 97.04
CA GLN B 155 -33.42 -24.96 97.69
C GLN B 155 -34.89 -25.26 97.40
N ALA B 156 -35.22 -26.55 97.36
CA ALA B 156 -36.52 -27.00 96.90
C ALA B 156 -37.59 -26.94 97.97
N ASP B 157 -37.22 -26.92 99.25
CA ASP B 157 -38.21 -26.86 100.31
C ASP B 157 -38.92 -25.51 100.37
N CYS B 158 -38.30 -24.47 99.84
CA CYS B 158 -38.85 -23.11 99.88
C CYS B 158 -39.21 -22.63 98.47
N GLN B 159 -39.74 -23.54 97.66
CA GLN B 159 -40.01 -23.23 96.26
C GLN B 159 -40.97 -22.06 96.14
N GLU B 160 -42.21 -22.22 96.62
CA GLU B 160 -43.26 -21.27 96.30
C GLU B 160 -43.00 -19.89 96.89
N VAL B 161 -42.25 -19.82 98.00
CA VAL B 161 -41.88 -18.51 98.53
C VAL B 161 -40.70 -17.94 97.75
N ASP B 162 -39.73 -18.77 97.38
CA ASP B 162 -38.59 -18.28 96.60
C ASP B 162 -39.04 -17.77 95.24
N LEU B 163 -40.01 -18.44 94.62
CA LEU B 163 -40.52 -17.98 93.34
C LEU B 163 -41.14 -16.59 93.46
N GLU B 164 -42.01 -16.41 94.47
CA GLU B 164 -42.66 -15.11 94.65
C GLU B 164 -41.63 -14.02 94.93
N ILE B 165 -40.64 -14.31 95.78
CA ILE B 165 -39.57 -13.36 96.02
C ILE B 165 -38.89 -12.99 94.71
N VAL B 166 -38.56 -14.01 93.91
CA VAL B 166 -37.87 -13.80 92.64
C VAL B 166 -38.73 -13.01 91.69
N ASN B 167 -40.05 -13.20 91.74
CA ASN B 167 -40.96 -12.47 90.86
C ASN B 167 -41.02 -10.99 91.24
N GLU B 168 -41.15 -10.69 92.53
CA GLU B 168 -41.30 -9.30 92.94
C GLU B 168 -40.03 -8.50 92.70
N GLU B 169 -38.86 -9.14 92.79
CA GLU B 169 -37.61 -8.43 92.63
C GLU B 169 -37.25 -8.22 91.15
N GLU B 170 -37.75 -9.07 90.27
CA GLU B 170 -37.53 -8.91 88.83
C GLU B 170 -38.54 -7.98 88.18
N SER B 171 -39.58 -7.59 88.90
CA SER B 171 -40.57 -6.67 88.34
C SER B 171 -39.95 -5.34 87.98
N GLN B 172 -38.97 -4.89 88.77
CA GLN B 172 -38.37 -3.57 88.61
C GLN B 172 -36.96 -3.63 88.01
N GLN B 173 -36.57 -4.77 87.36
CA GLN B 173 -35.24 -4.98 86.75
C GLN B 173 -35.31 -5.06 85.21
N PRO B 174 -34.22 -4.64 84.48
CA PRO B 174 -34.26 -4.57 83.00
C PRO B 174 -34.37 -5.95 82.34
N SER B 175 -34.32 -6.05 81.00
CA SER B 175 -34.52 -7.34 80.36
C SER B 175 -33.44 -8.36 80.74
N ARG B 176 -32.17 -7.96 80.71
CA ARG B 176 -31.02 -8.83 81.04
C ARG B 176 -30.90 -10.03 80.10
N CYS B 177 -31.60 -10.01 78.97
CA CYS B 177 -31.57 -11.07 77.97
C CYS B 177 -31.06 -10.46 76.68
N HIS B 178 -30.05 -11.06 76.07
CA HIS B 178 -29.48 -10.50 74.85
C HIS B 178 -29.40 -11.58 73.77
N LYS B 179 -29.81 -11.19 72.57
CA LYS B 179 -29.70 -12.07 71.40
C LYS B 179 -28.30 -11.92 70.82
N ILE B 180 -27.56 -13.03 70.77
CA ILE B 180 -26.18 -12.97 70.33
C ILE B 180 -26.11 -12.74 68.82
N ALA B 181 -25.04 -12.10 68.39
CA ALA B 181 -24.73 -11.90 66.97
C ALA B 181 -23.43 -12.65 66.68
N ILE B 182 -23.56 -13.91 66.26
CA ILE B 182 -22.43 -14.73 65.86
C ILE B 182 -22.55 -15.24 64.43
N LEU B 183 -23.61 -14.85 63.71
CA LEU B 183 -23.78 -15.33 62.35
C LEU B 183 -22.74 -14.76 61.40
N SER B 184 -21.90 -13.82 61.85
CA SER B 184 -20.76 -13.39 61.06
C SER B 184 -19.86 -14.58 60.70
N PHE B 185 -19.72 -15.53 61.62
CA PHE B 185 -18.84 -16.67 61.37
C PHE B 185 -19.32 -17.46 60.17
N ARG B 186 -20.61 -17.79 60.12
CA ARG B 186 -21.14 -18.47 58.95
C ARG B 186 -20.94 -17.62 57.69
N GLU B 187 -21.16 -16.31 57.80
CA GLU B 187 -20.97 -15.43 56.66
C GLU B 187 -19.54 -15.45 56.16
N ALA B 188 -18.57 -15.65 57.05
CA ALA B 188 -17.18 -15.73 56.62
C ALA B 188 -16.87 -17.05 55.94
N ILE B 189 -17.53 -18.13 56.36
CA ILE B 189 -17.38 -19.41 55.67
C ILE B 189 -17.89 -19.30 54.24
N VAL B 190 -19.11 -18.79 54.08
CA VAL B 190 -19.72 -18.71 52.75
C VAL B 190 -18.96 -17.72 51.89
N ARG B 191 -18.50 -16.61 52.47
CA ARG B 191 -17.75 -15.62 51.71
C ARG B 191 -16.57 -16.25 50.99
N ASN B 192 -15.74 -16.99 51.72
CA ASN B 192 -14.55 -17.58 51.10
C ASN B 192 -14.92 -18.72 50.15
N GLN B 193 -16.03 -19.42 50.41
CA GLN B 193 -16.54 -20.37 49.43
C GLN B 193 -16.87 -19.66 48.12
N ILE B 194 -17.45 -18.46 48.20
CA ILE B 194 -17.93 -17.77 47.02
C ILE B 194 -16.76 -17.21 46.22
N LYS B 195 -15.71 -16.74 46.90
CA LYS B 195 -14.58 -16.16 46.19
C LYS B 195 -13.98 -17.13 45.19
N SER B 196 -13.79 -18.38 45.61
CA SER B 196 -13.23 -19.38 44.71
C SER B 196 -14.18 -19.69 43.56
N LEU B 197 -15.48 -19.78 43.85
CA LEU B 197 -16.45 -20.08 42.80
C LEU B 197 -16.41 -19.04 41.69
N LEU B 198 -16.34 -17.76 42.06
CA LEU B 198 -16.21 -16.72 41.05
C LEU B 198 -14.93 -16.89 40.23
N ASP B 199 -13.84 -17.28 40.89
CA ASP B 199 -12.57 -17.43 40.19
C ASP B 199 -12.66 -18.44 39.06
N ASN B 200 -13.50 -19.47 39.21
CA ASN B 200 -13.68 -20.47 38.18
C ASN B 200 -14.86 -20.18 37.27
N TYR B 201 -15.53 -19.04 37.46
CA TYR B 201 -16.67 -18.64 36.64
C TYR B 201 -17.91 -19.49 36.93
N ASP B 202 -18.01 -20.02 38.14
CA ASP B 202 -19.15 -20.83 38.56
C ASP B 202 -20.22 -19.92 39.16
N TYR B 203 -20.85 -19.16 38.26
CA TYR B 203 -21.75 -18.09 38.69
C TYR B 203 -23.05 -18.62 39.28
N GLU B 204 -23.59 -19.70 38.70
CA GLU B 204 -24.83 -20.27 39.25
C GLU B 204 -24.60 -20.79 40.66
N ALA B 205 -23.43 -21.37 40.91
CA ALA B 205 -23.12 -21.89 42.24
C ALA B 205 -22.88 -20.76 43.23
N ALA B 206 -22.26 -19.68 42.76
CA ALA B 206 -22.05 -18.51 43.61
C ALA B 206 -23.37 -17.84 43.96
N LEU B 207 -24.32 -17.84 43.02
CA LEU B 207 -25.64 -17.31 43.31
C LEU B 207 -26.36 -18.16 44.35
N GLN B 208 -26.28 -19.48 44.19
CA GLN B 208 -26.83 -20.38 45.19
C GLN B 208 -26.30 -20.05 46.58
N LEU B 209 -24.98 -19.94 46.71
CA LEU B 209 -24.36 -19.75 48.02
C LEU B 209 -24.68 -18.38 48.61
N VAL B 210 -24.73 -17.35 47.76
CA VAL B 210 -25.13 -16.02 48.24
C VAL B 210 -26.60 -16.02 48.65
N ALA B 211 -27.46 -16.66 47.86
CA ALA B 211 -28.89 -16.66 48.17
C ALA B 211 -29.18 -17.43 49.45
N SER B 212 -28.43 -18.49 49.71
CA SER B 212 -28.65 -19.27 50.93
C SER B 212 -28.32 -18.45 52.18
N GLN B 213 -27.44 -17.46 52.06
CA GLN B 213 -26.95 -16.68 53.19
C GLN B 213 -27.70 -15.35 53.22
N LYS B 214 -28.85 -15.34 53.91
CA LYS B 214 -29.67 -14.15 53.96
C LYS B 214 -28.97 -12.99 54.67
N SER B 215 -27.97 -13.28 55.52
CA SER B 215 -27.37 -12.24 56.34
C SER B 215 -26.59 -11.23 55.49
N PHE B 216 -26.12 -11.64 54.32
CA PHE B 216 -25.23 -10.81 53.51
C PHE B 216 -25.79 -9.40 53.33
N ARG B 217 -25.00 -8.42 53.78
CA ARG B 217 -25.41 -7.02 53.74
C ARG B 217 -25.80 -6.58 52.34
N ASN B 218 -25.07 -7.03 51.33
CA ASN B 218 -25.26 -6.60 49.95
C ASN B 218 -25.82 -7.72 49.07
N GLY B 219 -26.44 -8.73 49.68
CA GLY B 219 -26.91 -9.87 48.92
C GLY B 219 -27.87 -9.50 47.82
N LYS B 220 -28.69 -8.48 48.06
CA LYS B 220 -29.68 -8.07 47.06
C LYS B 220 -29.01 -7.53 45.81
N GLU B 221 -27.94 -6.74 45.97
CA GLU B 221 -27.19 -6.23 44.82
C GLU B 221 -26.39 -7.33 44.15
N ILE B 222 -25.80 -8.21 44.97
CA ILE B 222 -25.02 -9.34 44.46
C ILE B 222 -25.90 -10.27 43.65
N ARG B 223 -27.14 -10.48 44.11
CA ARG B 223 -28.05 -11.39 43.42
C ARG B 223 -28.48 -10.83 42.07
N LYS B 224 -28.87 -9.55 42.02
CA LYS B 224 -29.36 -9.03 40.73
C LYS B 224 -28.23 -8.96 39.71
N LYS B 225 -27.02 -8.68 40.15
CA LYS B 225 -25.88 -8.67 39.23
C LYS B 225 -25.50 -10.09 38.81
N LEU B 226 -25.60 -11.05 39.72
CA LEU B 226 -25.24 -12.42 39.37
C LEU B 226 -26.27 -13.04 38.42
N LYS B 227 -27.56 -12.70 38.59
CA LYS B 227 -28.58 -13.25 37.72
C LYS B 227 -28.45 -12.67 36.31
N GLU B 228 -28.15 -11.38 36.20
CA GLU B 228 -27.98 -10.77 34.88
C GLU B 228 -26.87 -11.47 34.10
N LEU B 229 -25.70 -11.63 34.72
CA LEU B 229 -24.59 -12.30 34.04
C LEU B 229 -24.96 -13.75 33.71
N ILE B 230 -25.54 -14.46 34.67
CA ILE B 230 -26.00 -15.83 34.42
C ILE B 230 -26.86 -15.88 33.16
N ASP B 231 -27.87 -15.01 33.09
CA ASP B 231 -28.77 -15.03 31.94
C ASP B 231 -28.05 -14.62 30.66
N ASP B 232 -27.11 -13.67 30.75
CA ASP B 232 -26.41 -13.24 29.55
C ASP B 232 -25.55 -14.36 28.98
N ILE B 233 -24.93 -15.15 29.87
CA ILE B 233 -24.15 -16.30 29.41
C ILE B 233 -25.07 -17.39 28.88
N LYS B 234 -26.16 -17.66 29.59
CA LYS B 234 -27.07 -18.74 29.20
C LYS B 234 -27.73 -18.44 27.86
N MET B 235 -28.22 -17.21 27.70
CA MET B 235 -28.94 -16.81 26.49
C MET B 235 -28.10 -15.99 25.53
N HIS B 236 -26.82 -15.79 25.82
CA HIS B 236 -25.92 -15.05 24.94
C HIS B 236 -26.37 -13.61 24.76
N ARG B 237 -26.92 -13.03 25.83
CA ARG B 237 -27.27 -11.61 25.81
C ARG B 237 -26.01 -10.77 25.94
N VAL B 238 -25.88 -9.75 25.09
CA VAL B 238 -24.72 -8.86 25.16
C VAL B 238 -24.71 -8.17 26.52
N PHE B 239 -23.52 -8.11 27.13
CA PHE B 239 -23.36 -7.40 28.39
C PHE B 239 -23.82 -5.96 28.23
N SER B 240 -24.72 -5.51 29.12
CA SER B 240 -25.19 -4.13 29.07
C SER B 240 -24.02 -3.15 29.05
N TYR B 241 -22.98 -3.44 29.83
CA TYR B 241 -21.78 -2.61 29.80
C TYR B 241 -21.26 -2.47 28.37
N LEU B 242 -21.22 -3.57 27.63
CA LEU B 242 -20.79 -3.49 26.23
C LEU B 242 -21.76 -2.67 25.40
N ILE B 243 -23.08 -2.84 25.62
CA ILE B 243 -24.06 -2.06 24.88
C ILE B 243 -23.80 -0.56 25.05
N LYS B 244 -23.50 -0.13 26.28
CA LYS B 244 -23.26 1.28 26.53
C LYS B 244 -21.87 1.71 26.03
N GLN B 245 -20.89 0.84 26.16
CA GLN B 245 -19.51 1.19 25.83
C GLN B 245 -19.28 1.21 24.33
N TYR B 246 -20.10 0.50 23.55
CA TYR B 246 -19.95 0.43 22.10
C TYR B 246 -21.31 0.47 21.41
N PRO B 247 -22.00 1.61 21.44
CA PRO B 247 -23.27 1.71 20.71
C PRO B 247 -23.03 1.97 19.22
N ARG B 248 -24.03 1.61 18.43
CA ARG B 248 -24.12 1.77 16.97
C ARG B 248 -23.30 0.74 16.20
N ASN B 249 -22.70 -0.23 16.86
CA ASN B 249 -21.99 -1.32 16.20
C ASN B 249 -22.45 -2.59 16.93
N GLU B 250 -23.62 -3.07 16.53
CA GLU B 250 -24.18 -4.30 17.10
C GLU B 250 -23.34 -5.50 16.69
N LYS B 251 -22.66 -5.41 15.54
CA LYS B 251 -21.77 -6.48 15.11
C LYS B 251 -20.56 -6.59 16.03
N LEU B 252 -20.01 -5.46 16.44
CA LEU B 252 -18.90 -5.46 17.38
C LEU B 252 -19.33 -6.00 18.72
N GLN B 253 -20.45 -5.48 19.23
CA GLN B 253 -21.01 -5.94 20.50
C GLN B 253 -21.06 -7.46 20.57
N LYS B 254 -21.58 -8.12 19.53
CA LYS B 254 -21.77 -9.56 19.58
C LYS B 254 -20.47 -10.31 19.39
N ALA B 255 -19.63 -9.86 18.46
CA ALA B 255 -18.32 -10.49 18.30
C ALA B 255 -17.49 -10.39 19.58
N LEU B 256 -17.63 -9.28 20.30
CA LEU B 256 -16.89 -9.11 21.55
C LEU B 256 -17.43 -10.04 22.64
N LEU B 257 -18.75 -10.08 22.80
CA LEU B 257 -19.36 -10.99 23.77
C LEU B 257 -18.84 -12.41 23.57
N HIS B 258 -18.88 -12.89 22.32
CA HIS B 258 -18.51 -14.28 22.07
C HIS B 258 -17.01 -14.51 22.25
N THR B 259 -16.17 -13.50 22.01
CA THR B 259 -14.75 -13.67 22.28
C THR B 259 -14.49 -13.78 23.77
N ILE B 260 -15.30 -13.10 24.60
CA ILE B 260 -15.16 -13.22 26.04
C ILE B 260 -15.64 -14.58 26.51
N LEU B 261 -16.84 -14.99 26.05
CA LEU B 261 -17.35 -16.31 26.40
C LEU B 261 -16.42 -17.40 25.91
N LEU B 262 -15.84 -17.23 24.71
CA LEU B 262 -14.89 -18.21 24.19
C LEU B 262 -13.70 -18.32 25.13
N GLU B 263 -13.03 -17.20 25.41
CA GLU B 263 -11.86 -17.22 26.29
C GLU B 263 -12.24 -17.74 27.67
N MET B 264 -13.42 -17.38 28.16
CA MET B 264 -13.89 -17.91 29.44
C MET B 264 -13.90 -19.42 29.42
N ARG B 265 -14.60 -20.00 28.44
CA ARG B 265 -14.65 -21.45 28.31
C ARG B 265 -13.25 -22.04 28.29
N HIS B 266 -12.37 -21.51 27.44
CA HIS B 266 -11.04 -22.08 27.27
C HIS B 266 -10.23 -22.02 28.56
N GLN B 267 -10.38 -20.94 29.32
CA GLN B 267 -9.52 -20.74 30.48
C GLN B 267 -9.82 -21.75 31.59
N ARG B 268 -11.07 -22.19 31.71
CA ARG B 268 -11.50 -23.06 32.80
C ARG B 268 -11.65 -24.51 32.38
N GLY B 269 -11.05 -24.90 31.26
CA GLY B 269 -11.27 -26.22 30.70
C GLY B 269 -12.28 -26.15 29.55
N ASP B 270 -13.29 -27.02 29.61
CA ASP B 270 -14.34 -27.06 28.59
C ASP B 270 -13.73 -26.96 27.19
N ILE B 271 -12.70 -27.78 26.96
CA ILE B 271 -11.89 -27.62 25.75
C ILE B 271 -12.64 -28.11 24.52
N ALA B 272 -13.51 -29.11 24.68
CA ALA B 272 -14.31 -29.57 23.54
C ALA B 272 -15.36 -28.53 23.16
N GLU B 273 -15.96 -27.86 24.16
CA GLU B 273 -16.89 -26.78 23.87
C GLU B 273 -16.15 -25.57 23.32
N THR B 274 -14.90 -25.36 23.75
CA THR B 274 -14.09 -24.29 23.16
C THR B 274 -13.80 -24.58 21.69
N LEU B 275 -13.46 -25.83 21.37
CA LEU B 275 -13.07 -26.17 20.01
C LEU B 275 -14.19 -25.90 19.01
N ILE B 276 -15.43 -26.19 19.39
CA ILE B 276 -16.53 -26.08 18.43
C ILE B 276 -16.83 -24.61 18.12
N ARG B 277 -16.71 -23.73 19.12
CA ARG B 277 -17.19 -22.37 18.96
C ARG B 277 -16.17 -21.46 18.28
N VAL B 278 -14.88 -21.75 18.43
CA VAL B 278 -13.86 -20.83 17.90
C VAL B 278 -14.04 -20.62 16.41
N LYS B 279 -14.40 -21.68 15.68
CA LYS B 279 -14.58 -21.56 14.24
C LYS B 279 -15.71 -20.59 13.91
N SER B 280 -16.85 -20.74 14.59
CA SER B 280 -18.02 -19.94 14.26
C SER B 280 -17.80 -18.47 14.58
N ILE B 281 -17.04 -18.17 15.64
CA ILE B 281 -16.74 -16.78 15.96
C ILE B 281 -15.74 -16.21 14.96
N ALA B 282 -14.81 -17.03 14.49
CA ALA B 282 -13.86 -16.57 13.48
C ALA B 282 -14.56 -16.23 12.17
N GLU B 283 -15.39 -17.16 11.67
CA GLU B 283 -16.14 -16.92 10.45
C GLU B 283 -16.93 -15.63 10.53
N TYR B 284 -17.43 -15.29 11.72
CA TYR B 284 -18.16 -14.04 11.90
C TYR B 284 -17.24 -12.84 11.75
N ILE B 285 -16.03 -12.94 12.32
CA ILE B 285 -15.10 -11.80 12.33
C ILE B 285 -14.61 -11.49 10.92
N VAL B 286 -14.27 -12.52 10.14
CA VAL B 286 -13.80 -12.29 8.78
C VAL B 286 -14.93 -11.81 7.88
N GLU B 287 -16.15 -12.33 8.10
CA GLU B 287 -17.27 -11.88 7.28
C GLU B 287 -17.45 -10.37 7.37
N GLN B 288 -17.35 -9.82 8.59
CA GLN B 288 -17.45 -8.38 8.78
C GLN B 288 -16.21 -7.67 8.30
N TYR B 289 -15.08 -8.39 8.24
CA TYR B 289 -13.86 -7.86 7.67
C TYR B 289 -13.93 -7.78 6.15
N ILE B 290 -14.63 -8.72 5.52
CA ILE B 290 -14.79 -8.70 4.07
C ILE B 290 -15.83 -7.66 3.66
N GLN B 291 -16.94 -7.59 4.40
CA GLN B 291 -17.89 -6.50 4.18
C GLN B 291 -17.19 -5.15 4.27
N LYS B 292 -16.49 -4.91 5.37
CA LYS B 292 -15.88 -3.61 5.62
C LYS B 292 -14.87 -3.24 4.53
N ASN B 293 -14.09 -4.23 4.06
CA ASN B 293 -12.97 -3.95 3.17
C ASN B 293 -13.30 -4.15 1.69
N TYR B 294 -14.20 -5.07 1.36
CA TYR B 294 -14.58 -5.34 -0.04
C TYR B 294 -16.10 -5.30 -0.13
N PRO B 295 -16.69 -4.12 -0.10
CA PRO B 295 -18.16 -4.02 -0.10
C PRO B 295 -18.76 -4.65 -1.34
N TYR B 296 -19.80 -5.46 -1.14
CA TYR B 296 -20.55 -6.13 -2.19
C TYR B 296 -19.78 -7.29 -2.81
N LEU B 297 -18.63 -7.66 -2.25
CA LEU B 297 -18.04 -8.95 -2.57
C LEU B 297 -18.96 -10.07 -2.13
N ILE B 298 -19.59 -9.92 -0.97
CA ILE B 298 -20.59 -10.84 -0.47
C ILE B 298 -21.96 -10.23 -0.73
N ILE B 299 -22.88 -11.03 -1.26
CA ILE B 299 -24.26 -10.65 -1.42
C ILE B 299 -25.11 -11.59 -0.58
N TYR B 300 -26.08 -11.03 0.14
CA TYR B 300 -26.98 -11.82 0.98
C TYR B 300 -28.26 -12.06 0.18
N LYS B 301 -28.16 -13.00 -0.76
CA LYS B 301 -29.27 -13.31 -1.65
C LYS B 301 -30.48 -13.82 -0.88
N GLU B 302 -30.26 -14.65 0.16
CA GLU B 302 -31.38 -15.10 1.02
C GLU B 302 -30.88 -15.29 2.46
N ASP B 303 -30.62 -14.18 3.13
CA ASP B 303 -30.24 -14.15 4.54
C ASP B 303 -29.03 -15.04 4.82
N LYS B 304 -28.18 -15.23 3.82
CA LYS B 304 -26.96 -16.00 3.98
C LYS B 304 -25.90 -15.40 3.07
N PRO B 305 -24.63 -15.49 3.44
CA PRO B 305 -23.58 -14.89 2.60
C PRO B 305 -23.31 -15.70 1.34
N TYR B 306 -23.82 -15.22 0.20
CA TYR B 306 -23.51 -15.80 -1.10
C TYR B 306 -22.43 -14.97 -1.80
N PHE B 307 -21.78 -15.60 -2.77
CA PHE B 307 -20.70 -14.92 -3.49
C PHE B 307 -21.27 -14.06 -4.62
N ASN B 308 -20.66 -12.89 -4.80
CA ASN B 308 -20.99 -12.00 -5.91
C ASN B 308 -20.07 -12.33 -7.07
N VAL B 309 -20.64 -12.89 -8.14
CA VAL B 309 -19.83 -13.29 -9.29
C VAL B 309 -19.31 -12.08 -10.05
N SER B 310 -19.95 -10.93 -9.90
CA SER B 310 -19.61 -9.73 -10.66
C SER B 310 -18.96 -8.64 -9.82
N TYR B 311 -18.69 -8.90 -8.53
CA TYR B 311 -18.00 -7.91 -7.71
C TYR B 311 -16.74 -7.41 -8.43
N SER B 312 -15.89 -8.34 -8.86
CA SER B 312 -14.70 -8.01 -9.65
C SER B 312 -14.37 -9.21 -10.50
N GLN B 313 -14.30 -9.02 -11.81
CA GLN B 313 -14.00 -10.12 -12.71
C GLN B 313 -12.51 -10.43 -12.76
N GLU B 314 -11.65 -9.51 -12.32
CA GLU B 314 -10.22 -9.79 -12.30
C GLU B 314 -9.90 -11.02 -11.46
N LEU B 315 -10.55 -11.12 -10.29
CA LEU B 315 -10.33 -12.24 -9.38
C LEU B 315 -11.51 -13.19 -9.32
N THR B 316 -12.58 -12.95 -10.08
CA THR B 316 -13.61 -13.96 -10.24
C THR B 316 -13.09 -15.14 -11.05
N GLU B 317 -12.21 -14.88 -12.02
CA GLU B 317 -11.55 -15.95 -12.74
C GLU B 317 -10.56 -16.67 -11.82
N SER B 318 -9.87 -15.92 -10.96
CA SER B 318 -8.92 -16.53 -10.05
C SER B 318 -9.60 -17.52 -9.12
N TYR B 319 -10.77 -17.17 -8.59
CA TYR B 319 -11.49 -18.12 -7.72
C TYR B 319 -11.91 -19.34 -8.52
N LEU B 320 -12.39 -19.14 -9.74
CA LEU B 320 -12.63 -20.26 -10.65
C LEU B 320 -11.37 -21.07 -10.86
N ALA B 321 -10.25 -20.39 -11.07
CA ALA B 321 -8.98 -21.06 -11.28
C ALA B 321 -8.55 -21.84 -10.05
N LEU B 322 -8.89 -21.33 -8.87
CA LEU B 322 -8.59 -22.04 -7.64
C LEU B 322 -9.32 -23.38 -7.58
N MET B 323 -10.57 -23.41 -8.06
CA MET B 323 -11.39 -24.61 -7.97
C MET B 323 -10.98 -25.59 -9.07
N ASP B 324 -9.82 -26.22 -8.85
CA ASP B 324 -9.23 -27.13 -9.83
C ASP B 324 -9.45 -26.64 -11.25
N MET B 334 -16.75 -26.37 -13.17
CA MET B 334 -15.60 -25.76 -13.83
C MET B 334 -15.83 -24.26 -14.05
N THR B 335 -17.09 -23.81 -14.02
CA THR B 335 -17.46 -22.44 -14.33
C THR B 335 -18.28 -21.85 -13.19
N VAL B 336 -18.71 -20.59 -13.36
CA VAL B 336 -19.33 -19.86 -12.25
C VAL B 336 -20.81 -20.19 -12.07
N ASP B 337 -21.42 -20.96 -12.96
CA ASP B 337 -22.83 -21.33 -12.79
C ASP B 337 -23.01 -22.22 -11.57
N SER B 338 -22.03 -23.08 -11.28
CA SER B 338 -22.16 -24.08 -10.23
C SER B 338 -22.01 -23.48 -8.83
N LEU B 339 -21.13 -22.49 -8.66
CA LEU B 339 -20.74 -22.02 -7.33
C LEU B 339 -21.70 -20.96 -6.82
N ASP B 340 -22.88 -21.40 -6.39
CA ASP B 340 -23.83 -20.57 -5.67
C ASP B 340 -24.04 -21.11 -4.26
N ARG B 341 -22.98 -21.67 -3.68
CA ARG B 341 -22.98 -22.27 -2.36
C ARG B 341 -22.73 -21.20 -1.31
N ILE B 342 -23.40 -21.34 -0.16
CA ILE B 342 -23.30 -20.33 0.89
C ILE B 342 -21.86 -20.19 1.35
N LEU B 343 -21.43 -18.95 1.58
CA LEU B 343 -20.05 -18.69 1.95
C LEU B 343 -19.78 -19.18 3.38
N GLY B 344 -18.72 -19.97 3.53
CA GLY B 344 -18.27 -20.41 4.83
C GLY B 344 -16.85 -19.99 5.09
N PHE B 345 -16.20 -20.57 6.10
CA PHE B 345 -14.84 -20.17 6.40
C PHE B 345 -13.85 -20.49 5.29
N PRO B 346 -13.90 -21.65 4.62
CA PRO B 346 -12.94 -21.90 3.54
C PRO B 346 -13.01 -20.85 2.45
N ALA B 347 -14.22 -20.48 2.02
CA ALA B 347 -14.37 -19.49 0.96
C ALA B 347 -13.74 -18.16 1.37
N TYR B 348 -14.02 -17.70 2.59
CA TYR B 348 -13.41 -16.46 3.07
C TYR B 348 -11.89 -16.54 2.97
N ARG B 349 -11.31 -17.64 3.46
CA ARG B 349 -9.87 -17.80 3.39
C ARG B 349 -9.38 -17.79 1.94
N ASP B 350 -10.12 -18.44 1.04
CA ASP B 350 -9.72 -18.48 -0.36
C ASP B 350 -9.73 -17.08 -0.97
N PHE B 351 -10.79 -16.31 -0.72
CA PHE B 351 -10.85 -14.96 -1.27
C PHE B 351 -9.73 -14.07 -0.76
N LEU B 352 -9.29 -14.28 0.48
CA LEU B 352 -8.32 -13.38 1.09
C LEU B 352 -6.89 -13.68 0.67
N GLN B 353 -6.59 -14.90 0.22
CA GLN B 353 -5.24 -15.19 -0.28
C GLN B 353 -5.06 -14.71 -1.71
N LEU B 354 -6.16 -14.50 -2.43
CA LEU B 354 -6.11 -13.88 -3.75
C LEU B 354 -6.15 -12.36 -3.66
N LEU B 355 -6.85 -11.79 -2.68
CA LEU B 355 -6.96 -10.34 -2.57
C LEU B 355 -5.76 -9.71 -1.88
N GLU B 356 -5.16 -10.41 -0.91
CA GLU B 356 -3.93 -9.98 -0.26
C GLU B 356 -2.93 -11.12 -0.27
N ALA B 357 -1.66 -10.81 0.04
CA ALA B 357 -0.57 -11.78 -0.01
C ALA B 357 0.01 -12.01 1.38
N SER B 358 -0.48 -13.08 2.04
CA SER B 358 -0.06 -13.51 3.37
C SER B 358 0.32 -12.34 4.28
N ASN B 359 -0.68 -11.51 4.59
CA ASN B 359 -0.55 -10.36 5.47
C ASN B 359 -0.95 -10.80 6.88
N GLU B 360 -1.17 -9.85 7.79
CA GLU B 360 -1.39 -10.20 9.20
C GLU B 360 -2.62 -11.08 9.37
N MET B 361 -3.61 -10.95 8.49
CA MET B 361 -4.89 -11.62 8.66
C MET B 361 -4.87 -13.09 8.19
N THR B 362 -4.08 -13.43 7.17
CA THR B 362 -4.16 -14.79 6.66
C THR B 362 -3.46 -15.78 7.58
N ASN B 363 -2.39 -15.35 8.27
CA ASN B 363 -1.76 -16.21 9.26
C ASN B 363 -2.71 -16.51 10.41
N GLU B 364 -3.43 -15.50 10.90
CA GLU B 364 -4.39 -15.72 11.98
C GLU B 364 -5.45 -16.72 11.56
N MET B 365 -6.02 -16.54 10.37
CA MET B 365 -7.01 -17.50 9.87
C MET B 365 -6.40 -18.89 9.75
N ASN B 366 -5.12 -18.97 9.37
CA ASN B 366 -4.47 -20.26 9.25
C ASN B 366 -4.52 -21.03 10.58
N LYS B 367 -4.28 -20.34 11.69
CA LYS B 367 -4.33 -21.01 12.99
C LYS B 367 -5.70 -21.63 13.23
N VAL B 368 -6.77 -20.93 12.86
CA VAL B 368 -8.11 -21.52 12.97
C VAL B 368 -8.21 -22.73 12.05
N ASN B 369 -7.67 -22.62 10.84
CA ASN B 369 -7.66 -23.75 9.91
C ASN B 369 -6.88 -24.92 10.48
N GLU B 370 -5.92 -24.66 11.36
CA GLU B 370 -5.09 -25.72 11.91
C GLU B 370 -5.87 -26.69 12.79
N ILE B 371 -7.05 -26.29 13.26
CA ILE B 371 -7.89 -27.15 14.09
C ILE B 371 -9.16 -27.60 13.36
N ASN B 372 -9.22 -27.41 12.05
CA ASN B 372 -10.46 -27.69 11.33
C ASN B 372 -10.77 -29.19 11.34
N ASN B 373 -9.78 -30.02 10.99
CA ASN B 373 -10.02 -31.46 10.99
C ASN B 373 -10.40 -31.95 12.39
N LEU B 374 -9.77 -31.39 13.42
CA LEU B 374 -10.11 -31.77 14.78
C LEU B 374 -11.52 -31.34 15.16
N ARG B 375 -11.96 -30.18 14.64
CA ARG B 375 -13.29 -29.69 14.95
C ARG B 375 -14.37 -30.65 14.45
N ASN B 376 -14.31 -31.01 13.16
CA ASN B 376 -15.28 -31.95 12.62
C ASN B 376 -15.28 -33.26 13.41
N LYS B 377 -14.09 -33.81 13.65
CA LYS B 377 -13.96 -35.04 14.42
C LYS B 377 -14.75 -34.97 15.72
N VAL B 378 -14.58 -33.90 16.48
CA VAL B 378 -15.24 -33.78 17.77
C VAL B 378 -16.69 -33.32 17.60
N ALA B 379 -16.92 -32.35 16.72
CA ALA B 379 -18.23 -31.71 16.66
C ALA B 379 -19.28 -32.57 15.95
N HIS B 380 -18.89 -33.26 14.88
CA HIS B 380 -19.86 -33.96 14.04
C HIS B 380 -19.77 -35.48 14.12
N ASN B 381 -18.60 -36.04 14.40
CA ASN B 381 -18.50 -37.48 14.67
C ASN B 381 -18.55 -37.78 16.17
N LEU B 382 -18.68 -36.76 17.02
CA LEU B 382 -18.90 -36.94 18.45
C LEU B 382 -17.70 -37.59 19.13
N ASP B 383 -16.49 -37.34 18.63
CA ASP B 383 -15.31 -37.97 19.18
C ASP B 383 -14.83 -37.25 20.43
N SER B 384 -14.11 -38.00 21.27
CA SER B 384 -13.55 -37.45 22.50
C SER B 384 -12.33 -36.58 22.20
N LEU B 385 -12.01 -35.71 23.13
CA LEU B 385 -10.91 -34.77 22.99
C LEU B 385 -9.76 -35.18 23.90
N ASN B 386 -8.54 -35.11 23.36
CA ASN B 386 -7.32 -35.40 24.12
C ASN B 386 -6.35 -34.25 23.90
N LEU B 387 -5.98 -33.58 24.99
CA LEU B 387 -5.02 -32.47 24.91
C LEU B 387 -3.60 -32.98 24.88
N ASP B 388 -3.35 -34.13 25.50
CA ASP B 388 -2.01 -34.73 25.50
C ASP B 388 -1.60 -35.21 24.13
N ARG B 389 -2.57 -35.68 23.33
CA ARG B 389 -2.29 -36.39 22.10
C ARG B 389 -2.17 -35.41 20.93
N ASP B 390 -1.10 -35.54 20.15
CA ASP B 390 -0.88 -34.75 18.94
C ASP B 390 -0.84 -33.25 19.23
N LYS B 391 -0.44 -32.88 20.45
CA LYS B 391 -0.36 -31.47 20.85
C LYS B 391 -1.63 -30.71 20.45
N ASN B 392 -2.78 -31.37 20.61
CA ASN B 392 -4.04 -30.76 20.19
C ASN B 392 -4.41 -29.57 21.06
N GLY B 393 -4.10 -29.64 22.35
CA GLY B 393 -4.36 -28.49 23.21
C GLY B 393 -3.59 -27.26 22.82
N ARG B 394 -2.41 -27.45 22.21
CA ARG B 394 -1.58 -26.31 21.83
C ARG B 394 -2.11 -25.61 20.59
N LYS B 395 -2.63 -26.39 19.63
CA LYS B 395 -3.25 -25.78 18.45
C LYS B 395 -4.53 -25.07 18.83
N ILE B 396 -5.34 -25.69 19.70
CA ILE B 396 -6.58 -25.06 20.15
C ILE B 396 -6.29 -23.69 20.75
N THR B 397 -5.31 -23.63 21.66
CA THR B 397 -4.96 -22.36 22.29
C THR B 397 -4.58 -21.31 21.24
N ASN B 398 -3.86 -21.73 20.20
CA ASN B 398 -3.49 -20.80 19.14
C ASN B 398 -4.71 -20.31 18.37
N ALA B 399 -5.72 -21.17 18.23
CA ALA B 399 -6.93 -20.76 17.51
C ALA B 399 -7.75 -19.75 18.30
N VAL B 400 -7.64 -19.76 19.64
CA VAL B 400 -8.36 -18.77 20.44
C VAL B 400 -7.67 -17.42 20.37
N THR B 401 -6.34 -17.40 20.53
CA THR B 401 -5.60 -16.15 20.37
C THR B 401 -5.86 -15.53 19.00
N ALA B 402 -5.92 -16.36 17.96
CA ALA B 402 -6.17 -15.84 16.62
C ALA B 402 -7.50 -15.10 16.55
N VAL B 403 -8.51 -15.61 17.25
CA VAL B 403 -9.81 -14.94 17.26
C VAL B 403 -9.69 -13.56 17.90
N ARG B 404 -9.09 -13.50 19.07
CA ARG B 404 -8.92 -12.21 19.75
C ARG B 404 -8.02 -11.28 18.95
N THR B 405 -7.09 -11.82 18.16
CA THR B 405 -6.23 -10.98 17.35
C THR B 405 -6.97 -10.45 16.14
N MET B 406 -7.76 -11.30 15.48
CA MET B 406 -8.57 -10.83 14.36
C MET B 406 -9.58 -9.77 14.82
N LEU B 407 -10.29 -10.05 15.91
CA LEU B 407 -11.26 -9.10 16.45
C LEU B 407 -10.67 -7.70 16.58
N LEU B 408 -9.41 -7.60 16.98
CA LEU B 408 -8.78 -6.29 17.17
C LEU B 408 -8.43 -5.63 15.84
N ALA B 409 -8.16 -6.43 14.81
CA ALA B 409 -7.87 -5.89 13.49
C ALA B 409 -9.15 -5.46 12.78
N VAL B 410 -10.21 -6.24 12.91
CA VAL B 410 -11.48 -5.92 12.27
C VAL B 410 -12.16 -4.76 12.98
N PHE B 411 -11.96 -4.64 14.29
CA PHE B 411 -12.62 -3.64 15.12
C PHE B 411 -11.57 -2.91 15.96
N PRO B 412 -10.82 -1.98 15.35
CA PRO B 412 -9.78 -1.25 16.12
C PRO B 412 -10.34 -0.50 17.32
N GLU B 413 -11.55 0.00 17.19
CA GLU B 413 -12.38 0.55 18.23
C GLU B 413 -12.35 -0.18 19.57
N VAL B 414 -12.24 -1.51 19.55
CA VAL B 414 -12.31 -2.28 20.79
C VAL B 414 -11.11 -1.97 21.69
N GLN B 415 -11.38 -1.73 22.98
CA GLN B 415 -10.34 -1.47 23.96
C GLN B 415 -9.83 -2.78 24.59
N GLU B 416 -8.51 -2.88 24.75
CA GLU B 416 -7.91 -4.15 25.20
C GLU B 416 -8.36 -4.52 26.61
N ASN B 417 -8.59 -3.53 27.47
CA ASN B 417 -8.90 -3.78 28.88
C ASN B 417 -10.26 -4.45 29.08
N ASP B 418 -11.12 -4.41 28.07
CA ASP B 418 -12.43 -5.06 28.12
C ASP B 418 -12.34 -6.57 28.02
N PHE B 419 -11.18 -7.13 27.72
CA PHE B 419 -10.98 -8.57 27.76
C PHE B 419 -10.94 -9.11 29.19
N HIS B 420 -10.79 -8.23 30.19
CA HIS B 420 -10.84 -8.62 31.59
C HIS B 420 -12.22 -8.41 32.22
N TYR B 421 -13.27 -8.27 31.40
CA TYR B 421 -14.61 -7.99 31.92
C TYR B 421 -15.00 -8.97 33.03
N LEU B 422 -14.76 -10.27 32.81
CA LEU B 422 -15.15 -11.25 33.82
C LEU B 422 -14.26 -11.15 35.06
N LYS B 423 -12.96 -10.96 34.87
CA LYS B 423 -12.07 -10.72 36.00
C LYS B 423 -12.55 -9.54 36.82
N GLN B 424 -12.99 -8.47 36.15
CA GLN B 424 -13.47 -7.28 36.84
C GLN B 424 -14.80 -7.54 37.55
N PHE B 425 -15.70 -8.24 36.88
CA PHE B 425 -16.99 -8.56 37.49
C PHE B 425 -16.82 -9.33 38.79
N ASN B 426 -15.88 -10.29 38.81
CA ASN B 426 -15.66 -11.07 40.03
C ASN B 426 -15.16 -10.18 41.16
N GLN B 427 -14.21 -9.29 40.87
CA GLN B 427 -13.70 -8.39 41.90
C GLN B 427 -14.81 -7.48 42.43
N SER B 428 -15.73 -7.07 41.57
CA SER B 428 -16.86 -6.26 42.03
C SER B 428 -17.76 -7.05 42.96
N ILE B 429 -18.04 -8.31 42.61
CA ILE B 429 -18.83 -9.15 43.51
C ILE B 429 -18.06 -9.42 44.80
N LYS B 430 -16.77 -9.71 44.69
CA LYS B 430 -15.95 -9.95 45.88
C LYS B 430 -15.98 -8.76 46.81
N GLU B 431 -15.77 -7.55 46.28
CA GLU B 431 -15.74 -6.36 47.14
C GLU B 431 -17.04 -6.20 47.91
N LEU B 432 -18.18 -6.52 47.28
CA LEU B 432 -19.45 -6.38 47.95
C LEU B 432 -19.68 -7.45 49.02
N LEU B 433 -18.98 -8.57 48.94
CA LEU B 433 -19.11 -9.63 49.94
C LEU B 433 -18.65 -9.13 51.30
N ASN C 2 -57.70 26.43 2.02
CA ASN C 2 -58.58 25.57 1.17
C ASN C 2 -57.89 24.25 0.81
N ALA C 3 -56.89 23.88 1.59
CA ALA C 3 -56.15 22.64 1.38
C ALA C 3 -55.92 21.97 2.73
N MET C 4 -55.87 20.64 2.72
CA MET C 4 -55.65 19.90 3.95
C MET C 4 -54.22 20.09 4.41
N LYS C 5 -54.05 20.43 5.69
CA LYS C 5 -52.73 20.63 6.30
C LYS C 5 -52.44 19.49 7.25
N ILE C 6 -51.31 18.84 7.07
CA ILE C 6 -50.85 17.77 7.94
C ILE C 6 -49.52 18.20 8.56
N LEU C 7 -49.41 18.08 9.87
CA LEU C 7 -48.20 18.39 10.60
C LEU C 7 -47.58 17.10 11.10
N PHE C 8 -46.39 16.77 10.61
CA PHE C 8 -45.57 15.70 11.18
C PHE C 8 -44.59 16.37 12.14
N SER C 9 -44.61 15.94 13.40
CA SER C 9 -43.80 16.61 14.40
C SER C 9 -43.16 15.64 15.39
N PRO C 10 -41.83 15.66 15.53
CA PRO C 10 -41.20 15.02 16.69
C PRO C 10 -41.58 15.75 17.97
N ILE C 11 -41.16 15.16 19.10
CA ILE C 11 -41.40 15.73 20.42
C ILE C 11 -40.10 15.66 21.22
N GLY C 12 -39.76 16.77 21.90
CA GLY C 12 -38.54 16.89 22.69
C GLY C 12 -38.79 17.34 24.11
N ASN C 13 -37.75 17.81 24.82
CA ASN C 13 -37.91 18.12 26.23
C ASN C 13 -38.54 19.49 26.49
N THR C 14 -38.38 20.45 25.57
CA THR C 14 -39.06 21.73 25.76
C THR C 14 -40.54 21.65 25.38
N ASP C 15 -40.96 20.57 24.70
CA ASP C 15 -42.38 20.28 24.54
C ASP C 15 -42.93 19.70 25.84
N PRO C 16 -44.22 19.94 26.15
CA PRO C 16 -45.22 20.74 25.44
C PRO C 16 -45.03 22.25 25.59
N TRP C 17 -44.38 22.67 26.66
CA TRP C 17 -44.09 24.09 26.87
C TRP C 17 -42.96 24.24 27.87
N ARG C 18 -42.30 25.39 27.80
CA ARG C 18 -41.22 25.72 28.73
C ARG C 18 -41.26 27.21 29.03
N ASN C 19 -41.11 27.54 30.32
CA ASN C 19 -41.08 28.93 30.77
C ASN C 19 -42.37 29.67 30.40
N ASP C 20 -43.50 28.99 30.57
CA ASP C 20 -44.81 29.54 30.24
C ASP C 20 -44.92 29.95 28.77
N ARG C 21 -44.11 29.34 27.92
CA ARG C 21 -44.09 29.63 26.49
C ARG C 21 -44.26 28.33 25.71
N ASP C 22 -45.01 28.40 24.62
CA ASP C 22 -45.26 27.24 23.78
C ASP C 22 -43.99 26.43 23.52
N GLY C 23 -44.15 25.11 23.39
CA GLY C 23 -43.10 24.28 22.85
C GLY C 23 -43.11 24.33 21.34
N ALA C 24 -42.18 23.59 20.75
CA ALA C 24 -42.00 23.65 19.29
C ALA C 24 -43.24 23.13 18.55
N MET C 25 -43.83 22.03 19.04
CA MET C 25 -44.98 21.46 18.35
C MET C 25 -46.22 22.31 18.60
N LEU C 26 -46.47 22.68 19.86
CA LEU C 26 -47.67 23.45 20.17
C LEU C 26 -47.67 24.78 19.45
N HIS C 27 -46.48 25.39 19.28
CA HIS C 27 -46.41 26.68 18.63
C HIS C 27 -46.82 26.58 17.17
N ILE C 28 -46.38 25.52 16.48
CA ILE C 28 -46.80 25.33 15.10
C ILE C 28 -48.31 25.11 15.02
N VAL C 29 -48.84 24.30 15.95
CA VAL C 29 -50.28 24.10 16.00
C VAL C 29 -51.00 25.42 16.19
N ARG C 30 -50.49 26.26 17.09
CA ARG C 30 -51.16 27.52 17.39
C ARG C 30 -51.26 28.41 16.16
N HIS C 31 -50.15 28.56 15.43
CA HIS C 31 -50.07 29.53 14.35
C HIS C 31 -50.31 28.94 12.97
N TYR C 32 -50.46 27.61 12.85
CA TYR C 32 -50.76 26.99 11.57
C TYR C 32 -52.06 26.19 11.55
N GLN C 33 -52.57 25.76 12.70
CA GLN C 33 -53.86 25.09 12.79
C GLN C 33 -53.96 23.93 11.80
N PRO C 34 -53.13 22.90 11.94
CA PRO C 34 -53.18 21.78 10.99
C PRO C 34 -54.46 20.99 11.13
N ASP C 35 -54.90 20.42 10.01
CA ASP C 35 -56.07 19.54 10.04
C ASP C 35 -55.73 18.20 10.69
N ARG C 36 -54.50 17.71 10.49
CA ARG C 36 -54.05 16.46 11.06
C ARG C 36 -52.68 16.68 11.72
N VAL C 37 -52.49 16.08 12.88
CA VAL C 37 -51.24 16.15 13.62
C VAL C 37 -50.73 14.73 13.82
N VAL C 38 -49.45 14.52 13.46
CA VAL C 38 -48.79 13.24 13.67
C VAL C 38 -47.58 13.50 14.56
N LEU C 39 -47.65 13.00 15.79
CA LEU C 39 -46.57 13.15 16.77
C LEU C 39 -45.70 11.91 16.78
N PHE C 40 -44.39 12.11 16.86
CA PHE C 40 -43.42 11.02 16.92
C PHE C 40 -42.68 11.09 18.24
N PHE C 41 -42.95 10.14 19.12
CA PHE C 41 -42.27 10.04 20.40
C PHE C 41 -41.26 8.90 20.35
N THR C 42 -40.00 9.19 20.71
CA THR C 42 -39.07 8.10 20.99
C THR C 42 -39.53 7.40 22.26
N GLU C 43 -39.43 6.07 22.28
CA GLU C 43 -39.87 5.33 23.45
C GLU C 43 -39.23 5.87 24.72
N SER C 44 -37.94 6.23 24.65
CA SER C 44 -37.23 6.67 25.85
C SER C 44 -37.79 7.99 26.38
N ILE C 45 -38.15 8.92 25.48
CA ILE C 45 -38.74 10.17 25.95
C ILE C 45 -40.17 9.94 26.41
N TRP C 46 -40.86 8.95 25.83
CA TRP C 46 -42.23 8.65 26.23
C TRP C 46 -42.27 8.04 27.63
N GLN C 47 -41.39 7.06 27.89
CA GLN C 47 -41.42 6.39 29.18
C GLN C 47 -40.79 7.24 30.28
N GLY C 48 -39.66 7.89 30.00
CA GLY C 48 -39.14 8.93 30.87
C GLY C 48 -37.70 8.69 31.28
N ASN C 49 -37.15 9.70 31.94
CA ASN C 49 -35.75 9.82 32.36
C ASN C 49 -35.71 10.00 33.86
N GLN C 50 -34.49 10.13 34.41
CA GLN C 50 -34.37 10.36 35.84
C GLN C 50 -34.76 11.78 36.21
N HIS C 51 -34.38 12.75 35.37
CA HIS C 51 -34.72 14.14 35.65
C HIS C 51 -36.19 14.43 35.35
N PHE C 52 -36.71 13.92 34.24
CA PHE C 52 -38.08 14.16 33.84
C PHE C 52 -39.00 13.10 34.45
N SER C 53 -40.30 13.23 34.19
CA SER C 53 -41.28 12.33 34.78
C SER C 53 -41.93 11.38 33.78
N GLY C 54 -41.75 11.61 32.47
CA GLY C 54 -42.32 10.76 31.44
C GLY C 54 -43.34 11.54 30.61
N GLN C 55 -43.13 11.52 29.30
CA GLN C 55 -44.01 12.27 28.41
C GLN C 55 -45.37 11.60 28.24
N GLN C 56 -45.49 10.33 28.62
CA GLN C 56 -46.78 9.64 28.52
C GLN C 56 -47.84 10.33 29.37
N ALA C 57 -47.44 10.94 30.48
CA ALA C 57 -48.42 11.53 31.40
C ALA C 57 -49.24 12.62 30.73
N PHE C 58 -48.65 13.35 29.80
CA PHE C 58 -49.33 14.49 29.20
C PHE C 58 -50.47 14.03 28.30
N ASP C 59 -51.59 14.74 28.39
CA ASP C 59 -52.77 14.45 27.55
C ASP C 59 -52.56 15.14 26.21
N TRP C 60 -51.81 14.46 25.35
CA TRP C 60 -51.36 15.08 24.10
C TRP C 60 -52.52 15.48 23.20
N VAL C 61 -53.54 14.63 23.11
CA VAL C 61 -54.68 14.95 22.27
C VAL C 61 -55.44 16.15 22.82
N LYS C 62 -55.58 16.22 24.15
CA LYS C 62 -56.37 17.28 24.77
C LYS C 62 -55.72 18.65 24.55
N ILE C 63 -54.42 18.76 24.84
CA ILE C 63 -53.73 20.03 24.69
C ILE C 63 -53.85 20.53 23.26
N ILE C 64 -53.61 19.65 22.29
CA ILE C 64 -53.62 20.06 20.88
C ILE C 64 -55.02 20.45 20.45
N GLN C 65 -56.01 19.59 20.73
CA GLN C 65 -57.39 19.93 20.40
C GLN C 65 -57.86 21.18 21.13
N SER C 66 -57.19 21.56 22.22
CA SER C 66 -57.66 22.68 23.03
C SER C 66 -57.58 24.00 22.26
N ILE C 67 -56.52 24.18 21.47
CA ILE C 67 -56.33 25.41 20.71
C ILE C 67 -56.49 25.19 19.21
N ASN C 68 -56.93 23.99 18.80
CA ASN C 68 -57.10 23.67 17.38
C ASN C 68 -58.33 22.78 17.25
N GLU C 69 -59.43 23.35 16.77
CA GLU C 69 -60.67 22.62 16.64
C GLU C 69 -60.65 21.73 15.40
N ASN C 70 -61.26 20.56 15.50
CA ASN C 70 -61.37 19.63 14.38
C ASN C 70 -59.99 19.16 13.93
N CYS C 71 -59.20 18.67 14.89
CA CYS C 71 -57.82 18.25 14.63
C CYS C 71 -57.69 16.77 14.99
N GLN C 72 -57.47 15.93 13.98
CA GLN C 72 -57.15 14.53 14.21
C GLN C 72 -55.69 14.42 14.66
N ILE C 73 -55.45 13.66 15.72
CA ILE C 73 -54.11 13.47 16.25
C ILE C 73 -53.76 11.98 16.18
N GLU C 74 -52.59 11.69 15.64
CA GLU C 74 -52.04 10.35 15.52
C GLU C 74 -50.69 10.34 16.23
N ILE C 75 -50.48 9.36 17.11
CA ILE C 75 -49.26 9.28 17.90
C ILE C 75 -48.48 8.06 17.46
N LYS C 76 -47.26 8.29 16.97
CA LYS C 76 -46.31 7.23 16.66
C LYS C 76 -45.30 7.13 17.80
N CYS C 77 -45.04 5.91 18.25
CA CYS C 77 -44.07 5.66 19.32
C CYS C 77 -43.16 4.52 18.87
N ASP C 78 -41.85 4.80 18.83
CA ASP C 78 -40.88 3.84 18.36
C ASP C 78 -39.72 3.72 19.34
N THR C 79 -39.26 2.48 19.53
CA THR C 79 -38.07 2.21 20.33
C THR C 79 -36.83 2.50 19.50
N ILE C 80 -36.05 3.49 19.91
CA ILE C 80 -34.82 3.89 19.23
C ILE C 80 -33.65 3.52 20.14
N GLU C 81 -32.75 2.68 19.65
CA GLU C 81 -31.63 2.24 20.49
C GLU C 81 -30.68 3.40 20.82
N VAL C 82 -30.22 4.11 19.80
CA VAL C 82 -29.39 5.30 19.94
C VAL C 82 -30.13 6.45 19.28
N GLU C 83 -30.52 7.44 20.06
CA GLU C 83 -31.43 8.47 19.57
C GLU C 83 -30.71 9.57 18.78
N ASN C 84 -29.39 9.49 18.64
CA ASN C 84 -28.65 10.39 17.77
C ASN C 84 -28.10 9.68 16.52
N ASP C 85 -28.63 8.48 16.19
CA ASP C 85 -28.19 7.76 15.01
C ASP C 85 -29.11 8.07 13.83
N PHE C 86 -28.53 8.61 12.75
CA PHE C 86 -29.32 8.95 11.57
C PHE C 86 -30.05 7.75 11.02
N ASP C 87 -29.41 6.58 11.02
CA ASP C 87 -30.05 5.39 10.47
C ASP C 87 -31.34 5.03 11.19
N ALA C 88 -31.51 5.51 12.43
CA ALA C 88 -32.75 5.23 13.16
C ALA C 88 -33.91 6.08 12.66
N TYR C 89 -33.64 7.18 11.96
CA TYR C 89 -34.68 8.05 11.43
C TYR C 89 -34.73 8.11 9.91
N LYS C 90 -33.64 7.74 9.22
CA LYS C 90 -33.61 7.86 7.77
C LYS C 90 -34.83 7.22 7.12
N ASP C 91 -35.03 5.94 7.37
CA ASP C 91 -36.13 5.20 6.76
C ASP C 91 -37.40 5.23 7.60
N LEU C 92 -37.28 5.48 8.91
CA LEU C 92 -38.46 5.55 9.77
C LEU C 92 -39.29 6.79 9.45
N PHE C 93 -38.65 7.96 9.41
CA PHE C 93 -39.37 9.17 9.07
C PHE C 93 -39.89 9.10 7.62
N HIS C 94 -39.08 8.53 6.73
CA HIS C 94 -39.48 8.40 5.34
C HIS C 94 -40.76 7.60 5.19
N GLN C 95 -40.81 6.42 5.80
CA GLN C 95 -42.00 5.57 5.68
C GLN C 95 -43.24 6.29 6.20
N TYR C 96 -43.11 7.00 7.33
CA TYR C 96 -44.26 7.71 7.88
C TYR C 96 -44.78 8.74 6.90
N LEU C 97 -43.87 9.48 6.24
CA LEU C 97 -44.30 10.52 5.32
C LEU C 97 -44.81 9.96 4.01
N VAL C 98 -44.25 8.84 3.54
CA VAL C 98 -44.80 8.18 2.36
C VAL C 98 -46.24 7.76 2.61
N GLU C 99 -46.55 7.35 3.84
CA GLU C 99 -47.90 6.90 4.14
C GLU C 99 -48.87 8.08 4.26
N GLU C 100 -48.45 9.17 4.88
CA GLU C 100 -49.31 10.36 4.93
C GLU C 100 -49.62 10.85 3.52
N LYS C 101 -48.62 10.87 2.64
CA LYS C 101 -48.83 11.32 1.27
C LYS C 101 -49.68 10.32 0.49
N ARG C 102 -49.49 9.03 0.75
CA ARG C 102 -50.31 8.01 0.11
C ARG C 102 -51.79 8.18 0.47
N LYS C 103 -52.06 8.56 1.72
CA LYS C 103 -53.45 8.63 2.18
C LYS C 103 -54.13 9.93 1.73
N TYR C 104 -53.41 11.04 1.73
CA TYR C 104 -53.98 12.36 1.42
C TYR C 104 -53.12 13.00 0.33
N PRO C 105 -53.35 12.63 -0.93
CA PRO C 105 -52.45 13.08 -2.00
C PRO C 105 -52.33 14.60 -2.13
N ASN C 106 -53.37 15.36 -1.81
CA ASN C 106 -53.34 16.80 -2.00
C ASN C 106 -53.02 17.57 -0.73
N ALA C 107 -52.64 16.89 0.35
CA ALA C 107 -52.37 17.55 1.60
C ALA C 107 -51.00 18.20 1.61
N GLU C 108 -50.92 19.41 2.19
CA GLU C 108 -49.64 20.06 2.44
C GLU C 108 -49.09 19.55 3.77
N ILE C 109 -47.88 18.99 3.74
CA ILE C 109 -47.26 18.45 4.93
C ILE C 109 -46.35 19.50 5.55
N PHE C 110 -46.54 19.76 6.83
CA PHE C 110 -45.70 20.65 7.61
C PHE C 110 -44.79 19.83 8.51
N LEU C 111 -43.48 20.07 8.40
CA LEU C 111 -42.49 19.36 9.18
C LEU C 111 -41.96 20.29 10.26
N ASN C 112 -42.05 19.85 11.51
CA ASN C 112 -41.42 20.53 12.64
C ASN C 112 -39.96 20.10 12.67
N VAL C 113 -39.05 21.02 12.34
CA VAL C 113 -37.63 20.73 12.32
C VAL C 113 -36.93 21.27 13.57
N THR C 114 -37.68 21.56 14.62
CA THR C 114 -37.11 22.04 15.88
C THR C 114 -37.14 21.00 16.98
N SER C 115 -38.19 20.17 17.04
CA SER C 115 -38.35 19.26 18.16
C SER C 115 -37.43 18.07 18.04
N GLY C 116 -37.17 17.44 19.19
CA GLY C 116 -36.37 16.24 19.22
C GLY C 116 -34.88 16.54 19.15
N THR C 117 -34.12 15.52 18.79
CA THR C 117 -32.68 15.65 18.70
C THR C 117 -32.31 16.40 17.42
N PRO C 118 -31.08 16.93 17.35
CA PRO C 118 -30.68 17.58 16.09
C PRO C 118 -30.81 16.69 14.87
N GLN C 119 -30.53 15.40 15.03
CA GLN C 119 -30.59 14.47 13.92
C GLN C 119 -32.01 14.25 13.42
N MET C 120 -33.01 14.52 14.25
CA MET C 120 -34.39 14.48 13.78
C MET C 120 -34.69 15.69 12.91
N GLU C 121 -34.13 16.84 13.26
CA GLU C 121 -34.26 18.04 12.44
C GLU C 121 -33.55 17.87 11.11
N THR C 122 -32.33 17.33 11.12
CA THR C 122 -31.58 17.17 9.88
C THR C 122 -32.24 16.15 8.97
N THR C 123 -32.72 15.03 9.53
CA THR C 123 -33.40 14.03 8.71
C THR C 123 -34.59 14.65 7.99
N LEU C 124 -35.45 15.36 8.73
CA LEU C 124 -36.64 15.95 8.11
C LEU C 124 -36.26 16.99 7.07
N CYS C 125 -35.23 17.80 7.34
CA CYS C 125 -34.72 18.71 6.34
C CYS C 125 -34.20 17.96 5.12
N LEU C 126 -33.55 16.81 5.34
CA LEU C 126 -33.03 16.04 4.22
C LEU C 126 -34.16 15.41 3.41
N GLU C 127 -35.16 14.84 4.10
CA GLU C 127 -36.36 14.37 3.41
C GLU C 127 -36.95 15.49 2.56
N TYR C 128 -37.14 16.66 3.16
CA TYR C 128 -37.70 17.81 2.47
C TYR C 128 -36.94 18.12 1.19
N VAL C 129 -35.62 18.30 1.29
CA VAL C 129 -34.81 18.58 0.11
C VAL C 129 -34.96 17.48 -0.93
N THR C 130 -35.18 16.24 -0.48
CA THR C 130 -35.27 15.11 -1.40
C THR C 130 -36.66 15.01 -2.02
N TYR C 131 -37.71 15.31 -1.26
CA TYR C 131 -39.10 15.11 -1.69
C TYR C 131 -39.93 16.33 -1.34
N PRO C 132 -39.69 17.45 -2.02
CA PRO C 132 -40.28 18.73 -1.59
C PRO C 132 -41.72 18.97 -2.01
N ASP C 133 -42.29 18.16 -2.91
CA ASP C 133 -43.61 18.44 -3.43
C ASP C 133 -44.64 18.51 -2.28
N LYS C 134 -45.25 19.69 -2.11
CA LYS C 134 -46.30 19.88 -1.11
C LYS C 134 -45.81 19.61 0.30
N MET C 135 -44.57 20.02 0.57
CA MET C 135 -43.95 19.81 1.88
C MET C 135 -43.11 21.03 2.22
N ARG C 136 -43.10 21.40 3.50
CA ARG C 136 -42.30 22.53 3.95
C ARG C 136 -41.82 22.25 5.37
N CYS C 137 -40.76 22.96 5.76
CA CYS C 137 -40.15 22.84 7.07
C CYS C 137 -40.42 24.11 7.86
N ILE C 138 -41.02 23.96 9.04
CA ILE C 138 -41.29 25.08 9.94
C ILE C 138 -40.35 24.94 11.13
N GLN C 139 -39.73 26.06 11.51
CA GLN C 139 -38.80 26.12 12.63
C GLN C 139 -39.34 27.13 13.63
N VAL C 140 -39.28 26.77 14.91
CA VAL C 140 -39.75 27.63 15.99
C VAL C 140 -38.53 28.06 16.81
N SER C 141 -38.38 29.36 17.00
CA SER C 141 -37.26 29.93 17.72
C SER C 141 -37.53 29.96 19.22
N THR C 142 -36.46 29.83 20.00
CA THR C 142 -36.57 30.02 21.44
C THR C 142 -36.89 31.47 21.74
N PRO C 143 -37.82 31.75 22.66
CA PRO C 143 -38.11 33.15 22.99
C PRO C 143 -36.88 33.87 23.51
N LEU C 144 -36.63 35.07 22.98
CA LEU C 144 -35.53 35.90 23.45
C LEU C 144 -36.05 36.95 24.42
N THR C 151 -35.59 28.04 35.71
CA THR C 151 -36.26 27.40 34.58
C THR C 151 -37.55 26.72 35.03
N LYS C 152 -38.64 26.96 34.31
CA LYS C 152 -39.93 26.35 34.60
C LYS C 152 -40.16 25.23 33.60
N TYR C 153 -40.19 24.00 34.09
CA TYR C 153 -40.39 22.81 33.25
C TYR C 153 -41.85 22.39 33.30
N ALA C 154 -42.35 21.91 32.15
CA ALA C 154 -43.71 21.40 32.08
C ALA C 154 -43.84 20.15 32.95
N GLN C 155 -44.96 20.06 33.67
CA GLN C 155 -45.24 18.91 34.51
C GLN C 155 -46.70 18.54 34.35
N ALA C 156 -46.97 17.24 34.17
CA ALA C 156 -48.31 16.79 33.87
C ALA C 156 -49.28 17.00 35.03
N ASP C 157 -48.77 17.12 36.26
CA ASP C 157 -49.64 17.34 37.41
C ASP C 157 -50.58 18.51 37.17
N CYS C 158 -50.04 19.64 36.71
CA CYS C 158 -50.80 20.86 36.48
C CYS C 158 -50.76 21.26 35.01
N GLN C 159 -50.91 20.29 34.12
CA GLN C 159 -50.90 20.60 32.69
C GLN C 159 -52.10 21.44 32.30
N GLU C 160 -53.28 21.17 32.88
CA GLU C 160 -54.46 21.94 32.52
C GLU C 160 -54.33 23.38 33.00
N VAL C 161 -53.76 23.59 34.18
CA VAL C 161 -53.50 24.94 34.66
C VAL C 161 -52.41 25.61 33.82
N ASP C 162 -51.34 24.86 33.52
CA ASP C 162 -50.21 25.45 32.82
C ASP C 162 -50.59 25.95 31.43
N LEU C 163 -51.47 25.21 30.74
CA LEU C 163 -51.78 25.55 29.36
C LEU C 163 -52.48 26.89 29.25
N GLU C 164 -53.52 27.11 30.07
CA GLU C 164 -54.21 28.40 30.04
C GLU C 164 -53.26 29.54 30.37
N ILE C 165 -52.24 29.27 31.18
CA ILE C 165 -51.21 30.28 31.43
C ILE C 165 -50.36 30.49 30.19
N VAL C 166 -49.96 29.39 29.53
CA VAL C 166 -49.19 29.49 28.30
C VAL C 166 -50.01 30.17 27.21
N ASN C 167 -51.34 29.99 27.24
CA ASN C 167 -52.19 30.70 26.29
C ASN C 167 -52.20 32.20 26.57
N GLU C 168 -52.24 32.57 27.86
CA GLU C 168 -52.33 33.97 28.21
C GLU C 168 -51.07 34.73 27.80
N GLU C 169 -49.89 34.13 28.00
CA GLU C 169 -48.66 34.83 27.66
C GLU C 169 -48.41 34.83 26.16
N GLU C 170 -48.85 33.80 25.44
CA GLU C 170 -48.70 33.76 23.99
C GLU C 170 -49.73 34.62 23.27
N SER C 171 -50.68 35.20 24.00
CA SER C 171 -51.72 36.01 23.35
C SER C 171 -51.15 37.33 22.85
N GLN C 172 -50.20 37.92 23.59
CA GLN C 172 -49.57 39.18 23.18
C GLN C 172 -48.13 38.97 22.74
N GLN C 173 -47.81 37.77 22.24
CA GLN C 173 -46.48 37.49 21.70
C GLN C 173 -46.58 37.23 20.19
N PRO C 174 -45.57 37.64 19.42
CA PRO C 174 -45.57 37.34 17.98
C PRO C 174 -45.12 35.91 17.74
N SER C 175 -45.38 35.45 16.52
CA SER C 175 -45.00 34.08 16.17
C SER C 175 -43.49 33.92 16.20
N ARG C 176 -43.05 32.75 16.69
CA ARG C 176 -41.66 32.32 16.62
C ARG C 176 -41.45 31.26 15.54
N CYS C 177 -42.48 30.98 14.74
CA CYS C 177 -42.36 30.05 13.63
C CYS C 177 -41.69 30.73 12.44
N HIS C 178 -40.86 29.98 11.72
CA HIS C 178 -40.20 30.51 10.53
C HIS C 178 -40.06 29.40 9.50
N LYS C 179 -40.65 29.62 8.33
CA LYS C 179 -40.50 28.73 7.18
C LYS C 179 -39.09 28.87 6.64
N ILE C 180 -38.27 27.83 6.79
CA ILE C 180 -36.87 27.94 6.41
C ILE C 180 -36.74 27.85 4.90
N ALA C 181 -35.66 28.43 4.39
CA ALA C 181 -35.34 28.41 2.97
C ALA C 181 -34.08 27.59 2.79
N ILE C 182 -34.24 26.33 2.36
CA ILE C 182 -33.09 25.44 2.20
C ILE C 182 -33.19 24.67 0.89
N LEU C 183 -34.19 24.97 0.07
CA LEU C 183 -34.26 24.32 -1.23
C LEU C 183 -33.20 24.83 -2.18
N SER C 184 -32.48 25.91 -1.82
CA SER C 184 -31.37 26.36 -2.63
C SER C 184 -30.33 25.26 -2.79
N PHE C 185 -30.17 24.40 -1.78
CA PHE C 185 -29.26 23.26 -1.91
C PHE C 185 -29.72 22.34 -3.03
N ARG C 186 -31.02 22.03 -3.07
CA ARG C 186 -31.55 21.21 -4.15
C ARG C 186 -31.31 21.90 -5.50
N GLU C 187 -31.62 23.19 -5.58
CA GLU C 187 -31.39 23.94 -6.80
C GLU C 187 -29.94 23.84 -7.26
N ALA C 188 -29.00 23.83 -6.31
CA ALA C 188 -27.59 23.76 -6.70
C ALA C 188 -27.25 22.40 -7.32
N ILE C 189 -27.89 21.33 -6.83
CA ILE C 189 -27.65 20.01 -7.40
C ILE C 189 -28.16 19.96 -8.84
N VAL C 190 -29.42 20.34 -9.04
CA VAL C 190 -30.00 20.36 -10.39
C VAL C 190 -29.21 21.29 -11.30
N ARG C 191 -28.88 22.49 -10.79
CA ARG C 191 -28.09 23.44 -11.56
C ARG C 191 -26.88 22.75 -12.18
N ASN C 192 -26.06 22.10 -11.34
CA ASN C 192 -24.87 21.43 -11.85
C ASN C 192 -25.23 20.33 -12.83
N GLN C 193 -26.31 19.59 -12.58
CA GLN C 193 -26.72 18.54 -13.50
C GLN C 193 -27.06 19.12 -14.87
N ILE C 194 -27.63 20.32 -14.90
CA ILE C 194 -28.12 20.88 -16.16
C ILE C 194 -26.95 21.39 -17.01
N LYS C 195 -25.94 21.98 -16.38
CA LYS C 195 -24.81 22.51 -17.12
C LYS C 195 -24.19 21.45 -18.02
N SER C 196 -24.00 20.24 -17.49
CA SER C 196 -23.40 19.18 -18.30
C SER C 196 -24.34 18.69 -19.38
N LEU C 197 -25.65 18.70 -19.12
CA LEU C 197 -26.61 18.29 -20.14
C LEU C 197 -26.54 19.23 -21.35
N LEU C 198 -26.56 20.54 -21.09
CA LEU C 198 -26.47 21.51 -22.17
C LEU C 198 -25.21 21.29 -23.01
N ASP C 199 -24.09 21.01 -22.34
CA ASP C 199 -22.83 20.83 -23.05
C ASP C 199 -22.91 19.67 -24.04
N ASN C 200 -23.77 18.70 -23.79
CA ASN C 200 -23.99 17.58 -24.69
C ASN C 200 -25.19 17.81 -25.60
N TYR C 201 -25.76 19.00 -25.60
CA TYR C 201 -26.94 19.33 -26.41
C TYR C 201 -28.14 18.46 -26.02
N ASP C 202 -28.25 18.14 -24.73
CA ASP C 202 -29.38 17.38 -24.20
C ASP C 202 -30.42 18.34 -23.64
N TYR C 203 -31.10 19.03 -24.55
CA TYR C 203 -31.98 20.13 -24.17
C TYR C 203 -33.28 19.64 -23.57
N GLU C 204 -33.88 18.60 -24.15
CA GLU C 204 -35.06 18.00 -23.50
C GLU C 204 -34.71 17.59 -22.07
N ALA C 205 -33.54 16.99 -21.88
CA ALA C 205 -33.11 16.63 -20.53
C ALA C 205 -32.96 17.87 -19.67
N ALA C 206 -32.33 18.91 -20.20
CA ALA C 206 -32.20 20.16 -19.46
C ALA C 206 -33.57 20.73 -19.11
N LEU C 207 -34.47 20.78 -20.10
CA LEU C 207 -35.82 21.28 -19.84
C LEU C 207 -36.49 20.48 -18.73
N GLN C 208 -36.33 19.16 -18.76
CA GLN C 208 -36.96 18.31 -17.75
C GLN C 208 -36.46 18.66 -16.35
N LEU C 209 -35.15 18.81 -16.20
CA LEU C 209 -34.59 19.13 -14.89
C LEU C 209 -35.03 20.51 -14.43
N VAL C 210 -35.10 21.49 -15.33
CA VAL C 210 -35.54 22.83 -14.96
C VAL C 210 -37.03 22.82 -14.62
N ALA C 211 -37.84 22.23 -15.49
CA ALA C 211 -39.28 22.20 -15.23
C ALA C 211 -39.59 21.57 -13.87
N SER C 212 -38.90 20.49 -13.53
CA SER C 212 -39.12 19.85 -12.23
C SER C 212 -38.68 20.74 -11.08
N GLN C 213 -37.71 21.63 -11.32
CA GLN C 213 -37.16 22.47 -10.25
C GLN C 213 -37.90 23.80 -10.26
N LYS C 214 -38.95 23.88 -9.44
CA LYS C 214 -39.83 25.04 -9.44
C LYS C 214 -39.17 26.28 -8.85
N SER C 215 -38.07 26.11 -8.10
CA SER C 215 -37.48 27.24 -7.37
C SER C 215 -36.61 28.15 -8.24
N PHE C 216 -36.25 27.72 -9.44
CA PHE C 216 -35.40 28.53 -10.30
C PHE C 216 -35.99 29.92 -10.53
N ARG C 217 -35.18 30.96 -10.25
CA ARG C 217 -35.65 32.34 -10.33
C ARG C 217 -36.02 32.73 -11.76
N ASN C 218 -35.29 32.19 -12.74
CA ASN C 218 -35.51 32.48 -14.15
C ASN C 218 -36.19 31.32 -14.86
N GLY C 219 -36.88 30.46 -14.12
CA GLY C 219 -37.47 29.27 -14.72
C GLY C 219 -38.34 29.56 -15.92
N LYS C 220 -39.18 30.60 -15.84
CA LYS C 220 -40.08 30.90 -16.94
C LYS C 220 -39.29 31.28 -18.20
N GLU C 221 -38.25 32.08 -18.03
CA GLU C 221 -37.41 32.47 -19.17
C GLU C 221 -36.62 31.26 -19.69
N ILE C 222 -36.20 30.38 -18.81
CA ILE C 222 -35.39 29.23 -19.22
C ILE C 222 -36.24 28.23 -19.99
N ARG C 223 -37.39 27.84 -19.42
CA ARG C 223 -38.24 26.86 -20.08
C ARG C 223 -38.69 27.35 -21.46
N LYS C 224 -39.02 28.64 -21.57
CA LYS C 224 -39.43 29.19 -22.85
C LYS C 224 -38.31 29.08 -23.89
N LYS C 225 -37.13 29.62 -23.56
CA LYS C 225 -35.99 29.52 -24.46
C LYS C 225 -35.71 28.07 -24.83
N LEU C 226 -35.65 27.19 -23.83
CA LEU C 226 -35.35 25.78 -24.10
C LEU C 226 -36.43 25.15 -24.97
N LYS C 227 -37.69 25.50 -24.75
CA LYS C 227 -38.76 24.92 -25.56
C LYS C 227 -38.69 25.38 -27.00
N GLU C 228 -38.25 26.61 -27.25
CA GLU C 228 -38.13 27.05 -28.63
C GLU C 228 -37.03 26.28 -29.35
N LEU C 229 -35.89 26.10 -28.69
CA LEU C 229 -34.78 25.38 -29.31
C LEU C 229 -35.15 23.92 -29.56
N ILE C 230 -35.76 23.28 -28.57
CA ILE C 230 -36.15 21.87 -28.72
C ILE C 230 -37.02 21.70 -29.96
N ASP C 231 -38.03 22.55 -30.11
CA ASP C 231 -38.92 22.44 -31.26
C ASP C 231 -38.22 22.85 -32.55
N ASP C 232 -37.24 23.75 -32.48
CA ASP C 232 -36.44 24.07 -33.65
C ASP C 232 -35.72 22.83 -34.17
N ILE C 233 -35.16 22.04 -33.25
CA ILE C 233 -34.39 20.86 -33.66
C ILE C 233 -35.30 19.76 -34.17
N LYS C 234 -36.49 19.63 -33.58
CA LYS C 234 -37.39 18.55 -33.96
C LYS C 234 -38.09 18.82 -35.29
N MET C 235 -38.49 20.07 -35.52
CA MET C 235 -39.20 20.44 -36.74
C MET C 235 -38.30 21.10 -37.78
N HIS C 236 -37.00 21.20 -37.52
CA HIS C 236 -36.06 21.83 -38.44
C HIS C 236 -36.51 23.26 -38.78
N ARG C 237 -36.95 23.98 -37.75
CA ARG C 237 -37.34 25.37 -37.91
C ARG C 237 -36.12 26.26 -37.74
N VAL C 238 -35.95 27.21 -38.66
CA VAL C 238 -34.83 28.14 -38.56
C VAL C 238 -34.89 28.87 -37.23
N PHE C 239 -33.75 28.96 -36.55
CA PHE C 239 -33.65 29.73 -35.32
C PHE C 239 -34.10 31.17 -35.57
N SER C 240 -34.89 31.71 -34.64
CA SER C 240 -35.33 33.10 -34.77
C SER C 240 -34.12 34.03 -34.93
N TYR C 241 -33.07 33.80 -34.15
CA TYR C 241 -31.82 34.54 -34.32
C TYR C 241 -31.40 34.59 -35.79
N LEU C 242 -31.42 33.44 -36.48
CA LEU C 242 -30.99 33.42 -37.88
C LEU C 242 -31.99 34.10 -38.80
N ILE C 243 -33.26 34.18 -38.42
CA ILE C 243 -34.24 34.89 -39.24
C ILE C 243 -34.00 36.39 -39.17
N LYS C 244 -33.65 36.90 -37.99
CA LYS C 244 -33.35 38.32 -37.85
C LYS C 244 -31.96 38.66 -38.38
N GLN C 245 -31.00 37.73 -38.24
CA GLN C 245 -29.63 38.00 -38.66
C GLN C 245 -29.50 38.00 -40.18
N TYR C 246 -30.31 37.20 -40.87
CA TYR C 246 -30.25 37.06 -42.33
C TYR C 246 -31.67 37.09 -42.87
N PRO C 247 -32.31 38.26 -42.88
CA PRO C 247 -33.76 38.31 -43.14
C PRO C 247 -34.16 38.14 -44.59
N ARG C 248 -33.28 38.45 -45.55
CA ARG C 248 -33.66 38.46 -46.95
C ARG C 248 -33.23 37.21 -47.71
N ASN C 249 -32.51 36.29 -47.08
CA ASN C 249 -31.99 35.10 -47.75
C ASN C 249 -32.50 33.86 -47.00
N GLU C 250 -33.66 33.36 -47.42
CA GLU C 250 -34.22 32.17 -46.79
C GLU C 250 -33.40 30.93 -47.10
N LYS C 251 -32.81 30.86 -48.29
CA LYS C 251 -31.99 29.70 -48.64
C LYS C 251 -30.73 29.64 -47.79
N LEU C 252 -30.16 30.80 -47.44
CA LEU C 252 -29.05 30.84 -46.49
C LEU C 252 -29.51 30.38 -45.10
N GLN C 253 -30.65 30.91 -44.65
CA GLN C 253 -31.20 30.51 -43.36
C GLN C 253 -31.25 28.99 -43.22
N LYS C 254 -31.92 28.33 -44.18
CA LYS C 254 -32.11 26.89 -44.07
C LYS C 254 -30.79 26.14 -44.21
N ALA C 255 -29.89 26.60 -45.07
CA ALA C 255 -28.58 25.96 -45.19
C ALA C 255 -27.77 26.15 -43.92
N LEU C 256 -27.85 27.34 -43.31
CA LEU C 256 -27.09 27.59 -42.08
C LEU C 256 -27.69 26.83 -40.91
N LEU C 257 -29.02 26.73 -40.85
CA LEU C 257 -29.65 25.92 -39.82
C LEU C 257 -29.13 24.48 -39.85
N HIS C 258 -29.11 23.88 -41.04
CA HIS C 258 -28.74 22.46 -41.13
C HIS C 258 -27.26 22.23 -40.92
N THR C 259 -26.42 23.20 -41.31
CA THR C 259 -24.99 23.06 -41.04
C THR C 259 -24.72 23.03 -39.53
N ILE C 260 -25.39 23.91 -38.78
CA ILE C 260 -25.21 23.92 -37.33
C ILE C 260 -25.71 22.62 -36.72
N LEU C 261 -26.89 22.17 -37.14
CA LEU C 261 -27.40 20.89 -36.66
C LEU C 261 -26.46 19.75 -37.06
N LEU C 262 -25.93 19.80 -38.29
CA LEU C 262 -24.99 18.78 -38.72
C LEU C 262 -23.81 18.68 -37.76
N GLU C 263 -23.22 19.82 -37.40
CA GLU C 263 -22.05 19.84 -36.55
C GLU C 263 -22.38 19.56 -35.09
N MET C 264 -23.62 19.82 -34.67
CA MET C 264 -24.06 19.35 -33.37
C MET C 264 -24.03 17.82 -33.32
N ARG C 265 -24.65 17.17 -34.31
CA ARG C 265 -24.66 15.71 -34.35
C ARG C 265 -23.26 15.14 -34.44
N HIS C 266 -22.38 15.77 -35.22
CA HIS C 266 -21.01 15.28 -35.36
C HIS C 266 -20.24 15.42 -34.04
N GLN C 267 -20.36 16.58 -33.39
CA GLN C 267 -19.67 16.77 -32.12
C GLN C 267 -20.22 15.86 -31.03
N ARG C 268 -21.51 15.52 -31.11
CA ARG C 268 -22.17 14.78 -30.06
C ARG C 268 -21.93 13.27 -30.15
N GLY C 269 -21.45 12.78 -31.28
CA GLY C 269 -21.22 11.36 -31.46
C GLY C 269 -22.30 10.60 -32.20
N ASP C 270 -23.25 11.29 -32.81
CA ASP C 270 -24.28 10.64 -33.62
C ASP C 270 -23.80 10.53 -35.07
N ILE C 271 -22.68 9.81 -35.23
CA ILE C 271 -21.98 9.84 -36.51
C ILE C 271 -22.80 9.18 -37.60
N ALA C 272 -23.63 8.19 -37.26
CA ALA C 272 -24.45 7.56 -38.28
C ALA C 272 -25.49 8.54 -38.81
N GLU C 273 -26.07 9.37 -37.94
CA GLU C 273 -27.02 10.38 -38.41
C GLU C 273 -26.29 11.49 -39.16
N THR C 274 -25.05 11.77 -38.79
CA THR C 274 -24.24 12.76 -39.50
C THR C 274 -23.95 12.30 -40.93
N LEU C 275 -23.53 11.05 -41.08
CA LEU C 275 -23.20 10.50 -42.39
C LEU C 275 -24.37 10.59 -43.36
N ILE C 276 -25.59 10.31 -42.89
CA ILE C 276 -26.74 10.26 -43.80
C ILE C 276 -27.11 11.65 -44.29
N ARG C 277 -27.01 12.66 -43.41
CA ARG C 277 -27.51 13.99 -43.71
C ARG C 277 -26.43 14.93 -44.26
N VAL C 278 -25.19 14.46 -44.42
CA VAL C 278 -24.16 15.32 -45.01
C VAL C 278 -24.45 15.56 -46.48
N LYS C 279 -24.98 14.56 -47.17
CA LYS C 279 -25.16 14.64 -48.62
C LYS C 279 -26.27 15.61 -48.98
N SER C 280 -27.38 15.58 -48.24
CA SER C 280 -28.52 16.42 -48.58
C SER C 280 -28.21 17.89 -48.35
N ILE C 281 -27.43 18.19 -47.30
CA ILE C 281 -27.02 19.58 -47.08
C ILE C 281 -25.98 19.99 -48.10
N ALA C 282 -25.08 19.07 -48.46
CA ALA C 282 -24.07 19.36 -49.47
C ALA C 282 -24.72 19.64 -50.82
N GLU C 283 -25.70 18.83 -51.21
CA GLU C 283 -26.43 19.10 -52.45
C GLU C 283 -27.04 20.49 -52.43
N TYR C 284 -27.63 20.89 -51.30
CA TYR C 284 -28.31 22.18 -51.23
C TYR C 284 -27.35 23.32 -51.51
N ILE C 285 -26.19 23.31 -50.85
CA ILE C 285 -25.24 24.41 -51.00
C ILE C 285 -24.63 24.43 -52.39
N VAL C 286 -24.42 23.26 -52.98
CA VAL C 286 -23.84 23.21 -54.33
C VAL C 286 -24.86 23.65 -55.36
N GLU C 287 -26.10 23.18 -55.24
CA GLU C 287 -27.16 23.65 -56.13
C GLU C 287 -27.22 25.18 -56.14
N GLN C 288 -27.13 25.79 -54.96
CA GLN C 288 -27.17 27.24 -54.87
C GLN C 288 -25.92 27.87 -55.48
N TYR C 289 -24.76 27.23 -55.33
CA TYR C 289 -23.58 27.65 -56.07
C TYR C 289 -23.88 27.64 -57.57
N ILE C 290 -24.33 26.49 -58.08
CA ILE C 290 -24.67 26.38 -59.50
C ILE C 290 -25.67 27.45 -59.89
N GLN C 291 -26.76 27.56 -59.13
CA GLN C 291 -27.78 28.56 -59.44
C GLN C 291 -27.19 29.96 -59.47
N LYS C 292 -26.21 30.23 -58.61
CA LYS C 292 -25.66 31.57 -58.50
C LYS C 292 -24.75 31.91 -59.68
N ASN C 293 -23.80 31.02 -59.98
CA ASN C 293 -22.75 31.33 -60.94
C ASN C 293 -23.08 30.90 -62.36
N TYR C 294 -23.86 29.84 -62.53
CA TYR C 294 -24.33 29.38 -63.84
C TYR C 294 -25.85 29.50 -63.80
N PRO C 295 -26.38 30.70 -64.00
CA PRO C 295 -27.75 30.99 -63.54
C PRO C 295 -28.82 30.11 -64.14
N TYR C 296 -28.78 29.84 -65.44
CA TYR C 296 -29.77 29.01 -66.10
C TYR C 296 -29.19 27.68 -66.56
N LEU C 297 -28.23 27.15 -65.79
CA LEU C 297 -27.70 25.82 -66.10
C LEU C 297 -28.71 24.73 -65.75
N ILE C 298 -29.53 24.94 -64.72
CA ILE C 298 -30.53 23.97 -64.29
C ILE C 298 -31.91 24.53 -64.59
N ILE C 299 -32.76 23.69 -65.15
CA ILE C 299 -34.18 24.01 -65.34
C ILE C 299 -34.98 23.18 -64.32
N TYR C 300 -36.06 23.77 -63.85
CA TYR C 300 -36.94 23.13 -62.87
C TYR C 300 -38.36 23.15 -63.41
N LYS C 301 -39.00 21.98 -63.43
CA LYS C 301 -40.40 21.88 -63.85
C LYS C 301 -41.30 21.35 -62.74
N GLU C 302 -40.87 20.32 -62.02
CA GLU C 302 -41.60 19.78 -60.87
C GLU C 302 -40.89 20.12 -59.57
N ASP C 303 -40.27 21.31 -59.52
CA ASP C 303 -39.43 21.75 -58.41
C ASP C 303 -38.18 20.90 -58.25
N LYS C 304 -37.78 20.20 -59.32
CA LYS C 304 -36.64 19.29 -59.26
C LYS C 304 -35.56 19.69 -60.25
N PRO C 305 -34.29 19.55 -59.89
CA PRO C 305 -33.20 19.98 -60.79
C PRO C 305 -33.17 19.12 -62.05
N TYR C 306 -33.30 19.77 -63.20
CA TYR C 306 -33.19 19.11 -64.51
C TYR C 306 -32.09 19.79 -65.31
N PHE C 307 -31.18 18.99 -65.86
CA PHE C 307 -30.02 19.48 -66.59
C PHE C 307 -30.42 20.05 -67.94
N ASN C 308 -29.78 21.15 -68.32
CA ASN C 308 -30.13 21.92 -69.52
C ASN C 308 -28.97 21.95 -70.48
N VAL C 309 -29.20 21.50 -71.72
CA VAL C 309 -28.15 21.55 -72.73
C VAL C 309 -28.07 22.92 -73.38
N SER C 310 -29.13 23.73 -73.28
CA SER C 310 -29.22 25.03 -73.93
C SER C 310 -28.43 26.12 -73.22
N TYR C 311 -27.95 25.88 -71.99
CA TYR C 311 -27.17 26.90 -71.32
C TYR C 311 -25.82 27.12 -72.02
N SER C 312 -25.15 26.01 -72.37
CA SER C 312 -23.88 26.05 -73.08
C SER C 312 -23.74 24.75 -73.86
N GLN C 313 -23.18 24.85 -75.07
CA GLN C 313 -23.16 23.71 -75.99
C GLN C 313 -21.97 22.80 -75.74
N GLU C 314 -20.83 23.37 -75.34
CA GLU C 314 -19.58 22.61 -75.29
C GLU C 314 -19.62 21.54 -74.20
N LEU C 315 -20.23 21.82 -73.05
CA LEU C 315 -20.13 20.91 -71.92
C LEU C 315 -20.96 19.65 -72.12
N THR C 316 -22.01 19.69 -72.93
CA THR C 316 -22.91 18.54 -73.04
C THR C 316 -22.17 17.32 -73.58
N GLU C 317 -21.46 17.48 -74.69
CA GLU C 317 -20.66 16.38 -75.22
C GLU C 317 -19.52 16.05 -74.27
N SER C 318 -18.98 17.06 -73.59
CA SER C 318 -17.90 16.83 -72.64
C SER C 318 -18.34 15.93 -71.50
N TYR C 319 -19.56 16.11 -71.00
CA TYR C 319 -20.01 15.28 -69.89
C TYR C 319 -20.13 13.82 -70.33
N LEU C 320 -20.77 13.62 -71.48
CA LEU C 320 -20.98 12.28 -72.01
C LEU C 320 -19.68 11.52 -72.25
N ALA C 321 -18.59 12.24 -72.52
CA ALA C 321 -17.30 11.55 -72.67
C ALA C 321 -16.91 10.87 -71.37
N LEU C 322 -17.08 11.58 -70.25
CA LEU C 322 -16.81 10.97 -68.95
C LEU C 322 -17.83 9.90 -68.63
N MET C 323 -19.10 10.14 -68.96
CA MET C 323 -20.14 9.15 -68.72
C MET C 323 -19.86 7.87 -69.48
N ASP C 324 -19.47 7.99 -70.75
CA ASP C 324 -19.18 6.81 -71.55
C ASP C 324 -17.88 6.15 -71.12
N SER C 325 -16.90 6.94 -70.71
CA SER C 325 -15.61 6.41 -70.28
C SER C 325 -15.80 5.46 -69.11
N GLY C 344 -28.72 15.87 -58.67
CA GLY C 344 -27.99 14.97 -57.79
C GLY C 344 -26.56 15.40 -57.58
N PHE C 345 -26.00 15.08 -56.41
CA PHE C 345 -24.64 15.53 -56.11
C PHE C 345 -23.61 14.95 -57.06
N PRO C 346 -23.62 13.66 -57.39
CA PRO C 346 -22.65 13.14 -58.37
C PRO C 346 -22.66 13.92 -59.68
N ALA C 347 -23.84 14.40 -60.10
CA ALA C 347 -23.92 15.17 -61.33
C ALA C 347 -23.26 16.55 -61.17
N TYR C 348 -23.67 17.30 -60.14
CA TYR C 348 -23.07 18.60 -59.89
C TYR C 348 -21.55 18.48 -59.82
N ARG C 349 -21.06 17.40 -59.21
CA ARG C 349 -19.62 17.20 -59.05
C ARG C 349 -18.93 17.08 -60.40
N ASP C 350 -19.56 16.40 -61.36
CA ASP C 350 -18.97 16.27 -62.69
C ASP C 350 -19.07 17.58 -63.46
N PHE C 351 -20.20 18.29 -63.34
CA PHE C 351 -20.35 19.57 -64.02
C PHE C 351 -19.22 20.53 -63.63
N LEU C 352 -18.94 20.63 -62.33
CA LEU C 352 -18.00 21.64 -61.86
C LEU C 352 -16.58 21.36 -62.35
N GLN C 353 -16.19 20.08 -62.40
CA GLN C 353 -14.90 19.76 -62.99
C GLN C 353 -14.81 20.26 -64.42
N LEU C 354 -15.89 20.10 -65.19
CA LEU C 354 -15.91 20.60 -66.56
C LEU C 354 -15.84 22.12 -66.61
N LEU C 355 -16.53 22.80 -65.70
CA LEU C 355 -16.86 24.20 -65.89
C LEU C 355 -15.89 25.18 -65.26
N GLU C 356 -15.13 24.78 -64.24
CA GLU C 356 -14.21 25.70 -63.58
C GLU C 356 -12.90 25.00 -63.29
N ALA C 357 -11.83 25.80 -63.22
CA ALA C 357 -10.46 25.27 -63.19
C ALA C 357 -9.98 25.12 -61.76
N SER C 358 -10.44 24.03 -61.14
CA SER C 358 -9.96 23.60 -59.83
C SER C 358 -9.83 24.75 -58.85
N ASN C 359 -10.95 25.34 -58.47
CA ASN C 359 -10.99 26.31 -57.40
C ASN C 359 -11.37 25.58 -56.10
N GLU C 360 -11.66 26.35 -55.06
CA GLU C 360 -11.92 25.77 -53.74
C GLU C 360 -13.05 24.74 -53.78
N MET C 361 -13.99 24.89 -54.71
CA MET C 361 -15.23 24.11 -54.63
C MET C 361 -15.01 22.65 -55.00
N THR C 362 -14.18 22.38 -56.01
CA THR C 362 -14.05 21.01 -56.48
C THR C 362 -13.40 20.10 -55.44
N ASN C 363 -12.49 20.65 -54.63
CA ASN C 363 -11.84 19.83 -53.60
C ASN C 363 -12.81 19.49 -52.48
N GLU C 364 -13.63 20.45 -52.05
CA GLU C 364 -14.57 20.17 -50.96
C GLU C 364 -15.57 19.09 -51.37
N MET C 365 -16.06 19.14 -52.60
CA MET C 365 -17.03 18.15 -53.05
C MET C 365 -16.40 16.76 -53.11
N ASN C 366 -15.10 16.66 -53.40
CA ASN C 366 -14.45 15.37 -53.39
C ASN C 366 -14.59 14.68 -52.03
N LYS C 367 -14.51 15.46 -50.95
CA LYS C 367 -14.62 14.88 -49.63
C LYS C 367 -16.01 14.29 -49.41
N VAL C 368 -17.05 15.00 -49.83
CA VAL C 368 -18.41 14.45 -49.73
C VAL C 368 -18.53 13.20 -50.58
N ASN C 369 -17.77 13.12 -51.68
CA ASN C 369 -17.80 11.94 -52.54
C ASN C 369 -17.07 10.75 -51.93
N GLU C 370 -16.08 11.01 -51.07
CA GLU C 370 -15.34 9.91 -50.46
C GLU C 370 -16.20 9.11 -49.49
N ILE C 371 -17.27 9.71 -48.95
CA ILE C 371 -18.19 9.02 -48.05
C ILE C 371 -19.45 8.56 -48.77
N ASN C 372 -19.49 8.68 -50.09
CA ASN C 372 -20.70 8.38 -50.87
C ASN C 372 -21.07 6.91 -50.75
N ASN C 373 -20.09 6.02 -50.95
CA ASN C 373 -20.36 4.60 -50.86
C ASN C 373 -20.68 4.19 -49.43
N LEU C 374 -19.98 4.78 -48.48
CA LEU C 374 -20.23 4.51 -47.07
C LEU C 374 -21.65 4.92 -46.69
N ARG C 375 -22.13 6.05 -47.20
CA ARG C 375 -23.49 6.47 -46.90
C ARG C 375 -24.48 5.43 -47.42
N ASN C 376 -24.26 4.91 -48.62
CA ASN C 376 -25.21 3.95 -49.18
C ASN C 376 -25.40 2.76 -48.25
N LYS C 377 -24.33 2.32 -47.59
CA LYS C 377 -24.44 1.16 -46.70
C LYS C 377 -25.34 1.46 -45.50
N VAL C 378 -25.05 2.54 -44.78
CA VAL C 378 -25.79 2.78 -43.53
C VAL C 378 -27.18 3.32 -43.85
N ALA C 379 -27.31 4.13 -44.90
CA ALA C 379 -28.61 4.75 -45.20
C ALA C 379 -29.59 3.74 -45.80
N HIS C 380 -29.15 2.95 -46.78
CA HIS C 380 -30.04 2.07 -47.51
C HIS C 380 -29.84 0.59 -47.22
N ASN C 381 -28.64 0.15 -46.93
CA ASN C 381 -28.42 -1.23 -46.52
C ASN C 381 -28.56 -1.43 -45.02
N LEU C 382 -28.80 -0.35 -44.26
CA LEU C 382 -29.06 -0.40 -42.82
C LEU C 382 -27.89 -0.94 -42.03
N ASP C 383 -26.68 -0.87 -42.59
CA ASP C 383 -25.52 -1.44 -41.92
C ASP C 383 -25.06 -0.57 -40.75
N SER C 384 -24.39 -1.20 -39.80
CA SER C 384 -23.79 -0.48 -38.69
C SER C 384 -22.64 0.39 -39.20
N LEU C 385 -22.02 1.14 -38.29
CA LEU C 385 -20.96 2.07 -38.65
C LEU C 385 -19.74 1.77 -37.81
N ASN C 386 -18.57 1.74 -38.46
CA ASN C 386 -17.30 1.45 -37.82
C ASN C 386 -16.36 2.60 -38.13
N LEU C 387 -16.07 3.44 -37.13
CA LEU C 387 -15.20 4.58 -37.36
C LEU C 387 -13.73 4.16 -37.40
N ASP C 388 -13.33 3.23 -36.54
CA ASP C 388 -11.94 2.79 -36.54
C ASP C 388 -11.56 2.15 -37.86
N ARG C 389 -12.50 1.42 -38.48
CA ARG C 389 -12.17 0.65 -39.68
C ARG C 389 -11.77 1.58 -40.82
N ASP C 390 -10.61 1.29 -41.41
CA ASP C 390 -10.11 1.98 -42.60
C ASP C 390 -10.35 3.49 -42.54
N LYS C 391 -10.01 4.07 -41.39
CA LYS C 391 -10.01 5.52 -41.23
C LYS C 391 -11.36 6.13 -41.63
N ASN C 392 -12.44 5.48 -41.19
CA ASN C 392 -13.77 5.96 -41.55
C ASN C 392 -14.13 7.24 -40.81
N GLY C 393 -13.83 7.30 -39.51
CA GLY C 393 -14.19 8.48 -38.75
C GLY C 393 -13.58 9.75 -39.29
N ARG C 394 -12.31 9.68 -39.71
CA ARG C 394 -11.62 10.87 -40.19
C ARG C 394 -12.24 11.36 -41.50
N LYS C 395 -12.65 10.45 -42.37
CA LYS C 395 -13.25 10.85 -43.64
C LYS C 395 -14.55 11.60 -43.41
N ILE C 396 -15.40 11.10 -42.52
CA ILE C 396 -16.65 11.80 -42.22
C ILE C 396 -16.35 13.18 -41.66
N THR C 397 -15.35 13.28 -40.79
CA THR C 397 -15.01 14.57 -40.22
C THR C 397 -14.65 15.57 -41.31
N ASN C 398 -13.96 15.12 -42.35
CA ASN C 398 -13.56 16.03 -43.42
C ASN C 398 -14.76 16.45 -44.26
N ALA C 399 -15.69 15.53 -44.51
CA ALA C 399 -16.91 15.88 -45.23
C ALA C 399 -17.63 17.01 -44.52
N VAL C 400 -17.82 16.88 -43.20
CA VAL C 400 -18.46 17.94 -42.43
C VAL C 400 -17.68 19.24 -42.59
N THR C 401 -16.36 19.19 -42.39
CA THR C 401 -15.52 20.36 -42.61
C THR C 401 -15.83 21.00 -43.95
N ALA C 402 -16.00 20.19 -45.00
CA ALA C 402 -16.27 20.72 -46.32
C ALA C 402 -17.61 21.45 -46.37
N VAL C 403 -18.62 20.90 -45.71
CA VAL C 403 -19.95 21.51 -45.76
C VAL C 403 -19.89 22.93 -45.21
N ARG C 404 -19.28 23.12 -44.03
CA ARG C 404 -19.10 24.47 -43.50
C ARG C 404 -18.34 25.34 -44.51
N THR C 405 -17.25 24.80 -45.06
CA THR C 405 -16.43 25.55 -46.00
C THR C 405 -17.25 25.95 -47.23
N MET C 406 -18.05 25.03 -47.77
CA MET C 406 -18.86 25.35 -48.94
C MET C 406 -19.89 26.42 -48.62
N LEU C 407 -20.53 26.34 -47.46
CA LEU C 407 -21.51 27.36 -47.08
C LEU C 407 -20.85 28.73 -47.01
N LEU C 408 -19.63 28.79 -46.48
CA LEU C 408 -18.92 30.06 -46.38
C LEU C 408 -18.67 30.67 -47.75
N ALA C 409 -18.42 29.83 -48.76
CA ALA C 409 -18.17 30.33 -50.10
C ALA C 409 -19.46 30.73 -50.80
N VAL C 410 -20.44 29.82 -50.84
CA VAL C 410 -21.69 30.11 -51.53
C VAL C 410 -22.40 31.31 -50.94
N PHE C 411 -22.23 31.54 -49.64
CA PHE C 411 -22.91 32.63 -48.93
C PHE C 411 -21.86 33.41 -48.13
N PRO C 412 -21.10 34.29 -48.79
CA PRO C 412 -20.08 35.06 -48.05
C PRO C 412 -20.65 35.93 -46.96
N GLU C 413 -21.96 36.20 -46.97
CA GLU C 413 -22.56 37.03 -45.94
C GLU C 413 -22.56 36.34 -44.58
N VAL C 414 -22.61 35.00 -44.56
CA VAL C 414 -22.64 34.27 -43.31
C VAL C 414 -21.42 34.64 -42.47
N GLN C 415 -21.65 34.90 -41.19
CA GLN C 415 -20.58 35.23 -40.26
C GLN C 415 -20.12 33.97 -39.53
N GLU C 416 -18.80 33.81 -39.42
CA GLU C 416 -18.22 32.62 -38.80
C GLU C 416 -18.63 32.49 -37.34
N ASN C 417 -18.82 33.61 -36.65
CA ASN C 417 -19.17 33.56 -35.23
C ASN C 417 -20.53 32.91 -35.01
N ASP C 418 -21.42 33.00 -35.99
CA ASP C 418 -22.76 32.45 -35.85
C ASP C 418 -22.78 30.93 -36.01
N PHE C 419 -21.65 30.31 -36.32
CA PHE C 419 -21.54 28.86 -36.24
C PHE C 419 -21.40 28.36 -34.81
N HIS C 420 -21.06 29.26 -33.87
CA HIS C 420 -21.01 28.96 -32.45
C HIS C 420 -22.37 29.13 -31.78
N TYR C 421 -23.45 29.22 -32.55
CA TYR C 421 -24.76 29.56 -32.01
C TYR C 421 -25.14 28.73 -30.79
N LEU C 422 -24.93 27.41 -30.83
CA LEU C 422 -25.41 26.57 -29.72
C LEU C 422 -24.55 26.77 -28.47
N LYS C 423 -23.25 26.98 -28.64
CA LYS C 423 -22.39 27.25 -27.49
C LYS C 423 -22.82 28.55 -26.81
N GLN C 424 -23.18 29.56 -27.60
CA GLN C 424 -23.67 30.82 -27.05
C GLN C 424 -24.99 30.61 -26.32
N PHE C 425 -25.91 29.85 -26.92
CA PHE C 425 -27.17 29.55 -26.25
C PHE C 425 -26.92 28.80 -24.95
N ASN C 426 -26.05 27.79 -24.98
CA ASN C 426 -25.71 27.06 -23.76
C ASN C 426 -25.21 28.01 -22.68
N GLN C 427 -24.30 28.91 -23.05
CA GLN C 427 -23.74 29.83 -22.05
C GLN C 427 -24.78 30.84 -21.59
N SER C 428 -25.74 31.18 -22.44
CA SER C 428 -26.81 32.07 -22.01
C SER C 428 -27.72 31.38 -21.00
N ILE C 429 -28.11 30.14 -21.28
CA ILE C 429 -28.94 29.40 -20.35
C ILE C 429 -28.21 29.21 -19.02
N LYS C 430 -26.92 28.89 -19.08
CA LYS C 430 -26.13 28.73 -17.86
C LYS C 430 -26.17 29.98 -17.00
N GLU C 431 -26.01 31.15 -17.61
CA GLU C 431 -25.98 32.39 -16.84
C GLU C 431 -27.34 32.70 -16.22
N LEU C 432 -28.42 32.22 -16.81
CA LEU C 432 -29.75 32.43 -16.25
C LEU C 432 -30.11 31.40 -15.20
N LEU C 433 -29.28 30.38 -15.00
CA LEU C 433 -29.52 29.36 -13.99
C LEU C 433 -29.18 29.88 -12.61
N ALA D 3 -3.49 14.12 -0.03
CA ALA D 3 -2.68 14.05 1.21
C ALA D 3 -3.37 14.82 2.33
N MET D 4 -3.70 16.08 2.06
CA MET D 4 -4.25 16.95 3.07
C MET D 4 -5.55 16.38 3.63
N LYS D 5 -5.64 16.33 4.95
CA LYS D 5 -6.87 16.00 5.67
C LYS D 5 -7.29 17.25 6.42
N ILE D 6 -8.35 17.91 5.95
CA ILE D 6 -8.81 19.18 6.50
C ILE D 6 -10.11 18.94 7.27
N LEU D 7 -10.16 19.47 8.48
CA LEU D 7 -11.37 19.45 9.31
C LEU D 7 -11.96 20.86 9.33
N PHE D 8 -13.21 20.98 8.89
CA PHE D 8 -13.99 22.20 9.08
C PHE D 8 -14.94 21.95 10.24
N SER D 9 -14.72 22.64 11.35
CA SER D 9 -15.45 22.38 12.59
C SER D 9 -15.97 23.66 13.22
N PRO D 10 -17.29 23.88 13.24
CA PRO D 10 -17.84 24.90 14.12
C PRO D 10 -17.50 24.58 15.57
N ILE D 11 -17.75 25.54 16.45
CA ILE D 11 -17.45 25.41 17.87
C ILE D 11 -18.71 25.77 18.66
N GLY D 12 -18.98 24.99 19.70
CA GLY D 12 -20.11 25.25 20.57
C GLY D 12 -19.72 25.30 22.03
N ASN D 13 -20.72 25.39 22.92
CA ASN D 13 -20.42 25.50 24.34
C ASN D 13 -19.78 24.24 24.89
N THR D 14 -20.16 23.06 24.37
CA THR D 14 -19.54 21.82 24.82
C THR D 14 -18.05 21.79 24.50
N ASP D 15 -17.62 22.47 23.44
CA ASP D 15 -16.20 22.58 23.14
C ASP D 15 -15.54 23.54 24.13
N PRO D 16 -14.27 23.28 24.51
CA PRO D 16 -13.38 22.20 24.08
C PRO D 16 -13.64 20.85 24.74
N TRP D 17 -14.20 20.86 25.95
CA TRP D 17 -14.47 19.62 26.66
C TRP D 17 -15.55 19.85 27.70
N ARG D 18 -16.25 18.78 28.06
CA ARG D 18 -17.24 18.81 29.12
C ARG D 18 -17.22 17.48 29.86
N ASN D 19 -17.21 17.54 31.19
CA ASN D 19 -17.25 16.34 32.03
C ASN D 19 -16.02 15.46 31.80
N ASP D 20 -14.86 16.10 31.65
CA ASP D 20 -13.58 15.42 31.49
C ASP D 20 -13.52 14.56 30.23
N ARG D 21 -14.50 14.68 29.34
CA ARG D 21 -14.47 14.09 28.01
C ARG D 21 -14.47 15.22 26.99
N ASP D 22 -13.70 15.06 25.92
CA ASP D 22 -13.53 16.19 25.02
C ASP D 22 -14.78 16.39 24.17
N GLY D 23 -14.92 17.61 23.67
CA GLY D 23 -16.03 17.94 22.80
C GLY D 23 -15.79 17.48 21.38
N ALA D 24 -16.82 17.66 20.56
CA ALA D 24 -16.83 17.13 19.21
C ALA D 24 -15.57 17.53 18.44
N MET D 25 -15.27 18.82 18.36
CA MET D 25 -14.13 19.27 17.55
C MET D 25 -12.87 18.54 17.97
N LEU D 26 -12.56 18.58 19.26
CA LEU D 26 -11.30 18.02 19.75
C LEU D 26 -11.31 16.50 19.65
N HIS D 27 -12.46 15.86 19.79
CA HIS D 27 -12.52 14.41 19.62
C HIS D 27 -12.19 14.03 18.18
N ILE D 28 -12.70 14.78 17.21
CA ILE D 28 -12.39 14.49 15.81
C ILE D 28 -10.92 14.77 15.55
N VAL D 29 -10.36 15.80 16.17
CA VAL D 29 -8.94 16.11 16.03
C VAL D 29 -8.11 14.95 16.55
N ARG D 30 -8.54 14.33 17.66
CA ARG D 30 -7.79 13.25 18.28
C ARG D 30 -7.79 12.00 17.41
N HIS D 31 -8.95 11.63 16.89
CA HIS D 31 -9.11 10.35 16.22
C HIS D 31 -8.95 10.43 14.71
N TYR D 32 -8.93 11.63 14.13
CA TYR D 32 -8.69 11.78 12.71
C TYR D 32 -7.40 12.53 12.38
N GLN D 33 -6.81 13.23 13.35
CA GLN D 33 -5.50 13.85 13.20
C GLN D 33 -5.38 14.66 11.88
N PRO D 34 -6.28 15.61 11.66
CA PRO D 34 -6.21 16.39 10.42
C PRO D 34 -4.93 17.19 10.32
N ASP D 35 -4.55 17.52 9.08
CA ASP D 35 -3.37 18.34 8.82
C ASP D 35 -3.67 19.83 8.90
N ARG D 36 -4.92 20.24 8.71
CA ARG D 36 -5.35 21.61 8.85
C ARG D 36 -6.74 21.63 9.45
N VAL D 37 -7.01 22.61 10.31
CA VAL D 37 -8.29 22.74 10.98
C VAL D 37 -8.81 24.15 10.76
N VAL D 38 -10.09 24.26 10.41
CA VAL D 38 -10.77 25.54 10.23
C VAL D 38 -11.89 25.61 11.26
N LEU D 39 -11.72 26.42 12.29
CA LEU D 39 -12.71 26.59 13.34
C LEU D 39 -13.58 27.81 13.02
N PHE D 40 -14.89 27.66 13.16
CA PHE D 40 -15.84 28.74 12.95
C PHE D 40 -16.49 29.10 14.28
N PHE D 41 -16.32 30.35 14.71
CA PHE D 41 -16.89 30.86 15.94
C PHE D 41 -17.95 31.89 15.61
N THR D 42 -19.15 31.72 16.16
CA THR D 42 -20.10 32.82 16.21
C THR D 42 -19.52 33.91 17.10
N GLU D 43 -19.75 35.17 16.71
CA GLU D 43 -19.22 36.27 17.51
C GLU D 43 -19.77 36.24 18.94
N SER D 44 -20.99 35.72 19.11
CA SER D 44 -21.60 35.74 20.44
C SER D 44 -21.04 34.65 21.36
N ILE D 45 -20.57 33.54 20.78
CA ILE D 45 -19.96 32.51 21.60
C ILE D 45 -18.50 32.85 21.88
N TRP D 46 -17.84 33.55 20.96
CA TRP D 46 -16.47 34.03 21.21
C TRP D 46 -16.42 35.00 22.38
N GLN D 47 -17.49 35.78 22.59
CA GLN D 47 -17.50 36.84 23.59
C GLN D 47 -18.50 36.59 24.72
N GLY D 48 -19.79 36.51 24.37
CA GLY D 48 -20.88 36.64 25.32
C GLY D 48 -20.70 35.93 26.65
N ASN D 49 -20.93 36.67 27.74
CA ASN D 49 -20.76 36.11 29.07
C ASN D 49 -21.85 35.08 29.36
N GLN D 50 -23.07 35.37 28.90
CA GLN D 50 -24.23 34.49 28.98
C GLN D 50 -24.16 33.42 30.06
N GLY D 54 -17.25 32.27 27.12
CA GLY D 54 -16.40 32.96 26.16
C GLY D 54 -15.30 32.08 25.60
N GLN D 55 -15.46 31.68 24.33
CA GLN D 55 -14.49 30.80 23.70
C GLN D 55 -13.15 31.49 23.48
N GLN D 56 -13.13 32.82 23.40
CA GLN D 56 -11.87 33.54 23.18
C GLN D 56 -10.87 33.31 24.30
N ALA D 57 -11.35 32.97 25.50
CA ALA D 57 -10.45 32.80 26.63
C ALA D 57 -9.52 31.60 26.46
N PHE D 58 -9.98 30.57 25.75
CA PHE D 58 -9.18 29.37 25.56
C PHE D 58 -8.14 29.60 24.46
N ASP D 59 -7.09 28.77 24.49
CA ASP D 59 -6.01 28.83 23.50
C ASP D 59 -6.20 27.65 22.54
N TRP D 60 -7.04 27.86 21.54
CA TRP D 60 -7.39 26.77 20.62
C TRP D 60 -6.16 26.25 19.89
N VAL D 61 -5.31 27.15 19.40
CA VAL D 61 -4.10 26.73 18.70
C VAL D 61 -3.28 25.81 19.60
N LYS D 62 -3.11 26.21 20.86
CA LYS D 62 -2.34 25.37 21.80
C LYS D 62 -3.03 24.03 22.01
N ILE D 63 -4.32 24.06 22.36
CA ILE D 63 -5.04 22.82 22.68
C ILE D 63 -4.96 21.85 21.51
N ILE D 64 -5.32 22.32 20.32
CA ILE D 64 -5.40 21.44 19.16
C ILE D 64 -4.04 20.82 18.86
N GLN D 65 -2.99 21.64 18.88
CA GLN D 65 -1.65 21.14 18.55
C GLN D 65 -1.08 20.24 19.63
N SER D 66 -1.69 20.21 20.81
CA SER D 66 -1.14 19.40 21.90
C SER D 66 -1.34 17.90 21.65
N ILE D 67 -2.40 17.52 20.93
CA ILE D 67 -2.67 16.13 20.63
C ILE D 67 -2.58 15.83 19.14
N ASN D 68 -2.06 16.76 18.35
CA ASN D 68 -1.95 16.61 16.89
C ASN D 68 -0.51 16.86 16.45
N GLU D 69 -0.19 16.41 15.24
CA GLU D 69 1.19 16.44 14.71
C GLU D 69 1.45 17.75 13.98
N ASN D 70 1.68 18.82 14.75
CA ASN D 70 1.93 20.15 14.20
C ASN D 70 0.94 20.46 13.08
N CYS D 71 -0.32 20.58 13.45
CA CYS D 71 -1.42 20.83 12.54
C CYS D 71 -1.63 22.32 12.33
N GLN D 72 -2.00 22.69 11.09
CA GLN D 72 -2.28 24.09 10.76
C GLN D 72 -3.68 24.44 11.24
N ILE D 73 -3.81 25.58 11.93
CA ILE D 73 -5.09 26.00 12.49
C ILE D 73 -5.46 27.38 11.96
N GLU D 74 -6.70 27.50 11.49
CA GLU D 74 -7.28 28.76 11.03
C GLU D 74 -8.55 29.03 11.84
N ILE D 75 -8.60 30.17 12.51
CA ILE D 75 -9.77 30.58 13.27
C ILE D 75 -10.56 31.58 12.45
N LYS D 76 -11.85 31.30 12.28
CA LYS D 76 -12.77 32.20 11.58
C LYS D 76 -13.90 32.57 12.52
N CYS D 77 -14.20 33.86 12.60
CA CYS D 77 -15.16 34.42 13.53
C CYS D 77 -16.06 35.39 12.78
N ASP D 78 -17.37 35.19 12.89
CA ASP D 78 -18.34 36.01 12.18
C ASP D 78 -19.45 36.45 13.11
N THR D 79 -20.06 37.59 12.77
CA THR D 79 -21.17 38.15 13.53
C THR D 79 -22.47 37.58 12.97
N ILE D 80 -23.17 36.79 13.78
CA ILE D 80 -24.43 36.17 13.39
C ILE D 80 -25.53 36.78 14.25
N GLU D 81 -26.44 37.50 13.61
CA GLU D 81 -27.49 38.17 14.38
C GLU D 81 -28.48 37.17 14.97
N VAL D 82 -28.86 36.16 14.20
CA VAL D 82 -29.80 35.13 14.63
C VAL D 82 -29.10 33.80 14.43
N GLU D 83 -28.62 33.20 15.52
CA GLU D 83 -27.77 32.02 15.41
C GLU D 83 -28.53 30.75 15.05
N ASN D 84 -29.86 30.76 15.06
CA ASN D 84 -30.66 29.62 14.63
C ASN D 84 -31.25 29.83 13.23
N ASP D 85 -30.60 30.65 12.41
CA ASP D 85 -31.14 31.09 11.12
C ASP D 85 -30.32 30.45 10.00
N PHE D 86 -31.00 29.64 9.18
CA PHE D 86 -30.29 28.92 8.12
C PHE D 86 -29.63 29.87 7.12
N ASP D 87 -30.24 31.03 6.87
CA ASP D 87 -29.63 31.98 5.94
C ASP D 87 -28.20 32.32 6.37
N ALA D 88 -27.97 32.41 7.68
CA ALA D 88 -26.68 32.84 8.18
C ALA D 88 -25.56 31.84 7.88
N TYR D 89 -25.88 30.63 7.44
CA TYR D 89 -24.85 29.61 7.30
C TYR D 89 -24.78 28.98 5.92
N LYS D 90 -25.92 28.83 5.24
CA LYS D 90 -25.90 28.09 3.98
C LYS D 90 -25.00 28.74 2.94
N ASP D 91 -24.92 30.07 2.93
CA ASP D 91 -24.01 30.77 2.03
C ASP D 91 -22.63 30.97 2.63
N LEU D 92 -22.57 31.31 3.92
CA LEU D 92 -21.28 31.51 4.58
C LEU D 92 -20.46 30.23 4.59
N PHE D 93 -21.02 29.15 5.15
CA PHE D 93 -20.28 27.88 5.20
C PHE D 93 -19.90 27.41 3.80
N HIS D 94 -20.80 27.56 2.82
CA HIS D 94 -20.47 27.18 1.44
C HIS D 94 -19.21 27.92 0.98
N GLN D 95 -19.07 29.20 1.34
CA GLN D 95 -17.89 29.95 0.93
C GLN D 95 -16.61 29.34 1.52
N TYR D 96 -16.63 29.01 2.81
CA TYR D 96 -15.43 28.49 3.46
C TYR D 96 -15.01 27.15 2.85
N LEU D 97 -15.96 26.25 2.65
CA LEU D 97 -15.63 24.94 2.12
C LEU D 97 -15.26 25.02 0.65
N VAL D 98 -15.91 25.91 -0.11
CA VAL D 98 -15.47 26.17 -1.48
C VAL D 98 -14.01 26.60 -1.50
N GLU D 99 -13.63 27.49 -0.59
CA GLU D 99 -12.26 27.97 -0.55
C GLU D 99 -11.29 26.82 -0.28
N GLU D 100 -11.56 26.02 0.75
CA GLU D 100 -10.66 24.92 1.08
C GLU D 100 -10.52 23.95 -0.08
N LYS D 101 -11.65 23.57 -0.69
CA LYS D 101 -11.59 22.69 -1.86
C LYS D 101 -10.73 23.31 -2.97
N ARG D 102 -10.88 24.61 -3.20
CA ARG D 102 -10.09 25.27 -4.24
C ARG D 102 -8.61 25.22 -3.91
N LYS D 103 -8.26 25.57 -2.67
CA LYS D 103 -6.84 25.65 -2.30
C LYS D 103 -6.20 24.27 -2.23
N TYR D 104 -6.97 23.23 -1.91
CA TYR D 104 -6.46 21.88 -1.78
C TYR D 104 -7.38 20.92 -2.54
N PRO D 105 -7.21 20.83 -3.86
CA PRO D 105 -8.16 20.01 -4.65
C PRO D 105 -8.19 18.53 -4.29
N ASN D 106 -7.08 17.93 -3.88
CA ASN D 106 -7.04 16.50 -3.61
C ASN D 106 -7.25 16.16 -2.14
N ALA D 107 -7.66 17.12 -1.32
CA ALA D 107 -7.79 16.90 0.11
C ALA D 107 -9.14 16.28 0.44
N GLU D 108 -9.12 15.41 1.45
CA GLU D 108 -10.37 14.91 2.04
C GLU D 108 -10.84 15.91 3.10
N ILE D 109 -12.08 16.37 2.96
CA ILE D 109 -12.64 17.38 3.84
C ILE D 109 -13.53 16.69 4.87
N PHE D 110 -13.22 16.90 6.15
CA PHE D 110 -14.01 16.37 7.26
C PHE D 110 -14.81 17.51 7.87
N LEU D 111 -16.11 17.30 8.02
CA LEU D 111 -17.02 18.31 8.55
C LEU D 111 -17.55 17.87 9.91
N ASN D 112 -17.40 18.74 10.91
CA ASN D 112 -17.93 18.45 12.24
C ASN D 112 -19.42 18.80 12.25
N VAL D 113 -20.26 17.79 12.41
CA VAL D 113 -21.70 17.95 12.40
C VAL D 113 -22.30 17.90 13.80
N THR D 114 -21.47 17.95 14.84
CA THR D 114 -21.96 17.90 16.20
C THR D 114 -21.81 19.22 16.95
N SER D 115 -20.76 19.99 16.67
CA SER D 115 -20.56 21.25 17.36
C SER D 115 -21.45 22.34 16.77
N GLY D 116 -21.82 23.30 17.60
CA GLY D 116 -22.63 24.41 17.17
C GLY D 116 -24.11 24.16 17.39
N THR D 117 -24.90 25.07 16.86
CA THR D 117 -26.35 24.93 16.89
C THR D 117 -26.79 23.85 15.91
N PRO D 118 -27.96 23.26 16.12
CA PRO D 118 -28.45 22.25 15.17
C PRO D 118 -28.46 22.72 13.73
N GLN D 119 -28.74 24.00 13.49
CA GLN D 119 -28.76 24.50 12.12
C GLN D 119 -27.37 24.49 11.50
N MET D 120 -26.33 24.73 12.30
CA MET D 120 -24.97 24.57 11.80
C MET D 120 -24.73 23.14 11.33
N GLU D 121 -25.26 22.17 12.08
CA GLU D 121 -25.08 20.77 11.74
C GLU D 121 -25.95 20.36 10.55
N THR D 122 -27.17 20.87 10.48
CA THR D 122 -28.03 20.60 9.34
C THR D 122 -27.45 21.20 8.06
N THR D 123 -26.91 22.42 8.16
CA THR D 123 -26.35 23.06 6.97
C THR D 123 -25.19 22.26 6.41
N LEU D 124 -24.25 21.85 7.27
CA LEU D 124 -23.10 21.08 6.80
C LEU D 124 -23.53 19.78 6.16
N CYS D 125 -24.60 19.15 6.66
CA CYS D 125 -25.12 17.94 6.02
C CYS D 125 -25.67 18.26 4.64
N LEU D 126 -26.45 19.33 4.53
CA LEU D 126 -26.99 19.74 3.25
C LEU D 126 -25.88 20.07 2.26
N GLU D 127 -24.78 20.65 2.75
CA GLU D 127 -23.64 20.90 1.88
C GLU D 127 -23.03 19.60 1.38
N TYR D 128 -22.78 18.66 2.30
CA TYR D 128 -22.26 17.36 1.92
C TYR D 128 -23.16 16.68 0.89
N VAL D 129 -24.48 16.71 1.12
CA VAL D 129 -25.40 16.10 0.18
C VAL D 129 -25.29 16.74 -1.19
N THR D 130 -24.97 18.02 -1.25
CA THR D 130 -24.87 18.74 -2.52
C THR D 130 -23.50 18.59 -3.17
N TYR D 131 -22.44 18.51 -2.37
CA TYR D 131 -21.06 18.43 -2.88
C TYR D 131 -20.35 17.30 -2.15
N PRO D 132 -20.71 16.04 -2.47
CA PRO D 132 -20.13 14.91 -1.73
C PRO D 132 -18.66 14.65 -2.02
N ASP D 133 -18.13 15.16 -3.12
CA ASP D 133 -16.81 14.75 -3.58
C ASP D 133 -15.74 15.07 -2.54
N LYS D 134 -15.05 14.03 -2.07
CA LYS D 134 -13.95 14.16 -1.12
C LYS D 134 -14.38 14.85 0.17
N MET D 135 -15.63 14.65 0.58
CA MET D 135 -16.15 15.23 1.81
C MET D 135 -16.87 14.14 2.59
N ARG D 136 -16.96 14.34 3.90
CA ARG D 136 -17.67 13.40 4.76
C ARG D 136 -18.03 14.10 6.07
N CYS D 137 -19.17 13.70 6.63
CA CYS D 137 -19.69 14.29 7.86
C CYS D 137 -19.41 13.38 9.04
N ILE D 138 -18.82 13.96 10.09
CA ILE D 138 -18.42 13.21 11.28
C ILE D 138 -19.24 13.70 12.46
N GLN D 139 -19.76 12.76 13.24
CA GLN D 139 -20.57 13.03 14.42
C GLN D 139 -19.85 12.49 15.65
N VAL D 140 -20.04 13.15 16.78
CA VAL D 140 -19.45 12.74 18.05
C VAL D 140 -20.58 12.59 19.06
N SER D 141 -20.75 11.37 19.58
CA SER D 141 -21.81 11.11 20.54
C SER D 141 -21.42 11.60 21.94
N THR D 142 -22.43 11.94 22.74
CA THR D 142 -22.18 12.22 24.14
C THR D 142 -21.65 10.97 24.83
N PRO D 143 -20.78 11.11 25.84
CA PRO D 143 -20.20 9.93 26.48
C PRO D 143 -21.23 8.87 26.86
N LEU D 144 -22.16 9.20 27.76
CA LEU D 144 -23.15 8.23 28.21
C LEU D 144 -24.34 8.19 27.26
N TYR D 153 -18.29 21.73 32.76
CA TYR D 153 -18.05 22.67 31.68
C TYR D 153 -16.60 23.14 31.71
N ALA D 154 -16.03 23.39 30.53
CA ALA D 154 -14.64 23.81 30.45
C ALA D 154 -14.46 25.22 31.01
N GLN D 155 -13.29 25.48 31.54
CA GLN D 155 -12.94 26.80 32.07
C GLN D 155 -11.53 27.17 31.62
N ALA D 156 -11.38 28.43 31.20
CA ALA D 156 -10.16 28.89 30.56
C ALA D 156 -9.01 29.10 31.53
N ASP D 157 -9.29 29.23 32.82
CA ASP D 157 -8.22 29.44 33.80
C ASP D 157 -7.55 28.14 34.23
N CYS D 158 -8.06 26.99 33.81
CA CYS D 158 -7.51 25.70 34.18
C CYS D 158 -7.40 24.79 32.97
N GLN D 159 -7.04 25.36 31.82
CA GLN D 159 -6.97 24.57 30.59
C GLN D 159 -5.91 23.49 30.71
N GLU D 160 -4.69 23.87 31.10
CA GLU D 160 -3.56 22.94 31.06
C GLU D 160 -3.83 21.70 31.88
N VAL D 161 -4.37 21.87 33.09
CA VAL D 161 -4.66 20.71 33.93
C VAL D 161 -5.89 19.97 33.41
N ASP D 162 -6.93 20.71 33.02
CA ASP D 162 -8.15 20.07 32.55
C ASP D 162 -7.90 19.27 31.28
N LEU D 163 -7.04 19.79 30.39
CA LEU D 163 -6.73 19.05 29.17
C LEU D 163 -6.05 17.72 29.51
N GLU D 164 -5.17 17.71 30.52
CA GLU D 164 -4.52 16.48 30.90
C GLU D 164 -5.51 15.45 31.41
N ILE D 165 -6.49 15.89 32.19
CA ILE D 165 -7.49 14.95 32.72
C ILE D 165 -8.33 14.38 31.58
N VAL D 166 -8.70 15.22 30.61
CA VAL D 166 -9.42 14.72 29.44
C VAL D 166 -8.53 13.76 28.67
N ASN D 167 -7.24 14.10 28.50
CA ASN D 167 -6.31 13.21 27.84
C ASN D 167 -6.29 11.83 28.49
N GLU D 168 -6.05 11.79 29.80
CA GLU D 168 -5.96 10.51 30.49
C GLU D 168 -7.28 9.77 30.47
N GLU D 169 -8.40 10.49 30.59
CA GLU D 169 -9.69 9.82 30.61
C GLU D 169 -10.06 9.29 29.22
N GLU D 170 -9.63 9.97 28.16
CA GLU D 170 -9.93 9.55 26.80
C GLU D 170 -9.00 8.44 26.32
N SER D 171 -7.89 8.21 27.03
CA SER D 171 -6.92 7.22 26.57
C SER D 171 -7.48 5.81 26.65
N GLN D 172 -8.38 5.54 27.60
CA GLN D 172 -8.95 4.22 27.80
C GLN D 172 -10.38 4.10 27.28
N GLN D 173 -10.81 5.03 26.43
CA GLN D 173 -12.17 5.08 25.92
C GLN D 173 -12.19 4.90 24.40
N PRO D 174 -13.20 4.22 23.86
CA PRO D 174 -13.24 4.01 22.41
C PRO D 174 -13.57 5.30 21.65
N SER D 175 -13.33 5.25 20.33
CA SER D 175 -13.33 6.43 19.49
C SER D 175 -14.52 7.37 19.73
N ARG D 176 -15.74 6.86 19.75
CA ARG D 176 -16.95 7.65 19.95
C ARG D 176 -17.27 8.53 18.76
N CYS D 177 -16.59 8.32 17.62
CA CYS D 177 -16.70 9.13 16.42
C CYS D 177 -17.34 8.27 15.33
N HIS D 178 -18.39 8.79 14.71
CA HIS D 178 -19.15 8.00 13.75
C HIS D 178 -19.28 8.74 12.43
N LYS D 179 -18.91 8.06 11.34
CA LYS D 179 -19.16 8.59 10.02
C LYS D 179 -20.66 8.49 9.71
N ILE D 180 -21.23 9.57 9.22
CA ILE D 180 -22.67 9.65 9.00
C ILE D 180 -23.00 9.15 7.60
N ALA D 181 -24.11 8.42 7.48
CA ALA D 181 -24.55 7.81 6.22
C ALA D 181 -25.88 8.45 5.84
N ILE D 182 -25.82 9.50 5.01
CA ILE D 182 -27.00 10.20 4.55
C ILE D 182 -27.01 10.42 3.05
N LEU D 183 -26.00 9.94 2.33
CA LEU D 183 -25.99 10.09 0.87
C LEU D 183 -27.14 9.34 0.20
N SER D 184 -27.86 8.50 0.95
CA SER D 184 -29.09 7.92 0.43
C SER D 184 -30.01 8.99 -0.15
N PHE D 185 -30.08 10.14 0.52
CA PHE D 185 -31.01 11.19 0.08
C PHE D 185 -30.65 11.69 -1.31
N ARG D 186 -29.37 11.93 -1.58
CA ARG D 186 -28.96 12.37 -2.90
C ARG D 186 -29.25 11.30 -3.95
N GLU D 187 -28.91 10.05 -3.64
CA GLU D 187 -29.17 8.95 -4.55
C GLU D 187 -30.65 8.87 -4.95
N ALA D 188 -31.54 9.25 -4.04
CA ALA D 188 -32.97 9.22 -4.35
C ALA D 188 -33.35 10.35 -5.29
N ILE D 189 -32.78 11.54 -5.09
CA ILE D 189 -33.01 12.63 -6.03
C ILE D 189 -32.55 12.23 -7.42
N VAL D 190 -31.35 11.62 -7.51
CA VAL D 190 -30.81 11.22 -8.79
C VAL D 190 -31.56 10.03 -9.36
N ARG D 191 -32.06 9.14 -8.50
CA ARG D 191 -32.83 8.00 -8.97
C ARG D 191 -34.10 8.47 -9.69
N ASN D 192 -34.93 9.27 -9.00
CA ASN D 192 -36.18 9.71 -9.58
C ASN D 192 -35.94 10.58 -10.81
N GLN D 193 -34.82 11.30 -10.85
CA GLN D 193 -34.48 12.04 -12.07
C GLN D 193 -34.20 11.09 -13.22
N ILE D 194 -33.47 10.01 -12.96
CA ILE D 194 -33.08 9.09 -14.02
C ILE D 194 -34.30 8.40 -14.62
N LYS D 195 -35.26 8.02 -13.78
CA LYS D 195 -36.43 7.29 -14.28
C LYS D 195 -37.11 8.05 -15.41
N SER D 196 -37.37 9.34 -15.22
CA SER D 196 -38.01 10.12 -16.26
C SER D 196 -37.12 10.25 -17.50
N LEU D 197 -35.80 10.31 -17.32
CA LEU D 197 -34.91 10.40 -18.47
C LEU D 197 -34.98 9.12 -19.32
N LEU D 198 -35.05 7.96 -18.66
CA LEU D 198 -35.23 6.72 -19.41
C LEU D 198 -36.55 6.73 -20.18
N ASP D 199 -37.61 7.29 -19.58
CA ASP D 199 -38.91 7.31 -20.25
C ASP D 199 -38.86 8.08 -21.55
N ASN D 200 -38.01 9.10 -21.64
CA ASN D 200 -37.87 9.88 -22.87
C ASN D 200 -36.69 9.42 -23.72
N TYR D 201 -36.12 8.25 -23.41
CA TYR D 201 -35.03 7.68 -24.19
C TYR D 201 -33.80 8.59 -24.18
N ASP D 202 -33.62 9.35 -23.10
CA ASP D 202 -32.42 10.18 -22.94
C ASP D 202 -31.35 9.37 -22.20
N TYR D 203 -30.77 8.43 -22.95
CA TYR D 203 -29.86 7.46 -22.33
C TYR D 203 -28.51 8.08 -22.02
N GLU D 204 -28.03 8.97 -22.88
CA GLU D 204 -26.79 9.69 -22.58
C GLU D 204 -26.97 10.58 -21.35
N ALA D 205 -28.14 11.16 -21.20
CA ALA D 205 -28.43 11.94 -19.99
C ALA D 205 -28.51 11.03 -18.77
N ALA D 206 -29.23 9.91 -18.88
CA ALA D 206 -29.32 8.98 -17.77
C ALA D 206 -27.95 8.43 -17.40
N LEU D 207 -27.10 8.21 -18.41
CA LEU D 207 -25.73 7.75 -18.15
C LEU D 207 -24.94 8.83 -17.42
N GLN D 208 -25.08 10.09 -17.83
CA GLN D 208 -24.37 11.17 -17.15
C GLN D 208 -24.71 11.20 -15.67
N LEU D 209 -25.99 11.11 -15.34
CA LEU D 209 -26.40 11.19 -13.93
C LEU D 209 -25.98 9.94 -13.16
N VAL D 210 -26.15 8.76 -13.75
CA VAL D 210 -25.69 7.54 -13.08
C VAL D 210 -24.20 7.63 -12.78
N ALA D 211 -23.41 8.00 -13.80
CA ALA D 211 -21.97 8.12 -13.60
C ALA D 211 -21.64 9.19 -12.56
N SER D 212 -22.41 10.28 -12.54
CA SER D 212 -22.18 11.33 -11.55
C SER D 212 -22.37 10.82 -10.13
N GLN D 213 -23.29 9.88 -9.94
CA GLN D 213 -23.66 9.38 -8.61
C GLN D 213 -22.86 8.11 -8.35
N LYS D 214 -21.67 8.26 -7.78
CA LYS D 214 -20.76 7.15 -7.61
C LYS D 214 -21.25 6.08 -6.64
N SER D 215 -22.34 6.34 -5.91
CA SER D 215 -22.75 5.46 -4.82
C SER D 215 -23.78 4.42 -5.23
N PHE D 216 -24.25 4.44 -6.47
CA PHE D 216 -25.24 3.44 -6.89
C PHE D 216 -24.65 2.03 -6.76
N ARG D 217 -25.36 1.17 -6.04
CA ARG D 217 -24.87 -0.18 -5.81
C ARG D 217 -24.66 -0.92 -7.14
N ASN D 218 -25.55 -0.69 -8.10
CA ASN D 218 -25.50 -1.36 -9.39
C ASN D 218 -24.95 -0.47 -10.50
N GLY D 219 -24.22 0.58 -10.14
CA GLY D 219 -23.79 1.55 -11.13
C GLY D 219 -22.93 0.95 -12.22
N LYS D 220 -21.97 0.10 -11.85
CA LYS D 220 -21.09 -0.53 -12.83
C LYS D 220 -21.89 -1.23 -13.92
N GLU D 221 -22.85 -2.07 -13.53
CA GLU D 221 -23.66 -2.78 -14.50
C GLU D 221 -24.52 -1.82 -15.32
N ILE D 222 -25.16 -0.86 -14.64
CA ILE D 222 -26.02 0.09 -15.34
C ILE D 222 -25.23 0.85 -16.40
N ARG D 223 -24.00 1.24 -16.08
CA ARG D 223 -23.18 1.97 -17.05
C ARG D 223 -22.91 1.13 -18.28
N LYS D 224 -22.54 -0.13 -18.10
CA LYS D 224 -22.24 -0.99 -19.24
C LYS D 224 -23.46 -1.18 -20.11
N LYS D 225 -24.63 -1.44 -19.50
CA LYS D 225 -25.84 -1.62 -20.29
C LYS D 225 -26.24 -0.33 -21.01
N LEU D 226 -25.92 0.82 -20.43
CA LEU D 226 -26.29 2.08 -21.07
C LEU D 226 -25.32 2.46 -22.19
N LYS D 227 -24.02 2.22 -21.97
CA LYS D 227 -23.04 2.53 -23.01
C LYS D 227 -23.29 1.69 -24.26
N GLU D 228 -23.58 0.40 -24.09
CA GLU D 228 -23.83 -0.47 -25.23
C GLU D 228 -24.98 0.06 -26.08
N LEU D 229 -26.14 0.28 -25.45
CA LEU D 229 -27.28 0.80 -26.17
C LEU D 229 -26.97 2.16 -26.81
N ILE D 230 -26.28 3.01 -26.07
CA ILE D 230 -25.94 4.33 -26.60
C ILE D 230 -25.12 4.20 -27.88
N ASP D 231 -24.16 3.27 -27.90
CA ASP D 231 -23.38 3.06 -29.11
C ASP D 231 -24.17 2.33 -30.18
N ASP D 232 -25.12 1.47 -29.79
CA ASP D 232 -26.00 0.85 -30.77
C ASP D 232 -26.82 1.91 -31.49
N ILE D 233 -27.40 2.84 -30.73
CA ILE D 233 -28.19 3.91 -31.34
C ILE D 233 -27.32 4.76 -32.24
N LYS D 234 -26.17 5.20 -31.73
CA LYS D 234 -25.36 6.17 -32.46
C LYS D 234 -24.80 5.60 -33.74
N MET D 235 -24.40 4.33 -33.74
CA MET D 235 -23.76 3.71 -34.89
C MET D 235 -24.64 2.68 -35.58
N HIS D 236 -25.94 2.65 -35.25
CA HIS D 236 -26.91 1.73 -35.86
C HIS D 236 -26.47 0.28 -35.74
N ARG D 237 -25.90 -0.09 -34.61
CA ARG D 237 -25.54 -1.48 -34.36
C ARG D 237 -26.76 -2.26 -33.87
N VAL D 238 -26.92 -3.49 -34.39
CA VAL D 238 -28.02 -4.32 -33.94
C VAL D 238 -27.81 -4.70 -32.48
N PHE D 239 -28.89 -4.66 -31.69
CA PHE D 239 -28.81 -5.02 -30.29
C PHE D 239 -28.44 -6.49 -30.16
N SER D 240 -27.49 -6.79 -29.26
CA SER D 240 -27.06 -8.17 -29.06
C SER D 240 -28.26 -9.09 -28.81
N TYR D 241 -29.26 -8.60 -28.07
CA TYR D 241 -30.45 -9.41 -27.83
C TYR D 241 -31.08 -9.85 -29.15
N LEU D 242 -31.19 -8.93 -30.11
CA LEU D 242 -31.77 -9.29 -31.40
C LEU D 242 -30.88 -10.26 -32.16
N ILE D 243 -29.56 -10.14 -32.02
CA ILE D 243 -28.66 -11.04 -32.72
C ILE D 243 -28.85 -12.48 -32.23
N LYS D 244 -28.99 -12.66 -30.92
CA LYS D 244 -29.23 -14.00 -30.38
C LYS D 244 -30.66 -14.46 -30.67
N GLN D 245 -31.62 -13.53 -30.67
CA GLN D 245 -33.02 -13.92 -30.83
C GLN D 245 -33.31 -14.36 -32.25
N TYR D 246 -32.74 -13.67 -33.24
CA TYR D 246 -33.03 -13.90 -34.66
C TYR D 246 -31.76 -14.21 -35.43
N PRO D 247 -31.14 -15.37 -35.22
CA PRO D 247 -29.91 -15.70 -35.93
C PRO D 247 -30.21 -16.19 -37.35
N ARG D 248 -29.20 -16.02 -38.20
CA ARG D 248 -29.17 -16.46 -39.60
C ARG D 248 -30.00 -15.57 -40.52
N ASN D 249 -30.60 -14.49 -40.01
CA ASN D 249 -31.32 -13.52 -40.84
C ASN D 249 -30.83 -12.12 -40.46
N GLU D 250 -29.72 -11.71 -41.06
CA GLU D 250 -29.22 -10.35 -40.86
C GLU D 250 -30.26 -9.33 -41.31
N LYS D 251 -30.92 -9.58 -42.44
CA LYS D 251 -31.91 -8.63 -42.93
C LYS D 251 -33.02 -8.43 -41.91
N LEU D 252 -33.50 -9.49 -41.28
CA LEU D 252 -34.52 -9.34 -40.25
C LEU D 252 -33.96 -8.52 -39.09
N GLN D 253 -32.74 -8.84 -38.65
CA GLN D 253 -32.10 -8.08 -37.58
C GLN D 253 -32.10 -6.59 -37.89
N LYS D 254 -31.60 -6.22 -39.07
CA LYS D 254 -31.42 -4.80 -39.37
C LYS D 254 -32.76 -4.11 -39.61
N ALA D 255 -33.64 -4.74 -40.39
CA ALA D 255 -34.98 -4.18 -40.58
C ALA D 255 -35.66 -3.95 -39.23
N LEU D 256 -35.45 -4.86 -38.28
CA LEU D 256 -36.08 -4.72 -36.97
C LEU D 256 -35.41 -3.62 -36.15
N LEU D 257 -34.08 -3.60 -36.12
CA LEU D 257 -33.37 -2.54 -35.42
C LEU D 257 -33.88 -1.16 -35.85
N HIS D 258 -33.99 -0.95 -37.16
CA HIS D 258 -34.40 0.36 -37.66
C HIS D 258 -35.88 0.61 -37.42
N THR D 259 -36.69 -0.44 -37.33
CA THR D 259 -38.09 -0.23 -36.97
C THR D 259 -38.21 0.18 -35.51
N ILE D 260 -37.30 -0.30 -34.66
CA ILE D 260 -37.30 0.13 -33.26
C ILE D 260 -36.83 1.58 -33.16
N LEU D 261 -35.70 1.89 -33.81
CA LEU D 261 -35.19 3.26 -33.77
C LEU D 261 -36.18 4.24 -34.38
N LEU D 262 -36.86 3.83 -35.45
CA LEU D 262 -37.86 4.70 -36.06
C LEU D 262 -38.97 5.05 -35.07
N GLU D 263 -39.58 4.02 -34.47
CA GLU D 263 -40.68 4.28 -33.54
C GLU D 263 -40.20 5.02 -32.30
N MET D 264 -38.97 4.76 -31.85
CA MET D 264 -38.40 5.58 -30.78
C MET D 264 -38.36 7.04 -31.18
N ARG D 265 -37.65 7.35 -32.27
CA ARG D 265 -37.59 8.71 -32.78
C ARG D 265 -38.98 9.32 -32.86
N HIS D 266 -39.91 8.62 -33.48
CA HIS D 266 -41.24 9.17 -33.72
C HIS D 266 -41.99 9.41 -32.41
N GLN D 267 -41.85 8.51 -31.44
CA GLN D 267 -42.67 8.59 -30.23
C GLN D 267 -42.38 9.87 -29.46
N ARG D 268 -41.10 10.21 -29.28
CA ARG D 268 -40.69 11.30 -28.42
C ARG D 268 -40.56 12.64 -29.16
N GLY D 269 -41.20 12.78 -30.31
CA GLY D 269 -41.00 13.94 -31.14
C GLY D 269 -40.06 13.62 -32.30
N ASP D 270 -39.13 14.51 -32.60
CA ASP D 270 -38.16 14.29 -33.66
C ASP D 270 -38.87 13.80 -34.93
N ILE D 271 -39.92 14.53 -35.32
CA ILE D 271 -40.77 14.05 -36.41
C ILE D 271 -40.08 14.24 -37.75
N ALA D 272 -39.36 15.36 -37.93
CA ALA D 272 -38.61 15.56 -39.15
C ALA D 272 -37.60 14.43 -39.36
N GLU D 273 -36.80 14.14 -38.33
CA GLU D 273 -35.87 13.02 -38.40
C GLU D 273 -36.62 11.73 -38.70
N THR D 274 -37.80 11.55 -38.11
CA THR D 274 -38.63 10.40 -38.42
C THR D 274 -39.00 10.37 -39.90
N LEU D 275 -39.65 11.43 -40.37
CA LEU D 275 -40.13 11.47 -41.75
C LEU D 275 -39.04 11.09 -42.74
N ILE D 276 -37.81 11.58 -42.53
CA ILE D 276 -36.74 11.28 -43.47
C ILE D 276 -36.53 9.78 -43.58
N ARG D 277 -36.50 9.09 -42.44
CA ARG D 277 -36.04 7.71 -42.39
C ARG D 277 -37.12 6.68 -42.66
N VAL D 278 -38.39 7.08 -42.77
CA VAL D 278 -39.44 6.08 -42.96
C VAL D 278 -39.32 5.42 -44.32
N LYS D 279 -38.94 6.20 -45.34
CA LYS D 279 -38.88 5.64 -46.69
C LYS D 279 -37.74 4.66 -46.83
N SER D 280 -36.56 5.00 -46.30
CA SER D 280 -35.39 4.14 -46.47
C SER D 280 -35.57 2.80 -45.76
N ILE D 281 -36.34 2.77 -44.67
CA ILE D 281 -36.62 1.51 -44.00
C ILE D 281 -37.69 0.73 -44.77
N ALA D 282 -38.68 1.43 -45.32
CA ALA D 282 -39.75 0.77 -46.07
C ALA D 282 -39.22 0.18 -47.37
N GLU D 283 -38.48 0.99 -48.14
CA GLU D 283 -37.79 0.48 -49.32
C GLU D 283 -37.05 -0.82 -49.04
N TYR D 284 -36.32 -0.88 -47.91
CA TYR D 284 -35.54 -2.08 -47.59
C TYR D 284 -36.45 -3.27 -47.33
N ILE D 285 -37.62 -3.03 -46.73
CA ILE D 285 -38.51 -4.13 -46.37
C ILE D 285 -39.19 -4.70 -47.61
N VAL D 286 -39.56 -3.85 -48.56
CA VAL D 286 -40.17 -4.35 -49.78
C VAL D 286 -39.12 -4.97 -50.70
N GLU D 287 -37.85 -4.59 -50.55
CA GLU D 287 -36.78 -5.17 -51.35
C GLU D 287 -36.57 -6.63 -51.00
N GLN D 288 -36.72 -6.99 -49.73
CA GLN D 288 -36.63 -8.38 -49.31
C GLN D 288 -37.91 -9.15 -49.57
N TYR D 289 -39.06 -8.47 -49.55
CA TYR D 289 -40.30 -9.13 -49.97
C TYR D 289 -40.21 -9.54 -51.44
N ILE D 290 -39.83 -8.60 -52.29
CA ILE D 290 -39.69 -8.86 -53.73
C ILE D 290 -38.72 -10.01 -53.98
N GLN D 291 -37.58 -10.01 -53.27
CA GLN D 291 -36.59 -11.07 -53.49
C GLN D 291 -37.06 -12.40 -52.91
N LYS D 292 -37.83 -12.38 -51.82
CA LYS D 292 -38.29 -13.63 -51.22
C LYS D 292 -39.52 -14.19 -51.93
N ASN D 293 -40.33 -13.33 -52.55
CA ASN D 293 -41.56 -13.78 -53.22
C ASN D 293 -41.39 -13.96 -54.71
N TYR D 294 -40.56 -13.15 -55.37
CA TYR D 294 -40.34 -13.23 -56.81
C TYR D 294 -38.83 -13.27 -57.06
N PRO D 295 -38.19 -14.39 -56.74
CA PRO D 295 -36.71 -14.41 -56.75
C PRO D 295 -36.15 -14.12 -58.13
N TYR D 296 -35.08 -13.34 -58.16
CA TYR D 296 -34.31 -12.99 -59.36
C TYR D 296 -35.04 -12.01 -60.26
N LEU D 297 -36.14 -11.42 -59.81
CA LEU D 297 -36.67 -10.24 -60.49
C LEU D 297 -35.71 -9.06 -60.35
N ILE D 298 -34.94 -9.03 -59.27
CA ILE D 298 -33.93 -8.01 -59.01
C ILE D 298 -32.56 -8.64 -59.21
N ILE D 299 -31.71 -8.02 -60.03
CA ILE D 299 -30.33 -8.44 -60.23
C ILE D 299 -29.43 -7.28 -59.83
N TYR D 300 -28.48 -7.54 -58.93
CA TYR D 300 -27.58 -6.50 -58.43
C TYR D 300 -26.34 -6.45 -59.33
N LYS D 301 -26.51 -5.83 -60.50
CA LYS D 301 -25.41 -5.68 -61.43
C LYS D 301 -24.17 -5.15 -60.73
N GLU D 302 -24.33 -4.07 -59.96
CA GLU D 302 -23.23 -3.46 -59.23
C GLU D 302 -23.70 -3.13 -57.81
N ASP D 303 -24.07 -4.18 -57.06
CA ASP D 303 -24.39 -4.07 -55.64
C ASP D 303 -25.49 -3.05 -55.36
N LYS D 304 -26.40 -2.85 -56.30
CA LYS D 304 -27.51 -1.92 -56.13
C LYS D 304 -28.75 -2.52 -56.78
N PRO D 305 -29.95 -2.05 -56.41
CA PRO D 305 -31.16 -2.58 -57.05
C PRO D 305 -31.21 -2.25 -58.53
N TYR D 306 -31.47 -3.27 -59.36
CA TYR D 306 -31.61 -3.10 -60.80
C TYR D 306 -32.64 -4.10 -61.31
N PHE D 307 -33.42 -3.70 -62.31
CA PHE D 307 -34.50 -4.53 -62.83
C PHE D 307 -33.96 -5.63 -63.75
N ASN D 308 -34.56 -6.82 -63.65
CA ASN D 308 -34.22 -7.95 -64.51
C ASN D 308 -35.22 -7.99 -65.67
N VAL D 309 -34.71 -7.84 -66.89
CA VAL D 309 -35.57 -7.66 -68.06
C VAL D 309 -36.11 -8.96 -68.61
N SER D 310 -35.64 -10.11 -68.14
CA SER D 310 -36.09 -11.40 -68.64
C SER D 310 -36.74 -12.27 -67.56
N TYR D 311 -36.99 -11.72 -66.37
CA TYR D 311 -37.67 -12.49 -65.34
C TYR D 311 -39.01 -13.03 -65.87
N SER D 312 -39.81 -12.16 -66.46
CA SER D 312 -41.05 -12.55 -67.12
C SER D 312 -41.30 -11.53 -68.22
N GLN D 313 -41.28 -11.98 -69.47
CA GLN D 313 -41.35 -11.02 -70.57
C GLN D 313 -42.72 -10.38 -70.70
N GLU D 314 -43.78 -11.01 -70.16
CA GLU D 314 -45.08 -10.35 -70.14
C GLU D 314 -45.03 -9.09 -69.28
N LEU D 315 -44.52 -9.22 -68.05
CA LEU D 315 -44.52 -8.09 -67.13
C LEU D 315 -43.60 -6.97 -67.60
N THR D 316 -42.40 -7.33 -68.07
CA THR D 316 -41.47 -6.32 -68.56
C THR D 316 -42.10 -5.45 -69.63
N GLU D 317 -42.98 -6.02 -70.45
CA GLU D 317 -43.78 -5.21 -71.37
C GLU D 317 -44.81 -4.38 -70.59
N SER D 318 -45.53 -5.03 -69.68
CA SER D 318 -46.63 -4.36 -68.99
C SER D 318 -46.15 -3.19 -68.15
N TYR D 319 -44.98 -3.33 -67.52
CA TYR D 319 -44.43 -2.24 -66.72
C TYR D 319 -44.14 -1.01 -67.58
N LEU D 320 -43.70 -1.23 -68.82
CA LEU D 320 -43.49 -0.11 -69.73
C LEU D 320 -44.80 0.61 -70.04
N ALA D 321 -45.90 -0.14 -70.16
CA ALA D 321 -47.17 0.48 -70.50
C ALA D 321 -47.62 1.45 -69.42
N LEU D 322 -47.51 1.06 -68.15
CA LEU D 322 -47.95 1.94 -67.07
C LEU D 322 -46.96 3.07 -66.83
N MET D 323 -45.68 2.86 -67.16
CA MET D 323 -44.71 3.95 -67.06
C MET D 323 -45.07 5.10 -68.01
N ASP D 324 -45.54 4.76 -69.21
CA ASP D 324 -45.94 5.75 -70.19
C ASP D 324 -46.83 6.83 -69.59
N LEU D 339 -33.76 1.45 -69.89
CA LEU D 339 -34.00 1.59 -68.46
C LEU D 339 -32.89 0.90 -67.67
N ASP D 340 -31.96 1.70 -67.14
CA ASP D 340 -30.88 1.20 -66.30
C ASP D 340 -30.91 1.76 -64.88
N ARG D 341 -31.92 2.56 -64.54
CA ARG D 341 -31.91 3.28 -63.27
C ARG D 341 -31.93 2.33 -62.08
N ILE D 342 -31.10 2.62 -61.08
CA ILE D 342 -31.21 1.98 -59.78
C ILE D 342 -32.66 2.09 -59.31
N LEU D 343 -33.24 0.95 -58.92
CA LEU D 343 -34.63 0.95 -58.50
C LEU D 343 -34.81 1.58 -57.11
N GLY D 344 -36.01 2.11 -56.87
CA GLY D 344 -36.37 2.74 -55.60
C GLY D 344 -37.78 2.38 -55.16
N PHE D 345 -38.35 3.11 -54.19
CA PHE D 345 -39.70 2.76 -53.74
C PHE D 345 -40.74 2.92 -54.84
N PRO D 346 -40.69 3.93 -55.71
CA PRO D 346 -41.70 4.01 -56.78
C PRO D 346 -41.74 2.77 -57.65
N ALA D 347 -40.57 2.26 -58.05
CA ALA D 347 -40.54 1.06 -58.87
C ALA D 347 -41.10 -0.13 -58.14
N TYR D 348 -40.84 -0.23 -56.83
CA TYR D 348 -41.40 -1.32 -56.04
C TYR D 348 -42.91 -1.20 -55.92
N ARG D 349 -43.43 0.03 -55.88
CA ARG D 349 -44.88 0.24 -55.92
C ARG D 349 -45.42 -0.17 -57.27
N ASP D 350 -44.65 0.07 -58.34
CA ASP D 350 -45.05 -0.34 -59.69
C ASP D 350 -45.01 -1.85 -59.87
N PHE D 351 -43.92 -2.49 -59.45
CA PHE D 351 -43.76 -3.91 -59.72
C PHE D 351 -44.84 -4.72 -59.02
N LEU D 352 -45.18 -4.36 -57.79
CA LEU D 352 -46.18 -5.07 -57.00
C LEU D 352 -47.60 -4.68 -57.37
N GLN D 353 -47.78 -3.61 -58.15
CA GLN D 353 -49.12 -3.28 -58.64
C GLN D 353 -49.58 -4.27 -59.70
N LEU D 354 -48.67 -4.80 -60.49
CA LEU D 354 -49.00 -5.72 -61.57
C LEU D 354 -49.00 -7.18 -61.10
N LEU D 355 -48.06 -7.55 -60.24
CA LEU D 355 -47.99 -8.92 -59.76
C LEU D 355 -49.18 -9.25 -58.87
N GLU D 356 -49.52 -8.34 -57.96
CA GLU D 356 -50.65 -8.51 -57.04
C GLU D 356 -51.61 -7.35 -57.25
N ALA D 357 -52.90 -7.66 -57.33
CA ALA D 357 -53.91 -6.66 -57.71
C ALA D 357 -54.38 -5.93 -56.46
N SER D 358 -53.75 -4.79 -56.19
CA SER D 358 -54.14 -3.87 -55.12
C SER D 358 -54.46 -4.62 -53.83
N ASN D 359 -53.48 -5.39 -53.37
CA ASN D 359 -53.70 -6.31 -52.27
C ASN D 359 -53.25 -5.70 -50.94
N GLU D 360 -53.22 -6.53 -49.90
CA GLU D 360 -52.96 -6.05 -48.55
C GLU D 360 -51.59 -5.41 -48.44
N MET D 361 -50.57 -6.01 -49.07
CA MET D 361 -49.22 -5.49 -48.93
C MET D 361 -49.08 -4.09 -49.51
N THR D 362 -49.62 -3.88 -50.71
CA THR D 362 -49.42 -2.61 -51.40
C THR D 362 -50.28 -1.49 -50.84
N ASN D 363 -51.34 -1.80 -50.09
CA ASN D 363 -52.10 -0.75 -49.42
C ASN D 363 -51.27 -0.10 -48.32
N GLU D 364 -50.45 -0.87 -47.63
CA GLU D 364 -49.53 -0.30 -46.65
C GLU D 364 -48.47 0.56 -47.33
N MET D 365 -48.09 0.21 -48.56
CA MET D 365 -47.08 0.97 -49.30
C MET D 365 -47.63 2.31 -49.77
N ASN D 366 -48.95 2.43 -49.90
CA ASN D 366 -49.55 3.71 -50.26
C ASN D 366 -49.28 4.76 -49.19
N LYS D 367 -49.37 4.37 -47.91
CA LYS D 367 -49.20 5.32 -46.82
C LYS D 367 -47.78 5.83 -46.71
N VAL D 368 -46.80 5.07 -47.20
CA VAL D 368 -45.46 5.64 -47.35
C VAL D 368 -45.42 6.58 -48.55
N ASN D 369 -46.16 6.24 -49.61
CA ASN D 369 -46.28 7.12 -50.76
C ASN D 369 -46.99 8.42 -50.41
N GLU D 370 -47.94 8.36 -49.48
CA GLU D 370 -48.71 9.54 -49.12
C GLU D 370 -47.83 10.68 -48.60
N ILE D 371 -46.63 10.36 -48.09
CA ILE D 371 -45.74 11.36 -47.52
C ILE D 371 -44.50 11.57 -48.38
N ASN D 372 -44.43 10.97 -49.56
CA ASN D 372 -43.21 11.03 -50.36
C ASN D 372 -42.88 12.47 -50.72
N ASN D 373 -43.86 13.22 -51.25
CA ASN D 373 -43.58 14.59 -51.66
C ASN D 373 -43.19 15.46 -50.46
N LEU D 374 -43.86 15.26 -49.32
CA LEU D 374 -43.52 16.03 -48.13
C LEU D 374 -42.12 15.72 -47.65
N ARG D 375 -41.70 14.46 -47.76
CA ARG D 375 -40.37 14.07 -47.31
C ARG D 375 -39.29 14.80 -48.12
N ASN D 376 -39.42 14.80 -49.45
CA ASN D 376 -38.48 15.54 -50.27
C ASN D 376 -38.42 17.01 -49.86
N LYS D 377 -39.58 17.59 -49.54
CA LYS D 377 -39.62 18.98 -49.11
C LYS D 377 -38.73 19.21 -47.89
N VAL D 378 -38.69 18.24 -46.98
CA VAL D 378 -37.87 18.37 -45.78
C VAL D 378 -36.46 17.85 -46.01
N ALA D 379 -36.34 16.67 -46.63
CA ALA D 379 -35.03 16.03 -46.75
C ALA D 379 -34.13 16.77 -47.73
N HIS D 380 -34.67 17.20 -48.86
CA HIS D 380 -33.87 17.76 -49.94
C HIS D 380 -34.05 19.26 -50.14
N ASN D 381 -35.22 19.80 -49.84
CA ASN D 381 -35.41 21.26 -49.86
C ASN D 381 -35.16 21.88 -48.49
N LEU D 382 -34.92 21.07 -47.46
CA LEU D 382 -34.53 21.55 -46.13
C LEU D 382 -35.61 22.43 -45.51
N ASP D 383 -36.87 22.09 -45.75
CA ASP D 383 -37.97 22.84 -45.20
C ASP D 383 -38.21 22.46 -43.73
N SER D 384 -38.88 23.35 -43.01
CA SER D 384 -39.31 23.07 -41.65
C SER D 384 -40.61 22.28 -41.68
N LEU D 385 -40.95 21.67 -40.56
CA LEU D 385 -42.15 20.86 -40.45
C LEU D 385 -43.26 21.63 -39.73
N ASN D 386 -44.49 21.20 -40.00
CA ASN D 386 -45.68 21.80 -39.39
C ASN D 386 -46.74 20.70 -39.33
N LEU D 387 -46.77 19.97 -38.21
CA LEU D 387 -47.71 18.87 -38.08
C LEU D 387 -49.16 19.37 -38.03
N ASP D 388 -49.38 20.55 -37.45
CA ASP D 388 -50.73 21.12 -37.45
C ASP D 388 -51.22 21.35 -38.88
N ARG D 389 -50.33 21.77 -39.76
CA ARG D 389 -50.70 22.09 -41.14
C ARG D 389 -50.87 20.80 -41.95
N ASP D 390 -51.97 20.72 -42.69
CA ASP D 390 -52.24 19.65 -43.64
C ASP D 390 -52.35 18.28 -42.98
N LYS D 391 -52.61 18.22 -41.68
CA LYS D 391 -52.65 16.95 -40.97
C LYS D 391 -51.39 16.13 -41.24
N ASN D 392 -50.26 16.84 -41.37
CA ASN D 392 -49.00 16.15 -41.69
C ASN D 392 -48.64 15.13 -40.63
N GLY D 393 -48.84 15.47 -39.36
CA GLY D 393 -48.55 14.52 -38.29
C GLY D 393 -49.34 13.24 -38.42
N ARG D 394 -50.58 13.33 -38.90
CA ARG D 394 -51.41 12.13 -39.02
C ARG D 394 -50.88 11.21 -40.12
N LYS D 395 -50.53 11.78 -41.27
CA LYS D 395 -49.95 10.97 -42.34
C LYS D 395 -48.65 10.31 -41.87
N ILE D 396 -47.82 11.06 -41.14
CA ILE D 396 -46.54 10.50 -40.68
C ILE D 396 -46.78 9.32 -39.76
N THR D 397 -47.74 9.43 -38.85
CA THR D 397 -48.03 8.32 -37.94
C THR D 397 -48.46 7.09 -38.71
N ASN D 398 -49.27 7.27 -39.77
CA ASN D 398 -49.66 6.13 -40.59
C ASN D 398 -48.46 5.55 -41.31
N ALA D 399 -47.54 6.39 -41.77
CA ALA D 399 -46.35 5.90 -42.46
C ALA D 399 -45.50 5.04 -41.53
N VAL D 400 -45.43 5.42 -40.24
CA VAL D 400 -44.69 4.61 -39.28
C VAL D 400 -45.37 3.26 -39.08
N THR D 401 -46.68 3.28 -38.88
CA THR D 401 -47.43 2.03 -38.76
C THR D 401 -47.26 1.16 -40.00
N ALA D 402 -47.20 1.79 -41.18
CA ALA D 402 -46.99 1.03 -42.40
C ALA D 402 -45.69 0.25 -42.35
N VAL D 403 -44.61 0.91 -41.92
CA VAL D 403 -43.32 0.24 -41.79
C VAL D 403 -43.46 -0.99 -40.91
N ARG D 404 -44.13 -0.84 -39.77
CA ARG D 404 -44.24 -1.94 -38.81
C ARG D 404 -45.11 -3.07 -39.36
N THR D 405 -46.17 -2.73 -40.09
CA THR D 405 -47.04 -3.76 -40.64
C THR D 405 -46.35 -4.52 -41.76
N MET D 406 -45.56 -3.82 -42.58
CA MET D 406 -44.84 -4.49 -43.66
C MET D 406 -43.77 -5.43 -43.10
N LEU D 407 -43.01 -4.98 -42.11
CA LEU D 407 -41.98 -5.83 -41.53
C LEU D 407 -42.55 -7.16 -41.07
N LEU D 408 -43.75 -7.14 -40.49
CA LEU D 408 -44.36 -8.38 -40.03
C LEU D 408 -44.79 -9.26 -41.20
N ALA D 409 -45.06 -8.67 -42.36
CA ALA D 409 -45.41 -9.45 -43.54
C ALA D 409 -44.18 -10.07 -44.17
N VAL D 410 -43.09 -9.30 -44.27
CA VAL D 410 -41.88 -9.79 -44.92
C VAL D 410 -41.11 -10.72 -44.00
N PHE D 411 -41.25 -10.55 -42.69
CA PHE D 411 -40.52 -11.33 -41.69
C PHE D 411 -41.50 -11.91 -40.67
N PRO D 412 -42.21 -12.98 -41.01
CA PRO D 412 -43.21 -13.51 -40.07
C PRO D 412 -42.62 -14.07 -38.79
N GLU D 413 -41.33 -14.37 -38.77
CA GLU D 413 -40.67 -14.92 -37.59
C GLU D 413 -40.56 -13.88 -36.45
N VAL D 414 -40.72 -12.60 -36.76
CA VAL D 414 -40.60 -11.54 -35.75
C VAL D 414 -41.72 -11.68 -34.72
N GLN D 415 -41.34 -11.89 -33.47
CA GLN D 415 -42.25 -11.76 -32.34
C GLN D 415 -42.56 -10.29 -32.07
N GLU D 416 -43.85 -9.97 -31.91
CA GLU D 416 -44.27 -8.57 -31.75
C GLU D 416 -43.88 -7.99 -30.40
N ASN D 417 -43.65 -8.81 -29.37
CA ASN D 417 -43.22 -8.29 -28.09
C ASN D 417 -41.82 -7.70 -28.16
N ASP D 418 -41.05 -8.05 -29.19
CA ASP D 418 -39.73 -7.44 -29.39
C ASP D 418 -39.81 -6.00 -29.84
N PHE D 419 -41.01 -5.47 -30.10
CA PHE D 419 -41.16 -4.04 -30.36
C PHE D 419 -41.11 -3.21 -29.09
N HIS D 420 -41.10 -3.86 -27.92
CA HIS D 420 -40.99 -3.17 -26.64
C HIS D 420 -39.57 -3.21 -26.08
N TYR D 421 -38.57 -3.49 -26.93
CA TYR D 421 -37.21 -3.65 -26.44
C TYR D 421 -36.77 -2.46 -25.60
N LEU D 422 -36.95 -1.25 -26.13
CA LEU D 422 -36.49 -0.06 -25.42
C LEU D 422 -37.24 0.12 -24.10
N LYS D 423 -38.57 -0.02 -24.12
CA LYS D 423 -39.32 0.08 -22.88
C LYS D 423 -38.91 -1.00 -21.90
N GLN D 424 -38.76 -2.24 -22.38
CA GLN D 424 -38.28 -3.33 -21.52
C GLN D 424 -36.91 -2.99 -20.94
N PHE D 425 -35.99 -2.55 -21.80
CA PHE D 425 -34.67 -2.13 -21.33
C PHE D 425 -34.78 -1.07 -20.24
N ASN D 426 -35.67 -0.10 -20.42
CA ASN D 426 -35.81 0.96 -19.42
C ASN D 426 -36.21 0.39 -18.07
N GLN D 427 -37.30 -0.40 -18.03
CA GLN D 427 -37.73 -0.98 -16.76
C GLN D 427 -36.62 -1.80 -16.13
N SER D 428 -35.80 -2.48 -16.93
CA SER D 428 -34.69 -3.25 -16.39
C SER D 428 -33.69 -2.35 -15.67
N ILE D 429 -33.41 -1.17 -16.25
CA ILE D 429 -32.47 -0.26 -15.60
C ILE D 429 -33.09 0.32 -14.33
N LYS D 430 -34.36 0.73 -14.40
CA LYS D 430 -35.02 1.24 -13.20
C LYS D 430 -34.95 0.23 -12.06
N GLU D 431 -35.08 -1.06 -12.37
CA GLU D 431 -34.97 -2.08 -11.33
C GLU D 431 -33.61 -2.03 -10.64
N LEU D 432 -32.54 -1.82 -11.41
CA LEU D 432 -31.21 -1.76 -10.83
C LEU D 432 -30.93 -0.45 -10.10
N LEU D 433 -31.75 0.58 -10.32
CA LEU D 433 -31.55 1.86 -9.67
C LEU D 433 -31.71 1.73 -8.15
N ASN E 2 50.86 -5.69 -62.70
CA ASN E 2 51.92 -6.22 -61.81
C ASN E 2 51.46 -7.51 -61.13
N ALA E 3 50.99 -8.46 -61.94
CA ALA E 3 50.54 -9.74 -61.44
C ALA E 3 50.52 -10.73 -62.61
N MET E 4 50.94 -11.97 -62.34
CA MET E 4 50.96 -12.97 -63.39
C MET E 4 49.55 -13.31 -63.84
N LYS E 5 49.34 -13.38 -65.15
CA LYS E 5 48.05 -13.68 -65.74
C LYS E 5 48.13 -15.00 -66.48
N ILE E 6 47.25 -15.93 -66.14
CA ILE E 6 47.17 -17.24 -66.78
C ILE E 6 45.77 -17.40 -67.36
N LEU E 7 45.71 -17.80 -68.62
CA LEU E 7 44.44 -18.07 -69.29
C LEU E 7 44.34 -19.57 -69.55
N PHE E 8 43.30 -20.20 -69.00
CA PHE E 8 42.95 -21.57 -69.34
C PHE E 8 41.79 -21.52 -70.34
N SER E 9 42.01 -22.03 -71.54
CA SER E 9 41.06 -21.88 -72.63
C SER E 9 40.85 -23.20 -73.36
N PRO E 10 39.62 -23.73 -73.41
CA PRO E 10 39.32 -24.78 -74.38
C PRO E 10 39.40 -24.21 -75.80
N ILE E 11 39.54 -25.13 -76.77
CA ILE E 11 39.72 -24.76 -78.17
C ILE E 11 38.61 -25.42 -78.97
N GLY E 12 37.76 -24.61 -79.60
CA GLY E 12 36.62 -25.09 -80.35
C GLY E 12 36.75 -24.88 -81.85
N ASN E 13 35.62 -25.07 -82.54
CA ASN E 13 35.65 -25.08 -84.00
C ASN E 13 35.85 -23.69 -84.58
N THR E 14 35.23 -22.65 -83.99
CA THR E 14 35.43 -21.32 -84.54
C THR E 14 36.81 -20.75 -84.18
N ASP E 15 37.60 -21.45 -83.35
CA ASP E 15 38.99 -21.11 -83.17
C ASP E 15 39.81 -21.57 -84.38
N PRO E 16 40.96 -20.93 -84.65
CA PRO E 16 41.49 -19.72 -84.03
C PRO E 16 40.78 -18.45 -84.48
N TRP E 17 40.15 -18.50 -85.66
CA TRP E 17 39.42 -17.35 -86.17
C TRP E 17 38.36 -17.82 -87.15
N ARG E 18 37.28 -17.05 -87.23
CA ARG E 18 36.22 -17.26 -88.21
C ARG E 18 35.77 -15.92 -88.75
N ASN E 19 35.53 -15.87 -90.07
CA ASN E 19 35.09 -14.63 -90.74
C ASN E 19 36.12 -13.53 -90.58
N ASP E 20 37.40 -13.88 -90.70
CA ASP E 20 38.50 -12.93 -90.53
C ASP E 20 38.40 -12.20 -89.20
N ARG E 21 37.83 -12.87 -88.20
CA ARG E 21 37.66 -12.32 -86.86
C ARG E 21 38.12 -13.36 -85.85
N ASP E 22 38.71 -12.89 -84.75
CA ASP E 22 39.29 -13.77 -83.77
C ASP E 22 38.27 -14.81 -83.29
N GLY E 23 38.79 -15.99 -82.97
CA GLY E 23 38.02 -16.92 -82.15
C GLY E 23 38.15 -16.56 -80.68
N ALA E 24 37.26 -17.15 -79.87
CA ALA E 24 37.19 -16.76 -78.46
C ALA E 24 38.57 -16.80 -77.80
N MET E 25 39.34 -17.85 -78.05
CA MET E 25 40.64 -17.98 -77.39
C MET E 25 41.57 -16.84 -77.79
N LEU E 26 41.75 -16.62 -79.10
CA LEU E 26 42.70 -15.60 -79.53
C LEU E 26 42.24 -14.21 -79.11
N HIS E 27 40.92 -14.00 -78.99
CA HIS E 27 40.42 -12.69 -78.60
C HIS E 27 40.78 -12.38 -77.16
N ILE E 28 40.71 -13.37 -76.27
CA ILE E 28 41.14 -13.13 -74.90
C ILE E 28 42.63 -12.83 -74.87
N VAL E 29 43.42 -13.56 -75.66
CA VAL E 29 44.86 -13.32 -75.72
C VAL E 29 45.14 -11.90 -76.20
N ARG E 30 44.41 -11.45 -77.23
CA ARG E 30 44.70 -10.14 -77.81
C ARG E 30 44.39 -9.03 -76.82
N HIS E 31 43.26 -9.12 -76.12
CA HIS E 31 42.78 -8.05 -75.27
C HIS E 31 43.15 -8.20 -73.80
N TYR E 32 43.62 -9.37 -73.37
CA TYR E 32 44.04 -9.56 -71.99
C TYR E 32 45.53 -9.84 -71.83
N GLN E 33 46.22 -10.19 -72.91
CA GLN E 33 47.67 -10.34 -72.90
C GLN E 33 48.15 -11.21 -71.74
N PRO E 34 47.72 -12.47 -71.68
CA PRO E 34 48.16 -13.34 -70.58
C PRO E 34 49.64 -13.70 -70.72
N ASP E 35 50.29 -13.88 -69.57
CA ASP E 35 51.66 -14.35 -69.56
C ASP E 35 51.76 -15.84 -69.86
N ARG E 36 50.68 -16.59 -69.68
CA ARG E 36 50.67 -18.03 -69.89
C ARG E 36 49.28 -18.43 -70.37
N VAL E 37 49.24 -19.38 -71.30
CA VAL E 37 48.00 -19.80 -71.94
C VAL E 37 47.98 -21.33 -71.91
N VAL E 38 47.05 -21.90 -71.17
CA VAL E 38 46.84 -23.35 -71.13
C VAL E 38 45.67 -23.67 -72.04
N LEU E 39 45.94 -24.31 -73.17
CA LEU E 39 44.93 -24.67 -74.14
C LEU E 39 44.51 -26.12 -73.90
N PHE E 40 43.20 -26.38 -74.03
CA PHE E 40 42.67 -27.72 -73.86
C PHE E 40 41.94 -28.16 -75.14
N PHE E 41 42.39 -29.28 -75.71
CA PHE E 41 41.80 -29.84 -76.91
C PHE E 41 41.15 -31.17 -76.61
N THR E 42 39.96 -31.40 -77.16
CA THR E 42 39.47 -32.76 -77.29
C THR E 42 40.30 -33.44 -78.37
N GLU E 43 40.63 -34.71 -78.16
CA GLU E 43 41.48 -35.38 -79.15
C GLU E 43 40.80 -35.42 -80.52
N SER E 44 39.47 -35.51 -80.55
CA SER E 44 38.75 -35.63 -81.81
C SER E 44 38.74 -34.32 -82.59
N ILE E 45 38.83 -33.18 -81.90
CA ILE E 45 38.97 -31.91 -82.61
C ILE E 45 40.43 -31.65 -82.99
N TRP E 46 41.38 -32.35 -82.36
CA TRP E 46 42.79 -32.22 -82.71
C TRP E 46 43.12 -33.04 -83.94
N GLN E 47 42.51 -34.22 -84.08
CA GLN E 47 42.78 -35.08 -85.24
C GLN E 47 41.93 -34.68 -86.44
N GLY E 48 40.63 -34.49 -86.23
CA GLY E 48 39.76 -33.98 -87.26
C GLY E 48 38.68 -35.00 -87.66
N ASN E 49 37.74 -34.49 -88.45
CA ASN E 49 36.63 -35.28 -88.95
C ASN E 49 36.23 -34.73 -90.32
N GLN E 50 35.03 -35.12 -90.78
CA GLN E 50 34.59 -34.81 -92.13
C GLN E 50 34.60 -33.30 -92.39
N HIS E 51 33.89 -32.54 -91.57
CA HIS E 51 33.66 -31.13 -91.87
C HIS E 51 34.75 -30.19 -91.36
N PHE E 52 35.69 -30.67 -90.54
CA PHE E 52 36.70 -29.80 -89.95
C PHE E 52 38.07 -30.44 -90.06
N SER E 53 39.03 -29.65 -90.57
CA SER E 53 40.32 -30.18 -90.98
C SER E 53 41.04 -30.88 -89.83
N GLY E 54 40.91 -30.36 -88.62
CA GLY E 54 41.68 -30.88 -87.50
C GLY E 54 42.62 -29.81 -86.96
N GLN E 55 42.49 -29.51 -85.67
CA GLN E 55 43.21 -28.39 -85.08
C GLN E 55 44.71 -28.64 -84.96
N GLN E 56 45.18 -29.87 -85.19
CA GLN E 56 46.61 -30.13 -85.13
C GLN E 56 47.38 -29.42 -86.23
N ALA E 57 46.69 -29.02 -87.31
CA ALA E 57 47.37 -28.34 -88.41
C ALA E 57 47.90 -26.98 -87.98
N PHE E 58 47.17 -26.28 -87.11
CA PHE E 58 47.52 -24.91 -86.74
C PHE E 58 48.68 -24.88 -85.76
N ASP E 59 49.54 -23.88 -85.91
CA ASP E 59 50.68 -23.68 -85.02
C ASP E 59 50.26 -22.72 -83.92
N TRP E 60 49.68 -23.29 -82.86
CA TRP E 60 49.10 -22.46 -81.80
C TRP E 60 50.15 -21.62 -81.10
N VAL E 61 51.34 -22.16 -80.86
CA VAL E 61 52.37 -21.37 -80.19
C VAL E 61 52.79 -20.20 -81.06
N LYS E 62 52.90 -20.41 -82.37
CA LYS E 62 53.26 -19.32 -83.27
C LYS E 62 52.17 -18.26 -83.31
N ILE E 63 50.91 -18.66 -83.29
CA ILE E 63 49.81 -17.70 -83.42
C ILE E 63 49.70 -16.85 -82.16
N ILE E 64 49.75 -17.50 -81.00
CA ILE E 64 49.54 -16.80 -79.74
C ILE E 64 50.67 -15.82 -79.47
N GLN E 65 51.92 -16.24 -79.68
CA GLN E 65 53.05 -15.37 -79.41
C GLN E 65 53.17 -14.24 -80.42
N SER E 66 52.57 -14.40 -81.60
CA SER E 66 52.65 -13.38 -82.64
C SER E 66 51.96 -12.09 -82.20
N ILE E 67 50.79 -12.20 -81.57
CA ILE E 67 50.07 -11.02 -81.10
C ILE E 67 50.24 -10.78 -79.60
N ASN E 68 50.91 -11.68 -78.87
CA ASN E 68 51.09 -11.59 -77.41
C ASN E 68 52.54 -11.97 -77.08
N GLU E 69 53.44 -10.98 -77.23
CA GLU E 69 54.86 -11.17 -76.97
C GLU E 69 55.14 -11.83 -75.62
N ASN E 70 56.18 -12.65 -75.59
CA ASN E 70 56.68 -13.28 -74.36
C ASN E 70 55.56 -13.98 -73.60
N CYS E 71 54.91 -14.91 -74.31
CA CYS E 71 53.82 -15.72 -73.79
C CYS E 71 54.24 -17.18 -73.87
N GLN E 72 54.15 -17.90 -72.75
CA GLN E 72 54.46 -19.32 -72.73
C GLN E 72 53.16 -20.11 -72.81
N ILE E 73 53.11 -21.08 -73.72
CA ILE E 73 51.88 -21.78 -74.07
C ILE E 73 52.00 -23.24 -73.65
N GLU E 74 50.92 -23.76 -73.05
CA GLU E 74 50.84 -25.14 -72.61
C GLU E 74 49.67 -25.82 -73.31
N ILE E 75 49.96 -26.84 -74.10
CA ILE E 75 48.95 -27.57 -74.86
C ILE E 75 48.53 -28.82 -74.10
N LYS E 76 47.23 -28.95 -73.85
CA LYS E 76 46.65 -30.13 -73.21
C LYS E 76 45.71 -30.80 -74.20
N CYS E 77 45.90 -32.09 -74.43
CA CYS E 77 45.05 -32.87 -75.31
C CYS E 77 44.57 -34.10 -74.57
N ASP E 78 43.27 -34.39 -74.67
CA ASP E 78 42.68 -35.52 -73.96
C ASP E 78 41.65 -36.20 -74.82
N THR E 79 41.63 -37.53 -74.77
CA THR E 79 40.60 -38.32 -75.40
C THR E 79 39.33 -38.29 -74.56
N ILE E 80 38.22 -37.92 -75.19
CA ILE E 80 36.92 -37.77 -74.53
C ILE E 80 35.94 -38.62 -75.33
N GLU E 81 35.46 -39.73 -74.75
CA GLU E 81 34.58 -40.61 -75.50
C GLU E 81 33.26 -39.91 -75.85
N VAL E 82 32.76 -39.08 -74.94
CA VAL E 82 31.51 -38.34 -75.13
C VAL E 82 31.78 -36.88 -74.81
N GLU E 83 31.85 -36.03 -75.84
CA GLU E 83 32.27 -34.64 -75.65
C GLU E 83 31.18 -33.73 -75.08
N ASN E 84 29.93 -34.19 -75.00
CA ASN E 84 28.87 -33.42 -74.36
C ASN E 84 28.58 -33.90 -72.93
N ASP E 85 29.40 -34.78 -72.38
CA ASP E 85 29.19 -35.36 -71.06
C ASP E 85 29.95 -34.53 -70.02
N PHE E 86 29.20 -33.96 -69.07
CA PHE E 86 29.81 -33.16 -68.02
C PHE E 86 30.87 -33.95 -67.26
N ASP E 87 30.67 -35.25 -67.10
CA ASP E 87 31.62 -36.08 -66.36
C ASP E 87 33.03 -35.98 -66.93
N ALA E 88 33.14 -35.69 -68.24
CA ALA E 88 34.46 -35.69 -68.88
C ALA E 88 35.29 -34.48 -68.50
N TYR E 89 34.66 -33.42 -68.01
CA TYR E 89 35.35 -32.19 -67.65
C TYR E 89 35.30 -31.84 -66.18
N LYS E 90 34.36 -32.40 -65.43
CA LYS E 90 34.19 -32.03 -64.02
C LYS E 90 35.48 -32.21 -63.24
N ASP E 91 36.13 -33.37 -63.38
CA ASP E 91 37.37 -33.66 -62.66
C ASP E 91 38.60 -33.33 -63.49
N LEU E 92 38.50 -33.40 -64.82
CA LEU E 92 39.63 -33.06 -65.67
C LEU E 92 39.96 -31.57 -65.55
N PHE E 93 38.96 -30.70 -65.76
CA PHE E 93 39.21 -29.27 -65.64
C PHE E 93 39.65 -28.90 -64.23
N HIS E 94 39.02 -29.48 -63.22
CA HIS E 94 39.38 -29.17 -61.83
C HIS E 94 40.85 -29.50 -61.57
N GLN E 95 41.33 -30.61 -62.13
CA GLN E 95 42.72 -31.01 -61.87
C GLN E 95 43.71 -30.07 -62.56
N TYR E 96 43.38 -29.60 -63.76
CA TYR E 96 44.27 -28.67 -64.44
C TYR E 96 44.36 -27.35 -63.69
N LEU E 97 43.22 -26.79 -63.29
CA LEU E 97 43.23 -25.51 -62.59
C LEU E 97 43.89 -25.62 -61.23
N VAL E 98 43.66 -26.73 -60.51
CA VAL E 98 44.33 -26.94 -59.24
C VAL E 98 45.84 -26.87 -59.42
N GLU E 99 46.35 -27.44 -60.52
CA GLU E 99 47.80 -27.42 -60.74
C GLU E 99 48.30 -26.00 -60.95
N GLU E 100 47.59 -25.21 -61.76
CA GLU E 100 48.02 -23.84 -62.00
C GLU E 100 48.02 -23.04 -60.70
N LYS E 101 46.91 -23.07 -59.97
CA LYS E 101 46.86 -22.37 -58.69
C LYS E 101 47.94 -22.88 -57.75
N ARG E 102 48.25 -24.18 -57.80
CA ARG E 102 49.30 -24.72 -56.97
C ARG E 102 50.66 -24.13 -57.33
N LYS E 103 50.95 -24.00 -58.62
CA LYS E 103 52.26 -23.57 -59.06
C LYS E 103 52.42 -22.05 -58.98
N TYR E 104 51.35 -21.29 -59.21
CA TYR E 104 51.38 -19.84 -59.20
C TYR E 104 50.32 -19.35 -58.23
N PRO E 105 50.59 -19.42 -56.92
CA PRO E 105 49.55 -19.07 -55.94
C PRO E 105 49.04 -17.65 -56.06
N ASN E 106 49.85 -16.72 -56.56
CA ASN E 106 49.46 -15.32 -56.67
C ASN E 106 49.01 -14.94 -58.07
N ALA E 107 48.80 -15.91 -58.95
CA ALA E 107 48.44 -15.63 -60.33
C ALA E 107 46.93 -15.46 -60.48
N GLU E 108 46.54 -14.55 -61.37
CA GLU E 108 45.15 -14.40 -61.77
C GLU E 108 44.86 -15.36 -62.92
N ILE E 109 43.82 -16.16 -62.76
CA ILE E 109 43.41 -17.12 -63.78
C ILE E 109 42.19 -16.58 -64.50
N PHE E 110 42.30 -16.44 -65.82
CA PHE E 110 41.18 -16.09 -66.69
C PHE E 110 40.71 -17.36 -67.39
N LEU E 111 39.40 -17.61 -67.33
CA LEU E 111 38.81 -18.78 -67.95
C LEU E 111 38.02 -18.35 -69.18
N ASN E 112 38.39 -18.89 -70.34
CA ASN E 112 37.64 -18.69 -71.57
C ASN E 112 36.48 -19.68 -71.56
N VAL E 113 35.28 -19.18 -71.24
CA VAL E 113 34.11 -20.04 -71.26
C VAL E 113 33.68 -20.32 -72.69
N THR E 114 33.79 -19.32 -73.57
CA THR E 114 33.07 -19.37 -74.84
C THR E 114 33.49 -20.55 -75.71
N SER E 115 34.76 -20.94 -75.67
CA SER E 115 35.25 -21.95 -76.60
C SER E 115 34.99 -23.36 -76.09
N GLY E 116 34.96 -24.32 -77.02
CA GLY E 116 34.62 -25.69 -76.72
C GLY E 116 33.12 -25.96 -76.80
N THR E 117 32.75 -27.15 -76.36
CA THR E 117 31.35 -27.55 -76.30
C THR E 117 30.66 -26.80 -75.14
N PRO E 118 29.36 -26.50 -75.26
CA PRO E 118 28.68 -25.76 -74.16
C PRO E 118 28.94 -26.33 -72.78
N GLN E 119 29.10 -27.65 -72.67
CA GLN E 119 29.37 -28.24 -71.36
C GLN E 119 30.73 -27.81 -70.83
N MET E 120 31.68 -27.49 -71.72
CA MET E 120 32.94 -26.92 -71.27
C MET E 120 32.73 -25.54 -70.67
N GLU E 121 31.86 -24.73 -71.28
CA GLU E 121 31.55 -23.42 -70.72
C GLU E 121 30.93 -23.56 -69.34
N THR E 122 30.00 -24.50 -69.19
CA THR E 122 29.26 -24.63 -67.94
C THR E 122 30.14 -25.19 -66.83
N THR E 123 31.01 -26.15 -67.14
CA THR E 123 31.92 -26.67 -66.13
C THR E 123 32.83 -25.57 -65.60
N LEU E 124 33.41 -24.78 -66.52
CA LEU E 124 34.29 -23.70 -66.09
C LEU E 124 33.54 -22.68 -65.24
N CYS E 125 32.28 -22.41 -65.57
CA CYS E 125 31.48 -21.50 -64.77
C CYS E 125 31.16 -22.09 -63.40
N LEU E 126 31.14 -23.42 -63.28
CA LEU E 126 30.87 -24.05 -62.00
C LEU E 126 32.13 -24.15 -61.14
N GLU E 127 33.30 -24.31 -61.76
CA GLU E 127 34.54 -24.20 -61.02
C GLU E 127 34.71 -22.80 -60.44
N TYR E 128 34.42 -21.77 -61.23
CA TYR E 128 34.55 -20.40 -60.76
C TYR E 128 33.62 -20.13 -59.59
N VAL E 129 32.34 -20.47 -59.74
CA VAL E 129 31.39 -20.31 -58.64
C VAL E 129 31.85 -21.07 -57.41
N THR E 130 32.53 -22.21 -57.61
CA THR E 130 32.96 -23.03 -56.49
C THR E 130 34.27 -22.52 -55.90
N TYR E 131 35.25 -22.21 -56.75
CA TYR E 131 36.56 -21.72 -56.32
C TYR E 131 36.83 -20.37 -56.96
N PRO E 132 36.13 -19.32 -56.51
CA PRO E 132 36.24 -18.02 -57.20
C PRO E 132 37.56 -17.30 -56.98
N ASP E 133 38.30 -17.62 -55.92
CA ASP E 133 39.50 -16.86 -55.59
C ASP E 133 40.45 -16.78 -56.79
N LYS E 134 40.89 -15.55 -57.10
CA LYS E 134 41.87 -15.30 -58.14
C LYS E 134 41.47 -15.94 -59.47
N MET E 135 40.18 -15.96 -59.75
CA MET E 135 39.67 -16.55 -60.99
C MET E 135 38.51 -15.71 -61.50
N ARG E 136 38.32 -15.74 -62.81
CA ARG E 136 37.24 -15.01 -63.46
C ARG E 136 37.02 -15.61 -64.84
N CYS E 137 35.78 -15.52 -65.31
CA CYS E 137 35.37 -16.11 -66.58
C CYS E 137 35.18 -15.03 -67.63
N ILE E 138 35.77 -15.23 -68.81
CA ILE E 138 35.68 -14.28 -69.91
C ILE E 138 34.90 -14.92 -71.04
N GLN E 139 33.99 -14.16 -71.63
CA GLN E 139 33.14 -14.62 -72.72
C GLN E 139 33.35 -13.72 -73.92
N VAL E 140 33.33 -14.32 -75.12
CA VAL E 140 33.45 -13.59 -76.37
C VAL E 140 32.13 -13.71 -77.12
N SER E 141 31.59 -12.57 -77.56
CA SER E 141 30.40 -12.56 -78.39
C SER E 141 30.79 -12.72 -79.86
N THR E 142 29.91 -13.37 -80.61
CA THR E 142 30.11 -13.47 -82.04
C THR E 142 29.89 -12.11 -82.69
N PRO E 143 30.67 -11.74 -83.70
CA PRO E 143 30.45 -10.44 -84.36
C PRO E 143 29.03 -10.36 -84.91
N LEU E 144 28.30 -9.32 -84.50
CA LEU E 144 26.96 -9.12 -85.01
C LEU E 144 26.94 -8.62 -86.44
N LYS E 145 28.11 -8.37 -87.03
CA LYS E 145 28.22 -7.93 -88.42
C LYS E 145 27.20 -8.61 -89.33
N THR E 151 30.38 -17.34 -95.37
CA THR E 151 31.15 -17.76 -94.19
C THR E 151 32.56 -18.16 -94.60
N LYS E 152 33.54 -17.73 -93.81
CA LYS E 152 34.95 -18.01 -94.06
C LYS E 152 35.53 -18.73 -92.87
N TYR E 153 36.12 -19.90 -93.12
CA TYR E 153 36.64 -20.75 -92.06
C TYR E 153 38.16 -20.61 -91.93
N ALA E 154 38.67 -21.04 -90.79
CA ALA E 154 40.11 -21.07 -90.56
C ALA E 154 40.76 -22.13 -91.45
N GLN E 155 41.74 -21.71 -92.24
CA GLN E 155 42.44 -22.59 -93.17
C GLN E 155 43.88 -22.77 -92.72
N ALA E 156 44.34 -24.02 -92.73
CA ALA E 156 45.71 -24.31 -92.29
C ALA E 156 46.73 -23.88 -93.34
N ASP E 157 46.46 -24.16 -94.61
CA ASP E 157 47.39 -23.79 -95.67
C ASP E 157 47.62 -22.28 -95.69
N CYS E 158 46.54 -21.50 -95.60
CA CYS E 158 46.60 -20.05 -95.62
C CYS E 158 46.66 -19.44 -94.23
N GLN E 159 47.23 -20.18 -93.27
CA GLN E 159 47.19 -19.75 -91.87
C GLN E 159 47.94 -18.45 -91.65
N GLU E 160 49.17 -18.37 -92.15
CA GLU E 160 49.99 -17.18 -91.90
C GLU E 160 49.35 -15.92 -92.49
N VAL E 161 48.75 -16.04 -93.68
CA VAL E 161 48.13 -14.88 -94.30
C VAL E 161 46.84 -14.52 -93.59
N ASP E 162 46.01 -15.52 -93.29
CA ASP E 162 44.73 -15.26 -92.62
C ASP E 162 44.94 -14.54 -91.30
N LEU E 163 46.03 -14.85 -90.60
CA LEU E 163 46.26 -14.26 -89.28
C LEU E 163 46.38 -12.74 -89.37
N GLU E 164 47.20 -12.25 -90.31
CA GLU E 164 47.41 -10.81 -90.40
C GLU E 164 46.21 -10.09 -91.00
N ILE E 165 45.40 -10.80 -91.81
CA ILE E 165 44.13 -10.21 -92.24
C ILE E 165 43.25 -9.97 -91.04
N VAL E 166 43.16 -10.97 -90.15
CA VAL E 166 42.33 -10.84 -88.96
C VAL E 166 42.86 -9.74 -88.05
N ASN E 167 44.18 -9.62 -87.93
CA ASN E 167 44.76 -8.57 -87.10
C ASN E 167 44.30 -7.20 -87.58
N GLU E 168 44.49 -6.91 -88.86
CA GLU E 168 44.08 -5.61 -89.40
C GLU E 168 42.58 -5.42 -89.31
N GLU E 169 41.81 -6.49 -89.51
CA GLU E 169 40.36 -6.41 -89.34
C GLU E 169 40.00 -6.04 -87.91
N GLU E 170 40.64 -6.70 -86.94
CA GLU E 170 40.36 -6.45 -85.53
C GLU E 170 40.99 -5.16 -85.03
N SER E 171 41.81 -4.50 -85.83
CA SER E 171 42.44 -3.26 -85.38
C SER E 171 41.42 -2.16 -85.16
N GLN E 172 40.38 -2.12 -86.00
CA GLN E 172 39.34 -1.10 -85.92
C GLN E 172 38.02 -1.66 -85.39
N GLN E 173 38.09 -2.71 -84.56
CA GLN E 173 36.92 -3.31 -83.98
C GLN E 173 36.99 -3.29 -82.46
N PRO E 174 35.88 -3.07 -81.77
CA PRO E 174 35.90 -3.04 -80.31
C PRO E 174 35.97 -4.45 -79.73
N SER E 175 36.42 -4.52 -78.49
CA SER E 175 36.54 -5.81 -77.82
C SER E 175 35.17 -6.48 -77.72
N ARG E 176 35.15 -7.80 -77.93
CA ARG E 176 33.95 -8.61 -77.73
C ARG E 176 34.04 -9.45 -76.46
N CYS E 177 35.03 -9.20 -75.61
CA CYS E 177 35.17 -9.89 -74.35
C CYS E 177 34.35 -9.20 -73.27
N HIS E 178 33.73 -10.00 -72.40
CA HIS E 178 32.97 -9.47 -71.27
C HIS E 178 33.17 -10.37 -70.07
N LYS E 179 33.69 -9.80 -68.99
CA LYS E 179 33.77 -10.52 -67.73
C LYS E 179 32.36 -10.76 -67.22
N ILE E 180 31.98 -12.04 -67.10
CA ILE E 180 30.60 -12.37 -66.72
C ILE E 180 30.42 -12.18 -65.22
N ALA E 181 29.16 -12.02 -64.82
CA ALA E 181 28.79 -11.82 -63.43
C ALA E 181 27.82 -12.93 -63.02
N ILE E 182 28.36 -14.03 -62.50
CA ILE E 182 27.55 -15.13 -62.00
C ILE E 182 27.82 -15.42 -60.53
N LEU E 183 28.68 -14.65 -59.86
CA LEU E 183 28.91 -14.89 -58.45
C LEU E 183 27.68 -14.65 -57.61
N SER E 184 26.65 -14.00 -58.16
CA SER E 184 25.39 -13.85 -57.44
C SER E 184 24.75 -15.19 -57.10
N PHE E 185 25.12 -16.26 -57.81
CA PHE E 185 24.60 -17.58 -57.47
C PHE E 185 25.26 -18.11 -56.19
N ARG E 186 26.59 -17.99 -56.11
CA ARG E 186 27.27 -18.36 -54.87
C ARG E 186 26.78 -17.51 -53.70
N GLU E 187 26.58 -16.21 -53.94
CA GLU E 187 26.14 -15.32 -52.88
C GLU E 187 24.81 -15.78 -52.29
N ALA E 188 23.91 -16.29 -53.14
CA ALA E 188 22.61 -16.75 -52.63
C ALA E 188 22.77 -17.97 -51.74
N ILE E 189 23.63 -18.92 -52.14
CA ILE E 189 23.88 -20.08 -51.30
C ILE E 189 24.35 -19.65 -49.92
N VAL E 190 25.34 -18.77 -49.87
CA VAL E 190 25.85 -18.29 -48.60
C VAL E 190 24.78 -17.50 -47.84
N ARG E 191 24.08 -16.62 -48.55
CA ARG E 191 23.02 -15.83 -47.92
C ARG E 191 22.05 -16.74 -47.17
N ASN E 192 21.48 -17.72 -47.86
CA ASN E 192 20.50 -18.58 -47.22
C ASN E 192 21.10 -19.35 -46.04
N GLN E 193 22.40 -19.66 -46.12
CA GLN E 193 23.06 -20.32 -45.01
C GLN E 193 23.24 -19.38 -43.82
N ILE E 194 23.55 -18.11 -44.08
CA ILE E 194 23.75 -17.18 -42.98
C ILE E 194 22.44 -16.92 -42.24
N LYS E 195 21.32 -16.90 -42.97
CA LYS E 195 20.04 -16.62 -42.32
C LYS E 195 19.76 -17.62 -41.20
N SER E 196 20.02 -18.91 -41.46
CA SER E 196 19.77 -19.92 -40.43
C SER E 196 20.83 -19.86 -39.32
N LEU E 197 22.04 -19.43 -39.64
CA LEU E 197 23.06 -19.28 -38.61
C LEU E 197 22.68 -18.19 -37.61
N LEU E 198 22.20 -17.04 -38.11
CA LEU E 198 21.80 -15.95 -37.23
C LEU E 198 20.70 -16.38 -36.27
N ASP E 199 19.74 -17.18 -36.75
CA ASP E 199 18.63 -17.59 -35.90
C ASP E 199 19.11 -18.44 -34.72
N ASN E 200 20.21 -19.17 -34.90
CA ASN E 200 20.77 -19.99 -33.84
C ASN E 200 21.87 -19.26 -33.07
N TYR E 201 22.03 -17.96 -33.31
CA TYR E 201 23.01 -17.13 -32.60
C TYR E 201 24.44 -17.60 -32.84
N ASP E 202 24.71 -18.16 -34.02
CA ASP E 202 26.06 -18.59 -34.38
C ASP E 202 26.76 -17.44 -35.12
N TYR E 203 27.03 -16.38 -34.38
CA TYR E 203 27.47 -15.13 -34.97
C TYR E 203 28.87 -15.23 -35.56
N GLU E 204 29.78 -15.96 -34.90
CA GLU E 204 31.10 -16.16 -35.48
C GLU E 204 30.98 -16.96 -36.78
N ALA E 205 30.11 -17.97 -36.80
CA ALA E 205 29.88 -18.71 -38.04
C ALA E 205 29.29 -17.80 -39.12
N ALA E 206 28.32 -16.97 -38.73
CA ALA E 206 27.74 -16.02 -39.68
C ALA E 206 28.81 -15.09 -40.22
N LEU E 207 29.66 -14.56 -39.33
CA LEU E 207 30.75 -13.69 -39.77
C LEU E 207 31.71 -14.44 -40.70
N GLN E 208 31.97 -15.71 -40.41
CA GLN E 208 32.89 -16.49 -41.23
C GLN E 208 32.39 -16.57 -42.67
N LEU E 209 31.12 -16.94 -42.85
CA LEU E 209 30.55 -16.98 -44.19
C LEU E 209 30.54 -15.60 -44.83
N VAL E 210 30.21 -14.57 -44.05
CA VAL E 210 30.21 -13.21 -44.58
C VAL E 210 31.60 -12.83 -45.06
N ALA E 211 32.62 -13.06 -44.21
CA ALA E 211 33.97 -12.67 -44.57
C ALA E 211 34.43 -13.36 -45.85
N SER E 212 34.09 -14.64 -46.02
CA SER E 212 34.52 -15.37 -47.20
C SER E 212 33.88 -14.80 -48.47
N GLN E 213 32.62 -14.38 -48.38
CA GLN E 213 31.86 -13.95 -49.56
C GLN E 213 32.18 -12.48 -49.84
N LYS E 214 33.25 -12.25 -50.57
CA LYS E 214 33.64 -10.89 -50.92
C LYS E 214 32.57 -10.13 -51.68
N SER E 215 31.58 -10.85 -52.23
CA SER E 215 30.62 -10.24 -53.15
C SER E 215 29.56 -9.40 -52.47
N PHE E 216 29.34 -9.58 -51.17
CA PHE E 216 28.21 -8.92 -50.50
C PHE E 216 28.31 -7.41 -50.62
N ARG E 217 27.24 -6.79 -51.12
CA ARG E 217 27.22 -5.34 -51.31
C ARG E 217 27.45 -4.61 -50.00
N ASN E 218 26.80 -5.05 -48.92
CA ASN E 218 26.91 -4.43 -47.61
C ASN E 218 27.92 -5.14 -46.72
N GLY E 219 28.97 -5.70 -47.32
CA GLY E 219 29.88 -6.55 -46.55
C GLY E 219 30.49 -5.83 -45.36
N LYS E 220 31.00 -4.62 -45.58
CA LYS E 220 31.70 -3.91 -44.50
C LYS E 220 30.78 -3.63 -43.33
N GLU E 221 29.55 -3.19 -43.59
CA GLU E 221 28.61 -2.93 -42.50
C GLU E 221 28.28 -4.21 -41.75
N ILE E 222 28.01 -5.30 -42.48
CA ILE E 222 27.68 -6.56 -41.85
C ILE E 222 28.84 -7.03 -40.97
N ARG E 223 30.07 -6.95 -41.50
CA ARG E 223 31.23 -7.43 -40.75
C ARG E 223 31.40 -6.65 -39.45
N LYS E 224 31.19 -5.33 -39.49
CA LYS E 224 31.41 -4.53 -38.28
C LYS E 224 30.35 -4.81 -37.22
N LYS E 225 29.09 -4.85 -37.62
CA LYS E 225 28.03 -5.14 -36.66
C LYS E 225 28.19 -6.53 -36.06
N LEU E 226 28.63 -7.49 -36.87
CA LEU E 226 28.84 -8.84 -36.36
C LEU E 226 30.03 -8.88 -35.41
N LYS E 227 31.14 -8.26 -35.78
CA LYS E 227 32.34 -8.30 -34.96
C LYS E 227 32.10 -7.61 -33.62
N GLU E 228 31.34 -6.52 -33.62
CA GLU E 228 31.01 -5.82 -32.39
C GLU E 228 30.18 -6.71 -31.47
N LEU E 229 29.15 -7.35 -32.02
CA LEU E 229 28.31 -8.22 -31.21
C LEU E 229 29.09 -9.43 -30.71
N ILE E 230 29.88 -10.05 -31.57
CA ILE E 230 30.67 -11.21 -31.16
C ILE E 230 31.54 -10.85 -29.96
N ASP E 231 32.20 -9.70 -30.01
CA ASP E 231 33.05 -9.31 -28.89
C ASP E 231 32.23 -8.89 -27.68
N ASP E 232 31.07 -8.27 -27.89
CA ASP E 232 30.16 -8.02 -26.79
C ASP E 232 29.86 -9.31 -26.03
N ILE E 233 29.55 -10.38 -26.77
CA ILE E 233 29.19 -11.65 -26.13
C ILE E 233 30.40 -12.22 -25.38
N LYS E 234 31.57 -12.20 -26.03
CA LYS E 234 32.72 -12.90 -25.49
C LYS E 234 33.20 -12.30 -24.18
N MET E 235 33.12 -10.98 -24.04
CA MET E 235 33.64 -10.28 -22.87
C MET E 235 32.53 -9.65 -22.01
N HIS E 236 31.28 -10.03 -22.23
CA HIS E 236 30.16 -9.52 -21.45
C HIS E 236 30.15 -7.99 -21.43
N ARG E 237 30.16 -7.41 -22.64
CA ARG E 237 30.07 -5.96 -22.79
C ARG E 237 28.63 -5.56 -23.06
N VAL E 238 28.16 -4.53 -22.37
CA VAL E 238 26.82 -4.00 -22.65
C VAL E 238 26.77 -3.51 -24.09
N PHE E 239 25.69 -3.86 -24.78
CA PHE E 239 25.51 -3.43 -26.16
C PHE E 239 25.38 -1.92 -26.23
N SER E 240 26.03 -1.32 -27.23
CA SER E 240 25.96 0.13 -27.39
C SER E 240 24.52 0.61 -27.41
N TYR E 241 23.63 -0.16 -28.05
CA TYR E 241 22.21 0.18 -28.03
C TYR E 241 21.69 0.28 -26.60
N LEU E 242 22.04 -0.69 -25.76
CA LEU E 242 21.63 -0.63 -24.37
C LEU E 242 22.24 0.57 -23.65
N ILE E 243 23.46 0.96 -24.02
CA ILE E 243 24.08 2.12 -23.40
C ILE E 243 23.31 3.38 -23.73
N LYS E 244 22.84 3.51 -24.98
CA LYS E 244 22.11 4.71 -25.37
C LYS E 244 20.70 4.72 -24.80
N GLN E 245 20.09 3.55 -24.61
CA GLN E 245 18.71 3.51 -24.14
C GLN E 245 18.60 3.87 -22.66
N TYR E 246 19.56 3.42 -21.85
CA TYR E 246 19.55 3.62 -20.41
C TYR E 246 20.88 4.21 -19.97
N PRO E 247 21.13 5.48 -20.32
CA PRO E 247 22.48 6.03 -20.08
C PRO E 247 22.81 6.26 -18.62
N ARG E 248 21.81 6.42 -17.74
CA ARG E 248 22.07 6.80 -16.36
C ARG E 248 22.11 5.63 -15.38
N ASN E 249 21.64 4.45 -15.78
CA ASN E 249 21.56 3.32 -14.86
C ASN E 249 22.47 2.20 -15.37
N GLU E 250 23.72 2.21 -14.88
CA GLU E 250 24.69 1.19 -15.30
C GLU E 250 24.29 -0.19 -14.79
N LYS E 251 23.76 -0.27 -13.57
CA LYS E 251 23.33 -1.56 -13.04
C LYS E 251 22.21 -2.16 -13.86
N LEU E 252 21.27 -1.33 -14.32
CA LEU E 252 20.27 -1.81 -15.27
C LEU E 252 20.93 -2.36 -16.52
N GLN E 253 21.84 -1.57 -17.11
CA GLN E 253 22.52 -2.00 -18.34
C GLN E 253 23.08 -3.39 -18.21
N LYS E 254 23.75 -3.68 -17.09
CA LYS E 254 24.43 -4.96 -16.93
C LYS E 254 23.43 -6.09 -16.68
N ALA E 255 22.50 -5.89 -15.74
CA ALA E 255 21.47 -6.90 -15.51
C ALA E 255 20.68 -7.18 -16.77
N LEU E 256 20.51 -6.18 -17.63
CA LEU E 256 19.76 -6.39 -18.87
C LEU E 256 20.59 -7.14 -19.91
N LEU E 257 21.88 -6.85 -19.98
CA LEU E 257 22.77 -7.61 -20.87
C LEU E 257 22.77 -9.08 -20.51
N HIS E 258 22.94 -9.39 -19.23
CA HIS E 258 23.04 -10.79 -18.81
C HIS E 258 21.72 -11.52 -18.98
N THR E 259 20.60 -10.85 -18.72
CA THR E 259 19.30 -11.48 -18.89
C THR E 259 19.07 -11.84 -20.35
N ILE E 260 19.51 -10.97 -21.26
CA ILE E 260 19.42 -11.26 -22.69
C ILE E 260 20.33 -12.43 -23.06
N LEU E 261 21.58 -12.39 -22.59
CA LEU E 261 22.50 -13.50 -22.87
C LEU E 261 21.99 -14.79 -22.24
N LEU E 262 21.50 -14.73 -21.00
CA LEU E 262 20.96 -15.91 -20.36
C LEU E 262 19.84 -16.52 -21.19
N GLU E 263 18.93 -15.69 -21.70
CA GLU E 263 17.81 -16.19 -22.47
C GLU E 263 18.25 -16.66 -23.85
N MET E 264 19.37 -16.16 -24.34
CA MET E 264 19.95 -16.70 -25.58
C MET E 264 20.47 -18.11 -25.35
N ARG E 265 21.30 -18.29 -24.32
CA ARG E 265 21.85 -19.62 -24.04
C ARG E 265 20.74 -20.63 -23.82
N HIS E 266 19.71 -20.27 -23.06
CA HIS E 266 18.63 -21.21 -22.76
C HIS E 266 17.90 -21.61 -24.04
N GLN E 267 17.57 -20.64 -24.89
CA GLN E 267 16.82 -20.95 -26.10
C GLN E 267 17.68 -21.68 -27.12
N ARG E 268 19.00 -21.50 -27.07
CA ARG E 268 19.90 -22.17 -28.01
C ARG E 268 20.16 -23.63 -27.65
N GLY E 269 19.76 -24.06 -26.45
CA GLY E 269 20.01 -25.41 -26.00
C GLY E 269 21.19 -25.58 -25.07
N ASP E 270 21.86 -24.50 -24.70
CA ASP E 270 23.01 -24.56 -23.81
C ASP E 270 22.53 -24.58 -22.34
N ILE E 271 21.83 -25.66 -22.01
CA ILE E 271 21.08 -25.70 -20.75
C ILE E 271 22.04 -25.75 -19.56
N ALA E 272 23.14 -26.50 -19.68
CA ALA E 272 24.12 -26.53 -18.59
C ALA E 272 24.70 -25.15 -18.35
N GLU E 273 25.19 -24.50 -19.41
CA GLU E 273 25.65 -23.12 -19.31
C GLU E 273 24.61 -22.27 -18.61
N THR E 274 23.34 -22.43 -19.02
CA THR E 274 22.26 -21.61 -18.48
C THR E 274 22.12 -21.80 -16.98
N LEU E 275 22.03 -23.06 -16.54
CA LEU E 275 21.81 -23.34 -15.12
C LEU E 275 22.91 -22.74 -14.25
N ILE E 276 24.14 -22.65 -14.77
CA ILE E 276 25.23 -22.13 -13.95
C ILE E 276 25.14 -20.61 -13.81
N ARG E 277 24.59 -19.92 -14.82
CA ARG E 277 24.58 -18.47 -14.82
C ARG E 277 23.36 -17.87 -14.12
N VAL E 278 22.29 -18.65 -13.93
CA VAL E 278 21.04 -18.08 -13.48
C VAL E 278 21.20 -17.41 -12.12
N LYS E 279 21.84 -18.09 -11.17
CA LYS E 279 21.83 -17.62 -9.80
C LYS E 279 22.61 -16.31 -9.66
N SER E 280 23.74 -16.18 -10.36
CA SER E 280 24.55 -14.97 -10.21
C SER E 280 23.85 -13.74 -10.77
N ILE E 281 23.06 -13.93 -11.83
CA ILE E 281 22.25 -12.83 -12.35
C ILE E 281 21.13 -12.50 -11.38
N ALA E 282 20.50 -13.55 -10.83
CA ALA E 282 19.42 -13.36 -9.88
C ALA E 282 19.90 -12.69 -8.60
N GLU E 283 21.14 -12.97 -8.21
CA GLU E 283 21.73 -12.32 -7.05
C GLU E 283 21.90 -10.83 -7.28
N TYR E 284 22.28 -10.45 -8.49
CA TYR E 284 22.55 -9.05 -8.80
C TYR E 284 21.27 -8.23 -8.78
N ILE E 285 20.20 -8.75 -9.37
CA ILE E 285 18.93 -8.01 -9.42
C ILE E 285 18.35 -7.90 -8.02
N VAL E 286 18.43 -8.97 -7.23
CA VAL E 286 17.93 -8.95 -5.85
C VAL E 286 18.76 -7.99 -5.00
N GLU E 287 20.09 -8.04 -5.14
CA GLU E 287 20.95 -7.12 -4.42
C GLU E 287 20.52 -5.68 -4.61
N GLN E 288 20.18 -5.30 -5.85
CA GLN E 288 19.77 -3.93 -6.12
C GLN E 288 18.37 -3.66 -5.60
N TYR E 289 17.47 -4.64 -5.68
CA TYR E 289 16.16 -4.49 -5.04
C TYR E 289 16.35 -4.14 -3.56
N ILE E 290 17.09 -4.99 -2.84
CA ILE E 290 17.39 -4.74 -1.43
C ILE E 290 17.87 -3.30 -1.23
N GLN E 291 18.96 -2.94 -1.90
CA GLN E 291 19.46 -1.57 -1.82
C GLN E 291 18.33 -0.55 -2.04
N LYS E 292 17.53 -0.76 -3.08
CA LYS E 292 16.60 0.28 -3.53
C LYS E 292 15.48 0.52 -2.51
N ASN E 293 14.85 -0.56 -2.05
CA ASN E 293 13.68 -0.42 -1.17
C ASN E 293 14.01 -0.54 0.31
N TYR E 294 15.09 -1.23 0.67
CA TYR E 294 15.52 -1.36 2.07
C TYR E 294 16.98 -0.92 2.22
N PRO E 295 17.29 0.36 1.98
CA PRO E 295 18.70 0.76 1.96
C PRO E 295 19.39 0.59 3.31
N TYR E 296 20.71 0.34 3.23
CA TYR E 296 21.62 0.12 4.36
C TYR E 296 21.36 -1.17 5.12
N LEU E 297 20.59 -2.11 4.55
CA LEU E 297 20.55 -3.47 5.09
C LEU E 297 21.84 -4.20 4.78
N ILE E 298 22.53 -3.80 3.71
CA ILE E 298 23.79 -4.36 3.28
C ILE E 298 24.88 -3.30 3.45
N ILE E 299 26.08 -3.73 3.83
CA ILE E 299 27.25 -2.87 3.84
C ILE E 299 28.42 -3.67 3.27
N TYR E 300 29.29 -3.01 2.51
CA TYR E 300 30.48 -3.63 1.95
C TYR E 300 31.72 -3.08 2.63
N LYS E 301 32.75 -3.90 2.72
CA LYS E 301 34.07 -3.42 3.14
C LYS E 301 35.14 -3.64 2.08
N GLU E 302 35.02 -4.69 1.27
CA GLU E 302 35.87 -4.93 0.12
C GLU E 302 34.99 -5.15 -1.11
N ASP E 303 33.89 -4.39 -1.16
CA ASP E 303 32.90 -4.45 -2.24
C ASP E 303 32.17 -5.78 -2.28
N LYS E 304 31.96 -6.41 -1.12
CA LYS E 304 31.26 -7.68 -1.03
C LYS E 304 30.14 -7.57 0.00
N PRO E 305 28.97 -8.14 -0.29
CA PRO E 305 27.83 -7.98 0.63
C PRO E 305 28.13 -8.52 2.01
N TYR E 306 27.82 -7.70 3.02
CA TYR E 306 27.92 -8.06 4.43
C TYR E 306 26.70 -7.47 5.15
N PHE E 307 26.00 -8.30 5.92
CA PHE E 307 24.77 -7.92 6.62
C PHE E 307 25.11 -7.07 7.84
N ASN E 308 24.48 -5.90 7.95
CA ASN E 308 24.71 -4.98 9.06
C ASN E 308 23.55 -5.09 10.05
N VAL E 309 23.86 -5.45 11.31
CA VAL E 309 22.84 -5.71 12.31
C VAL E 309 22.12 -4.42 12.69
N SER E 310 22.76 -3.27 12.53
CA SER E 310 22.20 -2.00 12.97
C SER E 310 21.13 -1.45 12.04
N TYR E 311 20.84 -2.12 10.91
CA TYR E 311 19.73 -1.68 10.08
C TYR E 311 18.45 -1.55 10.90
N SER E 312 18.00 -2.65 11.50
CA SER E 312 16.88 -2.63 12.45
C SER E 312 17.07 -3.81 13.39
N GLN E 313 17.47 -3.51 14.64
CA GLN E 313 17.79 -4.54 15.64
C GLN E 313 16.83 -5.71 15.66
N GLU E 314 15.52 -5.44 15.68
CA GLU E 314 14.52 -6.50 15.73
C GLU E 314 14.73 -7.53 14.62
N LEU E 315 15.04 -7.07 13.41
CA LEU E 315 15.15 -7.99 12.29
C LEU E 315 16.35 -8.91 12.45
N THR E 316 17.45 -8.38 13.02
CA THR E 316 18.63 -9.20 13.31
C THR E 316 18.26 -10.49 14.03
N GLU E 317 17.46 -10.36 15.07
CA GLU E 317 17.13 -11.50 15.93
C GLU E 317 16.13 -12.44 15.28
N SER E 318 15.38 -11.96 14.29
CA SER E 318 14.40 -12.79 13.61
C SER E 318 15.08 -13.84 12.73
N TYR E 319 16.28 -13.55 12.23
CA TYR E 319 16.99 -14.52 11.38
C TYR E 319 17.44 -15.72 12.17
N LEU E 320 17.66 -15.53 13.47
CA LEU E 320 18.11 -16.61 14.35
C LEU E 320 17.00 -17.65 14.53
N ALA E 321 15.75 -17.20 14.62
CA ALA E 321 14.62 -18.11 14.62
C ALA E 321 14.74 -19.14 13.50
N LEU E 322 15.01 -18.66 12.29
CA LEU E 322 15.10 -19.54 11.13
C LEU E 322 16.36 -20.39 11.18
N MET E 323 17.47 -19.79 11.59
CA MET E 323 18.75 -20.48 11.54
C MET E 323 18.74 -21.72 12.42
N ASP E 324 18.12 -21.64 13.60
CA ASP E 324 18.04 -22.80 14.47
C ASP E 324 16.99 -23.80 13.99
N SER E 325 15.93 -23.33 13.34
CA SER E 325 14.93 -24.21 12.75
C SER E 325 15.49 -24.85 11.48
N GLY E 344 24.99 -13.74 -0.67
CA GLY E 344 24.56 -14.79 -1.57
C GLY E 344 23.06 -14.91 -1.66
N PHE E 345 22.58 -15.64 -2.67
CA PHE E 345 21.14 -15.74 -2.92
C PHE E 345 20.37 -16.29 -1.72
N PRO E 346 20.79 -17.40 -1.07
CA PRO E 346 19.97 -17.92 0.04
C PRO E 346 19.75 -16.88 1.12
N ALA E 347 20.80 -16.12 1.45
CA ALA E 347 20.68 -15.08 2.47
C ALA E 347 19.55 -14.12 2.14
N TYR E 348 19.51 -13.63 0.90
CA TYR E 348 18.48 -12.66 0.51
C TYR E 348 17.10 -13.28 0.57
N ARG E 349 16.96 -14.52 0.06
CA ARG E 349 15.66 -15.19 0.07
C ARG E 349 15.07 -15.21 1.46
N ASP E 350 15.89 -15.50 2.47
CA ASP E 350 15.41 -15.55 3.84
C ASP E 350 15.15 -14.14 4.38
N PHE E 351 16.07 -13.20 4.12
CA PHE E 351 15.81 -11.81 4.44
C PHE E 351 14.44 -11.37 3.94
N LEU E 352 14.17 -11.64 2.66
CA LEU E 352 13.02 -11.08 1.97
C LEU E 352 11.71 -11.67 2.50
N GLN E 353 11.68 -12.98 2.74
CA GLN E 353 10.43 -13.60 3.16
C GLN E 353 9.99 -13.09 4.52
N LEU E 354 10.95 -12.78 5.39
CA LEU E 354 10.64 -12.21 6.69
C LEU E 354 9.96 -10.86 6.54
N LEU E 355 10.45 -10.06 5.60
CA LEU E 355 9.96 -8.70 5.41
C LEU E 355 8.61 -8.67 4.71
N GLU E 356 8.39 -9.59 3.77
CA GLU E 356 7.07 -9.79 3.18
C GLU E 356 7.02 -11.16 2.52
N ALA E 357 5.96 -11.92 2.78
CA ALA E 357 5.83 -13.29 2.31
C ALA E 357 4.75 -13.41 1.24
N SER E 358 4.89 -14.43 0.38
CA SER E 358 4.00 -14.71 -0.75
C SER E 358 3.71 -13.48 -1.62
N ASN E 359 4.67 -12.57 -1.73
CA ASN E 359 4.51 -11.39 -2.57
C ASN E 359 5.03 -11.67 -3.98
N GLU E 360 5.08 -10.61 -4.82
CA GLU E 360 5.54 -10.78 -6.19
C GLU E 360 6.99 -11.24 -6.25
N MET E 361 7.80 -10.83 -5.28
CA MET E 361 9.23 -11.08 -5.33
C MET E 361 9.62 -12.43 -4.76
N THR E 362 8.96 -12.88 -3.70
CA THR E 362 9.40 -14.12 -3.05
C THR E 362 9.02 -15.35 -3.85
N ASN E 363 7.94 -15.30 -4.63
CA ASN E 363 7.55 -16.45 -5.45
C ASN E 363 8.49 -16.63 -6.63
N GLU E 364 9.02 -15.53 -7.18
CA GLU E 364 10.03 -15.65 -8.23
C GLU E 364 11.35 -16.12 -7.64
N MET E 365 11.78 -15.50 -6.55
CA MET E 365 12.98 -15.94 -5.84
C MET E 365 12.90 -17.42 -5.52
N ASN E 366 11.73 -17.90 -5.11
CA ASN E 366 11.58 -19.32 -4.77
C ASN E 366 11.96 -20.19 -5.96
N LYS E 367 11.44 -19.86 -7.16
CA LYS E 367 11.70 -20.69 -8.32
C LYS E 367 13.19 -20.69 -8.69
N VAL E 368 13.91 -19.61 -8.38
CA VAL E 368 15.35 -19.62 -8.59
C VAL E 368 16.02 -20.57 -7.61
N ASN E 369 15.42 -20.78 -6.43
CA ASN E 369 16.00 -21.65 -5.42
C ASN E 369 15.69 -23.12 -5.67
N GLU E 370 14.69 -23.42 -6.51
CA GLU E 370 14.35 -24.81 -6.76
C GLU E 370 15.46 -25.54 -7.51
N ILE E 371 16.26 -24.80 -8.28
CA ILE E 371 17.40 -25.37 -9.00
C ILE E 371 18.71 -25.09 -8.28
N ASN E 372 18.65 -24.69 -7.01
CA ASN E 372 19.87 -24.40 -6.27
C ASN E 372 20.75 -25.65 -6.16
N ASN E 373 20.21 -26.71 -5.56
CA ASN E 373 20.99 -27.92 -5.39
C ASN E 373 21.38 -28.52 -6.73
N LEU E 374 20.48 -28.45 -7.71
CA LEU E 374 20.85 -28.92 -9.05
C LEU E 374 22.01 -28.12 -9.62
N ARG E 375 21.99 -26.80 -9.40
CA ARG E 375 23.09 -25.96 -9.87
C ARG E 375 24.41 -26.38 -9.22
N ASN E 376 24.40 -26.63 -7.91
CA ASN E 376 25.62 -27.06 -7.23
C ASN E 376 26.14 -28.37 -7.80
N LYS E 377 25.24 -29.24 -8.27
CA LYS E 377 25.67 -30.54 -8.76
C LYS E 377 26.48 -30.40 -10.05
N VAL E 378 26.01 -29.61 -11.00
CA VAL E 378 26.72 -29.48 -12.27
C VAL E 378 27.83 -28.43 -12.17
N ALA E 379 27.64 -27.39 -11.35
CA ALA E 379 28.65 -26.33 -11.29
C ALA E 379 29.86 -26.73 -10.47
N HIS E 380 29.68 -27.54 -9.42
CA HIS E 380 30.76 -27.84 -8.49
C HIS E 380 31.15 -29.31 -8.42
N ASN E 381 30.25 -30.24 -8.72
CA ASN E 381 30.62 -31.64 -8.87
C ASN E 381 30.90 -32.02 -10.32
N LEU E 382 30.75 -31.07 -11.25
CA LEU E 382 31.07 -31.27 -12.66
C LEU E 382 30.21 -32.33 -13.31
N ASP E 383 28.99 -32.50 -12.80
CA ASP E 383 28.12 -33.58 -13.28
C ASP E 383 27.49 -33.23 -14.62
N SER E 384 26.98 -34.26 -15.28
CA SER E 384 26.22 -34.10 -16.50
C SER E 384 24.82 -33.58 -16.19
N LEU E 385 24.11 -33.17 -17.23
CA LEU E 385 22.78 -32.60 -17.09
C LEU E 385 21.78 -33.46 -17.84
N ASN E 386 20.70 -33.85 -17.16
CA ASN E 386 19.69 -34.76 -17.70
C ASN E 386 18.32 -34.11 -17.51
N LEU E 387 17.82 -33.45 -18.56
CA LEU E 387 16.51 -32.83 -18.47
C LEU E 387 15.41 -33.88 -18.29
N ASP E 388 15.59 -35.06 -18.87
CA ASP E 388 14.58 -36.11 -18.75
C ASP E 388 14.31 -36.47 -17.30
N ARG E 389 15.30 -36.29 -16.42
CA ARG E 389 15.21 -36.76 -15.04
C ARG E 389 14.41 -35.76 -14.21
N ASP E 390 13.27 -36.21 -13.68
CA ASP E 390 12.40 -35.44 -12.79
C ASP E 390 12.24 -34.00 -13.28
N LYS E 391 11.94 -33.85 -14.56
CA LYS E 391 11.63 -32.55 -15.15
C LYS E 391 12.70 -31.51 -14.83
N ASN E 392 13.97 -31.91 -14.99
CA ASN E 392 15.07 -30.99 -14.75
C ASN E 392 14.95 -29.75 -15.63
N GLY E 393 14.50 -29.93 -16.87
CA GLY E 393 14.43 -28.80 -17.79
C GLY E 393 13.38 -27.78 -17.40
N ARG E 394 12.22 -28.25 -16.92
CA ARG E 394 11.15 -27.32 -16.58
C ARG E 394 11.57 -26.40 -15.45
N LYS E 395 12.25 -26.93 -14.43
CA LYS E 395 12.70 -26.10 -13.32
C LYS E 395 13.67 -25.02 -13.79
N ILE E 396 14.54 -25.36 -14.76
CA ILE E 396 15.45 -24.37 -15.31
C ILE E 396 14.67 -23.27 -16.03
N THR E 397 13.69 -23.66 -16.84
CA THR E 397 12.89 -22.68 -17.56
C THR E 397 12.20 -21.72 -16.60
N ASN E 398 11.59 -22.26 -15.54
CA ASN E 398 10.94 -21.41 -14.56
C ASN E 398 11.92 -20.45 -13.92
N ALA E 399 13.14 -20.91 -13.63
CA ALA E 399 14.16 -20.02 -13.11
C ALA E 399 14.51 -18.92 -14.11
N VAL E 400 14.60 -19.26 -15.39
CA VAL E 400 14.91 -18.27 -16.41
C VAL E 400 13.83 -17.21 -16.47
N THR E 401 12.57 -17.62 -16.43
CA THR E 401 11.46 -16.67 -16.44
C THR E 401 11.45 -15.82 -15.18
N ALA E 402 11.87 -16.40 -14.05
CA ALA E 402 11.94 -15.65 -12.82
C ALA E 402 12.95 -14.51 -12.92
N VAL E 403 14.08 -14.75 -13.59
CA VAL E 403 15.09 -13.70 -13.74
C VAL E 403 14.54 -12.55 -14.55
N ARG E 404 13.78 -12.84 -15.62
CA ARG E 404 13.20 -11.74 -16.40
C ARG E 404 12.18 -10.98 -15.56
N THR E 405 11.36 -11.70 -14.80
CA THR E 405 10.30 -11.07 -14.02
C THR E 405 10.86 -10.20 -12.89
N MET E 406 11.91 -10.67 -12.22
CA MET E 406 12.52 -9.89 -11.16
C MET E 406 13.19 -8.63 -11.71
N LEU E 407 13.94 -8.79 -12.80
CA LEU E 407 14.59 -7.65 -13.44
C LEU E 407 13.60 -6.55 -13.75
N LEU E 408 12.39 -6.92 -14.17
CA LEU E 408 11.37 -5.93 -14.48
C LEU E 408 10.82 -5.29 -13.21
N ALA E 409 10.76 -6.06 -12.13
CA ALA E 409 10.28 -5.53 -10.86
C ALA E 409 11.26 -4.54 -10.26
N VAL E 410 12.56 -4.72 -10.49
CA VAL E 410 13.57 -3.85 -9.92
C VAL E 410 13.82 -2.64 -10.82
N PHE E 411 13.75 -2.83 -12.14
CA PHE E 411 14.03 -1.79 -13.12
C PHE E 411 12.76 -1.53 -13.91
N PRO E 412 11.80 -0.82 -13.32
CA PRO E 412 10.54 -0.54 -14.05
C PRO E 412 10.75 0.17 -15.37
N GLU E 413 11.89 0.82 -15.56
CA GLU E 413 12.13 1.58 -16.78
C GLU E 413 12.47 0.70 -17.98
N VAL E 414 12.81 -0.57 -17.75
CA VAL E 414 13.16 -1.45 -18.86
C VAL E 414 11.93 -1.67 -19.75
N GLN E 415 12.16 -1.63 -21.06
CA GLN E 415 11.09 -1.82 -22.04
C GLN E 415 11.08 -3.27 -22.49
N GLU E 416 9.89 -3.87 -22.52
CA GLU E 416 9.76 -5.27 -22.87
C GLU E 416 10.33 -5.56 -24.25
N ASN E 417 10.19 -4.60 -25.18
CA ASN E 417 10.68 -4.81 -26.53
C ASN E 417 12.20 -4.93 -26.60
N ASP E 418 12.91 -4.44 -25.59
CA ASP E 418 14.36 -4.56 -25.57
C ASP E 418 14.83 -5.99 -25.33
N PHE E 419 13.95 -6.88 -24.87
CA PHE E 419 14.32 -8.28 -24.65
C PHE E 419 14.56 -9.01 -25.96
N HIS E 420 13.98 -8.50 -27.05
CA HIS E 420 14.13 -9.06 -28.40
C HIS E 420 15.32 -8.46 -29.14
N TYR E 421 16.35 -8.01 -28.43
CA TYR E 421 17.48 -7.33 -29.07
C TYR E 421 18.12 -8.23 -30.13
N LEU E 422 18.45 -9.47 -29.77
CA LEU E 422 19.17 -10.35 -30.69
C LEU E 422 18.33 -10.68 -31.90
N LYS E 423 17.04 -10.95 -31.71
CA LYS E 423 16.17 -11.24 -32.85
C LYS E 423 16.02 -10.01 -33.76
N GLN E 424 15.91 -8.83 -33.16
CA GLN E 424 15.89 -7.60 -33.95
C GLN E 424 17.23 -7.39 -34.66
N PHE E 425 18.33 -7.74 -34.00
CA PHE E 425 19.63 -7.65 -34.64
C PHE E 425 19.73 -8.65 -35.80
N ASN E 426 19.26 -9.88 -35.58
CA ASN E 426 19.26 -10.87 -36.65
C ASN E 426 18.56 -10.33 -37.89
N GLN E 427 17.34 -9.80 -37.71
CA GLN E 427 16.57 -9.31 -38.85
C GLN E 427 17.27 -8.15 -39.53
N SER E 428 17.92 -7.28 -38.75
CA SER E 428 18.63 -6.16 -39.35
C SER E 428 19.78 -6.63 -40.24
N ILE E 429 20.39 -7.76 -39.89
CA ILE E 429 21.46 -8.32 -40.72
C ILE E 429 20.89 -9.00 -41.95
N LYS E 430 19.78 -9.74 -41.78
CA LYS E 430 19.15 -10.39 -42.92
C LYS E 430 18.82 -9.38 -44.02
N GLU E 431 18.22 -8.25 -43.64
CA GLU E 431 17.85 -7.23 -44.62
C GLU E 431 19.06 -6.60 -45.31
N LEU E 432 20.23 -6.64 -44.66
CA LEU E 432 21.44 -6.15 -45.30
C LEU E 432 22.05 -7.16 -46.26
N LEU E 433 21.77 -8.44 -46.08
CA LEU E 433 22.35 -9.50 -46.91
C LEU E 433 21.79 -9.43 -48.32
N ALA F 3 4.00 -38.08 -57.95
CA ALA F 3 4.43 -36.67 -57.71
C ALA F 3 4.30 -35.83 -58.98
N MET F 4 3.77 -34.62 -58.85
CA MET F 4 3.60 -33.77 -60.03
C MET F 4 4.97 -33.40 -60.60
N LYS F 5 5.10 -33.47 -61.91
CA LYS F 5 6.35 -33.18 -62.61
C LYS F 5 6.16 -31.97 -63.52
N ILE F 6 7.02 -30.97 -63.33
CA ILE F 6 7.00 -29.74 -64.13
C ILE F 6 8.29 -29.67 -64.93
N LEU F 7 8.17 -29.39 -66.23
CA LEU F 7 9.32 -29.20 -67.11
C LEU F 7 9.41 -27.73 -67.49
N PHE F 8 10.55 -27.10 -67.15
CA PHE F 8 10.86 -25.76 -67.63
C PHE F 8 11.91 -25.89 -68.72
N SER F 9 11.53 -25.61 -69.97
CA SER F 9 12.39 -25.83 -71.12
C SER F 9 12.51 -24.57 -71.96
N PRO F 10 13.70 -24.00 -72.09
CA PRO F 10 13.91 -23.01 -73.16
C PRO F 10 13.68 -23.66 -74.52
N ILE F 11 13.67 -22.83 -75.55
CA ILE F 11 13.49 -23.30 -76.92
C ILE F 11 14.63 -22.74 -77.77
N GLY F 12 15.10 -23.56 -78.71
CA GLY F 12 16.15 -23.14 -79.62
C GLY F 12 15.82 -23.50 -81.05
N ASN F 13 16.80 -23.36 -81.95
CA ASN F 13 16.53 -23.57 -83.37
C ASN F 13 16.34 -25.05 -83.68
N THR F 14 17.10 -25.93 -83.02
CA THR F 14 16.92 -27.37 -83.22
C THR F 14 15.53 -27.83 -82.78
N ASP F 15 14.87 -27.06 -81.92
CA ASP F 15 13.48 -27.35 -81.57
C ASP F 15 12.56 -26.92 -82.71
N PRO F 16 11.44 -27.62 -82.91
CA PRO F 16 10.98 -28.78 -82.14
C PRO F 16 11.57 -30.11 -82.60
N TRP F 17 12.20 -30.13 -83.78
CA TRP F 17 12.85 -31.34 -84.26
C TRP F 17 13.88 -30.97 -85.30
N ARG F 18 14.82 -31.90 -85.54
CA ARG F 18 15.92 -31.67 -86.47
C ARG F 18 16.37 -33.00 -87.03
N ASN F 19 16.32 -33.14 -88.36
CA ASN F 19 16.74 -34.36 -89.05
C ASN F 19 15.91 -35.57 -88.60
N ASP F 20 14.59 -35.37 -88.51
CA ASP F 20 13.64 -36.45 -88.24
C ASP F 20 13.84 -37.08 -86.87
N ARG F 21 14.53 -36.40 -85.97
CA ARG F 21 14.69 -36.83 -84.59
C ARG F 21 14.35 -35.67 -83.66
N ASP F 22 13.80 -36.02 -82.51
CA ASP F 22 13.33 -35.02 -81.55
C ASP F 22 14.39 -33.95 -81.27
N GLY F 23 13.91 -32.74 -81.06
CA GLY F 23 14.71 -31.71 -80.41
C GLY F 23 14.69 -31.92 -78.91
N ALA F 24 15.47 -31.12 -78.21
CA ALA F 24 15.69 -31.38 -76.79
C ALA F 24 14.40 -31.26 -75.98
N MET F 25 13.60 -30.22 -76.24
CA MET F 25 12.35 -30.06 -75.51
C MET F 25 11.44 -31.27 -75.70
N LEU F 26 11.18 -31.63 -76.95
CA LEU F 26 10.22 -32.71 -77.21
C LEU F 26 10.75 -34.04 -76.69
N HIS F 27 12.06 -34.23 -76.72
CA HIS F 27 12.63 -35.48 -76.27
C HIS F 27 12.46 -35.67 -74.77
N ILE F 28 12.65 -34.60 -74.00
CA ILE F 28 12.40 -34.68 -72.56
C ILE F 28 10.92 -34.93 -72.32
N VAL F 29 10.05 -34.23 -73.05
CA VAL F 29 8.61 -34.45 -72.96
C VAL F 29 8.27 -35.91 -73.21
N ARG F 30 8.91 -36.51 -74.22
CA ARG F 30 8.56 -37.88 -74.62
C ARG F 30 8.92 -38.88 -73.53
N HIS F 31 10.13 -38.79 -73.00
CA HIS F 31 10.65 -39.79 -72.08
C HIS F 31 10.38 -39.46 -70.61
N TYR F 32 9.86 -38.27 -70.32
CA TYR F 32 9.47 -37.92 -68.95
C TYR F 32 7.99 -37.64 -68.76
N GLN F 33 7.21 -37.47 -69.83
CA GLN F 33 5.79 -37.15 -69.76
C GLN F 33 5.45 -36.18 -68.62
N PRO F 34 5.91 -34.92 -68.67
CA PRO F 34 5.60 -33.99 -67.58
C PRO F 34 4.13 -33.56 -67.54
N ASP F 35 3.69 -33.19 -66.34
CA ASP F 35 2.32 -32.74 -66.16
C ASP F 35 2.14 -31.28 -66.60
N ARG F 36 3.15 -30.45 -66.38
CA ARG F 36 3.14 -29.04 -66.75
C ARG F 36 4.42 -28.75 -67.52
N VAL F 37 4.30 -27.98 -68.61
CA VAL F 37 5.43 -27.58 -69.44
C VAL F 37 5.47 -26.07 -69.53
N VAL F 38 6.63 -25.48 -69.26
CA VAL F 38 6.84 -24.03 -69.36
C VAL F 38 7.93 -23.80 -70.40
N LEU F 39 7.53 -23.34 -71.58
CA LEU F 39 8.48 -23.00 -72.64
C LEU F 39 8.89 -21.54 -72.54
N PHE F 40 10.17 -21.29 -72.72
CA PHE F 40 10.71 -19.93 -72.75
C PHE F 40 11.24 -19.63 -74.14
N PHE F 41 10.69 -18.60 -74.77
CA PHE F 41 11.14 -18.13 -76.07
C PHE F 41 11.76 -16.76 -75.93
N THR F 42 12.92 -16.55 -76.55
CA THR F 42 13.37 -15.19 -76.82
C THR F 42 12.47 -14.60 -77.90
N GLU F 43 12.17 -13.30 -77.78
CA GLU F 43 11.35 -12.66 -78.80
C GLU F 43 11.96 -12.84 -80.19
N SER F 44 13.29 -12.88 -80.27
CA SER F 44 13.95 -13.04 -81.56
C SER F 44 13.72 -14.43 -82.14
N ILE F 45 13.78 -15.48 -81.30
CA ILE F 45 13.50 -16.82 -81.79
C ILE F 45 12.02 -16.97 -82.13
N TRP F 46 11.15 -16.24 -81.41
CA TRP F 46 9.73 -16.28 -81.71
C TRP F 46 9.41 -15.58 -83.02
N GLN F 47 9.99 -14.40 -83.24
CA GLN F 47 9.64 -13.59 -84.40
C GLN F 47 10.44 -14.00 -85.64
N GLY F 48 11.76 -13.92 -85.57
CA GLY F 48 12.58 -14.24 -86.72
C GLY F 48 12.32 -13.27 -87.87
N ASN F 49 11.82 -13.81 -88.97
CA ASN F 49 11.44 -13.08 -90.19
C ASN F 49 12.63 -12.45 -90.90
N GLN F 50 13.83 -12.99 -90.68
CA GLN F 50 15.04 -12.57 -91.38
C GLN F 50 15.90 -13.78 -91.70
N HIS F 51 16.39 -14.45 -90.65
CA HIS F 51 17.10 -15.73 -90.82
C HIS F 51 16.14 -16.83 -91.26
N PHE F 52 14.90 -16.78 -90.80
CA PHE F 52 13.90 -17.81 -91.07
C PHE F 52 12.53 -17.16 -90.86
N SER F 53 11.49 -17.98 -90.70
CA SER F 53 10.17 -17.45 -90.39
C SER F 53 10.00 -17.18 -88.91
N GLY F 54 10.51 -18.08 -88.06
CA GLY F 54 10.39 -17.92 -86.63
C GLY F 54 9.66 -19.06 -85.96
N GLN F 55 9.92 -19.28 -84.67
CA GLN F 55 9.29 -20.38 -83.94
C GLN F 55 7.79 -20.17 -83.73
N GLN F 56 7.29 -18.95 -83.94
CA GLN F 56 5.87 -18.70 -83.73
C GLN F 56 4.99 -19.49 -84.68
N ALA F 57 5.54 -19.95 -85.81
CA ALA F 57 4.73 -20.65 -86.81
C ALA F 57 4.39 -22.08 -86.40
N PHE F 58 5.04 -22.61 -85.37
CA PHE F 58 4.76 -23.97 -84.92
C PHE F 58 3.70 -23.97 -83.83
N ASP F 59 2.86 -25.00 -83.84
CA ASP F 59 1.82 -25.16 -82.82
C ASP F 59 2.43 -25.96 -81.67
N TRP F 60 2.93 -25.25 -80.67
CA TRP F 60 3.64 -25.91 -79.58
C TRP F 60 2.68 -26.66 -78.66
N VAL F 61 1.45 -26.16 -78.51
CA VAL F 61 0.50 -26.83 -77.62
C VAL F 61 0.02 -28.13 -78.24
N LYS F 62 -0.24 -28.13 -79.56
CA LYS F 62 -0.72 -29.35 -80.20
C LYS F 62 0.40 -30.38 -80.36
N ILE F 63 1.62 -29.92 -80.62
CA ILE F 63 2.74 -30.83 -80.81
C ILE F 63 3.06 -31.56 -79.51
N ILE F 64 3.14 -30.81 -78.41
CA ILE F 64 3.52 -31.40 -77.13
C ILE F 64 2.44 -32.37 -76.64
N GLN F 65 1.17 -31.93 -76.69
CA GLN F 65 0.09 -32.79 -76.25
C GLN F 65 -0.12 -34.00 -77.16
N SER F 66 0.50 -34.01 -78.34
CA SER F 66 0.32 -35.13 -79.26
C SER F 66 0.91 -36.41 -78.71
N ILE F 67 2.03 -36.32 -77.98
CA ILE F 67 2.72 -37.47 -77.42
C ILE F 67 2.63 -37.50 -75.90
N ASN F 68 1.93 -36.55 -75.29
CA ASN F 68 1.83 -36.44 -73.84
C ASN F 68 0.36 -36.20 -73.49
N GLU F 69 -0.16 -36.99 -72.55
CA GLU F 69 -1.58 -36.94 -72.20
C GLU F 69 -1.82 -35.92 -71.11
N ASN F 70 -2.78 -35.03 -71.34
CA ASN F 70 -3.23 -34.06 -70.35
C ASN F 70 -2.06 -33.27 -69.77
N CYS F 71 -1.41 -32.51 -70.64
CA CYS F 71 -0.29 -31.66 -70.28
C CYS F 71 -0.69 -30.20 -70.46
N GLN F 72 -0.64 -29.43 -69.38
CA GLN F 72 -0.94 -28.01 -69.41
C GLN F 72 0.33 -27.25 -69.77
N ILE F 73 0.26 -26.44 -70.82
CA ILE F 73 1.45 -25.83 -71.42
C ILE F 73 1.37 -24.31 -71.25
N GLU F 74 2.41 -23.74 -70.65
CA GLU F 74 2.55 -22.30 -70.45
C GLU F 74 3.69 -21.80 -71.31
N ILE F 75 3.41 -20.82 -72.16
CA ILE F 75 4.41 -20.24 -73.05
C ILE F 75 4.86 -18.90 -72.50
N LYS F 76 6.17 -18.73 -72.36
CA LYS F 76 6.79 -17.49 -71.93
C LYS F 76 7.59 -16.91 -73.09
N CYS F 77 7.47 -15.59 -73.28
CA CYS F 77 8.19 -14.90 -74.33
C CYS F 77 8.69 -13.57 -73.78
N ASP F 78 9.99 -13.30 -73.95
CA ASP F 78 10.60 -12.12 -73.39
C ASP F 78 11.55 -11.49 -74.41
N THR F 79 11.69 -10.17 -74.31
CA THR F 79 12.58 -9.41 -75.17
C THR F 79 13.98 -9.37 -74.54
N ILE F 80 14.93 -10.04 -75.18
CA ILE F 80 16.32 -10.08 -74.73
C ILE F 80 17.16 -9.37 -75.77
N GLU F 81 17.78 -8.25 -75.39
CA GLU F 81 18.56 -7.47 -76.34
C GLU F 81 19.79 -8.24 -76.80
N VAL F 82 20.51 -8.84 -75.87
CA VAL F 82 21.74 -9.59 -76.15
C VAL F 82 21.54 -10.99 -75.59
N GLU F 83 21.37 -11.96 -76.49
CA GLU F 83 20.96 -13.31 -76.09
C GLU F 83 22.10 -14.14 -75.51
N ASN F 84 23.34 -13.64 -75.49
CA ASN F 84 24.45 -14.35 -74.88
C ASN F 84 24.88 -13.73 -73.55
N ASP F 85 24.03 -12.89 -72.96
CA ASP F 85 24.37 -12.17 -71.75
C ASP F 85 23.70 -12.85 -70.56
N PHE F 86 24.51 -13.34 -69.62
CA PHE F 86 23.97 -14.00 -68.44
C PHE F 86 22.98 -13.10 -67.71
N ASP F 87 23.21 -11.78 -67.71
CA ASP F 87 22.31 -10.87 -67.03
C ASP F 87 20.88 -10.98 -67.55
N ALA F 88 20.72 -11.41 -68.81
CA ALA F 88 19.39 -11.49 -69.40
C ALA F 88 18.57 -12.64 -68.85
N TYR F 89 19.22 -13.69 -68.34
CA TYR F 89 18.54 -14.88 -67.85
C TYR F 89 18.75 -15.13 -66.36
N LYS F 90 19.82 -14.61 -65.78
CA LYS F 90 20.14 -14.87 -64.37
C LYS F 90 18.95 -14.62 -63.46
N ASP F 91 18.38 -13.41 -63.51
CA ASP F 91 17.23 -13.09 -62.69
C ASP F 91 15.93 -13.54 -63.33
N LEU F 92 15.85 -13.52 -64.66
CA LEU F 92 14.62 -13.91 -65.35
C LEU F 92 14.24 -15.35 -65.02
N PHE F 93 15.11 -16.30 -65.34
CA PHE F 93 14.81 -17.70 -65.09
C PHE F 93 14.54 -17.96 -63.62
N HIS F 94 15.33 -17.33 -62.74
CA HIS F 94 15.10 -17.45 -61.31
C HIS F 94 13.66 -17.10 -60.94
N GLN F 95 13.15 -16.00 -61.50
CA GLN F 95 11.78 -15.58 -61.18
C GLN F 95 10.76 -16.59 -61.66
N TYR F 96 11.03 -17.28 -62.77
CA TYR F 96 10.08 -18.26 -63.28
C TYR F 96 10.09 -19.53 -62.42
N LEU F 97 11.28 -20.03 -62.08
CA LEU F 97 11.36 -21.24 -61.27
C LEU F 97 10.84 -20.98 -59.85
N VAL F 98 11.09 -19.79 -59.31
CA VAL F 98 10.50 -19.43 -58.03
C VAL F 98 8.98 -19.50 -58.12
N GLU F 99 8.41 -18.93 -59.19
CA GLU F 99 6.97 -18.93 -59.36
C GLU F 99 6.42 -20.35 -59.43
N GLU F 100 7.07 -21.21 -60.21
CA GLU F 100 6.62 -22.59 -60.31
C GLU F 100 6.67 -23.29 -58.96
N LYS F 101 7.76 -23.09 -58.21
CA LYS F 101 7.86 -23.71 -56.90
C LYS F 101 6.77 -23.21 -55.96
N ARG F 102 6.44 -21.92 -56.04
CA ARG F 102 5.44 -21.36 -55.13
C ARG F 102 4.07 -21.97 -55.38
N LYS F 103 3.73 -22.22 -56.65
CA LYS F 103 2.40 -22.72 -56.99
C LYS F 103 2.27 -24.22 -56.77
N TYR F 104 3.36 -24.97 -56.95
CA TYR F 104 3.36 -26.43 -56.84
C TYR F 104 4.51 -26.81 -55.91
N PRO F 105 4.33 -26.63 -54.60
CA PRO F 105 5.47 -26.77 -53.69
C PRO F 105 6.11 -28.15 -53.65
N ASN F 106 5.37 -29.20 -53.98
CA ASN F 106 5.90 -30.55 -53.91
C ASN F 106 6.25 -31.12 -55.28
N ALA F 107 6.22 -30.30 -56.31
CA ALA F 107 6.48 -30.79 -57.65
C ALA F 107 7.97 -30.96 -57.88
N GLU F 108 8.29 -31.90 -58.76
CA GLU F 108 9.66 -32.12 -59.21
C GLU F 108 9.89 -31.25 -60.45
N ILE F 109 10.96 -30.47 -60.42
CA ILE F 109 11.26 -29.52 -61.51
C ILE F 109 12.29 -30.15 -62.42
N PHE F 110 11.96 -30.27 -63.70
CA PHE F 110 12.84 -30.83 -64.71
C PHE F 110 13.31 -29.70 -65.61
N LEU F 111 14.61 -29.43 -65.61
CA LEU F 111 15.19 -28.34 -66.38
C LEU F 111 15.80 -28.89 -67.65
N ASN F 112 15.37 -28.39 -68.80
CA ASN F 112 16.01 -28.71 -70.07
C ASN F 112 17.30 -27.90 -70.17
N VAL F 113 18.44 -28.57 -70.04
CA VAL F 113 19.74 -27.91 -70.05
C VAL F 113 20.36 -27.87 -71.44
N THR F 114 19.66 -28.38 -72.45
CA THR F 114 20.21 -28.49 -73.79
C THR F 114 19.76 -27.37 -74.73
N SER F 115 18.50 -26.97 -74.67
CA SER F 115 17.96 -26.05 -75.65
C SER F 115 18.41 -24.61 -75.36
N GLY F 116 18.40 -23.80 -76.41
CA GLY F 116 18.76 -22.41 -76.29
C GLY F 116 20.26 -22.17 -76.43
N THR F 117 20.66 -20.93 -76.15
CA THR F 117 22.06 -20.58 -76.18
C THR F 117 22.77 -21.17 -74.97
N PRO F 118 24.09 -21.34 -75.05
CA PRO F 118 24.82 -21.92 -73.90
C PRO F 118 24.57 -21.19 -72.60
N GLN F 119 24.40 -19.86 -72.65
CA GLN F 119 24.19 -19.10 -71.42
C GLN F 119 22.89 -19.50 -70.75
N MET F 120 21.87 -19.85 -71.53
CA MET F 120 20.65 -20.40 -70.94
C MET F 120 20.92 -21.75 -70.29
N GLU F 121 21.69 -22.60 -70.96
CA GLU F 121 22.09 -23.88 -70.38
C GLU F 121 22.86 -23.67 -69.07
N THR F 122 23.89 -22.82 -69.10
CA THR F 122 24.71 -22.60 -67.92
C THR F 122 23.91 -21.94 -66.81
N THR F 123 23.06 -20.98 -67.15
CA THR F 123 22.23 -20.31 -66.14
C THR F 123 21.38 -21.32 -65.38
N LEU F 124 20.71 -22.22 -66.11
CA LEU F 124 19.85 -23.21 -65.46
C LEU F 124 20.67 -24.17 -64.61
N CYS F 125 21.91 -24.46 -65.00
CA CYS F 125 22.77 -25.28 -64.15
C CYS F 125 23.18 -24.54 -62.89
N LEU F 126 23.38 -23.22 -62.99
CA LEU F 126 23.75 -22.44 -61.81
C LEU F 126 22.56 -22.29 -60.87
N GLU F 127 21.36 -22.15 -61.42
CA GLU F 127 20.16 -22.13 -60.58
C GLU F 127 20.02 -23.44 -59.82
N TYR F 128 20.14 -24.56 -60.53
CA TYR F 128 20.01 -25.87 -59.89
C TYR F 128 21.04 -26.05 -58.78
N VAL F 129 22.30 -25.69 -59.05
CA VAL F 129 23.34 -25.80 -58.03
C VAL F 129 22.99 -24.95 -56.81
N THR F 130 22.30 -23.84 -57.02
CA THR F 130 21.99 -22.94 -55.91
C THR F 130 20.75 -23.39 -55.16
N TYR F 131 19.74 -23.90 -55.88
CA TYR F 131 18.47 -24.33 -55.29
C TYR F 131 18.17 -25.75 -55.75
N PRO F 132 18.95 -26.73 -55.25
CA PRO F 132 18.80 -28.10 -55.76
C PRO F 132 17.52 -28.81 -55.33
N ASP F 133 16.79 -28.30 -54.35
CA ASP F 133 15.66 -29.03 -53.81
C ASP F 133 14.60 -29.30 -54.88
N LYS F 134 14.30 -30.58 -55.09
CA LYS F 134 13.21 -31.00 -55.99
C LYS F 134 13.44 -30.57 -57.43
N MET F 135 14.70 -30.39 -57.83
CA MET F 135 15.03 -30.00 -59.19
C MET F 135 16.08 -30.95 -59.75
N ARG F 136 16.19 -30.97 -61.08
CA ARG F 136 17.19 -31.76 -61.76
C ARG F 136 17.34 -31.27 -63.18
N CYS F 137 18.56 -31.34 -63.70
CA CYS F 137 18.88 -30.89 -65.05
C CYS F 137 18.96 -32.11 -65.97
N ILE F 138 18.18 -32.08 -67.06
CA ILE F 138 18.13 -33.17 -68.02
C ILE F 138 18.83 -32.71 -69.30
N GLN F 139 19.70 -33.57 -69.81
CA GLN F 139 20.47 -33.30 -71.02
C GLN F 139 19.95 -34.18 -72.15
N VAL F 140 19.91 -33.62 -73.37
CA VAL F 140 19.53 -34.35 -74.58
C VAL F 140 20.72 -34.32 -75.53
N SER F 141 21.20 -35.50 -75.93
CA SER F 141 22.34 -35.65 -76.81
C SER F 141 21.94 -35.52 -78.28
N THR F 142 22.92 -35.22 -79.13
CA THR F 142 22.68 -35.23 -80.57
C THR F 142 22.57 -36.68 -81.03
N PRO F 143 21.61 -37.00 -81.91
CA PRO F 143 21.36 -38.42 -82.27
C PRO F 143 22.40 -38.97 -83.23
N LEU F 144 23.61 -39.19 -82.72
CA LEU F 144 24.70 -39.70 -83.53
C LEU F 144 25.83 -40.20 -82.64
N LYS F 152 17.86 -31.96 -93.15
CA LYS F 152 17.20 -30.67 -93.27
C LYS F 152 16.64 -30.22 -91.92
N TYR F 153 16.27 -28.94 -91.85
CA TYR F 153 15.81 -28.31 -90.62
C TYR F 153 14.29 -28.30 -90.58
N ALA F 154 13.76 -27.87 -89.43
CA ALA F 154 12.32 -27.95 -89.20
C ALA F 154 11.58 -26.81 -89.87
N GLN F 155 10.55 -27.16 -90.64
CA GLN F 155 9.73 -26.22 -91.40
C GLN F 155 8.29 -26.38 -90.95
N ALA F 156 7.63 -25.26 -90.66
CA ALA F 156 6.29 -25.29 -90.07
C ALA F 156 5.19 -25.51 -91.09
N ASP F 157 5.50 -25.45 -92.39
CA ASP F 157 4.46 -25.62 -93.40
C ASP F 157 3.81 -27.00 -93.32
N CYS F 158 4.60 -28.04 -92.96
CA CYS F 158 4.10 -29.42 -92.85
C CYS F 158 4.53 -29.95 -91.49
N GLN F 159 3.72 -29.66 -90.47
CA GLN F 159 4.02 -30.06 -89.10
C GLN F 159 3.53 -31.48 -88.80
N GLU F 160 2.23 -31.73 -89.00
CA GLU F 160 1.65 -33.00 -88.62
C GLU F 160 2.40 -34.16 -89.27
N VAL F 161 2.85 -33.97 -90.51
CA VAL F 161 3.58 -35.04 -91.20
C VAL F 161 4.95 -35.24 -90.57
N ASP F 162 5.70 -34.15 -90.37
CA ASP F 162 7.03 -34.26 -89.78
C ASP F 162 6.96 -34.86 -88.38
N LEU F 163 5.97 -34.46 -87.58
CA LEU F 163 5.86 -35.00 -86.23
C LEU F 163 5.59 -36.50 -86.27
N GLU F 164 4.75 -36.96 -87.20
CA GLU F 164 4.51 -38.39 -87.33
C GLU F 164 5.78 -39.13 -87.72
N ILE F 165 6.55 -38.57 -88.64
CA ILE F 165 7.81 -39.20 -89.04
C ILE F 165 8.74 -39.31 -87.84
N VAL F 166 8.90 -38.22 -87.09
CA VAL F 166 9.75 -38.23 -85.91
C VAL F 166 9.22 -39.23 -84.89
N ASN F 167 7.90 -39.36 -84.79
CA ASN F 167 7.30 -40.30 -83.85
C ASN F 167 7.69 -41.73 -84.18
N GLU F 168 7.43 -42.16 -85.42
CA GLU F 168 7.72 -43.53 -85.81
C GLU F 168 9.21 -43.82 -85.76
N GLU F 169 10.05 -42.83 -86.09
CA GLU F 169 11.48 -43.06 -86.11
C GLU F 169 12.06 -43.15 -84.71
N GLU F 170 11.52 -42.39 -83.76
CA GLU F 170 11.98 -42.47 -82.37
C GLU F 170 11.37 -43.67 -81.64
N SER F 171 10.42 -44.37 -82.27
CA SER F 171 9.74 -45.48 -81.62
C SER F 171 10.69 -46.61 -81.28
N GLN F 172 11.71 -46.85 -82.13
CA GLN F 172 12.69 -47.90 -81.89
C GLN F 172 14.09 -47.34 -81.64
N GLN F 173 14.16 -46.17 -80.98
CA GLN F 173 15.42 -45.50 -80.65
C GLN F 173 15.57 -45.34 -79.15
N PRO F 174 16.81 -45.38 -78.63
CA PRO F 174 17.01 -45.27 -77.17
C PRO F 174 16.77 -43.85 -76.67
N SER F 175 16.79 -43.70 -75.33
CA SER F 175 16.22 -42.51 -74.69
C SER F 175 17.01 -41.23 -74.96
N ARG F 176 18.33 -41.30 -75.10
CA ARG F 176 19.18 -40.13 -75.37
C ARG F 176 19.00 -39.01 -74.35
N CYS F 177 18.39 -39.30 -73.20
CA CYS F 177 18.06 -38.30 -72.19
C CYS F 177 18.86 -38.65 -70.96
N HIS F 178 19.67 -37.72 -70.48
CA HIS F 178 20.61 -38.03 -69.41
C HIS F 178 20.51 -36.98 -68.32
N LYS F 179 20.46 -37.45 -67.08
CA LYS F 179 20.43 -36.58 -65.91
C LYS F 179 21.86 -36.23 -65.54
N ILE F 180 22.17 -34.94 -65.47
CA ILE F 180 23.53 -34.50 -65.22
C ILE F 180 23.85 -34.63 -63.74
N ALA F 181 25.10 -34.94 -63.44
CA ALA F 181 25.62 -35.03 -62.07
C ALA F 181 26.60 -33.87 -61.89
N ILE F 182 26.09 -32.74 -61.41
CA ILE F 182 26.91 -31.56 -61.15
C ILE F 182 26.81 -31.09 -59.70
N LEU F 183 26.00 -31.74 -58.88
CA LEU F 183 25.89 -31.30 -57.49
C LEU F 183 27.18 -31.52 -56.71
N SER F 184 28.18 -32.16 -57.32
CA SER F 184 29.52 -32.20 -56.73
C SER F 184 30.01 -30.80 -56.41
N PHE F 185 29.78 -29.84 -57.31
CA PHE F 185 30.31 -28.49 -57.11
C PHE F 185 29.74 -27.88 -55.83
N ARG F 186 28.43 -27.98 -55.64
CA ARG F 186 27.83 -27.51 -54.40
C ARG F 186 28.43 -28.23 -53.20
N GLU F 187 28.62 -29.54 -53.32
CA GLU F 187 29.23 -30.32 -52.24
C GLU F 187 30.62 -29.81 -51.90
N ALA F 188 31.34 -29.26 -52.89
CA ALA F 188 32.67 -28.73 -52.63
C ALA F 188 32.62 -27.36 -51.96
N ILE F 189 31.60 -26.56 -52.25
CA ILE F 189 31.44 -25.28 -51.56
C ILE F 189 31.19 -25.52 -50.08
N VAL F 190 30.25 -26.43 -49.77
CA VAL F 190 29.86 -26.67 -48.39
C VAL F 190 30.97 -27.39 -47.63
N ARG F 191 31.63 -28.35 -48.28
CA ARG F 191 32.73 -29.05 -47.62
C ARG F 191 33.77 -28.07 -47.09
N ASN F 192 34.14 -27.07 -47.90
CA ASN F 192 35.17 -26.13 -47.48
C ASN F 192 34.64 -25.13 -46.46
N GLN F 193 33.33 -24.82 -46.50
CA GLN F 193 32.74 -24.04 -45.41
C GLN F 193 32.84 -24.80 -44.09
N ILE F 194 32.54 -26.10 -44.11
CA ILE F 194 32.47 -26.87 -42.88
C ILE F 194 33.85 -27.02 -42.25
N LYS F 195 34.87 -27.24 -43.08
CA LYS F 195 36.23 -27.41 -42.54
C LYS F 195 36.60 -26.25 -41.61
N SER F 196 36.28 -25.02 -42.02
CA SER F 196 36.63 -23.87 -41.19
C SER F 196 35.74 -23.78 -39.95
N LEU F 197 34.47 -24.21 -40.07
CA LEU F 197 33.60 -24.19 -38.90
C LEU F 197 34.10 -25.15 -37.83
N LEU F 198 34.53 -26.34 -38.24
CA LEU F 198 35.09 -27.29 -37.28
C LEU F 198 36.34 -26.71 -36.61
N ASP F 199 37.14 -25.95 -37.36
CA ASP F 199 38.36 -25.39 -36.79
C ASP F 199 38.06 -24.46 -35.62
N ASN F 200 36.93 -23.76 -35.66
CA ASN F 200 36.55 -22.86 -34.58
C ASN F 200 35.59 -23.50 -33.59
N TYR F 201 35.38 -24.81 -33.69
CA TYR F 201 34.50 -25.55 -32.78
C TYR F 201 33.04 -25.14 -32.91
N ASP F 202 32.66 -24.53 -34.03
CA ASP F 202 31.26 -24.19 -34.31
C ASP F 202 30.54 -25.44 -34.80
N TYR F 203 30.28 -26.35 -33.85
CA TYR F 203 29.75 -27.66 -34.23
C TYR F 203 28.27 -27.59 -34.61
N GLU F 204 27.49 -26.72 -33.97
CA GLU F 204 26.10 -26.58 -34.36
C GLU F 204 25.97 -26.05 -35.79
N ALA F 205 26.85 -25.12 -36.17
CA ALA F 205 26.82 -24.62 -37.55
C ALA F 205 27.29 -25.69 -38.54
N ALA F 206 28.32 -26.45 -38.16
CA ALA F 206 28.79 -27.52 -39.04
C ALA F 206 27.71 -28.56 -39.25
N LEU F 207 26.94 -28.87 -38.20
CA LEU F 207 25.82 -29.78 -38.34
C LEU F 207 24.77 -29.21 -39.28
N GLN F 208 24.49 -27.91 -39.18
CA GLN F 208 23.48 -27.30 -40.03
C GLN F 208 23.84 -27.44 -41.50
N LEU F 209 25.09 -27.15 -41.84
CA LEU F 209 25.51 -27.21 -43.24
C LEU F 209 25.55 -28.65 -43.75
N VAL F 210 26.08 -29.58 -42.95
CA VAL F 210 26.07 -30.98 -43.35
C VAL F 210 24.64 -31.44 -43.60
N ALA F 211 23.76 -31.21 -42.63
CA ALA F 211 22.37 -31.67 -42.76
C ALA F 211 21.70 -31.08 -43.99
N SER F 212 21.96 -29.80 -44.27
CA SER F 212 21.36 -29.17 -45.45
C SER F 212 21.86 -29.78 -46.75
N GLN F 213 23.03 -30.41 -46.74
CA GLN F 213 23.65 -30.97 -47.95
C GLN F 213 23.38 -32.48 -47.98
N LYS F 214 22.22 -32.86 -48.51
CA LYS F 214 21.82 -34.26 -48.50
C LYS F 214 22.76 -35.14 -49.31
N SER F 215 23.51 -34.58 -50.27
CA SER F 215 24.31 -35.40 -51.17
C SER F 215 25.55 -36.00 -50.51
N PHE F 216 25.94 -35.56 -49.31
CA PHE F 216 27.15 -36.07 -48.68
C PHE F 216 27.09 -37.59 -48.50
N ARG F 217 28.17 -38.27 -48.92
CA ARG F 217 28.20 -39.74 -48.88
C ARG F 217 28.17 -40.26 -47.44
N ASN F 218 28.87 -39.59 -46.55
CA ASN F 218 29.00 -40.00 -45.15
C ASN F 218 28.12 -39.15 -44.24
N GLY F 219 27.20 -38.38 -44.82
CA GLY F 219 26.27 -37.55 -44.07
C GLY F 219 25.69 -38.19 -42.83
N LYS F 220 25.22 -39.43 -42.93
CA LYS F 220 24.59 -40.09 -41.79
C LYS F 220 25.57 -40.26 -40.63
N GLU F 221 26.80 -40.68 -40.93
CA GLU F 221 27.79 -40.86 -39.88
C GLU F 221 28.23 -39.51 -39.29
N ILE F 222 28.36 -38.50 -40.14
CA ILE F 222 28.81 -37.18 -39.69
C ILE F 222 27.78 -36.54 -38.77
N ARG F 223 26.49 -36.61 -39.14
CA ARG F 223 25.45 -36.04 -38.30
C ARG F 223 25.37 -36.79 -36.97
N LYS F 224 25.46 -38.11 -37.02
CA LYS F 224 25.46 -38.94 -35.82
C LYS F 224 26.55 -38.54 -34.85
N LYS F 225 27.77 -38.33 -35.37
CA LYS F 225 28.89 -37.97 -34.51
C LYS F 225 28.81 -36.51 -34.08
N LEU F 226 28.32 -35.62 -34.95
CA LEU F 226 28.20 -34.21 -34.58
C LEU F 226 27.10 -34.01 -33.55
N LYS F 227 25.97 -34.71 -33.69
CA LYS F 227 24.87 -34.56 -32.74
C LYS F 227 25.31 -34.95 -31.33
N GLU F 228 26.15 -35.97 -31.22
CA GLU F 228 26.57 -36.43 -29.91
C GLU F 228 27.51 -35.42 -29.24
N LEU F 229 28.52 -34.96 -29.97
CA LEU F 229 29.44 -33.97 -29.41
C LEU F 229 28.70 -32.71 -29.00
N ILE F 230 27.76 -32.26 -29.83
CA ILE F 230 26.95 -31.09 -29.49
C ILE F 230 26.30 -31.29 -28.12
N ASP F 231 25.61 -32.41 -27.95
CA ASP F 231 24.92 -32.65 -26.69
C ASP F 231 25.92 -32.85 -25.54
N ASP F 232 27.08 -33.42 -25.81
CA ASP F 232 28.08 -33.58 -24.75
C ASP F 232 28.52 -32.22 -24.23
N ILE F 233 28.73 -31.26 -25.13
CA ILE F 233 29.13 -29.92 -24.71
C ILE F 233 27.97 -29.21 -24.03
N LYS F 234 26.78 -29.30 -24.61
CA LYS F 234 25.63 -28.58 -24.06
C LYS F 234 25.29 -29.07 -22.65
N MET F 235 25.26 -30.39 -22.46
CA MET F 235 24.84 -30.98 -21.19
C MET F 235 26.02 -31.46 -20.35
N HIS F 236 27.25 -31.18 -20.78
CA HIS F 236 28.45 -31.56 -20.03
C HIS F 236 28.54 -33.07 -19.85
N ARG F 237 28.10 -33.82 -20.86
CA ARG F 237 28.24 -35.26 -20.84
C ARG F 237 29.70 -35.63 -21.13
N VAL F 238 30.27 -36.53 -20.32
CA VAL F 238 31.59 -37.04 -20.60
C VAL F 238 31.59 -37.74 -21.95
N PHE F 239 32.64 -37.52 -22.74
CA PHE F 239 32.77 -38.18 -24.03
C PHE F 239 32.86 -39.69 -23.84
N SER F 240 32.09 -40.43 -24.64
CA SER F 240 32.12 -41.88 -24.55
C SER F 240 33.55 -42.42 -24.69
N TYR F 241 34.36 -41.76 -25.50
CA TYR F 241 35.76 -42.17 -25.63
C TYR F 241 36.47 -42.10 -24.28
N LEU F 242 36.29 -40.99 -23.56
CA LEU F 242 36.89 -40.89 -22.23
C LEU F 242 36.35 -41.98 -21.31
N ILE F 243 35.06 -42.29 -21.41
CA ILE F 243 34.47 -43.31 -20.56
C ILE F 243 35.18 -44.65 -20.76
N LYS F 244 35.51 -44.98 -22.01
CA LYS F 244 36.15 -46.26 -22.28
C LYS F 244 37.65 -46.21 -21.95
N GLN F 245 38.29 -45.07 -22.19
CA GLN F 245 39.72 -44.98 -21.91
C GLN F 245 39.99 -45.02 -20.40
N TYR F 246 39.11 -44.42 -19.61
CA TYR F 246 39.32 -44.30 -18.17
C TYR F 246 38.06 -44.72 -17.42
N PRO F 247 37.83 -46.03 -17.30
CA PRO F 247 36.74 -46.51 -16.44
C PRO F 247 37.20 -46.63 -14.99
N ARG F 248 36.22 -46.67 -14.10
CA ARG F 248 36.39 -46.79 -12.66
C ARG F 248 36.98 -45.55 -12.03
N ASN F 249 37.17 -44.47 -12.78
CA ASN F 249 37.59 -43.17 -12.21
C ASN F 249 36.68 -42.11 -12.84
N GLU F 250 35.44 -42.04 -12.36
CA GLU F 250 34.54 -40.98 -12.75
C GLU F 250 35.11 -39.62 -12.35
N LYS F 251 35.79 -39.56 -11.20
CA LYS F 251 36.52 -38.35 -10.82
C LYS F 251 37.36 -37.84 -11.98
N LEU F 252 38.13 -38.73 -12.61
CA LEU F 252 39.02 -38.33 -13.67
C LEU F 252 38.26 -37.99 -14.95
N GLN F 253 37.22 -38.77 -15.27
CA GLN F 253 36.44 -38.50 -16.47
C GLN F 253 35.91 -37.08 -16.48
N LYS F 254 35.29 -36.64 -15.38
CA LYS F 254 34.64 -35.35 -15.35
C LYS F 254 35.64 -34.19 -15.26
N ALA F 255 36.74 -34.39 -14.54
CA ALA F 255 37.75 -33.35 -14.48
C ALA F 255 38.45 -33.18 -15.82
N LEU F 256 38.58 -34.26 -16.60
CA LEU F 256 39.20 -34.16 -17.91
C LEU F 256 38.25 -33.51 -18.92
N LEU F 257 36.98 -33.93 -18.92
CA LEU F 257 36.00 -33.30 -19.80
C LEU F 257 36.04 -31.79 -19.66
N HIS F 258 35.95 -31.29 -18.42
CA HIS F 258 35.86 -29.85 -18.21
C HIS F 258 37.17 -29.15 -18.56
N THR F 259 38.30 -29.84 -18.44
CA THR F 259 39.56 -29.24 -18.87
C THR F 259 39.59 -29.08 -20.38
N ILE F 260 39.02 -30.04 -21.11
CA ILE F 260 38.93 -29.92 -22.56
C ILE F 260 37.99 -28.78 -22.94
N LEU F 261 36.81 -28.75 -22.33
CA LEU F 261 35.86 -27.67 -22.60
C LEU F 261 36.45 -26.32 -22.19
N LEU F 262 37.18 -26.29 -21.07
CA LEU F 262 37.83 -25.04 -20.66
C LEU F 262 38.80 -24.56 -21.73
N GLU F 263 39.73 -25.43 -22.15
CA GLU F 263 40.68 -25.06 -23.18
C GLU F 263 39.98 -24.72 -24.49
N MET F 264 38.92 -25.46 -24.83
CA MET F 264 38.13 -25.11 -26.00
C MET F 264 37.62 -23.68 -25.89
N ARG F 265 36.93 -23.37 -24.78
CA ARG F 265 36.42 -22.03 -24.56
C ARG F 265 37.54 -20.99 -24.71
N HIS F 266 38.69 -21.24 -24.05
CA HIS F 266 39.76 -20.24 -24.03
C HIS F 266 40.38 -20.06 -25.42
N GLN F 267 40.50 -21.14 -26.19
CA GLN F 267 41.23 -21.07 -27.45
C GLN F 267 40.49 -20.29 -28.54
N ARG F 268 39.15 -20.17 -28.45
CA ARG F 268 38.36 -19.55 -29.50
C ARG F 268 37.71 -18.25 -29.04
N GLY F 269 38.28 -17.59 -28.05
CA GLY F 269 37.67 -16.40 -27.47
C GLY F 269 37.04 -16.70 -26.12
N ASP F 270 35.76 -16.35 -25.99
CA ASP F 270 34.97 -16.69 -24.80
C ASP F 270 35.77 -16.51 -23.51
N ILE F 271 36.44 -15.37 -23.39
CA ILE F 271 37.41 -15.21 -22.30
C ILE F 271 36.69 -14.95 -20.98
N ALA F 272 35.55 -14.26 -21.02
CA ALA F 272 34.76 -14.08 -19.82
C ALA F 272 34.16 -15.41 -19.37
N GLU F 273 33.66 -16.20 -20.33
CA GLU F 273 33.13 -17.52 -20.01
C GLU F 273 34.22 -18.45 -19.52
N THR F 274 35.44 -18.28 -20.03
CA THR F 274 36.58 -19.04 -19.53
C THR F 274 36.91 -18.65 -18.10
N LEU F 275 36.89 -17.35 -17.82
CA LEU F 275 37.33 -16.86 -16.52
C LEU F 275 36.46 -17.38 -15.39
N ILE F 276 35.14 -17.50 -15.63
CA ILE F 276 34.25 -17.93 -14.57
C ILE F 276 34.55 -19.37 -14.19
N ARG F 277 34.85 -20.22 -15.18
CA ARG F 277 34.93 -21.66 -14.96
C ARG F 277 36.29 -22.13 -14.48
N VAL F 278 37.36 -21.36 -14.72
CA VAL F 278 38.69 -21.86 -14.39
C VAL F 278 38.80 -22.12 -12.90
N LYS F 279 38.14 -21.30 -12.07
CA LYS F 279 38.19 -21.50 -10.63
C LYS F 279 37.49 -22.80 -10.22
N SER F 280 36.28 -23.01 -10.72
CA SER F 280 35.47 -24.13 -10.26
C SER F 280 36.08 -25.48 -10.65
N ILE F 281 36.71 -25.55 -11.82
CA ILE F 281 37.37 -26.79 -12.22
C ILE F 281 38.60 -27.03 -11.35
N ALA F 282 39.36 -25.96 -11.05
CA ALA F 282 40.54 -26.09 -10.21
C ALA F 282 40.16 -26.57 -8.81
N GLU F 283 39.02 -26.09 -8.29
CA GLU F 283 38.58 -26.50 -6.96
C GLU F 283 38.28 -28.00 -6.93
N TYR F 284 37.74 -28.54 -8.03
CA TYR F 284 37.44 -29.97 -8.10
C TYR F 284 38.70 -30.81 -8.13
N ILE F 285 39.76 -30.32 -8.77
CA ILE F 285 40.98 -31.10 -8.92
C ILE F 285 41.70 -31.21 -7.58
N VAL F 286 41.87 -30.09 -6.88
CA VAL F 286 42.56 -30.14 -5.59
C VAL F 286 41.75 -30.90 -4.57
N GLU F 287 40.42 -30.76 -4.61
CA GLU F 287 39.56 -31.48 -3.69
C GLU F 287 39.84 -32.97 -3.74
N GLN F 288 40.01 -33.51 -4.95
CA GLN F 288 40.36 -34.92 -5.12
C GLN F 288 41.82 -35.20 -4.83
N TYR F 289 42.68 -34.18 -4.92
CA TYR F 289 44.06 -34.31 -4.49
C TYR F 289 44.16 -34.39 -2.98
N ILE F 290 43.39 -33.56 -2.28
CA ILE F 290 43.39 -33.57 -0.82
C ILE F 290 42.66 -34.78 -0.28
N GLN F 291 41.54 -35.14 -0.90
CA GLN F 291 40.80 -36.32 -0.48
C GLN F 291 41.63 -37.58 -0.61
N LYS F 292 42.44 -37.66 -1.67
CA LYS F 292 43.18 -38.89 -1.96
C LYS F 292 44.53 -38.95 -1.26
N ASN F 293 45.15 -37.81 -0.96
CA ASN F 293 46.46 -37.81 -0.32
C ASN F 293 46.45 -37.32 1.11
N TYR F 294 45.34 -36.77 1.60
CA TYR F 294 45.15 -36.48 3.03
C TYR F 294 43.77 -36.97 3.42
N PRO F 295 43.55 -38.29 3.38
CA PRO F 295 42.20 -38.83 3.54
C PRO F 295 41.59 -38.49 4.89
N TYR F 296 40.32 -38.10 4.87
CA TYR F 296 39.51 -37.74 6.03
C TYR F 296 39.90 -36.38 6.58
N LEU F 297 40.81 -35.64 5.93
CA LEU F 297 40.95 -34.22 6.21
C LEU F 297 39.64 -33.50 5.93
N ILE F 298 38.93 -33.92 4.89
CA ILE F 298 37.62 -33.41 4.54
C ILE F 298 36.59 -34.49 4.83
N ILE F 299 35.44 -34.08 5.36
CA ILE F 299 34.29 -34.97 5.44
C ILE F 299 33.15 -34.31 4.65
N TYR F 300 32.33 -35.14 4.02
CA TYR F 300 31.17 -34.68 3.25
C TYR F 300 29.94 -34.96 4.10
N LYS F 301 29.63 -34.02 4.99
CA LYS F 301 28.50 -34.18 5.89
C LYS F 301 27.21 -34.35 5.12
N GLU F 302 26.88 -33.38 4.26
CA GLU F 302 25.60 -33.33 3.57
C GLU F 302 25.82 -32.82 2.14
N ASP F 303 26.65 -33.57 1.40
CA ASP F 303 26.98 -33.35 -0.01
C ASP F 303 27.90 -32.16 -0.23
N LYS F 304 28.53 -31.63 0.81
CA LYS F 304 29.47 -30.52 0.66
C LYS F 304 30.72 -30.79 1.48
N PRO F 305 31.86 -30.24 1.06
CA PRO F 305 33.12 -30.49 1.78
C PRO F 305 33.22 -29.64 3.03
N TYR F 306 33.41 -30.30 4.17
CA TYR F 306 33.63 -29.63 5.45
C TYR F 306 34.97 -30.08 6.02
N PHE F 307 35.53 -29.26 6.91
CA PHE F 307 36.80 -29.56 7.54
C PHE F 307 36.59 -30.41 8.78
N ASN F 308 37.45 -31.42 8.94
CA ASN F 308 37.42 -32.31 10.10
C ASN F 308 38.38 -31.78 11.15
N VAL F 309 37.84 -31.36 12.29
CA VAL F 309 38.67 -30.68 13.28
C VAL F 309 39.68 -31.62 13.94
N SER F 310 39.41 -32.93 13.93
CA SER F 310 40.27 -33.89 14.61
C SER F 310 41.06 -34.77 13.65
N TYR F 311 41.03 -34.48 12.35
CA TYR F 311 41.90 -35.19 11.42
C TYR F 311 43.34 -35.21 11.93
N SER F 312 43.85 -34.05 12.32
CA SER F 312 45.17 -33.94 12.92
C SER F 312 45.16 -32.73 13.84
N GLN F 313 45.54 -32.94 15.11
CA GLN F 313 45.59 -31.83 16.04
C GLN F 313 46.78 -30.91 15.79
N GLU F 314 47.77 -31.37 15.02
CA GLU F 314 48.97 -30.57 14.81
C GLU F 314 48.66 -29.28 14.06
N LEU F 315 47.93 -29.39 12.95
CA LEU F 315 47.70 -28.26 12.07
C LEU F 315 46.30 -27.68 12.15
N THR F 316 45.35 -28.39 12.75
CA THR F 316 44.02 -27.81 12.96
C THR F 316 44.12 -26.56 13.83
N GLU F 317 44.99 -26.58 14.83
CA GLU F 317 45.26 -25.36 15.60
C GLU F 317 46.04 -24.35 14.78
N SER F 318 46.94 -24.81 13.92
CA SER F 318 47.62 -23.90 12.99
C SER F 318 46.62 -23.20 12.09
N TYR F 319 45.68 -23.96 11.53
CA TYR F 319 44.61 -23.35 10.73
C TYR F 319 43.86 -22.32 11.54
N LEU F 320 43.67 -22.57 12.85
CA LEU F 320 43.12 -21.56 13.73
C LEU F 320 44.05 -20.37 13.83
N ALA F 321 45.36 -20.62 13.96
CA ALA F 321 46.33 -19.53 14.00
C ALA F 321 46.22 -18.64 12.75
N LEU F 322 45.99 -19.26 11.59
CA LEU F 322 45.78 -18.48 10.37
C LEU F 322 44.50 -17.68 10.46
N MET F 323 43.41 -18.32 10.90
CA MET F 323 42.15 -17.62 11.11
C MET F 323 42.34 -16.37 11.96
N ASP F 324 43.00 -16.51 13.11
CA ASP F 324 43.25 -15.36 13.97
C ASP F 324 44.04 -14.29 13.24
N SER F 325 45.01 -14.69 12.43
CA SER F 325 45.87 -13.74 11.72
C SER F 325 45.12 -13.10 10.56
N THR F 335 36.14 -20.57 18.12
CA THR F 335 37.11 -20.72 17.04
C THR F 335 36.89 -22.04 16.31
N VAL F 336 37.16 -23.15 16.99
CA VAL F 336 36.80 -24.46 16.43
C VAL F 336 35.28 -24.54 16.23
N ASP F 337 34.52 -24.03 17.21
CA ASP F 337 33.07 -24.00 17.07
C ASP F 337 32.65 -23.20 15.84
N SER F 338 33.38 -22.12 15.53
CA SER F 338 32.91 -21.16 14.54
C SER F 338 33.06 -21.70 13.12
N LEU F 339 34.01 -22.60 12.87
CA LEU F 339 34.29 -23.06 11.51
C LEU F 339 33.44 -24.28 11.19
N ASP F 340 32.14 -24.01 11.00
CA ASP F 340 31.20 -24.99 10.46
C ASP F 340 30.93 -24.74 8.98
N ARG F 341 31.75 -23.93 8.33
CA ARG F 341 31.48 -23.45 6.98
C ARG F 341 32.01 -24.43 5.94
N ILE F 342 31.39 -24.38 4.75
CA ILE F 342 31.80 -25.26 3.66
C ILE F 342 33.15 -24.81 3.13
N LEU F 343 34.00 -25.79 2.81
CA LEU F 343 35.33 -25.49 2.30
C LEU F 343 35.26 -25.01 0.85
N GLY F 344 36.25 -24.22 0.45
CA GLY F 344 36.37 -23.76 -0.91
C GLY F 344 37.82 -23.66 -1.35
N PHE F 345 38.07 -23.05 -2.51
CA PHE F 345 39.45 -22.93 -2.97
C PHE F 345 40.33 -22.18 -1.98
N PRO F 346 39.85 -21.16 -1.26
CA PRO F 346 40.73 -20.53 -0.26
C PRO F 346 41.19 -21.50 0.81
N ALA F 347 40.26 -22.28 1.38
CA ALA F 347 40.62 -23.26 2.39
C ALA F 347 41.64 -24.26 1.83
N TYR F 348 41.37 -24.80 0.65
CA TYR F 348 42.28 -25.75 0.03
C TYR F 348 43.69 -25.15 -0.08
N ARG F 349 43.79 -23.87 -0.42
CA ARG F 349 45.10 -23.22 -0.46
C ARG F 349 45.71 -23.14 0.93
N ASP F 350 44.91 -22.80 1.94
CA ASP F 350 45.45 -22.65 3.29
C ASP F 350 46.02 -23.96 3.80
N PHE F 351 45.35 -25.08 3.51
CA PHE F 351 45.83 -26.38 3.99
C PHE F 351 47.12 -26.78 3.29
N LEU F 352 47.22 -26.52 1.98
CA LEU F 352 48.37 -27.02 1.23
C LEU F 352 49.63 -26.24 1.55
N GLN F 353 49.52 -24.98 1.97
CA GLN F 353 50.71 -24.26 2.40
C GLN F 353 51.22 -24.80 3.72
N LEU F 354 50.30 -25.13 4.63
CA LEU F 354 50.71 -25.72 5.92
C LEU F 354 51.26 -27.12 5.74
N LEU F 355 50.67 -27.91 4.84
CA LEU F 355 51.05 -29.31 4.70
C LEU F 355 52.25 -29.50 3.79
N GLU F 356 52.47 -28.59 2.83
CA GLU F 356 53.63 -28.71 1.93
C GLU F 356 53.91 -27.30 1.39
N ALA F 357 54.77 -26.57 2.11
CA ALA F 357 54.99 -25.16 1.80
C ALA F 357 55.60 -24.99 0.41
N SER F 358 54.97 -24.12 -0.38
CA SER F 358 55.43 -23.75 -1.72
C SER F 358 56.01 -24.92 -2.49
N ASN F 359 55.23 -25.98 -2.59
CA ASN F 359 55.57 -27.09 -3.46
C ASN F 359 54.94 -26.88 -4.84
N GLU F 360 55.29 -27.77 -5.78
CA GLU F 360 54.87 -27.57 -7.17
C GLU F 360 53.38 -27.28 -7.28
N MET F 361 52.57 -27.85 -6.39
CA MET F 361 51.12 -27.69 -6.52
C MET F 361 50.68 -26.29 -6.12
N THR F 362 51.29 -25.72 -5.06
CA THR F 362 50.81 -24.43 -4.59
C THR F 362 51.15 -23.30 -5.57
N ASN F 363 52.21 -23.46 -6.36
CA ASN F 363 52.51 -22.48 -7.40
C ASN F 363 51.45 -22.52 -8.50
N GLU F 364 50.98 -23.72 -8.85
CA GLU F 364 49.93 -23.83 -9.85
C GLU F 364 48.62 -23.24 -9.33
N MET F 365 48.29 -23.49 -8.07
CA MET F 365 47.10 -22.88 -7.47
C MET F 365 47.25 -21.36 -7.43
N ASN F 366 48.45 -20.86 -7.13
CA ASN F 366 48.67 -19.43 -7.04
C ASN F 366 48.17 -18.70 -8.28
N LYS F 367 48.41 -19.27 -9.46
CA LYS F 367 47.97 -18.63 -10.69
C LYS F 367 46.45 -18.53 -10.76
N VAL F 368 45.74 -19.52 -10.21
CA VAL F 368 44.29 -19.39 -10.11
C VAL F 368 43.93 -18.28 -9.12
N ASN F 369 44.77 -18.05 -8.12
CA ASN F 369 44.50 -17.01 -7.13
C ASN F 369 44.72 -15.62 -7.72
N GLU F 370 45.70 -15.47 -8.62
CA GLU F 370 45.92 -14.18 -9.25
C GLU F 370 44.66 -13.61 -9.87
N ILE F 371 43.68 -14.46 -10.15
CA ILE F 371 42.49 -14.07 -10.88
C ILE F 371 41.24 -14.03 -10.01
N ASN F 372 41.31 -14.51 -8.77
CA ASN F 372 40.14 -14.54 -7.91
C ASN F 372 39.42 -13.21 -7.88
N ASN F 373 40.17 -12.11 -7.78
CA ASN F 373 39.53 -10.80 -7.74
C ASN F 373 38.86 -10.46 -9.07
N LEU F 374 39.58 -10.63 -10.17
CA LEU F 374 39.01 -10.33 -11.47
C LEU F 374 37.82 -11.22 -11.78
N ARG F 375 37.84 -12.46 -11.28
CA ARG F 375 36.71 -13.36 -11.54
C ARG F 375 35.44 -12.85 -10.87
N ASN F 376 35.51 -12.55 -9.57
CA ASN F 376 34.36 -11.99 -8.87
C ASN F 376 33.84 -10.75 -9.58
N LYS F 377 34.74 -9.86 -9.97
CA LYS F 377 34.35 -8.65 -10.70
C LYS F 377 33.47 -8.99 -11.89
N VAL F 378 33.86 -10.00 -12.66
CA VAL F 378 33.13 -10.33 -13.88
C VAL F 378 31.89 -11.17 -13.56
N ALA F 379 32.05 -12.23 -12.78
CA ALA F 379 30.99 -13.22 -12.63
C ALA F 379 29.90 -12.77 -11.66
N HIS F 380 30.24 -12.00 -10.63
CA HIS F 380 29.27 -11.63 -9.60
C HIS F 380 28.81 -10.19 -9.67
N ASN F 381 29.66 -9.26 -10.12
CA ASN F 381 29.24 -7.89 -10.36
C ASN F 381 28.90 -7.65 -11.83
N LEU F 382 28.99 -8.68 -12.67
CA LEU F 382 28.59 -8.59 -14.08
C LEU F 382 29.42 -7.58 -14.85
N ASP F 383 30.70 -7.43 -14.50
CA ASP F 383 31.54 -6.43 -15.15
C ASP F 383 32.00 -6.90 -16.52
N SER F 384 32.28 -5.94 -17.40
CA SER F 384 32.87 -6.24 -18.69
C SER F 384 34.29 -6.74 -18.51
N LEU F 385 34.76 -7.52 -19.48
CA LEU F 385 36.10 -8.09 -19.44
C LEU F 385 36.99 -7.35 -20.42
N ASN F 386 38.19 -6.96 -19.97
CA ASN F 386 39.17 -6.29 -20.81
C ASN F 386 40.49 -7.03 -20.67
N LEU F 387 41.04 -7.48 -21.80
CA LEU F 387 42.31 -8.18 -21.83
C LEU F 387 43.50 -7.23 -21.98
N ASP F 388 43.25 -5.99 -22.41
CA ASP F 388 44.32 -5.02 -22.58
C ASP F 388 44.82 -4.50 -21.23
N ARG F 389 43.90 -4.27 -20.30
CA ARG F 389 44.26 -3.62 -19.03
C ARG F 389 44.93 -4.61 -18.09
N ASP F 390 46.03 -4.16 -17.47
CA ASP F 390 46.68 -4.89 -16.38
C ASP F 390 46.98 -6.34 -16.76
N LYS F 391 47.14 -6.61 -18.06
CA LYS F 391 47.49 -7.94 -18.54
C LYS F 391 46.55 -9.01 -17.98
N ASN F 392 45.26 -8.71 -18.04
CA ASN F 392 44.27 -9.66 -17.55
C ASN F 392 44.21 -10.90 -18.42
N GLY F 393 44.41 -10.75 -19.73
CA GLY F 393 44.44 -11.92 -20.60
C GLY F 393 45.62 -12.82 -20.31
N ARG F 394 46.78 -12.24 -20.03
CA ARG F 394 47.96 -13.04 -19.73
C ARG F 394 47.75 -13.84 -18.45
N LYS F 395 47.20 -13.21 -17.41
CA LYS F 395 46.90 -13.94 -16.18
C LYS F 395 45.92 -15.09 -16.46
N ILE F 396 44.91 -14.83 -17.28
CA ILE F 396 43.92 -15.86 -17.59
C ILE F 396 44.59 -17.07 -18.23
N THR F 397 45.46 -16.83 -19.21
CA THR F 397 46.17 -17.93 -19.84
C THR F 397 46.96 -18.74 -18.81
N ASN F 398 47.54 -18.06 -17.82
CA ASN F 398 48.31 -18.76 -16.80
C ASN F 398 47.42 -19.67 -15.97
N ALA F 399 46.22 -19.20 -15.62
CA ALA F 399 45.33 -20.00 -14.79
C ALA F 399 44.87 -21.26 -15.52
N VAL F 400 44.54 -21.14 -16.81
CA VAL F 400 44.12 -22.30 -17.58
C VAL F 400 45.25 -23.33 -17.65
N THR F 401 46.45 -22.88 -18.01
CA THR F 401 47.61 -23.77 -18.00
C THR F 401 47.77 -24.44 -16.64
N ALA F 402 47.53 -23.70 -15.56
CA ALA F 402 47.66 -24.27 -14.22
C ALA F 402 46.67 -25.40 -14.01
N VAL F 403 45.42 -25.22 -14.48
CA VAL F 403 44.41 -26.27 -14.33
C VAL F 403 44.90 -27.56 -15.00
N ARG F 404 45.40 -27.44 -16.22
CA ARG F 404 45.88 -28.62 -16.94
C ARG F 404 47.06 -29.26 -16.22
N THR F 405 47.96 -28.44 -15.68
CA THR F 405 49.12 -28.99 -14.97
C THR F 405 48.70 -29.70 -13.69
N MET F 406 47.73 -29.13 -12.97
CA MET F 406 47.25 -29.77 -11.75
C MET F 406 46.56 -31.09 -12.08
N LEU F 407 45.71 -31.11 -13.11
CA LEU F 407 45.04 -32.35 -13.51
C LEU F 407 46.03 -33.47 -13.77
N LEU F 408 47.20 -33.13 -14.33
CA LEU F 408 48.18 -34.15 -14.66
C LEU F 408 48.84 -34.70 -13.40
N ALA F 409 49.14 -33.83 -12.43
CA ALA F 409 49.74 -34.30 -11.19
C ALA F 409 48.73 -35.08 -10.36
N VAL F 410 47.52 -34.54 -10.23
CA VAL F 410 46.50 -35.18 -9.41
C VAL F 410 46.05 -36.50 -10.01
N PHE F 411 46.04 -36.60 -11.34
CA PHE F 411 45.63 -37.83 -12.04
C PHE F 411 46.74 -38.25 -12.99
N PRO F 412 47.79 -38.92 -12.49
CA PRO F 412 48.86 -39.37 -13.39
C PRO F 412 48.33 -40.23 -14.53
N GLU F 413 47.20 -40.90 -14.32
CA GLU F 413 46.66 -41.81 -15.33
C GLU F 413 46.45 -41.12 -16.66
N VAL F 414 46.08 -39.83 -16.64
CA VAL F 414 45.70 -39.12 -17.85
C VAL F 414 46.84 -39.10 -18.84
N GLN F 415 46.54 -39.42 -20.10
CA GLN F 415 47.51 -39.35 -21.19
C GLN F 415 47.47 -37.98 -21.84
N GLU F 416 48.66 -37.42 -22.09
CA GLU F 416 48.76 -36.05 -22.60
C GLU F 416 48.05 -35.90 -23.94
N ASN F 417 48.13 -36.92 -24.80
CA ASN F 417 47.58 -36.80 -26.14
C ASN F 417 46.07 -36.61 -26.15
N ASP F 418 45.38 -37.00 -25.08
CA ASP F 418 43.93 -36.86 -25.05
C ASP F 418 43.45 -35.42 -25.00
N PHE F 419 44.35 -34.46 -24.75
CA PHE F 419 43.94 -33.05 -24.77
C PHE F 419 43.66 -32.55 -26.18
N HIS F 420 44.12 -33.27 -27.21
CA HIS F 420 43.79 -32.96 -28.59
C HIS F 420 42.50 -33.62 -29.05
N TYR F 421 41.63 -34.00 -28.11
CA TYR F 421 40.44 -34.77 -28.47
C TYR F 421 39.60 -34.03 -29.51
N LEU F 422 39.35 -32.73 -29.29
CA LEU F 422 38.52 -31.98 -30.23
C LEU F 422 39.22 -31.85 -31.58
N LYS F 423 40.53 -31.59 -31.57
CA LYS F 423 41.27 -31.48 -32.83
C LYS F 423 41.22 -32.81 -33.59
N GLN F 424 41.37 -33.92 -32.87
CA GLN F 424 41.26 -35.24 -33.50
C GLN F 424 39.85 -35.48 -34.03
N PHE F 425 38.84 -35.16 -33.22
CA PHE F 425 37.46 -35.28 -33.70
C PHE F 425 37.26 -34.45 -34.97
N ASN F 426 37.78 -33.23 -34.99
CA ASN F 426 37.62 -32.38 -36.16
C ASN F 426 38.23 -33.03 -37.41
N GLN F 427 39.43 -33.57 -37.27
CA GLN F 427 40.07 -34.20 -38.42
C GLN F 427 39.28 -35.42 -38.89
N SER F 428 38.69 -36.17 -37.95
CA SER F 428 37.90 -37.33 -38.33
C SER F 428 36.66 -36.91 -39.12
N ILE F 429 36.03 -35.79 -38.74
CA ILE F 429 34.88 -35.32 -39.49
C ILE F 429 35.30 -34.87 -40.88
N LYS F 430 36.43 -34.16 -40.97
CA LYS F 430 36.89 -33.69 -42.27
C LYS F 430 37.15 -34.84 -43.22
N GLU F 431 37.76 -35.92 -42.72
CA GLU F 431 38.06 -37.07 -43.57
C GLU F 431 36.79 -37.66 -44.18
N LEU F 432 35.70 -37.66 -43.42
CA LEU F 432 34.44 -38.19 -43.92
C LEU F 432 33.74 -37.25 -44.88
N LEU F 433 34.10 -35.97 -44.89
CA LEU F 433 33.52 -35.02 -45.84
C LEU F 433 33.86 -35.42 -47.27
N ASN G 2 -1.02 10.59 -4.37
CA ASN G 2 -2.13 11.15 -3.54
C ASN G 2 -1.77 12.54 -3.02
N ALA G 3 -1.51 13.46 -3.95
CA ALA G 3 -1.13 14.82 -3.62
C ALA G 3 -1.20 15.66 -4.89
N MET G 4 -1.61 16.92 -4.75
CA MET G 4 -1.78 17.76 -5.94
C MET G 4 -0.42 18.10 -6.54
N LYS G 5 -0.26 17.80 -7.83
CA LYS G 5 0.96 18.06 -8.56
C LYS G 5 0.75 19.22 -9.52
N ILE G 6 1.68 20.18 -9.51
CA ILE G 6 1.66 21.32 -10.41
C ILE G 6 2.95 21.31 -11.21
N LEU G 7 2.84 21.48 -12.52
CA LEU G 7 3.99 21.55 -13.41
C LEU G 7 4.10 22.96 -13.97
N PHE G 8 5.22 23.62 -13.69
CA PHE G 8 5.57 24.90 -14.31
C PHE G 8 6.60 24.61 -15.39
N SER G 9 6.29 24.98 -16.64
CA SER G 9 7.16 24.62 -17.75
C SER G 9 7.32 25.75 -18.75
N PRO G 10 8.54 26.21 -18.99
CA PRO G 10 8.79 27.06 -20.17
C PRO G 10 8.51 26.27 -21.44
N ILE G 11 8.70 26.89 -22.60
CA ILE G 11 8.48 26.23 -23.88
C ILE G 11 9.60 26.65 -24.83
N GLY G 12 10.19 25.68 -25.53
CA GLY G 12 11.26 25.93 -26.46
C GLY G 12 11.03 25.32 -27.82
N ASN G 13 12.08 25.21 -28.63
CA ASN G 13 11.92 24.80 -30.02
C ASN G 13 11.66 23.31 -30.16
N THR G 14 12.17 22.47 -29.27
CA THR G 14 11.88 21.04 -29.36
C THR G 14 10.51 20.70 -28.81
N ASP G 15 9.80 21.65 -28.18
CA ASP G 15 8.39 21.45 -27.85
C ASP G 15 7.53 21.80 -29.06
N PRO G 16 6.39 21.13 -29.23
CA PRO G 16 5.82 20.07 -28.40
C PRO G 16 6.43 18.69 -28.63
N TRP G 17 7.09 18.49 -29.78
CA TRP G 17 7.82 17.27 -30.03
C TRP G 17 8.79 17.48 -31.17
N ARG G 18 9.78 16.59 -31.26
CA ARG G 18 10.78 16.61 -32.31
C ARG G 18 11.21 15.19 -32.60
N ASN G 19 11.38 14.87 -33.88
CA ASN G 19 11.79 13.53 -34.32
C ASN G 19 10.81 12.47 -33.83
N ASP G 20 9.51 12.77 -33.92
CA ASP G 20 8.45 11.85 -33.53
C ASP G 20 8.60 11.36 -32.09
N ARG G 21 9.32 12.11 -31.25
CA ARG G 21 9.44 11.79 -29.84
C ARG G 21 9.21 13.04 -29.02
N ASP G 22 8.75 12.83 -27.79
CA ASP G 22 8.24 13.94 -26.98
C ASP G 22 9.28 15.04 -26.83
N GLY G 23 8.78 16.27 -26.68
CA GLY G 23 9.58 17.36 -26.21
C GLY G 23 9.70 17.32 -24.70
N ALA G 24 10.43 18.29 -24.15
CA ALA G 24 10.68 18.29 -22.71
C ALA G 24 9.38 18.43 -21.93
N MET G 25 8.51 19.33 -22.34
CA MET G 25 7.27 19.55 -21.59
C MET G 25 6.36 18.34 -21.65
N LEU G 26 6.10 17.83 -22.86
CA LEU G 26 5.15 16.73 -23.00
C LEU G 26 5.62 15.48 -22.28
N HIS G 27 6.94 15.27 -22.22
CA HIS G 27 7.45 14.09 -21.53
C HIS G 27 7.15 14.15 -20.03
N ILE G 28 7.36 15.31 -19.41
CA ILE G 28 7.07 15.45 -18.00
C ILE G 28 5.59 15.21 -17.76
N VAL G 29 4.74 15.74 -18.65
CA VAL G 29 3.31 15.51 -18.54
C VAL G 29 3.00 14.02 -18.64
N ARG G 30 3.67 13.32 -19.55
CA ARG G 30 3.33 11.91 -19.77
C ARG G 30 3.71 11.06 -18.58
N HIS G 31 4.92 11.25 -18.04
CA HIS G 31 5.45 10.38 -17.00
C HIS G 31 5.19 10.90 -15.60
N TYR G 32 4.60 12.07 -15.44
CA TYR G 32 4.22 12.58 -14.12
C TYR G 32 2.75 12.90 -13.98
N GLN G 33 2.02 13.11 -15.07
CA GLN G 33 0.57 13.33 -15.03
C GLN G 33 0.22 14.41 -14.00
N PRO G 34 0.67 15.64 -14.17
CA PRO G 34 0.36 16.69 -13.19
C PRO G 34 -1.10 17.08 -13.23
N ASP G 35 -1.61 17.50 -12.07
CA ASP G 35 -2.99 17.97 -12.00
C ASP G 35 -3.14 19.35 -12.64
N ARG G 36 -2.09 20.17 -12.59
CA ARG G 36 -2.10 21.51 -13.15
C ARG G 36 -0.82 21.72 -13.95
N VAL G 37 -0.97 22.27 -15.15
CA VAL G 37 0.15 22.60 -16.02
C VAL G 37 0.16 24.09 -16.25
N VAL G 38 1.29 24.74 -15.97
CA VAL G 38 1.48 26.15 -16.22
C VAL G 38 2.59 26.29 -17.25
N LEU G 39 2.23 26.76 -18.44
CA LEU G 39 3.16 26.94 -19.54
C LEU G 39 3.58 28.40 -19.64
N PHE G 40 4.87 28.62 -19.88
CA PHE G 40 5.42 29.96 -20.03
C PHE G 40 6.07 30.06 -21.41
N PHE G 41 5.41 30.79 -22.32
CA PHE G 41 5.96 31.06 -23.64
C PHE G 41 6.48 32.50 -23.68
N THR G 42 7.63 32.70 -24.31
CA THR G 42 8.06 34.05 -24.66
C THR G 42 7.24 34.55 -25.85
N GLU G 43 6.93 35.84 -25.86
CA GLU G 43 6.19 36.41 -26.99
C GLU G 43 6.85 36.02 -28.31
N SER G 44 8.19 36.03 -28.36
CA SER G 44 8.91 35.78 -29.61
C SER G 44 8.74 34.34 -30.07
N ILE G 45 8.69 33.38 -29.14
CA ILE G 45 8.45 32.00 -29.52
C ILE G 45 6.97 31.76 -29.79
N TRP G 46 6.10 32.56 -29.18
CA TRP G 46 4.66 32.43 -29.40
C TRP G 46 4.28 32.90 -30.80
N GLN G 47 4.71 34.12 -31.17
CA GLN G 47 4.37 34.65 -32.48
C GLN G 47 5.25 34.08 -33.58
N GLY G 48 6.52 33.79 -33.29
CA GLY G 48 7.42 33.24 -34.28
C GLY G 48 8.08 34.31 -35.13
N GLN G 50 11.03 33.35 -38.50
CA GLN G 50 12.07 32.93 -39.44
C GLN G 50 11.99 31.43 -39.68
N HIS G 51 12.62 30.65 -38.80
CA HIS G 51 12.61 29.19 -38.96
C HIS G 51 11.27 28.60 -38.54
N PHE G 52 10.78 28.96 -37.36
CA PHE G 52 9.65 28.29 -36.74
C PHE G 52 8.38 29.10 -36.92
N SER G 53 7.30 28.41 -37.32
CA SER G 53 6.07 29.08 -37.70
C SER G 53 5.47 29.91 -36.58
N GLY G 54 5.82 29.63 -35.33
CA GLY G 54 5.20 30.29 -34.21
C GLY G 54 4.40 29.33 -33.35
N GLN G 55 4.65 29.32 -32.04
CA GLN G 55 4.03 28.34 -31.18
C GLN G 55 2.53 28.56 -30.98
N GLN G 56 2.04 29.78 -31.26
CA GLN G 56 0.63 30.08 -30.99
C GLN G 56 -0.31 29.13 -31.71
N ALA G 57 0.10 28.62 -32.88
CA ALA G 57 -0.80 27.80 -33.68
C ALA G 57 -1.11 26.46 -33.02
N PHE G 58 -0.25 25.97 -32.13
CA PHE G 58 -0.47 24.67 -31.52
C PHE G 58 -1.59 24.74 -30.50
N ASP G 59 -2.40 23.68 -30.45
CA ASP G 59 -3.49 23.57 -29.47
C ASP G 59 -2.92 22.92 -28.22
N TRP G 60 -2.28 23.75 -27.38
CA TRP G 60 -1.55 23.24 -26.23
C TRP G 60 -2.48 22.57 -25.22
N VAL G 61 -3.74 22.97 -25.17
CA VAL G 61 -4.66 22.37 -24.21
C VAL G 61 -5.11 20.99 -24.70
N LYS G 62 -5.35 20.83 -26.00
CA LYS G 62 -5.81 19.55 -26.51
C LYS G 62 -4.71 18.49 -26.40
N ILE G 63 -3.47 18.85 -26.71
CA ILE G 63 -2.38 17.89 -26.66
C ILE G 63 -2.16 17.41 -25.22
N ILE G 64 -1.96 18.35 -24.30
CA ILE G 64 -1.70 17.98 -22.91
C ILE G 64 -2.86 17.17 -22.36
N GLN G 65 -4.09 17.66 -22.55
CA GLN G 65 -5.25 16.90 -22.11
C GLN G 65 -5.35 15.54 -22.79
N SER G 66 -4.73 15.39 -23.96
CA SER G 66 -4.88 14.14 -24.72
C SER G 66 -4.29 12.96 -23.97
N ILE G 67 -3.12 13.14 -23.35
CA ILE G 67 -2.44 12.06 -22.65
C ILE G 67 -2.48 12.27 -21.14
N ASN G 68 -3.19 13.30 -20.67
CA ASN G 68 -3.25 13.63 -19.23
C ASN G 68 -4.69 13.98 -18.91
N GLU G 69 -5.45 12.99 -18.44
CA GLU G 69 -6.84 13.22 -18.08
C GLU G 69 -6.95 14.10 -16.85
N ASN G 70 -8.00 14.91 -16.81
CA ASN G 70 -8.28 15.82 -15.70
C ASN G 70 -7.06 16.69 -15.38
N CYS G 71 -6.67 17.49 -16.37
CA CYS G 71 -5.53 18.40 -16.24
C CYS G 71 -6.00 19.82 -16.55
N GLN G 72 -5.83 20.71 -15.58
CA GLN G 72 -6.11 22.12 -15.77
C GLN G 72 -4.84 22.80 -16.30
N ILE G 73 -4.98 23.55 -17.38
CA ILE G 73 -3.86 24.20 -18.04
C ILE G 73 -4.09 25.70 -18.06
N GLU G 74 -3.04 26.45 -17.79
CA GLU G 74 -3.03 27.91 -17.92
C GLU G 74 -1.78 28.32 -18.67
N ILE G 75 -1.94 29.15 -19.68
CA ILE G 75 -0.83 29.60 -20.53
C ILE G 75 -0.46 31.03 -20.14
N LYS G 76 0.83 31.24 -19.87
CA LYS G 76 1.37 32.55 -19.58
C LYS G 76 2.33 32.96 -20.69
N CYS G 77 2.10 34.13 -21.28
CA CYS G 77 2.92 34.67 -22.36
C CYS G 77 3.40 36.05 -21.96
N ASP G 78 4.71 36.30 -22.12
CA ASP G 78 5.33 37.56 -21.74
C ASP G 78 6.24 38.07 -22.84
N THR G 79 6.31 39.38 -22.98
CA THR G 79 7.23 40.02 -23.92
C THR G 79 8.58 40.18 -23.23
N ILE G 80 9.61 39.60 -23.81
CA ILE G 80 10.97 39.61 -23.27
C ILE G 80 11.86 40.28 -24.30
N GLU G 81 12.41 41.46 -23.97
CA GLU G 81 13.24 42.15 -24.95
C GLU G 81 14.47 41.31 -25.31
N VAL G 82 15.13 40.74 -24.29
CA VAL G 82 16.32 39.91 -24.47
C VAL G 82 16.08 38.60 -23.73
N GLU G 83 16.03 37.50 -24.47
CA GLU G 83 15.66 36.22 -23.89
C GLU G 83 16.83 35.44 -23.29
N ASN G 84 18.05 35.99 -23.34
CA ASN G 84 19.18 35.41 -22.64
C ASN G 84 19.56 36.18 -21.38
N ASP G 85 18.75 37.17 -20.97
CA ASP G 85 19.03 37.98 -19.79
C ASP G 85 18.35 37.39 -18.57
N PHE G 86 19.13 37.15 -17.51
CA PHE G 86 18.56 36.58 -16.30
C PHE G 86 17.57 37.52 -15.65
N ASP G 87 17.80 38.83 -15.72
CA ASP G 87 16.88 39.78 -15.12
C ASP G 87 15.48 39.69 -15.72
N ALA G 88 15.33 39.02 -16.86
CA ALA G 88 14.01 38.86 -17.45
C ALA G 88 13.22 37.75 -16.78
N TYR G 89 13.90 36.79 -16.15
CA TYR G 89 13.24 35.66 -15.50
C TYR G 89 13.42 35.63 -13.98
N LYS G 90 14.37 36.38 -13.44
CA LYS G 90 14.66 36.30 -12.01
C LYS G 90 13.39 36.49 -11.18
N ASP G 91 12.73 37.63 -11.35
CA ASP G 91 11.52 37.95 -10.60
C ASP G 91 10.25 37.54 -11.32
N LEU G 92 10.34 37.24 -12.61
CA LEU G 92 9.15 36.85 -13.37
C LEU G 92 8.74 35.43 -12.99
N PHE G 93 9.70 34.50 -12.99
CA PHE G 93 9.43 33.15 -12.54
C PHE G 93 9.11 33.11 -11.05
N HIS G 94 9.83 33.90 -10.25
CA HIS G 94 9.60 33.91 -8.82
C HIS G 94 8.15 34.27 -8.49
N GLN G 95 7.65 35.36 -9.09
CA GLN G 95 6.27 35.77 -8.83
C GLN G 95 5.29 34.69 -9.29
N TYR G 96 5.55 34.08 -10.44
CA TYR G 96 4.64 33.04 -10.93
C TYR G 96 4.60 31.87 -9.95
N LEU G 97 5.75 31.52 -9.40
CA LEU G 97 5.83 30.40 -8.46
C LEU G 97 5.30 30.80 -7.09
N VAL G 98 5.43 32.07 -6.71
CA VAL G 98 4.85 32.53 -5.45
C VAL G 98 3.32 32.45 -5.52
N GLU G 99 2.75 32.68 -6.70
CA GLU G 99 1.30 32.63 -6.84
C GLU G 99 0.78 31.19 -6.77
N GLU G 100 1.52 30.24 -7.35
CA GLU G 100 1.06 28.85 -7.29
C GLU G 100 1.19 28.30 -5.88
N LYS G 101 2.28 28.61 -5.19
CA LYS G 101 2.46 28.19 -3.80
C LYS G 101 1.37 28.80 -2.92
N ARG G 102 1.05 30.06 -3.17
CA ARG G 102 0.00 30.75 -2.40
C ARG G 102 -1.36 30.14 -2.68
N LYS G 103 -1.65 29.86 -3.95
CA LYS G 103 -2.98 29.38 -4.32
C LYS G 103 -3.22 27.95 -3.85
N TYR G 104 -2.19 27.10 -3.92
CA TYR G 104 -2.30 25.68 -3.55
C TYR G 104 -1.20 25.35 -2.55
N PRO G 105 -1.39 25.68 -1.27
CA PRO G 105 -0.28 25.55 -0.29
C PRO G 105 0.34 24.16 -0.16
N ASN G 106 -0.38 23.09 -0.44
CA ASN G 106 0.13 21.75 -0.22
C ASN G 106 0.47 21.02 -1.52
N ALA G 107 0.66 21.76 -2.61
CA ALA G 107 0.96 21.15 -3.89
C ALA G 107 2.46 20.99 -4.08
N GLU G 108 2.86 19.87 -4.66
CA GLU G 108 4.22 19.69 -5.14
C GLU G 108 4.36 20.38 -6.49
N ILE G 109 5.37 21.24 -6.62
CA ILE G 109 5.61 21.99 -7.84
C ILE G 109 6.75 21.30 -8.58
N PHE G 110 6.51 20.93 -9.84
CA PHE G 110 7.50 20.30 -10.69
C PHE G 110 7.98 21.32 -11.72
N LEU G 111 9.27 21.62 -11.69
CA LEU G 111 9.87 22.58 -12.62
C LEU G 111 10.49 21.85 -13.79
N ASN G 112 10.13 22.26 -15.01
CA ASN G 112 10.78 21.77 -16.22
C ASN G 112 12.01 22.65 -16.45
N VAL G 113 13.20 22.10 -16.17
CA VAL G 113 14.45 22.84 -16.31
C VAL G 113 15.16 22.48 -17.62
N THR G 114 14.44 21.92 -18.59
CA THR G 114 15.01 21.57 -19.88
C THR G 114 14.52 22.47 -21.01
N SER G 115 13.29 22.97 -20.93
CA SER G 115 12.73 23.76 -22.02
C SER G 115 13.19 25.21 -21.96
N GLY G 116 13.08 25.88 -23.09
CA GLY G 116 13.42 27.28 -23.17
C GLY G 116 14.92 27.51 -23.31
N THR G 117 15.28 28.77 -23.11
CA THR G 117 16.69 29.15 -23.18
C THR G 117 17.43 28.65 -21.94
N PRO G 118 18.73 28.38 -22.04
CA PRO G 118 19.46 27.93 -20.85
C PRO G 118 19.24 28.79 -19.61
N GLN G 119 19.00 30.08 -19.78
CA GLN G 119 18.83 30.95 -18.60
C GLN G 119 17.52 30.65 -17.88
N MET G 120 16.49 30.19 -18.60
CA MET G 120 15.29 29.71 -17.92
C MET G 120 15.60 28.46 -17.10
N GLU G 121 16.39 27.54 -17.66
CA GLU G 121 16.80 26.35 -16.91
C GLU G 121 17.56 26.73 -15.66
N THR G 122 18.54 27.64 -15.78
CA THR G 122 19.32 28.03 -14.62
C THR G 122 18.48 28.82 -13.62
N THR G 123 17.62 29.71 -14.10
CA THR G 123 16.76 30.46 -13.19
C THR G 123 15.94 29.51 -12.32
N LEU G 124 15.21 28.58 -12.95
CA LEU G 124 14.37 27.66 -12.18
C LEU G 124 15.21 26.84 -11.20
N CYS G 125 16.39 26.39 -11.63
CA CYS G 125 17.28 25.69 -10.69
C CYS G 125 17.64 26.59 -9.51
N LEU G 126 17.78 27.90 -9.74
CA LEU G 126 18.11 28.82 -8.66
C LEU G 126 16.92 29.06 -7.75
N GLU G 127 15.71 29.15 -8.31
CA GLU G 127 14.51 29.21 -7.49
C GLU G 127 14.48 28.05 -6.50
N TYR G 128 14.76 26.84 -7.01
CA TYR G 128 14.64 25.62 -6.22
C TYR G 128 15.67 25.57 -5.10
N VAL G 129 16.91 25.91 -5.39
CA VAL G 129 17.93 25.96 -4.35
C VAL G 129 17.54 26.97 -3.28
N THR G 130 16.81 28.01 -3.66
CA THR G 130 16.39 29.05 -2.72
C THR G 130 15.09 28.72 -2.02
N TYR G 131 14.17 28.01 -2.68
CA TYR G 131 12.83 27.74 -2.14
C TYR G 131 12.46 26.29 -2.40
N PRO G 132 13.11 25.35 -1.70
CA PRO G 132 12.93 23.93 -2.03
C PRO G 132 11.67 23.28 -1.49
N ASP G 133 10.94 23.91 -0.57
CA ASP G 133 9.82 23.22 0.06
C ASP G 133 8.75 22.87 -0.97
N LYS G 134 8.36 21.60 -0.99
CA LYS G 134 7.37 21.05 -1.92
C LYS G 134 7.69 21.39 -3.38
N MET G 135 8.97 21.37 -3.74
CA MET G 135 9.40 21.68 -5.10
C MET G 135 10.45 20.67 -5.53
N ARG G 136 10.49 20.40 -6.84
CA ARG G 136 11.53 19.56 -7.41
C ARG G 136 11.75 19.92 -8.87
N CYS G 137 12.97 19.65 -9.36
CA CYS G 137 13.36 19.96 -10.73
C CYS G 137 13.50 18.67 -11.51
N ILE G 138 12.80 18.56 -12.63
CA ILE G 138 12.87 17.40 -13.51
C ILE G 138 13.53 17.84 -14.81
N GLN G 139 14.61 17.16 -15.19
CA GLN G 139 15.24 17.33 -16.48
C GLN G 139 14.91 16.13 -17.35
N VAL G 140 14.75 16.39 -18.64
CA VAL G 140 14.38 15.36 -19.61
C VAL G 140 15.45 15.35 -20.70
N SER G 141 16.04 14.17 -20.92
CA SER G 141 17.18 14.02 -21.81
C SER G 141 16.76 13.92 -23.27
N THR G 142 17.70 14.24 -24.16
CA THR G 142 17.45 14.08 -25.58
C THR G 142 17.47 12.61 -25.96
N PRO G 143 16.64 12.20 -26.92
CA PRO G 143 16.48 10.76 -27.20
C PRO G 143 17.74 9.99 -27.53
N LEU G 144 18.87 10.64 -27.79
CA LEU G 144 20.07 9.91 -28.23
C LEU G 144 19.74 9.05 -29.45
N THR G 151 15.44 14.11 -39.26
CA THR G 151 15.22 15.41 -38.64
C THR G 151 13.82 15.91 -38.95
N LYS G 152 12.87 15.63 -38.05
CA LYS G 152 11.47 15.97 -38.25
C LYS G 152 11.06 17.00 -37.21
N TYR G 153 10.52 18.12 -37.68
CA TYR G 153 10.05 19.19 -36.82
C TYR G 153 8.54 19.09 -36.61
N ALA G 154 8.06 19.74 -35.55
CA ALA G 154 6.64 19.84 -35.30
C ALA G 154 6.04 20.94 -36.16
N GLN G 155 4.81 20.72 -36.62
CA GLN G 155 4.11 21.70 -37.44
C GLN G 155 2.63 21.67 -37.11
N ALA G 156 2.05 22.85 -36.92
CA ALA G 156 0.65 22.94 -36.50
C ALA G 156 -0.29 22.28 -37.50
N ASP G 157 0.06 22.30 -38.78
CA ASP G 157 -0.77 21.64 -39.79
C ASP G 157 -0.92 20.15 -39.49
N CYS G 158 0.09 19.54 -38.89
CA CYS G 158 0.15 18.10 -38.71
C CYS G 158 0.01 17.66 -37.26
N GLN G 159 -0.42 18.56 -36.36
CA GLN G 159 -0.32 18.25 -34.93
C GLN G 159 -1.19 17.06 -34.55
N GLU G 160 -2.36 16.91 -35.18
CA GLU G 160 -3.25 15.80 -34.80
C GLU G 160 -2.58 14.46 -35.05
N VAL G 161 -1.88 14.32 -36.18
CA VAL G 161 -1.34 13.01 -36.56
C VAL G 161 -0.01 12.74 -35.86
N ASP G 162 0.85 13.76 -35.73
CA ASP G 162 2.15 13.54 -35.10
C ASP G 162 2.00 13.00 -33.69
N LEU G 163 1.05 13.53 -32.92
CA LEU G 163 0.92 13.12 -31.53
C LEU G 163 0.63 11.63 -31.42
N GLU G 164 -0.30 11.12 -32.24
CA GLU G 164 -0.53 9.68 -32.27
C GLU G 164 0.72 8.92 -32.67
N ILE G 165 1.50 9.49 -33.59
CA ILE G 165 2.79 8.90 -33.93
C ILE G 165 3.74 8.98 -32.74
N VAL G 166 3.80 10.15 -32.09
CA VAL G 166 4.66 10.31 -30.93
C VAL G 166 4.21 9.39 -29.80
N ASN G 167 2.90 9.20 -29.66
CA ASN G 167 2.40 8.25 -28.67
C ASN G 167 2.85 6.84 -28.99
N GLU G 168 2.70 6.43 -30.25
CA GLU G 168 3.13 5.10 -30.66
C GLU G 168 4.63 4.91 -30.42
N GLU G 169 5.43 5.91 -30.83
CA GLU G 169 6.87 5.82 -30.67
C GLU G 169 7.28 5.82 -29.20
N GLU G 170 6.51 6.49 -28.35
CA GLU G 170 6.81 6.58 -26.92
C GLU G 170 6.25 5.41 -26.12
N SER G 171 5.45 4.54 -26.75
CA SER G 171 4.86 3.43 -26.02
C SER G 171 5.92 2.44 -25.54
N GLN G 172 6.96 2.22 -26.34
CA GLN G 172 8.01 1.25 -26.03
C GLN G 172 9.35 1.92 -25.76
N GLN G 173 9.34 3.13 -25.19
CA GLN G 173 10.57 3.83 -24.86
C GLN G 173 10.65 4.12 -23.37
N PRO G 174 11.83 4.04 -22.77
CA PRO G 174 11.95 4.37 -21.35
C PRO G 174 11.83 5.87 -21.13
N SER G 175 11.44 6.22 -19.91
CA SER G 175 11.38 7.63 -19.53
C SER G 175 12.76 8.27 -19.70
N ARG G 176 12.77 9.51 -20.17
CA ARG G 176 13.99 10.31 -20.21
C ARG G 176 13.97 11.42 -19.16
N CYS G 177 13.02 11.37 -18.22
CA CYS G 177 12.98 12.31 -17.11
C CYS G 177 13.94 11.88 -16.01
N HIS G 178 14.67 12.85 -15.45
CA HIS G 178 15.62 12.58 -14.39
C HIS G 178 15.52 13.69 -13.36
N LYS G 179 15.09 13.34 -12.14
CA LYS G 179 15.05 14.25 -11.01
C LYS G 179 16.47 14.60 -10.61
N ILE G 180 16.88 15.86 -10.84
CA ILE G 180 18.27 16.24 -10.64
C ILE G 180 18.55 16.40 -9.14
N ALA G 181 19.82 16.22 -8.77
CA ALA G 181 20.27 16.34 -7.40
C ALA G 181 21.21 17.54 -7.33
N ILE G 182 20.68 18.68 -6.88
CA ILE G 182 21.46 19.91 -6.82
C ILE G 182 21.26 20.61 -5.49
N LEU G 183 20.55 19.97 -4.55
CA LEU G 183 20.41 20.57 -3.23
C LEU G 183 21.71 20.52 -2.43
N SER G 184 22.73 19.82 -2.93
CA SER G 184 24.02 19.81 -2.25
C SER G 184 24.63 21.20 -2.18
N PHE G 185 24.38 22.03 -3.20
CA PHE G 185 24.87 23.41 -3.16
C PHE G 185 24.29 24.15 -1.96
N ARG G 186 22.96 24.08 -1.79
CA ARG G 186 22.34 24.67 -0.62
C ARG G 186 22.92 24.07 0.66
N GLU G 187 23.11 22.75 0.68
CA GLU G 187 23.68 22.09 1.85
C GLU G 187 25.06 22.67 2.18
N ALA G 188 25.84 23.00 1.15
CA ALA G 188 27.18 23.56 1.39
C ALA G 188 27.10 24.93 2.03
N ILE G 189 26.10 25.74 1.64
CA ILE G 189 25.94 27.07 2.22
C ILE G 189 25.59 26.96 3.70
N VAL G 190 24.57 26.18 4.02
CA VAL G 190 24.18 25.95 5.41
C VAL G 190 25.32 25.33 6.19
N ARG G 191 25.96 24.30 5.62
CA ARG G 191 27.08 23.65 6.30
C ARG G 191 28.10 24.67 6.77
N ASN G 192 28.55 25.54 5.86
CA ASN G 192 29.59 26.50 6.22
C ASN G 192 29.09 27.50 7.26
N GLN G 193 27.81 27.90 7.16
CA GLN G 193 27.26 28.82 8.14
C GLN G 193 27.24 28.19 9.54
N ILE G 194 26.94 26.90 9.63
CA ILE G 194 26.81 26.24 10.92
C ILE G 194 28.17 26.14 11.61
N LYS G 195 29.22 25.84 10.85
CA LYS G 195 30.57 25.77 11.40
C LYS G 195 30.88 27.00 12.25
N SER G 196 30.56 28.19 11.73
CA SER G 196 30.86 29.41 12.48
C SER G 196 29.94 29.56 13.69
N LEU G 197 28.67 29.16 13.56
CA LEU G 197 27.77 29.20 14.70
C LEU G 197 28.29 28.34 15.84
N LEU G 198 28.72 27.11 15.53
CA LEU G 198 29.25 26.23 16.56
C LEU G 198 30.47 26.84 17.24
N ASP G 199 31.28 27.58 16.48
CA ASP G 199 32.49 28.18 17.04
C ASP G 199 32.18 29.24 18.09
N ASN G 200 30.98 29.82 18.03
CA ASN G 200 30.56 30.84 18.99
C ASN G 200 29.56 30.29 20.01
N TYR G 201 29.46 28.95 20.12
CA TYR G 201 28.53 28.29 21.04
C TYR G 201 27.08 28.77 20.81
N ASP G 202 26.71 28.98 19.55
CA ASP G 202 25.35 29.34 19.17
C ASP G 202 24.59 28.07 18.73
N TYR G 203 24.34 27.21 19.72
CA TYR G 203 23.82 25.88 19.41
C TYR G 203 22.36 25.93 18.98
N GLU G 204 21.54 26.76 19.62
CA GLU G 204 20.18 26.93 19.14
C GLU G 204 20.18 27.41 17.69
N ALA G 205 21.10 28.31 17.34
CA ALA G 205 21.20 28.77 15.96
C ALA G 205 21.61 27.62 15.04
N ALA G 206 22.59 26.82 15.46
CA ALA G 206 23.02 25.68 14.65
C ALA G 206 21.87 24.71 14.43
N LEU G 207 21.19 24.33 15.52
CA LEU G 207 20.05 23.43 15.39
C LEU G 207 19.01 23.97 14.43
N GLN G 208 18.84 25.30 14.40
CA GLN G 208 17.83 25.89 13.52
C GLN G 208 18.19 25.69 12.06
N LEU G 209 19.45 25.93 11.70
CA LEU G 209 19.86 25.78 10.31
C LEU G 209 19.88 24.32 9.88
N VAL G 210 20.30 23.42 10.77
CA VAL G 210 20.30 22.00 10.44
C VAL G 210 18.88 21.49 10.27
N ALA G 211 18.00 21.82 11.23
CA ALA G 211 16.63 21.36 11.15
C ALA G 211 15.96 21.83 9.86
N SER G 212 16.21 23.07 9.46
CA SER G 212 15.64 23.57 8.21
C SER G 212 16.24 22.86 7.01
N GLN G 213 17.48 22.38 7.12
CA GLN G 213 18.16 21.71 6.01
C GLN G 213 17.95 20.21 6.13
N LYS G 214 16.78 19.77 5.67
CA LYS G 214 16.43 18.35 5.71
C LYS G 214 17.31 17.49 4.80
N SER G 215 18.17 18.10 4.00
CA SER G 215 19.02 17.34 3.08
C SER G 215 20.16 16.62 3.77
N PHE G 216 20.50 17.01 5.01
CA PHE G 216 21.71 16.52 5.63
C PHE G 216 21.66 15.01 5.85
N ARG G 217 22.76 14.34 5.48
CA ARG G 217 22.84 12.88 5.57
C ARG G 217 22.79 12.41 7.01
N ASN G 218 23.37 13.18 7.94
CA ASN G 218 23.36 12.83 9.36
C ASN G 218 22.39 13.69 10.16
N GLY G 219 21.34 14.22 9.50
CA GLY G 219 20.46 15.17 10.16
C GLY G 219 19.95 14.69 11.50
N LYS G 220 19.50 13.43 11.57
CA LYS G 220 18.92 12.92 12.80
C LYS G 220 19.94 12.89 13.93
N GLU G 221 21.15 12.40 13.66
CA GLU G 221 22.19 12.35 14.69
C GLU G 221 22.58 13.75 15.13
N ILE G 222 22.67 14.69 14.19
CA ILE G 222 23.09 16.05 14.53
C ILE G 222 22.06 16.71 15.45
N ARG G 223 20.80 16.71 15.03
CA ARG G 223 19.76 17.36 15.82
C ARG G 223 19.73 16.84 17.25
N LYS G 224 19.79 15.51 17.41
CA LYS G 224 19.67 14.93 18.75
C LYS G 224 20.85 15.35 19.63
N LYS G 225 22.07 15.23 19.12
CA LYS G 225 23.22 15.69 19.88
C LYS G 225 23.09 17.16 20.23
N LEU G 226 22.66 17.99 19.27
CA LEU G 226 22.51 19.42 19.52
C LEU G 226 21.42 19.69 20.55
N LYS G 227 20.28 18.99 20.44
CA LYS G 227 19.19 19.23 21.39
C LYS G 227 19.61 18.88 22.81
N GLU G 228 20.35 17.79 22.99
CA GLU G 228 20.80 17.43 24.34
C GLU G 228 21.68 18.52 24.92
N LEU G 229 22.63 19.03 24.13
CA LEU G 229 23.52 20.08 24.63
C LEU G 229 22.74 21.33 24.97
N ILE G 230 21.84 21.76 24.08
CA ILE G 230 21.03 22.95 24.33
C ILE G 230 20.30 22.82 25.66
N ASP G 231 19.61 21.69 25.86
CA ASP G 231 18.86 21.51 27.10
C ASP G 231 19.79 21.39 28.31
N ASP G 232 20.96 20.78 28.13
CA ASP G 232 21.95 20.77 29.21
C ASP G 232 22.32 22.18 29.64
N ILE G 233 22.51 23.09 28.67
CA ILE G 233 22.89 24.45 28.99
C ILE G 233 21.71 25.20 29.62
N LYS G 234 20.49 24.93 29.14
CA LYS G 234 19.33 25.67 29.60
C LYS G 234 18.91 25.26 31.01
N MET G 235 18.95 23.97 31.31
CA MET G 235 18.54 23.46 32.62
C MET G 235 19.72 23.14 33.53
N HIS G 236 20.94 23.44 33.11
CA HIS G 236 22.14 23.18 33.91
C HIS G 236 22.23 21.70 34.29
N ARG G 237 22.05 20.83 33.31
CA ARG G 237 22.20 19.40 33.52
C ARG G 237 23.63 18.98 33.21
N VAL G 238 24.17 18.11 34.05
CA VAL G 238 25.52 17.59 33.81
C VAL G 238 25.54 16.89 32.46
N PHE G 239 26.59 17.16 31.68
CA PHE G 239 26.79 16.45 30.42
C PHE G 239 26.86 14.95 30.68
N SER G 240 26.08 14.18 29.91
CA SER G 240 26.11 12.73 30.08
C SER G 240 27.53 12.20 30.05
N TYR G 241 28.35 12.72 29.14
CA TYR G 241 29.77 12.34 29.10
C TYR G 241 30.42 12.51 30.46
N LEU G 242 30.14 13.62 31.15
CA LEU G 242 30.70 13.83 32.48
C LEU G 242 30.11 12.87 33.51
N ILE G 243 28.85 12.45 33.33
CA ILE G 243 28.25 11.46 34.22
C ILE G 243 28.98 10.13 34.10
N LYS G 244 29.33 9.74 32.88
CA LYS G 244 30.06 8.48 32.68
C LYS G 244 31.50 8.60 33.12
N GLN G 245 32.11 9.77 32.90
CA GLN G 245 33.53 9.96 33.21
C GLN G 245 33.77 9.98 34.71
N TYR G 246 32.86 10.59 35.48
CA TYR G 246 33.00 10.71 36.93
C TYR G 246 31.72 10.21 37.59
N PRO G 247 31.51 8.89 37.59
CA PRO G 247 30.20 8.37 38.03
C PRO G 247 29.96 8.48 39.52
N ARG G 248 31.00 8.41 40.34
CA ARG G 248 30.82 8.35 41.79
C ARG G 248 30.80 9.70 42.47
N ASN G 249 31.30 10.75 41.84
CA ASN G 249 31.45 12.07 42.47
C ASN G 249 30.52 13.06 41.78
N GLU G 250 29.29 13.17 42.32
CA GLU G 250 28.32 14.10 41.73
C GLU G 250 28.70 15.55 41.98
N LYS G 251 29.33 15.84 43.11
CA LYS G 251 29.78 17.20 43.38
C LYS G 251 30.84 17.63 42.36
N LEU G 252 31.70 16.71 41.95
CA LEU G 252 32.67 17.02 40.91
C LEU G 252 31.96 17.30 39.60
N GLN G 253 31.03 16.43 39.23
CA GLN G 253 30.21 16.61 38.04
C GLN G 253 29.64 18.02 37.96
N LYS G 254 28.98 18.46 39.02
CA LYS G 254 28.29 19.76 38.98
C LYS G 254 29.28 20.91 38.96
N ALA G 255 30.36 20.80 39.72
CA ALA G 255 31.41 21.82 39.67
C ALA G 255 32.07 21.86 38.30
N LEU G 256 32.25 20.70 37.67
CA LEU G 256 32.88 20.65 36.35
C LEU G 256 31.95 21.15 35.27
N LEU G 257 30.65 20.89 35.42
CA LEU G 257 29.67 21.46 34.50
C LEU G 257 29.76 22.98 34.47
N HIS G 258 29.68 23.61 35.65
CA HIS G 258 29.58 25.06 35.69
C HIS G 258 30.87 25.74 35.27
N THR G 259 32.02 25.16 35.64
CA THR G 259 33.29 25.72 35.21
C THR G 259 33.38 25.75 33.69
N ILE G 260 32.93 24.67 33.03
CA ILE G 260 32.98 24.62 31.57
C ILE G 260 32.00 25.64 30.98
N LEU G 261 30.82 25.79 31.60
CA LEU G 261 29.88 26.80 31.13
C LEU G 261 30.39 28.21 31.45
N LEU G 262 31.10 28.38 32.57
CA LEU G 262 31.69 29.67 32.88
C LEU G 262 32.69 30.08 31.82
N GLU G 263 33.62 29.17 31.48
CA GLU G 263 34.61 29.48 30.45
C GLU G 263 33.99 29.65 29.08
N MET G 264 32.82 29.05 28.85
CA MET G 264 32.09 29.31 27.62
C MET G 264 31.62 30.75 27.56
N ARG G 265 30.99 31.23 28.63
CA ARG G 265 30.46 32.60 28.64
C ARG G 265 31.58 33.62 28.53
N HIS G 266 32.68 33.39 29.23
CA HIS G 266 33.80 34.33 29.20
C HIS G 266 34.47 34.35 27.84
N GLN G 267 34.61 33.19 27.20
CA GLN G 267 35.18 33.13 25.87
C GLN G 267 34.26 33.82 24.86
N ARG G 268 32.96 33.68 25.04
CA ARG G 268 31.96 34.17 24.12
C ARG G 268 31.76 35.68 24.22
N GLY G 269 32.21 36.30 25.30
CA GLY G 269 32.03 37.71 25.50
C GLY G 269 30.86 38.10 26.38
N ASP G 270 30.24 37.14 27.07
CA ASP G 270 29.14 37.42 27.99
C ASP G 270 29.72 37.75 29.37
N ILE G 271 30.43 38.87 29.43
CA ILE G 271 31.29 39.13 30.58
C ILE G 271 30.46 39.49 31.81
N ALA G 272 29.35 40.22 31.62
CA ALA G 272 28.48 40.50 32.76
C ALA G 272 27.95 39.19 33.35
N GLU G 273 27.53 38.26 32.49
CA GLU G 273 27.03 36.97 32.98
C GLU G 273 28.14 36.19 33.66
N THR G 274 29.35 36.22 33.11
CA THR G 274 30.49 35.59 33.77
C THR G 274 30.69 36.17 35.17
N LEU G 275 30.65 37.50 35.27
CA LEU G 275 30.95 38.17 36.53
C LEU G 275 30.00 37.72 37.64
N ILE G 276 28.74 37.46 37.30
CA ILE G 276 27.76 37.12 38.33
C ILE G 276 27.91 35.66 38.77
N ARG G 277 28.40 34.79 37.89
CA ARG G 277 28.39 33.35 38.15
C ARG G 277 29.70 32.83 38.74
N VAL G 278 30.80 33.60 38.64
CA VAL G 278 32.07 33.13 39.19
C VAL G 278 31.93 32.91 40.69
N LYS G 279 31.44 33.92 41.41
CA LYS G 279 31.27 33.85 42.85
C LYS G 279 30.65 32.54 43.31
N SER G 280 29.50 32.17 42.75
CA SER G 280 28.79 30.99 43.26
C SER G 280 29.55 29.71 42.96
N ILE G 281 30.18 29.63 41.78
CA ILE G 281 30.99 28.46 41.47
C ILE G 281 32.22 28.42 42.36
N ALA G 282 32.85 29.57 42.58
CA ALA G 282 34.02 29.63 43.46
C ALA G 282 33.65 29.21 44.88
N GLU G 283 32.46 29.62 45.36
CA GLU G 283 32.02 29.17 46.67
C GLU G 283 31.91 27.65 46.71
N TYR G 284 31.43 27.05 45.63
CA TYR G 284 31.17 25.61 45.63
C TYR G 284 32.46 24.83 45.81
N ILE G 285 33.50 25.22 45.08
CA ILE G 285 34.78 24.52 45.11
C ILE G 285 35.50 24.77 46.43
N VAL G 286 35.34 25.96 47.01
CA VAL G 286 35.95 26.23 48.30
C VAL G 286 35.18 25.54 49.43
N GLU G 287 33.86 25.43 49.30
CA GLU G 287 33.07 24.71 50.30
C GLU G 287 33.47 23.25 50.36
N GLN G 288 33.60 22.61 49.20
CA GLN G 288 34.00 21.21 49.16
C GLN G 288 35.47 21.03 49.53
N TYR G 289 36.29 22.06 49.32
CA TYR G 289 37.64 22.05 49.89
C TYR G 289 37.57 21.94 51.40
N ILE G 290 36.82 22.84 52.04
CA ILE G 290 36.73 22.86 53.49
C ILE G 290 36.20 21.54 54.01
N GLN G 291 35.17 20.99 53.36
CA GLN G 291 34.65 19.69 53.76
C GLN G 291 35.74 18.62 53.67
N LYS G 292 36.54 18.65 52.62
CA LYS G 292 37.52 17.58 52.40
C LYS G 292 38.65 17.66 53.44
N ASN G 293 39.23 18.84 53.63
CA ASN G 293 40.41 18.97 54.47
C ASN G 293 40.09 19.25 55.94
N TYR G 294 38.94 19.82 56.25
CA TYR G 294 38.51 20.06 57.63
C TYR G 294 37.08 19.55 57.76
N PRO G 295 36.92 18.23 57.92
CA PRO G 295 35.57 17.63 57.74
C PRO G 295 34.49 18.24 58.63
N TYR G 296 34.77 18.42 59.91
CA TYR G 296 33.75 18.81 60.88
C TYR G 296 33.76 20.30 61.17
N LEU G 297 34.46 21.09 60.34
CA LEU G 297 34.52 22.54 60.51
C LEU G 297 33.21 23.22 60.15
N ILE G 298 32.34 22.57 59.39
CA ILE G 298 31.04 23.10 59.02
C ILE G 298 29.97 22.12 59.46
N ILE G 299 28.85 22.65 59.97
CA ILE G 299 27.65 21.86 60.22
C ILE G 299 26.50 22.53 59.49
N TYR G 300 25.58 21.71 58.97
CA TYR G 300 24.41 22.20 58.23
C TYR G 300 23.15 21.75 58.95
N LYS G 301 22.22 22.68 59.18
CA LYS G 301 20.88 22.30 59.61
C LYS G 301 19.82 22.51 58.56
N GLU G 302 19.84 23.65 57.85
CA GLU G 302 18.86 23.97 56.82
C GLU G 302 19.50 23.89 55.43
N ASP G 303 20.46 22.99 55.25
CA ASP G 303 21.22 22.86 54.01
C ASP G 303 22.07 24.09 53.71
N LYS G 304 22.42 24.84 54.75
CA LYS G 304 23.25 26.03 54.68
C LYS G 304 24.50 25.82 55.53
N PRO G 305 25.69 26.19 55.03
CA PRO G 305 26.89 26.01 55.86
C PRO G 305 26.84 26.93 57.07
N TYR G 306 26.92 26.32 58.26
CA TYR G 306 26.93 27.04 59.53
C TYR G 306 28.25 26.77 60.26
N PHE G 307 28.87 27.82 60.78
CA PHE G 307 30.16 27.69 61.45
C PHE G 307 30.00 26.99 62.80
N ASN G 308 30.85 25.98 63.04
CA ASN G 308 30.78 25.17 64.24
C ASN G 308 32.05 25.34 65.08
N VAL G 309 31.87 25.60 66.38
CA VAL G 309 33.02 25.87 67.25
C VAL G 309 33.60 24.60 67.88
N SER G 310 32.87 23.48 67.84
CA SER G 310 33.37 22.24 68.41
C SER G 310 34.52 21.63 67.61
N TYR G 311 34.68 22.02 66.35
CA TYR G 311 35.78 21.48 65.55
C TYR G 311 37.12 21.94 66.09
N SER G 312 37.27 23.24 66.33
CA SER G 312 38.52 23.75 66.91
C SER G 312 38.27 25.10 67.57
N GLN G 313 38.25 25.14 68.91
CA GLN G 313 37.96 26.37 69.63
C GLN G 313 39.13 27.34 69.60
N GLU G 314 40.36 26.83 69.47
CA GLU G 314 41.51 27.71 69.34
C GLU G 314 41.35 28.65 68.16
N LEU G 315 40.84 28.12 67.05
CA LEU G 315 40.68 28.91 65.83
C LEU G 315 39.54 29.90 65.95
N THR G 316 38.50 29.56 66.69
CA THR G 316 37.33 30.43 66.81
C THR G 316 37.73 31.82 67.30
N GLU G 317 38.54 31.87 68.36
CA GLU G 317 38.89 33.16 68.95
C GLU G 317 39.79 33.98 68.04
N SER G 318 40.66 33.32 67.28
CA SER G 318 41.58 34.04 66.39
C SER G 318 40.83 34.71 65.25
N TYR G 319 39.80 34.05 64.71
CA TYR G 319 38.97 34.66 63.68
C TYR G 319 38.40 35.99 64.17
N LEU G 320 37.90 36.01 65.41
CA LEU G 320 37.22 37.18 65.94
C LEU G 320 38.08 38.44 65.83
N ALA G 321 39.39 38.31 66.02
CA ALA G 321 40.26 39.50 65.98
C ALA G 321 40.14 40.20 64.64
N LEU G 322 40.16 39.44 63.54
CA LEU G 322 40.06 40.03 62.21
C LEU G 322 38.66 40.56 61.94
N MET G 323 37.64 39.99 62.56
CA MET G 323 36.31 40.57 62.43
C MET G 323 36.27 41.95 63.09
N ASP G 324 36.88 42.07 64.26
CA ASP G 324 36.94 43.35 64.95
C ASP G 324 37.91 44.30 64.28
N SER G 325 38.97 43.78 63.67
CA SER G 325 39.96 44.58 62.96
C SER G 325 39.56 44.80 61.51
N GLY G 344 29.75 31.87 53.27
CA GLY G 344 30.04 32.79 52.18
C GLY G 344 31.51 32.84 51.84
N PHE G 345 31.83 33.32 50.64
CA PHE G 345 33.22 33.36 50.20
C PHE G 345 34.09 34.25 51.07
N PRO G 346 33.66 35.44 51.51
CA PRO G 346 34.52 36.21 52.42
C PRO G 346 34.84 35.47 53.69
N ALA G 347 33.85 34.76 54.26
CA ALA G 347 34.10 33.96 55.46
C ALA G 347 35.12 32.86 55.18
N TYR G 348 34.91 32.09 54.11
CA TYR G 348 35.87 31.06 53.75
C TYR G 348 37.25 31.66 53.52
N ARG G 349 37.31 32.80 52.83
CA ARG G 349 38.58 33.44 52.53
C ARG G 349 39.32 33.81 53.81
N ASP G 350 38.57 34.14 54.87
CA ASP G 350 39.19 34.48 56.15
C ASP G 350 39.60 33.23 56.91
N PHE G 351 38.74 32.21 56.93
CA PHE G 351 39.09 30.95 57.57
C PHE G 351 40.41 30.40 57.05
N LEU G 352 40.53 30.29 55.73
CA LEU G 352 41.68 29.61 55.13
C LEU G 352 42.98 30.32 55.48
N GLN G 353 42.96 31.65 55.54
CA GLN G 353 44.18 32.38 55.88
C GLN G 353 44.67 32.03 57.28
N LEU G 354 43.74 31.77 58.20
CA LEU G 354 44.09 31.42 59.57
C LEU G 354 44.62 30.00 59.66
N LEU G 355 44.16 29.13 58.77
CA LEU G 355 44.50 27.71 58.78
C LEU G 355 45.70 27.38 57.91
N GLU G 356 46.06 28.25 56.97
CA GLU G 356 47.22 28.04 56.11
C GLU G 356 47.62 29.39 55.54
N ALA G 357 48.92 29.62 55.42
CA ALA G 357 49.46 30.91 55.01
C ALA G 357 50.05 30.82 53.61
N SER G 358 49.46 31.58 52.69
CA SER G 358 50.02 31.83 51.37
C SER G 358 50.44 30.54 50.67
N ASN G 359 49.57 29.54 50.72
CA ASN G 359 49.74 28.35 49.91
C ASN G 359 48.86 28.50 48.66
N GLU G 360 48.74 27.42 47.88
CA GLU G 360 48.17 27.53 46.54
C GLU G 360 46.71 27.99 46.54
N MET G 361 45.99 27.83 47.66
CA MET G 361 44.55 28.06 47.65
C MET G 361 44.18 29.47 48.10
N THR G 362 45.04 30.14 48.86
CA THR G 362 44.73 31.50 49.30
C THR G 362 44.92 32.52 48.19
N ASN G 363 45.85 32.27 47.26
CA ASN G 363 46.08 33.22 46.18
C ASN G 363 44.92 33.21 45.18
N GLU G 364 44.42 32.03 44.83
CA GLU G 364 43.29 31.97 43.90
C GLU G 364 42.06 32.65 44.48
N MET G 365 41.79 32.43 45.77
CA MET G 365 40.65 33.08 46.40
C MET G 365 40.79 34.59 46.38
N ASN G 366 42.02 35.10 46.45
CA ASN G 366 42.21 36.54 46.42
C ASN G 366 41.85 37.11 45.05
N LYS G 367 42.09 36.35 43.99
CA LYS G 367 41.71 36.79 42.66
C LYS G 367 40.20 36.94 42.56
N VAL G 368 39.45 36.01 43.17
CA VAL G 368 37.99 36.10 43.16
C VAL G 368 37.51 37.23 44.06
N ASN G 369 38.23 37.53 45.13
CA ASN G 369 37.82 38.62 46.02
C ASN G 369 37.99 39.98 45.34
N GLU G 370 38.94 40.12 44.42
CA GLU G 370 39.17 41.41 43.79
C GLU G 370 37.99 41.87 42.94
N ILE G 371 37.13 40.95 42.50
CA ILE G 371 35.95 41.32 41.72
C ILE G 371 34.68 41.32 42.57
N ASN G 372 34.77 41.06 43.87
CA ASN G 372 33.55 41.03 44.69
C ASN G 372 32.80 42.35 44.59
N ASN G 373 33.50 43.47 44.67
CA ASN G 373 32.82 44.77 44.67
C ASN G 373 32.21 45.07 43.30
N LEU G 374 32.93 44.75 42.23
CA LEU G 374 32.40 44.93 40.88
C LEU G 374 31.21 44.02 40.65
N ARG G 375 31.30 42.77 41.09
CA ARG G 375 30.16 41.87 41.02
C ARG G 375 28.95 42.47 41.72
N ASN G 376 29.16 43.05 42.90
CA ASN G 376 28.03 43.55 43.67
C ASN G 376 27.35 44.72 42.94
N LYS G 377 28.11 45.50 42.17
CA LYS G 377 27.50 46.58 41.41
C LYS G 377 26.61 46.03 40.29
N VAL G 378 27.13 45.11 39.47
CA VAL G 378 26.34 44.68 38.32
C VAL G 378 25.26 43.69 38.75
N ALA G 379 25.51 42.87 39.77
CA ALA G 379 24.51 41.89 40.17
C ALA G 379 23.37 42.52 40.97
N HIS G 380 23.68 43.48 41.85
CA HIS G 380 22.70 43.96 42.80
C HIS G 380 22.31 45.43 42.61
N ASN G 381 23.13 46.24 41.96
CA ASN G 381 22.77 47.61 41.61
C ASN G 381 22.39 47.74 40.13
N LEU G 382 22.42 46.64 39.37
CA LEU G 382 22.05 46.59 37.95
C LEU G 382 22.94 47.49 37.08
N ASP G 383 24.17 47.73 37.52
CA ASP G 383 25.08 48.57 36.78
C ASP G 383 25.54 47.92 35.47
N SER G 384 25.83 48.77 34.48
CA SER G 384 26.47 48.32 33.25
C SER G 384 27.92 47.91 33.53
N LEU G 385 28.48 47.11 32.63
CA LEU G 385 29.83 46.59 32.77
C LEU G 385 30.75 47.28 31.77
N ASN G 386 31.92 47.73 32.25
CA ASN G 386 32.91 48.40 31.43
C ASN G 386 34.24 47.68 31.62
N LEU G 387 34.80 47.17 30.51
CA LEU G 387 36.06 46.44 30.59
C LEU G 387 37.25 47.38 30.67
N ASP G 388 37.19 48.52 29.98
CA ASP G 388 38.33 49.44 29.96
C ASP G 388 38.54 50.08 31.32
N ARG G 389 37.47 50.32 32.07
CA ARG G 389 37.57 51.09 33.31
C ARG G 389 38.28 50.29 34.40
N ASP G 390 39.40 50.82 34.87
CA ASP G 390 40.14 50.25 36.01
C ASP G 390 40.43 48.76 35.82
N LYS G 391 40.83 48.40 34.60
CA LYS G 391 41.27 47.02 34.31
C LYS G 391 40.23 46.00 34.74
N ASN G 392 38.95 46.28 34.46
CA ASN G 392 37.90 45.34 34.84
C ASN G 392 38.02 44.04 34.06
N GLY G 393 38.34 44.11 32.77
CA GLY G 393 38.41 42.90 31.97
C GLY G 393 39.46 41.92 32.47
N ARG G 394 40.66 42.41 32.74
CA ARG G 394 41.75 41.53 33.17
C ARG G 394 41.45 40.91 34.53
N LYS G 395 40.98 41.72 35.48
CA LYS G 395 40.58 41.20 36.79
C LYS G 395 39.63 40.02 36.64
N ILE G 396 38.57 40.18 35.85
CA ILE G 396 37.59 39.11 35.69
C ILE G 396 38.25 37.88 35.06
N THR G 397 39.13 38.10 34.08
CA THR G 397 39.82 36.98 33.45
C THR G 397 40.62 36.19 34.47
N ASN G 398 41.25 36.88 35.43
CA ASN G 398 42.03 36.19 36.44
C ASN G 398 41.15 35.41 37.40
N ALA G 399 39.93 35.90 37.65
CA ALA G 399 39.00 35.16 38.50
C ALA G 399 38.60 33.85 37.84
N VAL G 400 38.25 33.90 36.55
CA VAL G 400 37.89 32.67 35.83
C VAL G 400 39.02 31.66 35.91
N THR G 401 40.24 32.08 35.59
CA THR G 401 41.39 31.19 35.68
C THR G 401 41.48 30.57 37.06
N ALA G 402 41.17 31.34 38.11
CA ALA G 402 41.25 30.82 39.46
C ALA G 402 40.25 29.68 39.67
N VAL G 403 39.03 29.84 39.16
CA VAL G 403 38.01 28.81 39.34
C VAL G 403 38.51 27.47 38.83
N ARG G 404 39.01 27.44 37.59
CA ARG G 404 39.60 26.20 37.06
C ARG G 404 40.69 25.70 38.00
N THR G 405 41.58 26.60 38.42
CA THR G 405 42.69 26.19 39.28
C THR G 405 42.17 25.58 40.58
N MET G 406 41.25 26.26 41.25
CA MET G 406 40.70 25.74 42.49
C MET G 406 40.00 24.40 42.27
N LEU G 407 39.30 24.25 41.13
CA LEU G 407 38.61 23.00 40.86
C LEU G 407 39.60 21.85 40.74
N LEU G 408 40.75 22.10 40.12
CA LEU G 408 41.73 21.02 39.95
C LEU G 408 42.38 20.64 41.27
N ALA G 409 42.49 21.58 42.20
CA ALA G 409 43.04 21.26 43.51
C ALA G 409 42.06 20.47 44.34
N VAL G 410 40.79 20.88 44.36
CA VAL G 410 39.79 20.22 45.19
C VAL G 410 39.53 18.81 44.70
N PHE G 411 39.51 18.61 43.37
CA PHE G 411 39.24 17.32 42.76
C PHE G 411 40.42 16.96 41.85
N PRO G 412 41.49 16.40 42.40
CA PRO G 412 42.62 16.01 41.54
C PRO G 412 42.22 15.11 40.39
N GLU G 413 41.11 14.39 40.54
CA GLU G 413 40.71 13.36 39.57
C GLU G 413 40.30 13.97 38.24
N VAL G 414 39.82 15.21 38.23
CA VAL G 414 39.42 15.87 36.99
C VAL G 414 40.58 15.90 36.01
N GLN G 415 40.31 15.57 34.74
CA GLN G 415 41.31 15.58 33.69
C GLN G 415 41.28 16.90 32.93
N GLU G 416 42.47 17.45 32.63
CA GLU G 416 42.55 18.77 32.00
C GLU G 416 41.91 18.76 30.62
N ASN G 417 42.04 17.66 29.89
CA ASN G 417 41.52 17.59 28.53
C ASN G 417 40.00 17.74 28.49
N ASP G 418 39.31 17.42 29.56
CA ASP G 418 37.86 17.50 29.60
C ASP G 418 37.34 18.92 29.71
N PHE G 419 38.21 19.92 29.89
CA PHE G 419 37.79 21.30 29.78
C PHE G 419 37.58 21.74 28.33
N HIS G 420 38.12 20.98 27.37
CA HIS G 420 37.89 21.22 25.96
C HIS G 420 36.58 20.61 25.47
N TYR G 421 35.73 20.15 26.38
CA TYR G 421 34.54 19.39 26.00
C TYR G 421 33.78 20.06 24.87
N LEU G 422 33.47 21.35 25.02
CA LEU G 422 32.67 22.03 24.00
C LEU G 422 33.41 22.10 22.66
N LYS G 423 34.72 22.37 22.70
CA LYS G 423 35.50 22.32 21.46
C LYS G 423 35.47 20.92 20.86
N GLN G 424 35.57 19.89 21.71
CA GLN G 424 35.45 18.51 21.23
C GLN G 424 34.08 18.25 20.63
N PHE G 425 33.03 18.74 21.28
CA PHE G 425 31.68 18.59 20.73
C PHE G 425 31.54 19.35 19.41
N ASN G 426 32.17 20.51 19.32
CA ASN G 426 32.06 21.31 18.10
C ASN G 426 32.66 20.58 16.91
N GLN G 427 33.87 20.05 17.07
CA GLN G 427 34.50 19.35 15.95
C GLN G 427 33.78 18.06 15.62
N SER G 428 33.13 17.44 16.60
CA SER G 428 32.36 16.23 16.33
C SER G 428 31.11 16.53 15.51
N ILE G 429 30.43 17.65 15.80
CA ILE G 429 29.31 18.06 14.96
C ILE G 429 29.79 18.41 13.57
N LYS G 430 30.96 19.04 13.48
CA LYS G 430 31.49 19.47 12.19
C LYS G 430 31.79 18.27 11.30
N GLU G 431 32.34 17.20 11.88
CA GLU G 431 32.64 16.01 11.10
C GLU G 431 31.38 15.31 10.61
N LEU G 432 30.26 15.52 11.27
CA LEU G 432 28.99 14.93 10.87
C LEU G 432 28.24 15.76 9.83
N LEU G 433 28.68 16.98 9.54
CA LEU G 433 27.95 17.79 8.55
C LEU G 433 28.34 17.37 7.14
N ALA H 3 44.94 42.91 -9.86
CA ALA H 3 44.83 41.57 -9.20
C ALA H 3 44.97 40.45 -10.25
N MET H 4 45.50 39.30 -9.84
CA MET H 4 45.54 38.14 -10.72
C MET H 4 44.13 37.80 -11.20
N LYS H 5 43.98 37.63 -12.52
CA LYS H 5 42.69 37.34 -13.14
C LYS H 5 42.73 35.95 -13.76
N ILE H 6 41.86 35.06 -13.29
CA ILE H 6 41.77 33.69 -13.78
C ILE H 6 40.39 33.47 -14.39
N LEU H 7 40.37 32.88 -15.59
CA LEU H 7 39.14 32.53 -16.29
C LEU H 7 39.02 31.02 -16.31
N PHE H 8 37.99 30.49 -15.65
CA PHE H 8 37.63 29.08 -15.78
C PHE H 8 36.52 28.99 -16.84
N SER H 9 36.78 28.23 -17.90
CA SER H 9 35.85 28.22 -19.02
C SER H 9 35.72 26.85 -19.67
N PRO H 10 34.55 26.23 -19.62
CA PRO H 10 34.27 25.08 -20.49
C PRO H 10 34.31 25.50 -21.94
N ILE H 11 34.22 24.50 -22.82
CA ILE H 11 34.28 24.70 -24.26
C ILE H 11 33.10 23.97 -24.89
N GLY H 12 32.48 24.61 -25.88
CA GLY H 12 31.37 24.00 -26.59
C GLY H 12 31.58 23.98 -28.09
N ASN H 13 30.55 23.57 -28.84
CA ASN H 13 30.68 23.48 -30.28
C ASN H 13 30.77 24.86 -30.93
N THR H 14 30.18 25.87 -30.30
CA THR H 14 30.25 27.24 -30.81
C THR H 14 31.65 27.83 -30.67
N ASP H 15 32.48 27.27 -29.78
CA ASP H 15 33.87 27.71 -29.66
C ASP H 15 34.72 27.09 -30.77
N PRO H 16 35.79 27.77 -31.19
CA PRO H 16 36.31 29.06 -30.71
C PRO H 16 35.65 30.28 -31.34
N TRP H 17 34.87 30.06 -32.39
CA TRP H 17 34.18 31.15 -33.08
C TRP H 17 33.16 30.55 -34.03
N ARG H 18 32.08 31.28 -34.28
CA ARG H 18 31.06 30.85 -35.22
C ARG H 18 30.58 32.06 -36.02
N ASN H 19 30.51 31.89 -37.33
CA ASN H 19 30.05 32.94 -38.25
C ASN H 19 30.85 34.23 -38.05
N ASP H 20 32.18 34.08 -38.07
CA ASP H 20 33.11 35.22 -38.03
C ASP H 20 32.90 36.09 -36.79
N ARG H 21 32.48 35.50 -35.67
CA ARG H 21 32.36 36.20 -34.41
C ARG H 21 32.88 35.31 -33.29
N ASP H 22 33.42 35.93 -32.25
CA ASP H 22 33.99 35.20 -31.12
C ASP H 22 33.01 34.19 -30.56
N GLY H 23 33.53 33.03 -30.16
CA GLY H 23 32.82 32.17 -29.26
C GLY H 23 32.95 32.63 -27.83
N ALA H 24 32.11 32.07 -26.96
CA ALA H 24 32.04 32.54 -25.59
C ALA H 24 33.42 32.61 -24.93
N MET H 25 34.23 31.57 -25.08
CA MET H 25 35.53 31.57 -24.40
C MET H 25 36.44 32.65 -24.95
N LEU H 26 36.54 32.75 -26.28
CA LEU H 26 37.45 33.73 -26.87
C LEU H 26 36.99 35.15 -26.58
N HIS H 27 35.68 35.36 -26.52
CA HIS H 27 35.18 36.71 -26.25
C HIS H 27 35.52 37.16 -24.84
N ILE H 28 35.38 36.27 -23.86
CA ILE H 28 35.76 36.65 -22.49
C ILE H 28 37.26 36.89 -22.43
N VAL H 29 38.04 36.11 -23.17
CA VAL H 29 39.49 36.30 -23.20
C VAL H 29 39.83 37.67 -23.76
N ARG H 30 39.10 38.11 -24.78
CA ARG H 30 39.43 39.36 -25.47
C ARG H 30 39.12 40.57 -24.60
N HIS H 31 37.98 40.58 -23.93
CA HIS H 31 37.52 41.75 -23.20
C HIS H 31 37.88 41.75 -21.73
N TYR H 32 38.37 40.64 -21.20
CA TYR H 32 38.86 40.59 -19.83
C TYR H 32 40.35 40.33 -19.72
N GLN H 33 41.00 39.88 -20.79
CA GLN H 33 42.44 39.68 -20.82
C GLN H 33 42.95 38.97 -19.59
N PRO H 34 42.38 37.82 -19.23
CA PRO H 34 42.83 37.12 -18.02
C PRO H 34 44.30 36.74 -18.09
N ASP H 35 44.90 36.59 -16.91
CA ASP H 35 46.30 36.18 -16.83
C ASP H 35 46.44 34.67 -16.91
N ARG H 36 45.41 33.93 -16.54
CA ARG H 36 45.41 32.48 -16.59
C ARG H 36 44.05 32.01 -17.07
N VAL H 37 44.04 30.97 -17.90
CA VAL H 37 42.80 30.41 -18.44
C VAL H 37 42.82 28.90 -18.20
N VAL H 38 41.74 28.39 -17.63
CA VAL H 38 41.54 26.97 -17.40
C VAL H 38 40.41 26.52 -18.32
N LEU H 39 40.73 25.77 -19.37
CA LEU H 39 39.75 25.29 -20.33
C LEU H 39 39.34 23.86 -19.97
N PHE H 40 38.03 23.62 -19.94
CA PHE H 40 37.49 22.30 -19.62
C PHE H 40 36.83 21.72 -20.85
N PHE H 41 37.29 20.55 -21.27
CA PHE H 41 36.74 19.86 -22.42
C PHE H 41 36.14 18.53 -21.98
N THR H 42 34.92 18.25 -22.45
CA THR H 42 34.43 16.87 -22.43
C THR H 42 35.26 16.04 -23.40
N GLU H 43 35.54 14.79 -23.02
CA GLU H 43 36.27 13.92 -23.93
C GLU H 43 35.54 13.79 -25.27
N SER H 44 34.20 13.86 -25.25
CA SER H 44 33.44 13.69 -26.47
C SER H 44 33.63 14.87 -27.42
N ILE H 45 33.64 16.09 -26.90
CA ILE H 45 33.85 17.25 -27.77
C ILE H 45 35.30 17.33 -28.19
N TRP H 46 36.23 16.91 -27.32
CA TRP H 46 37.64 16.90 -27.67
C TRP H 46 37.90 15.88 -28.78
N GLN H 47 37.38 14.66 -28.63
CA GLN H 47 37.64 13.61 -29.60
C GLN H 47 36.83 13.82 -30.88
N GLY H 48 35.57 14.20 -30.74
CA GLY H 48 34.71 14.42 -31.89
C GLY H 48 34.12 13.12 -32.39
N ASN H 49 33.44 13.22 -33.54
CA ASN H 49 32.90 12.03 -34.20
C ASN H 49 33.49 11.91 -35.59
N PHE H 52 30.81 16.99 -35.55
CA PHE H 52 31.74 18.10 -35.59
C PHE H 52 33.18 17.62 -35.75
N SER H 53 34.02 18.50 -36.30
CA SER H 53 35.43 18.17 -36.53
C SER H 53 36.07 17.52 -35.32
N GLY H 54 35.89 18.11 -34.15
CA GLY H 54 36.59 17.68 -32.95
C GLY H 54 37.50 18.79 -32.45
N GLN H 55 37.33 19.18 -31.18
CA GLN H 55 38.03 20.35 -30.66
C GLN H 55 39.54 20.13 -30.54
N GLN H 56 40.00 18.88 -30.58
CA GLN H 56 41.42 18.60 -30.48
C GLN H 56 42.22 19.09 -31.68
N ALA H 57 41.54 19.52 -32.76
CA ALA H 57 42.24 19.97 -33.95
C ALA H 57 42.74 21.41 -33.83
N PHE H 58 42.19 22.18 -32.91
CA PHE H 58 42.54 23.59 -32.76
C PHE H 58 43.74 23.75 -31.82
N ASP H 59 44.48 24.84 -32.00
CA ASP H 59 45.64 25.16 -31.16
C ASP H 59 45.19 26.18 -30.12
N TRP H 60 44.61 25.69 -29.04
CA TRP H 60 44.02 26.58 -28.04
C TRP H 60 45.04 27.51 -27.42
N VAL H 61 46.24 27.00 -27.10
CA VAL H 61 47.26 27.85 -26.53
C VAL H 61 47.63 28.98 -27.51
N LYS H 62 47.73 28.66 -28.79
CA LYS H 62 48.09 29.67 -29.78
C LYS H 62 46.98 30.69 -29.96
N ILE H 63 45.73 30.23 -30.06
CA ILE H 63 44.62 31.14 -30.33
C ILE H 63 44.48 32.14 -29.18
N ILE H 64 44.42 31.65 -27.95
CA ILE H 64 44.20 32.52 -26.81
C ILE H 64 45.34 33.53 -26.67
N GLN H 65 46.58 33.05 -26.78
CA GLN H 65 47.72 33.94 -26.61
C GLN H 65 47.86 34.93 -27.76
N SER H 66 47.20 34.69 -28.89
CA SER H 66 47.31 35.61 -30.01
C SER H 66 46.65 36.95 -29.68
N ILE H 67 45.54 36.93 -28.93
CA ILE H 67 44.81 38.15 -28.60
C ILE H 67 44.95 38.54 -27.14
N ASN H 68 45.71 37.78 -26.34
CA ASN H 68 45.88 38.08 -24.92
C ASN H 68 47.35 37.85 -24.57
N GLU H 69 48.09 38.94 -24.43
CA GLU H 69 49.51 38.86 -24.12
C GLU H 69 49.72 38.29 -22.72
N ASN H 70 50.73 37.44 -22.59
CA ASN H 70 51.13 36.88 -21.29
C ASN H 70 49.97 36.15 -20.62
N CYS H 71 49.46 35.14 -21.31
CA CYS H 71 48.38 34.31 -20.79
C CYS H 71 48.88 32.89 -20.55
N GLN H 72 48.61 32.35 -19.37
CA GLN H 72 48.95 30.99 -19.01
C GLN H 72 47.70 30.12 -19.17
N ILE H 73 47.81 29.06 -19.96
CA ILE H 73 46.66 28.24 -20.33
C ILE H 73 46.84 26.84 -19.76
N GLU H 74 45.79 26.35 -19.09
CA GLU H 74 45.70 24.99 -18.62
C GLU H 74 44.53 24.31 -19.32
N ILE H 75 44.75 23.12 -19.86
CA ILE H 75 43.73 22.36 -20.54
C ILE H 75 43.36 21.18 -19.64
N LYS H 76 42.13 21.22 -19.10
CA LYS H 76 41.53 20.07 -18.44
C LYS H 76 40.66 19.31 -19.44
N CYS H 77 40.70 17.98 -19.38
CA CYS H 77 39.93 17.10 -20.26
C CYS H 77 39.47 15.89 -19.46
N ASP H 78 38.18 15.60 -19.52
CA ASP H 78 37.60 14.53 -18.71
C ASP H 78 36.58 13.73 -19.50
N THR H 79 36.43 12.46 -19.13
CA THR H 79 35.46 11.56 -19.73
C THR H 79 34.12 11.74 -19.01
N ILE H 80 33.11 12.19 -19.74
CA ILE H 80 31.77 12.40 -19.21
C ILE H 80 30.84 11.49 -19.99
N GLU H 81 30.25 10.50 -19.31
CA GLU H 81 29.41 9.53 -20.00
C GLU H 81 28.05 10.12 -20.37
N VAL H 82 27.50 10.99 -19.53
CA VAL H 82 26.23 11.65 -19.78
C VAL H 82 26.48 13.15 -19.59
N GLU H 83 26.66 13.87 -20.71
CA GLU H 83 27.09 15.26 -20.64
C GLU H 83 26.00 16.22 -20.20
N ASN H 84 24.75 15.77 -20.05
CA ASN H 84 23.68 16.59 -19.51
C ASN H 84 23.34 16.23 -18.07
N ASP H 85 24.24 15.53 -17.38
CA ASP H 85 23.98 15.04 -16.02
C ASP H 85 24.69 15.95 -15.02
N PHE H 86 23.91 16.62 -14.17
CA PHE H 86 24.50 17.51 -13.17
C PHE H 86 25.51 16.78 -12.29
N ASP H 87 25.28 15.49 -12.02
CA ASP H 87 26.22 14.73 -11.21
C ASP H 87 27.65 14.87 -11.72
N ALA H 88 27.81 14.89 -13.05
CA ALA H 88 29.13 14.88 -13.65
C ALA H 88 29.90 16.17 -13.45
N TYR H 89 29.25 17.25 -13.01
CA TYR H 89 29.89 18.55 -12.95
C TYR H 89 29.92 19.19 -11.57
N LYS H 90 28.91 18.98 -10.72
CA LYS H 90 28.85 19.73 -9.47
C LYS H 90 30.05 19.41 -8.57
N ASP H 91 30.48 18.14 -8.55
CA ASP H 91 31.65 17.78 -7.75
C ASP H 91 32.94 18.05 -8.51
N LEU H 92 32.94 17.81 -9.82
CA LEU H 92 34.15 17.98 -10.63
C LEU H 92 34.52 19.44 -10.78
N PHE H 93 33.57 20.27 -11.20
CA PHE H 93 33.86 21.71 -11.32
C PHE H 93 34.26 22.31 -9.98
N HIS H 94 33.60 21.88 -8.89
CA HIS H 94 33.98 22.33 -7.56
C HIS H 94 35.45 22.05 -7.29
N GLN H 95 35.94 20.87 -7.68
CA GLN H 95 37.33 20.53 -7.42
C GLN H 95 38.28 21.47 -8.15
N TYR H 96 37.97 21.80 -9.41
CA TYR H 96 38.84 22.67 -10.19
C TYR H 96 38.88 24.08 -9.62
N LEU H 97 37.73 24.62 -9.23
CA LEU H 97 37.67 25.98 -8.72
C LEU H 97 38.25 26.07 -7.33
N VAL H 98 38.11 25.02 -6.53
CA VAL H 98 38.84 24.92 -5.27
C VAL H 98 40.35 24.96 -5.52
N GLU H 99 40.83 24.23 -6.53
CA GLU H 99 42.25 24.25 -6.86
C GLU H 99 42.74 25.67 -7.06
N GLU H 100 42.01 26.45 -7.87
CA GLU H 100 42.48 27.78 -8.26
C GLU H 100 42.40 28.75 -7.09
N LYS H 101 41.30 28.72 -6.33
CA LYS H 101 41.22 29.53 -5.12
C LYS H 101 42.36 29.21 -4.17
N ARG H 102 42.73 27.93 -4.07
CA ARG H 102 43.80 27.51 -3.16
C ARG H 102 45.14 28.08 -3.60
N LYS H 103 45.44 28.00 -4.89
CA LYS H 103 46.76 28.40 -5.38
C LYS H 103 46.87 29.90 -5.60
N TYR H 104 45.75 30.58 -5.84
CA TYR H 104 45.73 32.03 -6.08
C TYR H 104 44.67 32.65 -5.17
N PRO H 105 44.98 32.81 -3.89
CA PRO H 105 43.95 33.23 -2.93
C PRO H 105 43.39 34.63 -3.16
N ASN H 106 44.14 35.53 -3.79
CA ASN H 106 43.68 36.91 -3.98
C ASN H 106 43.23 37.19 -5.41
N ALA H 107 43.08 36.16 -6.24
CA ALA H 107 42.74 36.34 -7.63
C ALA H 107 41.23 36.39 -7.83
N GLU H 108 40.80 37.21 -8.78
CA GLU H 108 39.41 37.24 -9.20
C GLU H 108 39.15 36.10 -10.18
N ILE H 109 38.14 35.29 -9.89
CA ILE H 109 37.80 34.13 -10.70
C ILE H 109 36.65 34.52 -11.64
N PHE H 110 36.84 34.28 -12.93
CA PHE H 110 35.82 34.53 -13.94
C PHE H 110 35.40 33.19 -14.52
N LEU H 111 34.10 32.91 -14.45
CA LEU H 111 33.53 31.64 -14.90
C LEU H 111 32.77 31.87 -16.19
N ASN H 112 33.14 31.14 -17.24
CA ASN H 112 32.41 31.19 -18.50
C ASN H 112 31.12 30.39 -18.34
N VAL H 113 29.98 31.08 -18.41
CA VAL H 113 28.68 30.48 -18.18
C VAL H 113 27.89 30.33 -19.48
N THR H 114 28.55 30.49 -20.63
CA THR H 114 27.87 30.34 -21.91
C THR H 114 28.36 29.16 -22.72
N SER H 115 29.57 28.67 -22.49
CA SER H 115 30.09 27.54 -23.23
C SER H 115 29.64 26.22 -22.62
N GLY H 116 29.62 25.17 -23.45
CA GLY H 116 29.27 23.85 -23.00
C GLY H 116 27.78 23.61 -23.00
N THR H 117 27.39 22.47 -22.44
CA THR H 117 25.99 22.14 -22.29
C THR H 117 25.35 23.04 -21.24
N PRO H 118 24.05 23.31 -21.35
CA PRO H 118 23.40 24.19 -20.37
C PRO H 118 23.67 23.80 -18.93
N GLN H 119 23.83 22.51 -18.63
CA GLN H 119 24.09 22.09 -17.27
C GLN H 119 25.48 22.48 -16.79
N MET H 120 26.43 22.65 -17.71
CA MET H 120 27.70 23.27 -17.32
C MET H 120 27.48 24.72 -16.91
N GLU H 121 26.60 25.41 -17.61
CA GLU H 121 26.29 26.80 -17.29
C GLU H 121 25.53 26.91 -15.97
N THR H 122 24.56 26.02 -15.75
CA THR H 122 23.82 26.04 -14.50
C THR H 122 24.71 25.67 -13.32
N THR H 123 25.61 24.69 -13.51
CA THR H 123 26.47 24.27 -12.41
C THR H 123 27.38 25.40 -11.95
N LEU H 124 27.95 26.15 -12.89
CA LEU H 124 28.86 27.23 -12.51
C LEU H 124 28.12 28.36 -11.80
N CYS H 125 26.84 28.57 -12.11
CA CYS H 125 26.06 29.59 -11.40
C CYS H 125 25.78 29.14 -9.96
N LEU H 126 25.36 27.89 -9.79
CA LEU H 126 25.16 27.37 -8.43
C LEU H 126 26.46 27.41 -7.65
N GLU H 127 27.59 27.17 -8.31
CA GLU H 127 28.88 27.29 -7.63
C GLU H 127 29.13 28.72 -7.17
N TYR H 128 28.89 29.68 -8.07
CA TYR H 128 29.05 31.09 -7.71
C TYR H 128 28.12 31.49 -6.59
N VAL H 129 26.85 31.06 -6.66
CA VAL H 129 25.90 31.36 -5.59
C VAL H 129 26.41 30.80 -4.27
N THR H 130 27.07 29.65 -4.30
CA THR H 130 27.50 29.00 -3.07
C THR H 130 28.79 29.63 -2.53
N TYR H 131 29.71 30.01 -3.41
CA TYR H 131 31.01 30.56 -3.02
C TYR H 131 31.26 31.85 -3.81
N PRO H 132 30.54 32.92 -3.47
CA PRO H 132 30.66 34.16 -4.26
C PRO H 132 31.98 34.89 -4.10
N ASP H 133 32.75 34.62 -3.05
CA ASP H 133 33.94 35.41 -2.76
C ASP H 133 34.91 35.39 -3.94
N LYS H 134 35.19 36.56 -4.50
CA LYS H 134 36.16 36.73 -5.58
C LYS H 134 35.81 35.89 -6.81
N MET H 135 34.53 35.66 -7.04
CA MET H 135 34.07 34.96 -8.23
C MET H 135 32.98 35.78 -8.91
N ARG H 136 32.78 35.52 -10.19
CA ARG H 136 31.72 36.18 -10.94
C ARG H 136 31.48 35.41 -12.24
N CYS H 137 30.22 35.38 -12.66
CA CYS H 137 29.80 34.65 -13.84
C CYS H 137 29.66 35.61 -15.01
N ILE H 138 30.22 35.22 -16.15
CA ILE H 138 30.24 36.05 -17.35
C ILE H 138 29.45 35.34 -18.44
N GLN H 139 28.58 36.06 -19.12
CA GLN H 139 27.76 35.54 -20.20
C GLN H 139 28.17 36.21 -21.51
N VAL H 140 28.05 35.46 -22.60
CA VAL H 140 28.37 35.94 -23.95
C VAL H 140 27.16 35.69 -24.84
N SER H 141 26.65 36.74 -25.48
CA SER H 141 25.46 36.65 -26.28
C SER H 141 25.78 36.29 -27.73
N THR H 142 24.83 35.66 -28.40
CA THR H 142 24.94 35.45 -29.83
C THR H 142 24.91 36.81 -30.54
N PRO H 143 25.73 37.00 -31.59
CA PRO H 143 25.92 38.35 -32.14
C PRO H 143 24.66 39.19 -32.33
N LEU H 144 23.62 38.64 -32.95
CA LEU H 144 22.40 39.41 -33.19
C LEU H 144 21.64 39.65 -31.88
N LYS H 152 30.14 27.41 -42.34
CA LYS H 152 29.42 28.20 -41.35
C LYS H 152 30.10 28.09 -39.98
N TYR H 153 30.41 26.86 -39.59
CA TYR H 153 31.03 26.56 -38.30
C TYR H 153 32.55 26.53 -38.46
N ALA H 154 33.24 26.66 -37.34
CA ALA H 154 34.69 26.80 -37.36
C ALA H 154 35.35 25.52 -37.86
N GLN H 155 36.32 25.67 -38.77
CA GLN H 155 37.11 24.56 -39.31
C GLN H 155 38.57 24.77 -38.93
N ALA H 156 39.22 23.71 -38.45
CA ALA H 156 40.54 23.85 -37.85
C ALA H 156 41.67 23.87 -38.88
N ASP H 157 41.38 23.60 -40.15
CA ASP H 157 42.41 23.65 -41.17
C ASP H 157 42.78 25.08 -41.55
N CYS H 158 41.93 26.05 -41.23
CA CYS H 158 42.19 27.46 -41.54
C CYS H 158 42.19 28.35 -40.29
N GLN H 159 42.50 27.80 -39.12
CA GLN H 159 42.55 28.60 -37.90
C GLN H 159 43.21 29.95 -38.10
N GLU H 160 44.42 29.92 -38.65
CA GLU H 160 45.26 31.11 -38.75
C GLU H 160 44.55 32.25 -39.46
N VAL H 161 43.98 31.98 -40.63
CA VAL H 161 43.33 33.05 -41.38
C VAL H 161 41.94 33.32 -40.83
N ASP H 162 41.25 32.29 -40.30
CA ASP H 162 39.91 32.51 -39.76
C ASP H 162 39.96 33.43 -38.55
N LEU H 163 40.98 33.30 -37.71
CA LEU H 163 41.09 34.15 -36.53
C LEU H 163 41.29 35.61 -36.93
N GLU H 164 42.00 35.87 -38.04
CA GLU H 164 42.19 37.24 -38.49
C GLU H 164 40.86 37.88 -38.87
N ILE H 165 40.01 37.14 -39.57
CA ILE H 165 38.71 37.68 -39.97
C ILE H 165 37.86 37.97 -38.74
N VAL H 166 37.84 37.06 -37.77
CA VAL H 166 37.13 37.31 -36.52
C VAL H 166 37.75 38.49 -35.80
N ASN H 167 39.06 38.66 -35.90
CA ASN H 167 39.74 39.78 -35.25
C ASN H 167 39.26 41.11 -35.82
N GLU H 168 39.34 41.27 -37.14
CA GLU H 168 38.92 42.53 -37.75
C GLU H 168 37.43 42.77 -37.57
N GLU H 169 36.62 41.71 -37.57
CA GLU H 169 35.18 41.88 -37.44
C GLU H 169 34.79 42.26 -36.01
N GLU H 170 35.52 41.77 -35.02
CA GLU H 170 35.24 42.11 -33.63
C GLU H 170 35.82 43.45 -33.22
N SER H 171 36.66 44.06 -34.06
CA SER H 171 37.27 45.33 -33.73
C SER H 171 36.25 46.46 -33.76
N GLN H 172 35.22 46.35 -34.59
CA GLN H 172 34.19 47.38 -34.72
C GLN H 172 32.90 47.03 -33.98
N GLN H 173 32.86 45.92 -33.26
CA GLN H 173 31.63 45.46 -32.63
C GLN H 173 31.70 45.60 -31.12
N PRO H 174 30.56 45.82 -30.45
CA PRO H 174 30.57 45.93 -28.98
C PRO H 174 30.76 44.56 -28.33
N SER H 175 31.03 44.63 -27.02
CA SER H 175 31.64 43.52 -26.29
C SER H 175 30.77 42.27 -26.28
N ARG H 176 29.47 42.42 -26.02
CA ARG H 176 28.50 41.32 -25.83
C ARG H 176 28.73 40.55 -24.53
N CYS H 177 29.61 41.03 -23.66
CA CYS H 177 29.98 40.35 -22.43
C CYS H 177 29.20 40.98 -21.29
N HIS H 178 28.43 40.18 -20.57
CA HIS H 178 27.54 40.71 -19.55
C HIS H 178 27.78 39.98 -18.24
N LYS H 179 28.18 40.73 -17.21
CA LYS H 179 28.22 40.17 -15.87
C LYS H 179 26.81 39.83 -15.43
N ILE H 180 26.65 38.70 -14.77
CA ILE H 180 25.35 38.21 -14.38
C ILE H 180 25.04 38.67 -12.95
N ALA H 181 23.76 38.92 -12.69
CA ALA H 181 23.27 39.33 -11.37
C ALA H 181 22.31 38.25 -10.90
N ILE H 182 22.82 37.26 -10.18
CA ILE H 182 22.00 36.18 -9.64
C ILE H 182 22.29 36.00 -8.15
N LEU H 183 22.99 36.96 -7.55
CA LEU H 183 23.28 36.88 -6.12
C LEU H 183 22.07 37.21 -5.26
N SER H 184 20.98 37.69 -5.88
CA SER H 184 19.74 37.85 -5.15
C SER H 184 19.31 36.53 -4.50
N PHE H 185 19.49 35.42 -5.23
CA PHE H 185 19.04 34.13 -4.71
C PHE H 185 19.71 33.79 -3.40
N ARG H 186 21.02 34.02 -3.29
CA ARG H 186 21.73 33.77 -2.05
C ARG H 186 21.24 34.68 -0.94
N GLU H 187 21.08 35.97 -1.23
CA GLU H 187 20.59 36.91 -0.23
C GLU H 187 19.23 36.51 0.30
N ALA H 188 18.38 35.95 -0.56
CA ALA H 188 17.05 35.52 -0.11
C ALA H 188 17.15 34.34 0.85
N ILE H 189 18.07 33.41 0.58
CA ILE H 189 18.30 32.32 1.52
C ILE H 189 18.68 32.88 2.89
N VAL H 190 19.69 33.76 2.90
CA VAL H 190 20.18 34.29 4.17
C VAL H 190 19.15 35.19 4.83
N ARG H 191 18.37 35.93 4.05
CA ARG H 191 17.33 36.77 4.63
C ARG H 191 16.35 35.94 5.45
N ASN H 192 15.82 34.87 4.85
CA ASN H 192 14.87 34.02 5.57
C ASN H 192 15.53 33.31 6.73
N GLN H 193 16.83 33.01 6.62
CA GLN H 193 17.54 32.43 7.76
C GLN H 193 17.65 33.45 8.90
N ILE H 194 17.95 34.71 8.57
CA ILE H 194 18.12 35.71 9.61
C ILE H 194 16.81 36.03 10.31
N LYS H 195 15.69 35.94 9.59
CA LYS H 195 14.41 36.28 10.20
C LYS H 195 14.11 35.38 11.39
N SER H 196 14.32 34.07 11.24
CA SER H 196 14.06 33.15 12.34
C SER H 196 15.06 33.33 13.49
N LEU H 197 16.31 33.69 13.17
CA LEU H 197 17.27 33.92 14.25
C LEU H 197 16.88 35.11 15.10
N LEU H 198 16.30 36.15 14.49
CA LEU H 198 15.84 37.30 15.25
C LEU H 198 14.68 36.93 16.16
N ASP H 199 13.86 35.98 15.73
CA ASP H 199 12.72 35.56 16.54
C ASP H 199 13.14 34.81 17.79
N ASN H 200 14.35 34.26 17.82
CA ASN H 200 14.90 33.61 19.00
C ASN H 200 15.93 34.47 19.72
N TYR H 201 16.02 35.75 19.37
CA TYR H 201 16.99 36.68 19.97
C TYR H 201 18.43 36.17 19.84
N ASP H 202 18.73 35.52 18.70
CA ASP H 202 20.10 35.08 18.40
C ASP H 202 20.81 36.17 17.58
N TYR H 203 21.09 37.28 18.26
CA TYR H 203 21.56 38.48 17.56
C TYR H 203 22.98 38.33 17.07
N GLU H 204 23.81 37.55 17.76
CA GLU H 204 25.16 37.32 17.29
C GLU H 204 25.15 36.46 16.03
N ALA H 205 24.22 35.51 15.99
CA ALA H 205 24.08 34.66 14.81
C ALA H 205 23.50 35.45 13.63
N ALA H 206 22.53 36.32 13.90
CA ALA H 206 21.98 37.15 12.85
C ALA H 206 23.05 38.10 12.32
N LEU H 207 23.83 38.71 13.22
CA LEU H 207 24.96 39.53 12.82
C LEU H 207 25.92 38.75 11.94
N GLN H 208 26.24 37.51 12.33
CA GLN H 208 27.19 36.71 11.56
C GLN H 208 26.73 36.56 10.11
N LEU H 209 25.48 36.13 9.92
CA LEU H 209 24.97 35.91 8.57
C LEU H 209 24.89 37.23 7.81
N VAL H 210 24.48 38.30 8.47
CA VAL H 210 24.45 39.61 7.81
C VAL H 210 25.84 40.00 7.35
N ALA H 211 26.82 39.92 8.25
CA ALA H 211 28.19 40.31 7.90
C ALA H 211 28.72 39.52 6.72
N SER H 212 28.38 38.23 6.64
CA SER H 212 28.89 37.40 5.55
C SER H 212 28.28 37.80 4.21
N GLN H 213 27.02 38.24 4.21
CA GLN H 213 26.33 38.59 2.97
C GLN H 213 26.64 40.04 2.64
N LYS H 214 27.78 40.25 1.95
CA LYS H 214 28.24 41.59 1.66
C LYS H 214 27.25 42.37 0.80
N SER H 215 26.36 41.69 0.08
CA SER H 215 25.51 42.36 -0.90
C SER H 215 24.27 43.03 -0.30
N PHE H 216 24.01 42.85 1.00
CA PHE H 216 22.83 43.42 1.61
C PHE H 216 22.83 44.94 1.45
N ARG H 217 21.77 45.47 0.86
CA ARG H 217 21.68 46.91 0.61
C ARG H 217 21.82 47.71 1.90
N ASN H 218 21.13 47.28 2.96
CA ASN H 218 21.14 47.97 4.24
C ASN H 218 22.07 47.30 5.25
N GLY H 219 23.04 46.52 4.77
CA GLY H 219 23.86 45.74 5.68
C GLY H 219 24.60 46.59 6.70
N LYS H 220 25.15 47.72 6.26
CA LYS H 220 25.91 48.57 7.17
C LYS H 220 25.06 49.05 8.33
N GLU H 221 23.84 49.51 8.05
CA GLU H 221 22.95 49.94 9.13
C GLU H 221 22.56 48.77 10.02
N ILE H 222 22.26 47.61 9.40
CA ILE H 222 21.87 46.44 10.18
C ILE H 222 23.00 46.03 11.12
N ARG H 223 24.23 45.99 10.60
CA ARG H 223 25.37 45.64 11.45
C ARG H 223 25.46 46.57 12.65
N LYS H 224 25.33 47.87 12.41
CA LYS H 224 25.42 48.85 13.48
C LYS H 224 24.41 48.57 14.58
N LYS H 225 23.14 48.42 14.22
CA LYS H 225 22.10 48.22 15.23
C LYS H 225 22.25 46.88 15.93
N LEU H 226 22.75 45.87 15.25
CA LEU H 226 22.94 44.57 15.89
C LEU H 226 24.13 44.61 16.85
N LYS H 227 25.20 45.28 16.46
CA LYS H 227 26.38 45.35 17.31
C LYS H 227 26.09 46.08 18.61
N GLU H 228 25.29 47.15 18.56
CA GLU H 228 24.98 47.89 19.77
C GLU H 228 24.13 47.04 20.72
N LEU H 229 23.08 46.41 20.20
CA LEU H 229 22.22 45.60 21.06
C LEU H 229 22.98 44.41 21.63
N ILE H 230 23.83 43.79 20.82
CA ILE H 230 24.69 42.71 21.30
C ILE H 230 25.48 43.17 22.52
N ASP H 231 26.07 44.35 22.44
CA ASP H 231 26.85 44.86 23.58
C ASP H 231 25.93 45.28 24.73
N ASP H 232 24.79 45.88 24.42
CA ASP H 232 23.81 46.19 25.47
C ASP H 232 23.49 44.94 26.27
N ILE H 233 23.30 43.81 25.58
CA ILE H 233 22.94 42.56 26.24
C ILE H 233 24.13 42.02 27.03
N LYS H 234 25.29 41.98 26.40
CA LYS H 234 26.45 41.34 27.03
C LYS H 234 26.98 42.16 28.21
N MET H 235 27.01 43.49 28.07
CA MET H 235 27.57 44.35 29.09
C MET H 235 26.54 44.98 30.01
N HIS H 236 25.25 44.71 29.79
CA HIS H 236 24.17 45.20 30.66
C HIS H 236 24.07 46.72 30.61
N ARG H 237 24.09 47.29 29.40
CA ARG H 237 23.89 48.72 29.23
C ARG H 237 22.43 48.99 28.92
N VAL H 238 21.89 50.08 29.48
CA VAL H 238 20.52 50.50 29.18
C VAL H 238 20.47 50.92 27.72
N PHE H 239 19.45 50.46 26.99
CA PHE H 239 19.37 50.77 25.57
C PHE H 239 19.24 52.28 25.39
N SER H 240 19.93 52.83 24.39
CA SER H 240 19.88 54.27 24.16
C SER H 240 18.44 54.76 24.06
N TYR H 241 17.57 53.99 23.38
CA TYR H 241 16.15 54.32 23.34
C TYR H 241 15.62 54.61 24.74
N LEU H 242 15.88 53.72 25.69
CA LEU H 242 15.35 53.90 27.05
C LEU H 242 15.96 55.13 27.72
N ILE H 243 17.22 55.44 27.44
CA ILE H 243 17.86 56.59 28.06
C ILE H 243 17.13 57.88 27.67
N LYS H 244 16.82 58.02 26.38
CA LYS H 244 16.13 59.20 25.89
C LYS H 244 14.64 59.17 26.23
N GLN H 245 14.06 57.98 26.36
CA GLN H 245 12.63 57.89 26.63
C GLN H 245 12.32 58.13 28.11
N TYR H 246 13.19 57.69 29.01
CA TYR H 246 12.99 57.85 30.46
C TYR H 246 14.21 58.52 31.08
N PRO H 247 14.42 59.80 30.79
CA PRO H 247 15.57 60.51 31.37
C PRO H 247 15.29 60.93 32.81
N ARG H 248 16.37 61.20 33.53
CA ARG H 248 16.36 61.65 34.92
C ARG H 248 15.88 60.58 35.89
N ASN H 249 15.80 59.32 35.46
CA ASN H 249 15.50 58.21 36.37
C ASN H 249 16.34 57.02 35.91
N GLU H 250 17.61 57.01 36.34
CA GLU H 250 18.49 55.88 36.02
C GLU H 250 17.96 54.60 36.64
N LYS H 251 17.32 54.70 37.81
CA LYS H 251 16.74 53.52 38.45
C LYS H 251 15.63 52.93 37.61
N LEU H 252 14.79 53.77 37.01
CA LEU H 252 13.75 53.26 36.12
C LEU H 252 14.38 52.63 34.90
N GLN H 253 15.38 53.29 34.32
CA GLN H 253 16.10 52.77 33.17
C GLN H 253 16.67 51.39 33.47
N LYS H 254 17.35 51.25 34.61
CA LYS H 254 18.03 50.00 34.92
C LYS H 254 17.03 48.88 35.19
N ALA H 255 16.02 49.18 35.98
CA ALA H 255 15.01 48.16 36.28
C ALA H 255 14.29 47.73 35.02
N LEU H 256 14.05 48.67 34.11
CA LEU H 256 13.38 48.36 32.86
C LEU H 256 14.28 47.52 31.94
N LEU H 257 15.55 47.90 31.80
CA LEU H 257 16.47 47.10 31.00
C LEU H 257 16.45 45.65 31.47
N HIS H 258 16.57 45.44 32.77
CA HIS H 258 16.69 44.11 33.34
C HIS H 258 15.37 43.34 33.27
N THR H 259 14.24 44.04 33.28
CA THR H 259 12.97 43.37 33.06
C THR H 259 12.83 42.93 31.61
N ILE H 260 13.45 43.65 30.68
CA ILE H 260 13.45 43.23 29.28
C ILE H 260 14.30 41.97 29.11
N LEU H 261 15.52 42.01 29.62
CA LEU H 261 16.43 40.89 29.52
C LEU H 261 15.84 39.65 30.19
N LEU H 262 15.19 39.82 31.34
CA LEU H 262 14.65 38.67 32.05
C LEU H 262 13.62 37.95 31.20
N GLU H 263 12.67 38.70 30.65
CA GLU H 263 11.61 38.11 29.84
C GLU H 263 12.16 37.54 28.54
N MET H 264 13.17 38.19 27.96
CA MET H 264 13.89 37.60 26.85
C MET H 264 14.43 36.22 27.22
N ARG H 265 15.15 36.15 28.33
CA ARG H 265 15.75 34.90 28.75
C ARG H 265 14.70 33.82 28.92
N HIS H 266 13.65 34.15 29.64
CA HIS H 266 12.59 33.22 29.99
C HIS H 266 11.85 32.71 28.76
N GLN H 267 11.48 33.61 27.86
CA GLN H 267 10.66 33.21 26.72
C GLN H 267 11.42 32.32 25.75
N ARG H 268 12.73 32.51 25.64
CA ARG H 268 13.62 31.79 24.74
C ARG H 268 14.03 30.42 25.27
N GLY H 269 13.68 30.10 26.52
CA GLY H 269 14.15 28.92 27.19
C GLY H 269 14.95 29.35 28.40
N ASP H 270 16.17 28.85 28.55
CA ASP H 270 17.13 29.41 29.49
C ASP H 270 16.48 29.66 30.86
N ILE H 271 15.79 28.65 31.37
CA ILE H 271 14.96 28.85 32.56
C ILE H 271 15.83 28.90 33.82
N ALA H 272 16.99 28.24 33.79
CA ALA H 272 17.91 28.32 34.94
C ALA H 272 18.45 29.74 35.08
N GLU H 273 19.02 30.29 34.00
CA GLU H 273 19.48 31.67 34.04
C GLU H 273 18.35 32.61 34.42
N THR H 274 17.13 32.31 33.99
CA THR H 274 15.99 33.14 34.37
C THR H 274 15.74 33.07 35.87
N LEU H 275 15.75 31.86 36.42
CA LEU H 275 15.46 31.67 37.84
C LEU H 275 16.43 32.46 38.71
N ILE H 276 17.72 32.43 38.37
CA ILE H 276 18.71 33.11 39.19
C ILE H 276 18.44 34.61 39.24
N ARG H 277 18.26 35.22 38.07
CA ARG H 277 18.29 36.68 37.99
C ARG H 277 17.04 37.31 38.60
N VAL H 278 15.91 36.59 38.60
CA VAL H 278 14.64 37.23 38.95
C VAL H 278 14.69 37.79 40.37
N LYS H 279 15.34 37.08 41.29
CA LYS H 279 15.36 37.55 42.68
C LYS H 279 16.12 38.87 42.79
N SER H 280 17.24 38.99 42.08
CA SER H 280 18.04 40.20 42.14
C SER H 280 17.31 41.39 41.55
N ILE H 281 16.53 41.17 40.49
CA ILE H 281 15.76 42.26 39.90
C ILE H 281 14.59 42.61 40.80
N ALA H 282 14.00 41.61 41.46
CA ALA H 282 12.86 41.86 42.33
C ALA H 282 13.27 42.61 43.58
N GLU H 283 14.52 42.42 44.03
CA GLU H 283 15.01 43.11 45.21
C GLU H 283 15.23 44.59 44.93
N TYR H 284 15.85 44.89 43.79
CA TYR H 284 16.03 46.28 43.36
C TYR H 284 14.70 47.03 43.35
N ILE H 285 13.64 46.39 42.85
CA ILE H 285 12.37 47.09 42.64
C ILE H 285 11.68 47.40 43.96
N VAL H 286 11.74 46.49 44.94
CA VAL H 286 11.15 46.82 46.22
C VAL H 286 12.02 47.83 46.95
N GLU H 287 13.34 47.80 46.69
CA GLU H 287 14.25 48.74 47.33
C GLU H 287 13.91 50.17 46.94
N GLN H 288 13.60 50.42 45.67
CA GLN H 288 13.21 51.74 45.23
C GLN H 288 11.77 52.07 45.65
N TYR H 289 10.91 51.07 45.74
CA TYR H 289 9.59 51.28 46.31
C TYR H 289 9.68 51.76 47.75
N ILE H 290 10.57 51.14 48.53
CA ILE H 290 10.69 51.47 49.95
C ILE H 290 11.25 52.87 50.12
N GLN H 291 12.35 53.16 49.42
CA GLN H 291 12.88 54.52 49.39
C GLN H 291 11.80 55.53 49.04
N LYS H 292 10.95 55.20 48.06
CA LYS H 292 9.97 56.15 47.56
C LYS H 292 8.85 56.38 48.57
N ASN H 293 8.36 55.32 49.22
CA ASN H 293 7.16 55.43 50.06
C ASN H 293 7.46 55.62 51.53
N TYR H 294 8.62 55.18 52.01
CA TYR H 294 9.02 55.32 53.40
C TYR H 294 10.43 55.90 53.45
N PRO H 295 10.58 57.21 53.18
CA PRO H 295 11.93 57.76 52.98
C PRO H 295 12.78 57.67 54.24
N TYR H 296 14.03 57.23 54.05
CA TYR H 296 15.06 57.11 55.09
C TYR H 296 14.75 55.99 56.08
N LEU H 297 13.90 55.05 55.68
CA LEU H 297 13.78 53.79 56.41
C LEU H 297 15.03 52.94 56.23
N ILE H 298 15.66 53.07 55.06
CA ILE H 298 16.92 52.43 54.73
C ILE H 298 18.02 53.48 54.81
N ILE H 299 19.13 53.16 55.47
CA ILE H 299 20.31 54.03 55.52
C ILE H 299 21.47 53.27 54.88
N TYR H 300 22.19 53.92 53.98
CA TYR H 300 23.28 53.27 53.23
C TYR H 300 24.61 53.53 53.91
N LYS H 301 24.89 52.72 54.93
CA LYS H 301 26.10 52.91 55.72
C LYS H 301 27.35 52.87 54.85
N GLU H 302 27.52 51.79 54.08
CA GLU H 302 28.70 51.56 53.25
C GLU H 302 28.29 51.18 51.84
N ASP H 303 27.34 51.94 51.29
CA ASP H 303 26.88 51.78 49.90
C ASP H 303 26.11 50.48 49.69
N LYS H 304 25.61 49.89 50.76
CA LYS H 304 24.82 48.67 50.75
C LYS H 304 23.61 48.89 51.66
N PRO H 305 22.53 48.14 51.45
CA PRO H 305 21.32 48.38 52.25
C PRO H 305 21.53 48.08 53.74
N TYR H 306 20.92 48.91 54.59
CA TYR H 306 20.96 48.70 56.04
C TYR H 306 19.72 49.31 56.68
N PHE H 307 19.21 48.64 57.72
CA PHE H 307 17.96 49.02 58.37
C PHE H 307 18.19 50.19 59.33
N ASN H 308 17.22 51.11 59.39
CA ASN H 308 17.27 52.27 60.28
C ASN H 308 16.41 51.98 61.50
N VAL H 309 17.05 51.95 62.68
CA VAL H 309 16.34 51.54 63.89
C VAL H 309 15.46 52.63 64.47
N SER H 310 15.59 53.87 64.00
CA SER H 310 14.82 54.98 64.53
C SER H 310 13.93 55.65 63.49
N TYR H 311 13.77 55.06 62.30
CA TYR H 311 12.80 55.59 61.35
C TYR H 311 11.42 55.69 62.00
N SER H 312 10.98 54.62 62.64
CA SER H 312 9.70 54.58 63.34
C SER H 312 9.81 53.61 64.50
N GLN H 313 9.68 54.11 65.73
CA GLN H 313 9.79 53.22 66.88
C GLN H 313 8.56 52.33 67.02
N GLU H 314 7.43 52.75 66.47
CA GLU H 314 6.21 51.94 66.50
C GLU H 314 6.43 50.54 65.93
N LEU H 315 7.03 50.45 64.73
CA LEU H 315 7.09 49.17 64.03
C LEU H 315 8.50 48.57 63.94
N THR H 316 9.56 49.31 64.31
CA THR H 316 10.86 48.63 64.39
C THR H 316 10.90 47.69 65.58
N GLU H 317 10.20 48.04 66.64
CA GLU H 317 10.04 47.16 67.79
C GLU H 317 9.11 46.01 67.47
N SER H 318 8.10 46.27 66.65
CA SER H 318 7.18 45.24 66.20
C SER H 318 7.84 44.29 65.21
N TYR H 319 8.81 44.79 64.44
CA TYR H 319 9.56 43.93 63.54
C TYR H 319 10.37 42.92 64.32
N LEU H 320 10.95 43.35 65.44
CA LEU H 320 11.69 42.46 66.32
C LEU H 320 10.82 41.27 66.74
N ALA H 321 9.52 41.48 66.94
CA ALA H 321 8.64 40.39 67.36
C ALA H 321 8.54 39.31 66.29
N LEU H 322 8.45 39.72 65.02
CA LEU H 322 8.40 38.75 63.94
C LEU H 322 9.72 37.99 63.83
N MET H 323 10.83 38.69 64.06
CA MET H 323 12.13 38.03 64.07
C MET H 323 12.32 37.18 65.33
N ASP H 324 11.77 37.63 66.46
CA ASP H 324 11.97 36.91 67.72
C ASP H 324 11.33 35.53 67.66
N SER H 325 10.18 35.43 67.01
CA SER H 325 9.47 34.18 66.80
C SER H 325 10.39 32.97 66.70
N MET H 334 17.80 39.83 68.94
CA MET H 334 16.81 40.69 69.58
C MET H 334 17.39 42.02 70.04
N THR H 335 18.72 42.09 70.17
CA THR H 335 19.33 43.34 70.61
C THR H 335 19.40 44.32 69.44
N VAL H 336 19.39 45.62 69.79
CA VAL H 336 19.37 46.64 68.75
C VAL H 336 20.68 46.62 67.96
N ASP H 337 21.80 46.31 68.62
CA ASP H 337 23.09 46.26 67.94
C ASP H 337 23.27 44.99 67.11
N SER H 338 22.38 44.01 67.26
CA SER H 338 22.50 42.78 66.48
C SER H 338 22.13 43.02 65.02
N LEU H 339 21.03 43.73 64.75
CA LEU H 339 20.52 43.85 63.38
C LEU H 339 21.29 44.96 62.66
N ASP H 340 22.50 44.60 62.27
CA ASP H 340 23.42 45.39 61.44
C ASP H 340 23.87 44.52 60.27
N ARG H 341 22.93 43.81 59.67
CA ARG H 341 23.16 42.91 58.55
C ARG H 341 22.42 43.43 57.34
N ILE H 342 23.09 43.42 56.18
CA ILE H 342 22.54 44.01 54.97
C ILE H 342 21.18 43.41 54.66
N LEU H 343 20.26 44.26 54.22
CA LEU H 343 18.89 43.85 53.94
C LEU H 343 18.80 43.15 52.58
N GLY H 344 17.85 42.22 52.49
CA GLY H 344 17.59 41.48 51.27
C GLY H 344 16.11 41.36 50.98
N PHE H 345 15.71 40.42 50.14
CA PHE H 345 14.30 40.27 49.83
C PHE H 345 13.50 39.81 51.06
N PRO H 346 14.06 38.95 51.92
CA PRO H 346 13.28 38.57 53.13
C PRO H 346 12.92 39.75 54.01
N ALA H 347 13.86 40.67 54.25
CA ALA H 347 13.59 41.80 55.14
C ALA H 347 12.59 42.76 54.51
N TYR H 348 12.73 43.04 53.21
CA TYR H 348 11.74 43.83 52.51
C TYR H 348 10.37 43.17 52.59
N ARG H 349 10.32 41.84 52.51
CA ARG H 349 9.07 41.11 52.62
C ARG H 349 8.45 41.31 54.00
N ASP H 350 9.30 41.41 55.03
CA ASP H 350 8.79 41.61 56.39
C ASP H 350 8.32 43.05 56.60
N PHE H 351 9.15 44.03 56.26
CA PHE H 351 8.77 45.43 56.43
C PHE H 351 7.43 45.71 55.77
N LEU H 352 7.25 45.25 54.52
CA LEU H 352 6.00 45.52 53.80
C LEU H 352 4.82 44.81 54.45
N GLN H 353 5.05 43.68 55.10
CA GLN H 353 3.97 43.00 55.81
C GLN H 353 3.47 43.85 56.98
N LEU H 354 4.39 44.53 57.66
CA LEU H 354 4.05 45.32 58.84
C LEU H 354 3.43 46.66 58.44
N LEU H 355 4.09 47.38 57.53
CA LEU H 355 3.68 48.75 57.23
C LEU H 355 2.30 48.79 56.57
N GLU H 356 2.09 47.96 55.55
CA GLU H 356 0.81 47.91 54.86
C GLU H 356 0.17 46.54 55.05
N ALA H 357 -1.17 46.54 55.06
CA ALA H 357 -1.95 45.33 55.39
C ALA H 357 -2.06 44.43 54.17
N SER H 358 -1.01 43.66 53.94
CA SER H 358 -0.97 42.62 52.91
C SER H 358 -1.72 43.04 51.65
N ASN H 359 -1.22 44.11 51.03
CA ASN H 359 -1.86 44.68 49.86
C ASN H 359 -1.24 44.12 48.59
N GLU H 360 -1.59 44.72 47.44
CA GLU H 360 -1.24 44.13 46.15
C GLU H 360 0.26 43.94 45.99
N MET H 361 1.06 44.77 46.65
CA MET H 361 2.51 44.65 46.51
C MET H 361 3.04 43.37 47.15
N THR H 362 2.47 42.98 48.28
CA THR H 362 2.95 41.81 49.00
C THR H 362 2.49 40.50 48.36
N ASN H 363 1.40 40.53 47.60
CA ASN H 363 0.97 39.32 46.89
C ASN H 363 1.89 39.06 45.70
N GLU H 364 2.33 40.11 45.03
CA GLU H 364 3.30 39.96 43.94
C GLU H 364 4.66 39.54 44.47
N MET H 365 5.04 40.04 45.65
CA MET H 365 6.30 39.65 46.28
C MET H 365 6.26 38.21 46.78
N ASN H 366 5.06 37.68 47.00
CA ASN H 366 4.91 36.31 47.48
C ASN H 366 5.33 35.31 46.42
N LYS H 367 5.02 35.61 45.16
CA LYS H 367 5.35 34.71 44.05
C LYS H 367 6.85 34.61 43.85
N VAL H 368 7.59 35.67 44.18
CA VAL H 368 9.05 35.62 44.14
C VAL H 368 9.60 34.82 45.31
N ASN H 369 8.92 34.87 46.46
CA ASN H 369 9.31 34.03 47.59
C ASN H 369 9.07 32.56 47.30
N GLU H 370 8.07 32.27 46.46
CA GLU H 370 7.67 30.90 46.17
C GLU H 370 8.79 30.13 45.48
N ILE H 371 9.66 30.82 44.74
CA ILE H 371 10.79 30.19 44.04
C ILE H 371 12.11 30.39 44.78
N ASN H 372 12.07 30.89 46.02
CA ASN H 372 13.33 31.24 46.69
C ASN H 372 14.13 29.99 47.04
N ASN H 373 13.46 28.98 47.61
CA ASN H 373 14.16 27.74 47.94
C ASN H 373 14.72 27.07 46.69
N LEU H 374 13.96 27.11 45.58
CA LEU H 374 14.44 26.48 44.35
C LEU H 374 15.61 27.26 43.75
N ARG H 375 15.53 28.59 43.75
CA ARG H 375 16.62 29.39 43.24
C ARG H 375 17.92 29.08 43.97
N ASN H 376 17.89 29.17 45.30
CA ASN H 376 19.07 28.84 46.10
C ASN H 376 19.59 27.45 45.73
N LYS H 377 18.70 26.51 45.45
CA LYS H 377 19.13 25.17 45.06
C LYS H 377 19.91 25.19 43.75
N VAL H 378 19.39 25.90 42.74
CA VAL H 378 20.07 25.95 41.45
C VAL H 378 21.29 26.86 41.52
N ALA H 379 21.16 28.02 42.17
CA ALA H 379 22.23 29.01 42.14
C ALA H 379 23.41 28.59 42.98
N HIS H 380 23.17 28.04 44.16
CA HIS H 380 24.23 27.79 45.14
C HIS H 380 24.57 26.33 45.34
N ASN H 381 23.63 25.41 45.16
CA ASN H 381 23.96 23.98 45.17
C ASN H 381 24.27 23.45 43.77
N LEU H 382 24.17 24.31 42.74
CA LEU H 382 24.55 24.00 41.36
C LEU H 382 23.78 22.79 40.82
N ASP H 383 22.51 22.72 41.15
CA ASP H 383 21.69 21.57 40.77
C ASP H 383 21.04 21.75 39.41
N SER H 384 20.60 20.63 38.85
CA SER H 384 19.89 20.65 37.58
C SER H 384 18.49 21.21 37.77
N LEU H 385 17.88 21.64 36.66
CA LEU H 385 16.52 22.14 36.65
C LEU H 385 15.60 21.19 35.93
N ASN H 386 14.39 21.02 36.46
CA ASN H 386 13.35 20.19 35.84
C ASN H 386 12.02 20.92 36.06
N LEU H 387 11.54 21.59 35.01
CA LEU H 387 10.27 22.30 35.14
C LEU H 387 9.10 21.34 35.31
N ASP H 388 9.28 20.05 35.00
CA ASP H 388 8.23 19.08 35.23
C ASP H 388 8.10 18.71 36.71
N ARG H 389 9.20 18.76 37.46
CA ARG H 389 9.18 18.37 38.86
C ARG H 389 8.57 19.50 39.70
N ASP H 390 7.51 19.19 40.43
CA ASP H 390 6.87 20.12 41.36
C ASP H 390 6.37 21.38 40.66
N LYS H 391 5.96 21.25 39.40
CA LYS H 391 5.49 22.39 38.61
C LYS H 391 6.41 23.59 38.76
N ASN H 392 7.72 23.33 38.63
CA ASN H 392 8.69 24.42 38.78
C ASN H 392 8.60 25.44 37.65
N GLY H 393 8.02 25.06 36.51
CA GLY H 393 7.89 26.00 35.42
C GLY H 393 6.85 27.07 35.71
N ARG H 394 5.74 26.67 36.33
CA ARG H 394 4.67 27.63 36.61
C ARG H 394 5.10 28.62 37.68
N LYS H 395 5.81 28.16 38.71
CA LYS H 395 6.29 29.06 39.74
C LYS H 395 7.23 30.11 39.15
N ILE H 396 8.09 29.69 38.22
CA ILE H 396 9.02 30.60 37.58
C ILE H 396 8.29 31.58 36.67
N THR H 397 7.24 31.11 35.99
CA THR H 397 6.45 32.01 35.14
C THR H 397 5.70 33.02 36.00
N ASN H 398 5.18 32.58 37.14
CA ASN H 398 4.55 33.53 38.06
C ASN H 398 5.57 34.52 38.61
N ALA H 399 6.79 34.04 38.88
CA ALA H 399 7.83 34.89 39.43
C ALA H 399 8.23 35.99 38.45
N VAL H 400 8.26 35.67 37.16
CA VAL H 400 8.58 36.69 36.15
C VAL H 400 7.44 37.70 36.05
N THR H 401 6.20 37.21 35.96
CA THR H 401 5.05 38.11 35.95
C THR H 401 5.07 39.04 37.15
N ALA H 402 5.48 38.53 38.32
CA ALA H 402 5.57 39.36 39.51
C ALA H 402 6.56 40.50 39.30
N VAL H 403 7.74 40.19 38.76
CA VAL H 403 8.74 41.22 38.48
C VAL H 403 8.13 42.34 37.66
N ARG H 404 7.46 41.99 36.57
CA ARG H 404 6.92 43.01 35.68
C ARG H 404 5.80 43.79 36.34
N THR H 405 4.97 43.11 37.13
CA THR H 405 3.86 43.82 37.80
C THR H 405 4.38 44.79 38.85
N MET H 406 5.44 44.40 39.56
CA MET H 406 5.98 45.29 40.59
C MET H 406 6.68 46.49 39.97
N LEU H 407 7.40 46.28 38.87
CA LEU H 407 8.05 47.39 38.19
C LEU H 407 7.04 48.46 37.78
N LEU H 408 5.87 48.03 37.30
CA LEU H 408 4.84 49.00 36.93
C LEU H 408 4.26 49.69 38.16
N ALA H 409 4.27 49.02 39.32
CA ALA H 409 3.77 49.63 40.54
C ALA H 409 4.76 50.62 41.12
N VAL H 410 6.06 50.31 41.07
CA VAL H 410 7.07 51.18 41.63
C VAL H 410 7.46 52.31 40.68
N PHE H 411 7.20 52.14 39.38
CA PHE H 411 7.53 53.13 38.36
C PHE H 411 6.33 53.36 37.45
N PRO H 412 5.36 54.18 37.88
CA PRO H 412 4.16 54.39 37.05
C PRO H 412 4.45 55.04 35.70
N GLU H 413 5.60 55.71 35.55
CA GLU H 413 5.92 56.37 34.30
C GLU H 413 6.20 55.37 33.18
N VAL H 414 6.52 54.11 33.50
CA VAL H 414 6.83 53.13 32.49
C VAL H 414 5.59 52.83 31.64
N GLN H 415 5.80 52.76 30.32
CA GLN H 415 4.74 52.49 29.35
C GLN H 415 4.80 51.04 28.89
N GLU H 416 3.63 50.41 28.73
CA GLU H 416 3.57 48.96 28.51
C GLU H 416 4.23 48.56 27.20
N ASN H 417 4.23 49.45 26.20
CA ASN H 417 4.72 49.11 24.87
C ASN H 417 6.23 48.95 24.83
N ASP H 418 6.93 49.44 25.83
CA ASP H 418 8.39 49.31 25.89
C ASP H 418 8.84 47.92 26.33
N PHE H 419 7.92 47.06 26.78
CA PHE H 419 8.24 45.66 27.01
C PHE H 419 8.38 44.89 25.70
N HIS H 420 7.91 45.45 24.59
CA HIS H 420 8.07 44.88 23.25
C HIS H 420 9.33 45.41 22.54
N TYR H 421 10.21 46.10 23.24
CA TYR H 421 11.39 46.69 22.61
C TYR H 421 12.14 45.68 21.73
N LEU H 422 12.35 44.46 22.25
CA LEU H 422 13.10 43.47 21.47
C LEU H 422 12.30 43.00 20.27
N LYS H 423 10.98 42.84 20.43
CA LYS H 423 10.15 42.45 19.29
C LYS H 423 10.12 43.56 18.24
N GLN H 424 10.06 44.81 18.68
CA GLN H 424 10.02 45.94 17.76
C GLN H 424 11.34 46.10 17.04
N PHE H 425 12.45 45.92 17.76
CA PHE H 425 13.77 45.89 17.13
C PHE H 425 13.86 44.80 16.08
N ASN H 426 13.26 43.64 16.35
CA ASN H 426 13.30 42.54 15.39
C ASN H 426 12.59 42.92 14.10
N GLN H 427 11.43 43.56 14.21
CA GLN H 427 10.70 43.96 13.01
C GLN H 427 11.47 45.03 12.25
N SER H 428 12.16 45.92 12.97
CA SER H 428 12.94 46.96 12.30
C SER H 428 14.06 46.35 11.46
N ILE H 429 14.72 45.32 11.99
CA ILE H 429 15.80 44.68 11.24
C ILE H 429 15.24 43.96 10.02
N LYS H 430 14.08 43.32 10.18
CA LYS H 430 13.48 42.60 9.07
C LYS H 430 13.09 43.55 7.93
N GLU H 431 12.63 44.75 8.27
CA GLU H 431 12.33 45.73 7.23
C GLU H 431 13.58 46.12 6.45
N LEU H 432 14.72 46.14 7.12
CA LEU H 432 15.98 46.53 6.50
C LEU H 432 16.58 45.44 5.63
N LEU H 433 16.19 44.18 5.81
CA LEU H 433 16.77 43.11 5.01
C LEU H 433 16.23 43.17 3.59
F AF2 I . -13.58 -27.34 84.82
P AF2 I . -12.43 -20.56 85.02
N1 AF2 I . -9.42 -26.94 88.68
C2 AF2 I . -10.66 -26.47 88.39
N3 AF2 I . -11.05 -26.32 87.08
C4 AF2 I . -10.23 -26.61 86.09
C5 AF2 I . -8.98 -27.08 86.39
C6 AF2 I . -8.58 -27.24 87.70
N6 AF2 I . -7.32 -27.71 88.27
N7 AF2 I . -8.32 -27.31 85.25
C8 AF2 I . -9.13 -27.01 84.23
N9 AF2 I . -10.31 -26.58 84.75
C1' AF2 I . -11.57 -26.11 84.11
OP2 AF2 I . -12.42 -20.38 86.56
C2' AF2 I . -12.96 -26.07 84.88
OP1 AF2 I . -11.00 -20.50 84.47
C3' AF2 I . -13.65 -25.23 84.13
O3' AF2 I . -13.94 -25.86 82.80
C4' AF2 I . -12.67 -24.09 83.88
O4' AF2 I . -11.35 -24.87 83.66
C5' AF2 I . -12.57 -23.20 84.98
O5' AF2 I . -13.18 -22.04 84.62
H2 AF2 I . -11.26 -26.26 89.07
H8 AF2 I . -8.93 -27.07 83.33
H5' AF2 I . -13.00 -23.58 85.75
H5'A AF2 I . -11.63 -23.02 85.17
H1' AF2 I . -11.79 -26.80 83.45
H2' AF2 I . -12.86 -25.77 85.80
H3' AF2 I . -14.46 -24.94 84.58
H4' AF2 I . -12.93 -23.56 83.11
HN6 AF2 I . -6.68 -27.95 87.76
HN6A AF2 I . -7.23 -27.76 89.13
F AF2 J . -19.76 -13.88 86.19
P AF2 J . -21.91 -18.04 81.83
N1 AF2 J . -21.32 -9.06 83.00
C2 AF2 J . -21.80 -10.34 82.96
N3 AF2 J . -20.98 -11.40 83.25
C4 AF2 J . -19.71 -11.21 83.55
C5 AF2 J . -19.23 -9.92 83.58
C6 AF2 J . -20.06 -8.85 83.30
N6 AF2 J . -19.78 -7.41 83.27
N7 AF2 J . -17.94 -9.94 83.91
C8 AF2 J . -17.58 -11.21 84.09
N9 AF2 J . -18.67 -11.99 83.87
C1' AF2 J . -18.82 -13.46 83.94
OP2 AF2 J . -22.24 -17.71 80.36
C2' AF2 J . -19.96 -14.14 84.82
OP1 AF2 J . -21.84 -19.56 82.06
C3' AF2 J . -19.72 -15.42 84.56
O3' AF2 J . -18.48 -15.87 85.28
C4' AF2 J . -19.38 -15.46 83.06
O4' AF2 J . -18.99 -13.99 82.73
C5' AF2 J . -20.46 -15.91 82.26
O5' AF2 J . -20.48 -17.26 82.34
H2 AF2 J . -22.69 -10.49 82.75
H8 AF2 J . -16.73 -11.52 84.32
H5' AF2 J . -21.29 -15.54 82.59
H5'A AF2 J . -20.32 -15.63 81.35
H1' AF2 J . -18.00 -13.71 84.38
H2' AF2 J . -20.86 -13.85 84.60
H3' AF2 J . -20.51 -15.94 84.78
H4' AF2 J . -18.63 -16.05 82.90
HN6 AF2 J . -18.98 -7.12 83.43
HN6A AF2 J . -20.41 -6.85 83.08
F AF2 K . -12.71 -17.62 85.83
P AF2 K . -18.46 -17.19 86.21
N1 AF2 K . -12.01 -12.49 82.99
C2 AF2 K . -11.66 -13.76 82.64
N3 AF2 K . -12.43 -14.81 83.05
C4 AF2 K . -13.51 -14.61 83.79
C5 AF2 K . -13.85 -13.33 84.13
C6 AF2 K . -13.08 -12.26 83.72
N6 AF2 K . -13.22 -10.82 83.96
N7 AF2 K . -14.97 -13.37 84.87
C8 AF2 K . -15.35 -14.66 84.99
N9 AF2 K . -14.44 -15.41 84.32
C1' AF2 K . -14.24 -16.85 84.06
OP2 AF2 K . -18.55 -16.75 87.68
C2' AF2 K . -14.06 -17.65 85.43
OP1 AF2 K . -19.63 -18.12 85.84
C3' AF2 K . -14.43 -18.87 85.12
O3' AF2 K . -13.32 -19.52 84.34
C4' AF2 K . -15.62 -18.71 84.18
O4' AF2 K . -15.35 -17.32 83.53
C5' AF2 K . -16.87 -18.79 84.84
O5' AF2 K . -16.95 -17.93 85.88
H2 AF2 K . -10.91 -13.91 82.12
H8 AF2 K . -16.09 -14.99 85.45
H5' AF2 K . -17.57 -18.57 84.21
H5'A AF2 K . -16.99 -19.69 85.18
H1' AF2 K . -13.48 -17.01 83.48
H2' AF2 K . -14.60 -17.28 86.14
H3' AF2 K . -14.68 -19.36 85.92
H4' AF2 K . -15.62 -19.41 83.50
HN6 AF2 K . -13.88 -10.53 84.41
HN6A AF2 K . -12.65 -10.28 83.61
F AF2 L . -17.03 -28.99 86.86
P AF2 L . -15.13 -25.32 81.87
N1 AF2 L . -15.89 -34.01 83.72
C2 AF2 L . -15.42 -32.74 83.52
N3 AF2 L . -16.19 -31.65 83.85
C4 AF2 L . -17.39 -31.82 84.38
C5 AF2 L . -17.85 -33.10 84.59
C6 AF2 L . -17.08 -34.20 84.25
N6 AF2 L . -17.34 -35.63 84.36
N7 AF2 L . -19.07 -33.05 85.13
C8 AF2 L . -19.40 -31.75 85.27
N9 AF2 L . -18.36 -31.00 84.81
C1' AF2 L . -18.18 -29.54 84.74
OP2 AF2 L . -14.89 -25.71 80.39
C2' AF2 L . -16.93 -28.85 85.47
OP1 AF2 L . -15.22 -23.80 82.03
C3' AF2 L . -17.13 -27.59 85.12
O3' AF2 L . -18.28 -27.02 85.90
C4' AF2 L . -17.57 -27.67 83.64
O4' AF2 L . -18.09 -29.12 83.48
C5' AF2 L . -16.49 -27.41 82.75
O5' AF2 L . -16.53 -26.08 82.50
H2 AF2 L . -14.58 -32.61 83.14
H8 AF2 L . -20.20 -31.43 85.61
H5' AF2 L . -15.65 -27.65 83.15
H5'A AF2 L . -16.62 -27.90 81.92
H1' AF2 L . -18.96 -29.20 85.20
H2' AF2 L . -16.08 -29.21 85.19
H3' AF2 L . -16.31 -27.08 85.23
H4' AF2 L . -18.27 -27.03 83.47
HN6 AF2 L . -16.75 -36.20 84.11
HN6A AF2 L . -18.09 -35.91 84.68
F AF2 M . -23.73 -25.24 86.94
P AF2 M . -18.16 -25.63 86.69
N1 AF2 M . -25.00 -30.64 84.31
C2 AF2 M . -25.32 -29.37 83.89
N3 AF2 M . -24.50 -28.32 84.20
C4 AF2 M . -23.40 -28.51 84.90
C5 AF2 M . -23.08 -29.77 85.32
C6 AF2 M . -23.90 -30.84 85.01
N6 AF2 M . -23.78 -32.25 85.33
N7 AF2 M . -21.93 -29.71 86.01
C8 AF2 M . -21.51 -28.43 86.03
N9 AF2 M . -22.43 -27.70 85.36
C1' AF2 M . -22.59 -26.27 84.99
OP2 AF2 M . -18.07 -25.92 88.20
C2' AF2 M . -22.50 -25.32 86.28
OP1 AF2 M . -16.94 -24.84 86.19
C3' AF2 M . -22.20 -24.16 85.73
O3' AF2 M . -23.41 -23.69 84.98
C4' AF2 M . -21.15 -24.47 84.65
O4' AF2 M . -21.55 -25.93 84.25
C5' AF2 M . -19.80 -24.36 85.09
O5' AF2 M . -19.62 -24.82 86.34
H2 AF2 M . -26.09 -29.23 83.40
H8 AF2 M . -20.74 -28.10 86.43
H5' AF2 M . -19.25 -24.88 84.48
H5'A AF2 M . -19.55 -23.43 85.04
H1' AF2 M . -23.44 -26.13 84.56
H2' AF2 M . -21.82 -25.62 86.91
H3' AF2 M . -21.86 -23.56 86.41
H4' AF2 M . -21.22 -23.85 83.91
HN6 AF2 M . -23.11 -32.54 85.81
HN6A AF2 M . -24.36 -32.82 85.05
F AF2 N . -23.10 -15.76 84.77
P AF2 N . -24.32 -22.49 85.54
N1 AF2 N . -27.03 -15.70 89.01
C2 AF2 N . -25.80 -16.21 88.69
N3 AF2 N . -25.46 -16.49 87.38
C4 AF2 N . -26.34 -16.28 86.41
C5 AF2 N . -27.56 -15.77 86.74
C6 AF2 N . -27.91 -15.49 88.04
N6 AF2 N . -29.16 -14.96 88.57
N7 AF2 N . -28.30 -15.60 85.64
C8 AF2 N . -27.57 -16.01 84.60
N9 AF2 N . -26.37 -16.39 85.07
C1' AF2 N . -25.19 -16.93 84.36
OP2 AF2 N . -25.79 -22.80 85.23
C2' AF2 N . -23.75 -16.99 84.98
OP1 AF2 N . -24.09 -22.30 87.04
C3' AF2 N . -23.22 -17.91 84.20
O3' AF2 N . -23.04 -17.41 82.78
C4' AF2 N . -24.29 -19.00 84.10
O4' AF2 N . -25.59 -18.18 84.12
C5' AF2 N . -24.21 -19.93 85.17
O5' AF2 N . -23.78 -21.11 84.67
H2 AF2 N . -25.18 -16.38 89.36
H8 AF2 N . -27.84 -16.02 83.71
H5' AF2 N . -23.58 -19.60 85.84
H5'A AF2 N . -25.08 -20.04 85.57
H1' AF2 N . -24.96 -16.34 83.64
H2' AF2 N . -23.73 -17.22 85.93
H3' AF2 N . -22.38 -18.20 84.59
H4' AF2 N . -24.22 -19.52 83.28
HN6 AF2 N . -29.81 -14.79 88.02
HN6A AF2 N . -29.27 -14.84 89.41
S SO4 O . -21.72 -26.34 12.44
O1 SO4 O . -22.02 -25.29 13.42
O2 SO4 O . -21.30 -27.55 13.14
O3 SO4 O . -22.92 -26.62 11.64
O4 SO4 O . -20.65 -25.89 11.56
F AF2 P . -34.19 26.59 21.07
P AF2 P . -35.19 20.11 22.63
N1 AF2 P . -38.09 27.11 25.12
C2 AF2 P . -36.87 26.60 24.81
N3 AF2 P . -36.59 26.19 23.54
C4 AF2 P . -37.49 26.29 22.58
C5 AF2 P . -38.71 26.81 22.88
C6 AF2 P . -39.01 27.22 24.17
N6 AF2 P . -40.22 27.80 24.75
N7 AF2 P . -39.47 26.83 21.78
C8 AF2 P . -38.73 26.32 20.78
N9 AF2 P . -37.51 25.99 21.27
C1' AF2 P . -36.29 25.42 20.64
OP2 AF2 P . -35.06 20.35 24.14
C2' AF2 P . -34.87 25.38 21.33
OP1 AF2 P . -36.65 19.81 22.26
C3' AF2 P . -34.27 24.40 20.68
O3' AF2 P . -34.04 24.80 19.24
C4' AF2 P . -35.33 23.30 20.65
O4' AF2 P . -36.61 24.15 20.34
C5' AF2 P . -35.46 22.60 21.86
O5' AF2 P . -34.66 21.51 21.80
H2 AF2 P . -36.22 26.51 25.48
H8 AF2 P . -39.01 26.21 19.90
H5' AF2 P . -35.18 23.18 22.60
H5'A AF2 P . -36.38 22.32 21.99
H1' AF2 P . -36.07 26.02 19.91
H2' AF2 P . -34.93 25.22 22.28
H3' AF2 P . -33.44 24.16 21.12
H4' AF2 P . -35.13 22.63 19.97
HN6 AF2 P . -40.90 27.94 24.25
HN6A AF2 P . -40.25 28.01 25.58
F AF2 Q . -27.94 13.68 24.83
P AF2 Q . -26.05 16.89 19.46
N1 AF2 Q . -26.61 8.45 22.38
C2 AF2 Q . -26.15 9.70 22.05
N3 AF2 Q . -26.96 10.80 22.22
C4 AF2 Q . -28.19 10.66 22.69
C5 AF2 Q . -28.64 9.39 23.02
C6 AF2 Q . -27.83 8.29 22.86
N6 AF2 Q . -28.07 6.87 23.12
N7 AF2 Q . -29.88 9.48 23.48
C8 AF2 Q . -30.24 10.77 23.46
N9 AF2 Q . -29.20 11.48 22.99
C1' AF2 Q . -29.05 12.94 22.74
OP2 AF2 Q . -25.96 16.14 18.13
C2' AF2 Q . -27.81 13.70 23.44
OP1 AF2 Q . -26.14 18.40 19.25
C3' AF2 Q . -28.02 14.92 22.98
O3' AF2 Q . -29.18 15.53 23.73
C4' AF2 Q . -28.47 14.73 21.53
O4' AF2 Q . -28.93 13.25 21.47
C5' AF2 Q . -27.43 14.98 20.60
O5' AF2 Q . -27.37 16.31 20.39
H2 AF2 Q . -25.30 9.81 21.71
H8 AF2 Q . -31.07 11.11 23.73
H5' AF2 Q . -26.59 14.66 20.96
H5'A AF2 Q . -27.62 14.52 19.76
H1' AF2 Q . -29.84 13.30 23.15
H2' AF2 Q . -26.94 13.34 23.21
H3' AF2 Q . -27.22 15.46 23.03
H4' AF2 Q . -29.22 15.32 21.32
HN6 AF2 Q . -28.84 6.62 23.42
HN6A AF2 Q . -27.46 6.29 22.97
F AF2 R . -34.87 17.50 24.08
P AF2 R . -29.14 17.05 24.25
N1 AF2 R . -35.80 11.76 22.56
C2 AF2 R . -36.15 12.91 21.91
N3 AF2 R . -35.37 14.04 22.01
C4 AF2 R . -34.26 14.02 22.75
C5 AF2 R . -33.91 12.87 23.40
C6 AF2 R . -34.70 11.73 23.29
N6 AF2 R . -34.55 10.40 23.88
N7 AF2 R . -32.78 13.08 24.08
C8 AF2 R . -32.40 14.35 23.86
N9 AF2 R . -33.31 14.92 23.05
C1' AF2 R . -33.50 16.26 22.44
OP2 AF2 R . -28.98 17.06 25.77
C2' AF2 R . -33.56 17.38 23.58
OP1 AF2 R . -27.99 17.81 23.57
C3' AF2 R . -33.17 18.47 22.97
O3' AF2 R . -34.28 19.02 22.10
C4' AF2 R . -32.07 18.04 22.01
O4' AF2 R . -32.42 16.54 21.74
C5' AF2 R . -30.77 18.21 22.53
O5' AF2 R . -30.66 17.71 23.78
H2 AF2 R . -36.92 12.94 21.39
H8 AF2 R . -31.64 14.77 24.21
H5' AF2 R . -30.13 17.74 21.96
H5'A AF2 R . -30.56 19.15 22.56
H1' AF2 R . -34.30 16.29 21.90
H2' AF2 R . -32.96 17.17 24.31
H3' AF2 R . -32.86 19.11 23.63
H4' AF2 R . -32.09 18.55 21.19
HN6 AF2 R . -33.89 10.23 24.39
HN6A AF2 R . -35.13 9.79 23.71
S SO4 S . -31.58 10.11 -50.43
O1 SO4 S . -30.69 11.27 -50.32
O2 SO4 S . -31.92 9.63 -49.10
O3 SO4 S . -32.80 10.50 -51.14
O4 SO4 S . -30.91 9.04 -51.17
F AF2 T . -30.69 28.58 22.33
P AF2 T . -32.95 24.04 18.33
N1 AF2 T . -32.22 32.86 18.35
C2 AF2 T . -32.65 31.57 18.45
N3 AF2 T . -31.84 30.59 18.93
C4 AF2 T . -30.61 30.87 19.32
C5 AF2 T . -30.16 32.16 19.22
C6 AF2 T . -31.00 33.16 18.73
N6 AF2 T . -30.78 34.60 18.52
N7 AF2 T . -28.91 32.23 19.66
C8 AF2 T . -28.53 31.00 20.03
N9 AF2 T . -29.58 30.16 19.83
C1' AF2 T . -29.73 28.71 20.06
OP2 AF2 T . -33.33 24.14 16.84
C2' AF2 T . -30.90 28.17 21.00
OP1 AF2 T . -32.85 22.57 18.78
C3' AF2 T . -30.70 26.87 20.89
O3' AF2 T . -29.45 26.50 21.65
C4' AF2 T . -30.39 26.65 19.40
O4' AF2 T . -29.89 28.04 18.93
C5' AF2 T . -31.51 26.23 18.65
O5' AF2 T . -31.50 24.88 18.66
H2 AF2 T . -33.53 31.36 18.18
H8 AF2 T . -27.70 30.75 20.37
H5' AF2 T . -32.32 26.56 19.05
H5'A AF2 T . -31.45 26.56 17.74
H1' AF2 T . -28.91 28.50 20.53
H2' AF2 T . -31.78 28.45 20.73
H3' AF2 T . -31.49 26.38 21.18
H4' AF2 T . -29.69 25.98 19.30
HN6 AF2 T . -31.41 35.07 18.18
HN6A AF2 T . -30.03 34.96 18.73
F AF2 U . -23.89 25.02 22.78
P AF2 U . -29.46 25.39 22.81
N1 AF2 U . -22.88 29.73 19.00
C2 AF2 U . -22.55 28.41 18.83
N3 AF2 U . -23.32 27.43 19.40
C4 AF2 U . -24.39 27.74 20.11
C5 AF2 U . -24.72 29.06 20.27
C6 AF2 U . -23.94 30.05 19.70
N6 AF2 U . -24.07 31.50 19.72
N7 AF2 U . -25.83 29.13 21.02
C8 AF2 U . -26.21 27.88 21.33
N9 AF2 U . -25.31 27.03 20.77
C1' AF2 U . -25.14 25.57 20.71
OP2 AF2 U . -29.43 26.09 24.17
C2' AF2 U . -25.16 24.94 22.19
OP1 AF2 U . -30.68 24.47 22.68
C3' AF2 U . -25.49 23.70 21.95
O3' AF2 U . -24.29 23.06 21.29
C4' AF2 U . -26.59 23.75 20.89
O4' AF2 U . -26.20 25.05 20.12
C5' AF2 U . -27.90 23.79 21.42
O5' AF2 U . -28.00 24.51 22.55
H2 AF2 U . -21.80 28.17 18.33
H8 AF2 U . -26.95 27.64 21.84
H5' AF2 U . -28.48 24.18 20.75
H5'A AF2 U . -28.18 22.89 21.61
H1' AF2 U . -24.32 25.33 20.27
H2' AF2 U . -25.80 25.39 22.76
H3' AF2 U . -25.80 23.24 22.74
H4' AF2 U . -26.56 22.98 20.32
HN6 AF2 U . -24.72 31.87 20.16
HN6A AF2 U . -23.50 31.99 19.30
F AF2 V . -24.52 15.27 22.60
P AF2 V . -23.36 22.04 22.11
N1 AF2 V . -20.56 16.16 26.63
C2 AF2 V . -21.79 16.60 26.20
N3 AF2 V . -22.11 16.58 24.87
C4 AF2 V . -21.25 16.15 23.97
C5 AF2 V . -20.02 15.71 24.39
C6 AF2 V . -19.70 15.72 25.73
N6 AF2 V . -18.47 15.31 26.42
N7 AF2 V . -19.31 15.31 23.33
C8 AF2 V . -20.06 15.50 22.24
N9 AF2 V . -21.26 16.00 22.63
C1' AF2 V . -22.48 16.40 21.86
OP2 AF2 V . -21.91 22.16 21.60
C2' AF2 V . -23.89 16.55 22.54
OP1 AF2 V . -23.45 22.34 23.61
C3' AF2 V . -24.53 17.30 21.67
O3' AF2 V . -24.77 16.54 20.38
C4' AF2 V . -23.51 18.39 21.33
O4' AF2 V . -22.20 17.57 21.29
C5' AF2 V . -23.47 19.41 22.30
O5' AF2 V . -24.04 20.51 21.75
H2 AF2 V . -22.40 16.92 26.82
H8 AF2 V . -19.81 15.30 21.36
H5' AF2 V . -23.95 19.14 23.10
H5'A AF2 V . -22.54 19.60 22.54
H1' AF2 V . -22.67 15.65 21.28
H2' AF2 V . -23.86 16.94 23.42
H3' AF2 V . -25.35 17.63 22.06
H4' AF2 V . -23.73 18.81 20.48
HN6 AF2 V . -17.81 14.99 25.97
HN6A AF2 V . -18.42 15.36 27.28
F AF2 W . 29.05 -17.25 -80.65
P AF2 W . 32.27 -23.21 -81.27
N1 AF2 W . 32.50 -16.43 -85.05
C2 AF2 W . 31.50 -17.21 -84.55
N3 AF2 W . 31.39 -17.41 -83.21
C4 AF2 W . 32.24 -16.86 -82.37
C5 AF2 W . 33.24 -16.07 -82.87
C6 AF2 W . 33.36 -15.86 -84.23
N6 AF2 W . 34.31 -15.08 -85.01
N7 AF2 W . 33.98 -15.62 -81.86
C8 AF2 W . 33.46 -16.10 -80.72
N9 AF2 W . 32.39 -16.86 -81.03
C1' AF2 W . 31.42 -17.64 -80.20
OP2 AF2 W . 32.21 -23.41 -82.80
C2' AF2 W . 30.06 -18.22 -80.79
OP1 AF2 W . 33.69 -22.85 -80.84
C3' AF2 W . 29.84 -19.23 -79.98
O3' AF2 W . 29.49 -18.68 -78.61
C4' AF2 W . 31.19 -19.92 -79.87
O4' AF2 W . 32.10 -18.67 -79.70
C5' AF2 W . 31.56 -20.66 -81.01
O5' AF2 W . 31.19 -21.95 -80.80
H2 AF2 W . 30.89 -17.62 -85.13
H8 AF2 W . 33.79 -15.95 -79.86
H5' AF2 W . 31.10 -20.31 -81.79
H5'A AF2 W . 32.52 -20.61 -81.13
H1' AF2 W . 31.05 -17.01 -79.57
H2' AF2 W . 30.15 -18.48 -81.72
H3' AF2 W . 29.14 -19.81 -80.33
H4' AF2 W . 31.20 -20.54 -79.12
HN6 AF2 W . 34.93 -14.64 -84.62
HN6A AF2 W . 34.24 -15.06 -85.87
F AF2 X . 27.07 -31.87 -81.56
P AF2 X . 24.50 -28.69 -76.84
N1 AF2 X . 27.79 -36.78 -78.38
C2 AF2 X . 26.91 -35.74 -78.33
N3 AF2 X . 27.28 -34.46 -78.70
C4 AF2 X . 28.51 -34.24 -79.11
C5 AF2 X . 29.38 -35.29 -79.16
C6 AF2 X . 29.02 -36.57 -78.80
N6 AF2 X . 29.79 -37.81 -78.76
N7 AF2 X . 30.57 -34.88 -79.61
C8 AF2 X . 30.47 -33.56 -79.84
N9 AF2 X . 29.22 -33.19 -79.56
C1' AF2 X . 28.61 -31.83 -79.64
OP2 AF2 X . 24.39 -29.09 -75.36
C2' AF2 X . 27.15 -31.59 -80.19
OP1 AF2 X . 24.04 -27.25 -77.04
C3' AF2 X . 27.08 -30.28 -79.98
O3' AF2 X . 28.08 -29.53 -80.83
C4' AF2 X . 27.61 -30.12 -78.54
O4' AF2 X . 28.63 -31.28 -78.43
C5' AF2 X . 26.59 -30.18 -77.56
O5' AF2 X . 26.09 -28.92 -77.46
H2 AF2 X . 26.04 -35.89 -78.04
H8 AF2 X . 31.16 -33.01 -80.15
H5' AF2 X . 25.88 -30.79 -77.84
H5'A AF2 X . 26.95 -30.45 -76.70
H1' AF2 X . 29.13 -31.39 -80.33
H2' AF2 X . 26.46 -32.10 -79.74
H3' AF2 X . 26.17 -30.00 -80.12
H4' AF2 X . 28.05 -29.26 -78.42
HN6 AF2 X . 30.62 -37.81 -79.01
HN6A AF2 X . 29.42 -38.54 -78.50
F AF2 Y . 32.77 -26.17 -82.03
P AF2 Y . 27.62 -28.37 -81.84
N1 AF2 Y . 35.37 -30.79 -79.54
C2 AF2 Y . 35.40 -29.47 -79.13
N3 AF2 Y . 34.32 -28.64 -79.34
C4 AF2 Y . 33.26 -29.12 -79.97
C5 AF2 Y . 33.25 -30.42 -80.39
C6 AF2 Y . 34.30 -31.26 -80.17
N6 AF2 Y . 34.46 -32.67 -80.52
N7 AF2 Y . 32.10 -30.70 -80.98
C8 AF2 Y . 31.35 -29.58 -80.98
N9 AF2 Y . 32.06 -28.63 -80.36
C1' AF2 Y . 31.78 -27.22 -80.04
OP2 AF2 Y . 27.74 -28.91 -83.28
C2' AF2 Y . 31.53 -26.49 -81.45
OP1 AF2 Y . 26.19 -27.93 -81.53
C3' AF2 Y . 30.84 -25.43 -81.09
O3' AF2 Y . 31.77 -24.44 -80.45
C4' AF2 Y . 29.88 -25.93 -80.01
O4' AF2 Y . 30.66 -27.12 -79.39
C5' AF2 Y . 28.61 -26.32 -80.51
O5' AF2 Y . 28.76 -27.12 -81.58
H2 AF2 Y . 36.14 -29.16 -78.68
H8 AF2 Y . 30.49 -29.48 -81.34
H5' AF2 Y . 28.12 -26.79 -79.83
H5'A AF2 Y . 28.11 -25.53 -80.78
H1' AF2 Y . 32.48 -26.79 -79.52
H2' AF2 Y . 31.02 -27.02 -82.08
H3' AF2 Y . 30.37 -25.07 -81.86
H4' AF2 Y . 29.71 -25.23 -79.35
HN6 AF2 Y . 33.81 -33.07 -80.94
HN6A AF2 Y . 35.16 -33.11 -80.32
F AF2 Z . 25.04 -16.75 -82.30
P AF2 Z . 28.58 -19.53 -77.60
N1 AF2 Z . 24.82 -11.63 -79.27
C2 AF2 Z . 25.68 -12.69 -79.12
N3 AF2 Z . 25.26 -13.97 -79.38
C4 AF2 Z . 24.03 -14.21 -79.78
C5 AF2 Z . 23.17 -13.15 -79.94
C6 AF2 Z . 23.59 -11.86 -79.67
N6 AF2 Z . 22.88 -10.57 -79.75
N7 AF2 Z . 21.98 -13.60 -80.34
C8 AF2 Z . 22.07 -14.94 -80.45
N9 AF2 Z . 23.33 -15.30 -80.11
C1' AF2 Z . 24.00 -16.62 -80.04
OP2 AF2 Z . 28.73 -18.98 -76.16
C2' AF2 Z . 25.32 -16.86 -80.93
OP1 AF2 Z . 29.00 -21.00 -77.68
C3' AF2 Z . 25.58 -18.10 -80.59
O3' AF2 Z . 24.58 -19.02 -81.27
C4' AF2 Z . 25.31 -18.16 -79.07
O4' AF2 Z . 24.37 -16.95 -78.82
C5' AF2 Z . 26.50 -18.06 -78.31
O5' AF2 Z . 26.99 -19.32 -78.20
H2 AF2 Z . 26.55 -12.54 -78.84
H8 AF2 Z . 21.39 -15.52 -80.72
H5' AF2 Z . 27.14 -17.49 -78.76
H5'A AF2 Z . 26.30 -17.71 -77.43
H1' AF2 Z . 23.32 -17.21 -80.40
H2' AF2 Z . 26.04 -16.23 -80.73
H3' AF2 Z . 26.50 -18.33 -80.79
H4' AF2 Z . 24.86 -18.99 -78.84
HN6 AF2 Z . 23.29 -9.85 -79.55
HN6A AF2 Z . 22.05 -10.56 -79.99
F AF2 AA . 19.91 -22.56 -81.85
P AF2 AA . 25.06 -20.30 -82.11
N1 AF2 AA . 17.27 -17.78 -78.96
C2 AF2 AA . 17.44 -19.07 -78.52
N3 AF2 AA . 18.51 -19.81 -78.96
C4 AF2 AA . 19.38 -19.29 -79.81
C5 AF2 AA . 19.22 -18.00 -80.23
C6 AF2 AA . 18.15 -17.25 -79.80
N6 AF2 AA . 17.75 -15.88 -80.10
N7 AF2 AA . 20.22 -17.70 -81.07
C8 AF2 AA . 21.02 -18.77 -81.18
N9 AF2 AA . 20.50 -19.75 -80.41
C1' AF2 AA . 20.85 -21.14 -80.05
OP2 AF2 AA . 24.92 -19.97 -83.62
C2' AF2 AA . 21.12 -22.06 -81.32
OP1 AF2 AA . 26.51 -20.66 -81.75
C3' AF2 AA . 21.84 -23.04 -80.82
O3' AF2 AA . 20.94 -23.93 -80.00
C4' AF2 AA . 22.81 -22.37 -79.84
O4' AF2 AA . 22.00 -21.12 -79.40
C5' AF2 AA . 24.07 -22.04 -80.41
O5' AF2 AA . 23.96 -21.53 -81.65
H2 AF2 AA . 16.83 -19.45 -77.93
H8 AF2 AA . 21.80 -18.84 -81.68
H5' AF2 AA . 24.50 -21.38 -79.85
H5'A AF2 AA . 24.61 -22.84 -80.45
H1' AF2 AA . 20.12 -21.54 -79.53
H2' AF2 AA . 21.60 -21.58 -82.01
H3' AF2 AA . 22.31 -23.52 -81.53
H4' AF2 AA . 23.01 -22.96 -79.10
HN6 AF2 AA . 18.23 -15.41 -80.63
HN6A AF2 AA . 17.05 -15.54 -79.74
F AF2 BA . 23.72 -31.47 -79.52
P AF2 BA . 20.54 -25.39 -80.51
N1 AF2 BA . 19.76 -32.52 -83.56
C2 AF2 BA . 20.75 -31.61 -83.31
N3 AF2 BA . 21.05 -31.26 -82.02
C4 AF2 BA . 20.38 -31.77 -81.00
C5 AF2 BA . 19.38 -32.67 -81.27
C6 AF2 BA . 19.08 -33.03 -82.55
N6 AF2 BA . 18.08 -33.96 -83.09
N7 AF2 BA . 18.85 -33.07 -80.11
C8 AF2 BA . 19.48 -32.43 -79.11
N9 AF2 BA . 20.43 -31.64 -79.67
C1' AF2 BA . 21.44 -30.72 -79.07
OP2 AF2 BA . 19.18 -25.77 -79.89
C2' AF2 BA . 22.82 -30.42 -79.78
OP1 AF2 BA . 20.49 -25.41 -82.03
C3' AF2 BA . 23.21 -29.33 -79.15
O3' AF2 BA . 23.60 -29.69 -77.74
C4' AF2 BA . 21.96 -28.47 -79.07
O4' AF2 BA . 20.85 -29.53 -78.88
C5' AF2 BA . 21.74 -27.72 -80.24
O5' AF2 BA . 21.79 -26.40 -79.91
H2 AF2 BA . 21.24 -31.25 -84.01
H8 AF2 BA . 19.30 -32.52 -78.21
H5' AF2 BA . 22.43 -27.91 -80.89
H5'A AF2 BA . 20.87 -27.93 -80.62
H1' AF2 BA . 21.76 -31.17 -78.27
H2' AF2 BA . 22.74 -30.28 -80.74
H3' AF2 BA . 23.94 -28.90 -79.63
H4' AF2 BA . 22.01 -27.86 -78.32
HN6 AF2 BA . 17.56 -34.39 -82.55
HN6A AF2 BA . 18.01 -34.08 -83.94
S SO4 CA . 29.94 -19.22 -7.97
O1 SO4 CA . 31.23 -19.19 -7.28
O2 SO4 CA . 28.91 -19.69 -7.05
O3 SO4 CA . 29.62 -17.88 -8.43
O4 SO4 CA . 30.03 -20.12 -9.11
F AF2 DA . 18.70 17.98 -25.34
P AF2 DA . 15.42 23.76 -26.86
N1 AF2 DA . 14.85 16.26 -29.15
C2 AF2 DA . 15.89 17.11 -28.94
N3 AF2 DA . 16.13 17.62 -27.69
C4 AF2 DA . 15.36 17.29 -26.66
C5 AF2 DA . 14.31 16.43 -26.89
C6 AF2 DA . 14.07 15.92 -28.14
N6 AF2 DA . 13.04 15.00 -28.63
N7 AF2 DA . 13.66 16.24 -25.73
C8 AF2 DA . 14.29 16.95 -24.78
N9 AF2 DA . 15.33 17.60 -25.36
C1' AF2 DA . 16.37 18.52 -24.81
OP2 AF2 DA . 15.38 23.51 -28.38
C2' AF2 DA . 17.69 18.93 -25.58
OP1 AF2 DA . 14.04 23.51 -26.25
C3' AF2 DA . 18.02 20.07 -25.02
O3' AF2 DA . 18.44 19.84 -23.58
C4' AF2 DA . 16.70 20.82 -24.95
O4' AF2 DA . 15.74 19.67 -24.51
C5' AF2 DA . 16.31 21.37 -26.19
O5' AF2 DA . 16.57 22.71 -26.16
H2 AF2 DA . 16.44 17.35 -29.64
H8 AF2 DA . 14.05 17.00 -23.89
H5' AF2 DA . 16.80 20.95 -26.90
H5'A AF2 DA . 15.36 21.23 -26.32
H1' AF2 DA . 16.79 18.03 -24.09
H2' AF2 DA . 17.53 19.02 -26.54
H3' AF2 DA . 18.71 20.52 -25.53
H4' AF2 DA . 16.72 21.56 -24.33
HN6 AF2 DA . 12.45 14.68 -28.08
HN6A AF2 DA . 13.03 14.78 -29.45
F AF2 EA . 19.63 32.21 -29.68
P AF2 EA . 23.26 30.03 -24.60
N1 AF2 EA . 19.67 37.81 -27.31
C2 AF2 EA . 20.53 36.78 -27.05
N3 AF2 EA . 20.10 35.47 -27.13
C4 AF2 EA . 18.85 35.19 -27.46
C5 AF2 EA . 17.99 36.24 -27.73
C6 AF2 EA . 18.43 37.55 -27.65
N6 AF2 EA . 17.71 38.81 -27.88
N7 AF2 EA . 16.80 35.74 -28.05
C8 AF2 EA . 16.87 34.41 -27.98
N9 AF2 EA . 18.14 34.07 -27.64
C1' AF2 EA . 18.77 32.75 -27.42
OP2 AF2 EA . 23.29 30.81 -23.27
C2' AF2 EA . 20.02 32.35 -28.34
OP1 AF2 EA . 23.69 28.57 -24.40
C3' AF2 EA . 20.32 31.17 -27.83
O3' AF2 EA . 19.36 30.13 -28.35
C4' AF2 EA . 20.06 31.30 -26.32
O4' AF2 EA . 19.22 32.58 -26.19
C5' AF2 EA . 21.26 31.40 -25.57
O5' AF2 EA . 21.72 30.14 -25.34
H2 AF2 EA . 21.41 36.96 -26.82
H8 AF2 EA . 16.17 33.81 -28.15
H5' AF2 EA . 21.92 31.90 -26.07
H5'A AF2 EA . 21.08 31.84 -24.73
H1' AF2 EA . 18.06 32.14 -27.63
H2' AF2 EA . 20.75 32.99 -28.30
H3' AF2 EA . 21.25 30.96 -28.02
H4' AF2 EA . 19.56 30.53 -26.01
HN6 AF2 EA . 16.88 38.79 -28.10
HN6A AF2 EA . 18.12 39.55 -27.79
F AF2 FA . 14.58 26.35 -28.26
P AF2 FA . 19.88 28.79 -29.06
N1 AF2 FA . 12.17 31.51 -26.45
C2 AF2 FA . 12.32 30.32 -25.81
N3 AF2 FA . 13.38 29.50 -26.09
C4 AF2 FA . 14.30 29.88 -26.96
C5 AF2 FA . 14.16 31.09 -27.59
C6 AF2 FA . 13.09 31.90 -27.32
N6 AF2 FA . 12.70 33.22 -27.84
N7 AF2 FA . 15.20 31.26 -28.43
C8 AF2 FA . 16.00 30.17 -28.33
N9 AF2 FA . 15.43 29.34 -27.43
C1' AF2 FA . 15.76 28.00 -26.86
OP2 AF2 FA . 19.89 29.00 -30.59
C2' AF2 FA . 15.85 26.89 -28.00
OP1 AF2 FA . 21.27 28.42 -28.54
C3' AF2 FA . 16.66 25.98 -27.51
O3' AF2 FA . 15.93 25.14 -26.49
C4' AF2 FA . 17.72 26.76 -26.71
O4' AF2 FA . 16.98 28.07 -26.35
C5' AF2 FA . 18.92 26.97 -27.44
O5' AF2 FA . 18.72 27.60 -28.62
H2 AF2 FA . 11.68 30.03 -25.19
H8 AF2 FA . 16.79 30.02 -28.79
H5' AF2 FA . 19.52 27.51 -26.90
H5'A AF2 FA . 19.33 26.11 -27.62
H1' AF2 FA . 15.10 27.73 -26.21
H2' AF2 FA . 16.22 27.26 -28.82
H3' AF2 FA . 17.04 25.47 -28.23
H4' AF2 FA . 17.98 26.28 -25.91
HN6 AF2 FA . 13.20 33.60 -28.43
HN6A AF2 FA . 11.99 33.60 -27.56
S SO4 GA . 23.99 35.91 45.42
O1 SO4 GA . 24.67 36.79 46.35
O2 SO4 GA . 22.78 35.37 46.05
O3 SO4 GA . 23.63 36.65 44.22
O4 SO4 GA . 24.88 34.80 45.06
F AF2 HA . 22.42 17.29 -27.19
P AF2 HA . 19.31 20.93 -22.79
N1 AF2 HA . 22.72 12.99 -23.09
C2 AF2 HA . 21.91 14.10 -23.14
N3 AF2 HA . 22.35 15.26 -23.72
C4 AF2 HA . 23.57 15.33 -24.24
C5 AF2 HA . 24.38 14.22 -24.18
C6 AF2 HA . 23.94 13.05 -23.60
N6 AF2 HA . 24.59 11.75 -23.40
N7 AF2 HA . 25.56 14.51 -24.76
C8 AF2 HA . 25.51 15.78 -25.18
N9 AF2 HA . 24.28 16.27 -24.87
C1' AF2 HA . 23.66 17.59 -25.07
OP2 AF2 HA . 19.11 20.78 -21.26
C2' AF2 HA . 22.26 17.68 -25.84
OP1 AF2 HA . 18.93 22.34 -23.27
C3' AF2 HA . 22.03 18.97 -25.75
O3' AF2 HA . 23.01 19.72 -26.62
C4' AF2 HA . 22.40 19.31 -24.30
O4' AF2 HA . 23.43 18.22 -23.93
C5' AF2 HA . 21.29 19.29 -23.41
O5' AF2 HA . 20.93 20.58 -23.24
H2 AF2 HA . 21.06 14.06 -22.78
H8 AF2 HA . 26.19 16.26 -25.61
H5' AF2 HA . 20.56 18.78 -23.81
H5'A AF2 HA . 21.54 18.89 -22.57
H1' AF2 HA . 24.29 18.06 -25.64
H2' AF2 HA . 21.56 17.13 -25.46
H3' AF2 HA . 21.10 19.17 -25.96
H4' AF2 HA . 22.78 20.20 -24.27
HN6 AF2 HA . 24.18 11.12 -23.00
HN6A AF2 HA . 25.39 11.63 -23.68
F AF2 IA . 27.58 23.03 -28.34
P AF2 IA . 22.51 20.76 -27.74
N1 AF2 IA . 30.40 18.79 -24.88
C2 AF2 IA . 30.32 20.14 -24.69
N3 AF2 IA . 29.25 20.85 -25.14
C4 AF2 IA . 28.26 20.23 -25.75
C5 AF2 IA . 28.32 18.88 -25.94
C6 AF2 IA . 29.41 18.16 -25.49
N6 AF2 IA . 29.73 16.73 -25.55
N7 AF2 IA . 27.21 18.48 -26.58
C8 AF2 IA . 26.44 19.55 -26.80
N9 AF2 IA . 27.09 20.63 -26.29
C1' AF2 IA . 26.82 22.08 -26.19
OP2 AF2 IA . 22.63 20.09 -29.12
C2' AF2 IA . 26.42 22.68 -27.62
OP1 AF2 IA . 21.07 21.22 -27.45
C3' AF2 IA . 25.74 23.76 -27.28
O3' AF2 IA . 26.73 24.76 -26.76
C4' AF2 IA . 24.86 23.33 -26.12
O4' AF2 IA . 25.75 22.25 -25.44
C5' AF2 IA . 23.59 22.82 -26.49
O5' AF2 IA . 23.62 22.07 -27.61
H2 AF2 IA . 31.02 20.59 -24.25
H8 AF2 IA . 25.61 19.57 -27.22
H5' AF2 IA . 23.25 22.28 -25.76
H5'A AF2 IA . 22.99 23.57 -26.64
H1' AF2 IA . 27.60 22.55 -25.84
H2' AF2 IA . 25.90 22.07 -28.14
H3' AF2 IA . 25.21 24.08 -28.02
H4' AF2 IA . 24.68 24.08 -25.54
HN6 AF2 IA . 29.19 16.19 -25.93
HN6A AF2 IA . 30.46 16.44 -25.22
F AF2 JA . 23.85 32.05 -27.86
P AF2 JA . 27.18 26.02 -27.65
N1 AF2 JA . 27.47 32.32 -32.26
C2 AF2 JA . 26.48 31.55 -31.75
N3 AF2 JA . 26.29 31.48 -30.39
C4 AF2 JA . 27.09 32.14 -29.56
C5 AF2 JA . 28.09 32.90 -30.09
C6 AF2 JA . 28.27 32.98 -31.45
N6 AF2 JA . 29.25 33.72 -32.25
N7 AF2 JA . 28.77 33.48 -29.09
C8 AF2 JA . 28.21 33.09 -27.94
N9 AF2 JA . 27.17 32.27 -28.23
C1' AF2 JA . 26.19 31.54 -27.37
OP2 AF2 JA . 28.54 26.54 -27.13
C2' AF2 JA . 24.80 31.01 -27.91
OP1 AF2 JA . 27.25 25.61 -29.12
C3' AF2 JA . 24.50 30.09 -27.01
O3' AF2 JA . 24.24 30.74 -25.67
C4' AF2 JA . 25.81 29.32 -26.85
O4' AF2 JA . 26.83 30.49 -26.84
C5' AF2 JA . 26.07 28.41 -27.89
O5' AF2 JA . 25.93 27.17 -27.38
H2 AF2 JA . 25.90 31.08 -32.31
H8 AF2 JA . 28.48 33.34 -27.08
H5' AF2 JA . 25.44 28.55 -28.62
H5'A AF2 JA . 26.98 28.53 -28.22
H1' AF2 JA . 25.86 32.21 -26.74
H2' AF2 JA . 24.86 30.65 -28.81
H3' AF2 JA . 23.76 29.55 -27.32
H4' AF2 JA . 25.81 28.80 -26.03
HN6 AF2 JA . 29.84 34.21 -31.85
HN6A AF2 JA . 29.24 33.67 -33.11
#